data_5FSW
#
_entry.id   5FSW
#
_cell.length_a   84.230
_cell.length_b   165.950
_cell.length_c   173.890
_cell.angle_alpha   90.00
_cell.angle_beta   90.10
_cell.angle_gamma   90.00
#
_symmetry.space_group_name_H-M   'P 1 21 1'
#
_entity_poly.entity_id   1
_entity_poly.type   'polypeptide(L)'
_entity_poly.pdbx_seq_one_letter_code
;MGHHHHHHSSGVDLGTENLYFQSMEVYARLQNIWPKFPRWLHAAPLALAWELTRICLHCKVDLEDPTLRYDPSWATSDMA
ALWRSLTQLDVFRGKSFPERPSAEAFAAALTGNFESRGNTVVLSASLEFNPSKTGPLFLLDMKPLRFDEGCRLTRRFGPD
RFLEVLVPSPTALNAPSILKDGGAAQVIRWLTEKPHSLVGRQWQAFYTKDAGYRKPARELRLGPDAKATFKERVHFFAER
GHDFRPAPLRTRAQLPPESPSRRRTEIRVSEMLDWLLQLEQNEYQPHLKLFSRIQLGLSKTFPTVTFEPNQIRHRTDDIL
SPAGKIMNDGIGRMSRSVARKIRDALGLSDIPSAIQGRMGSAKGMWLMDVADAGDDDWIETYPSQRKWKCDDADALHRTL
EIRSVSTELKPAALNLQFLPVLEDRAKDKARMRRAIAARLMNDLKKQFDSQKAAVERPLQFRQWVNECTNSRSERVRHGQ
VPFLGGLPENKGEVLSFLLNSGFDRRQKYIQDLAFDLQKQRCEVLRTKLNIHVGRSAYMFMVVDFWGVLEENEVHVGFSS
KFRDDVDDTTYMLLTDCDVLVARSPAHFPSDIQKVRAVFKPQLHALKDVIVFPAKGDIPLADKLSGGDYDGDMAWVCWDP
DIVENFTNADMPKEPDLSAYLGKDKTTFGELVRDTGRTGAAARHEAVYDMINKSFQFAMQPNYLGICTNYKERVCYHNNS
VSDGVALLLSTLVGKLVDQSKQGILFDAASWDRLRRERLGGRMSVEDPAYKGDVWAGAGEPRHIVDYLKFAVAKPTIDRE
LEELHKVMQASRRAGPDDDAAAHSWDPDLAVYFENFKALTAESRSLRAVLEALQNALGAVEHEWKVLMSKGSSSSLTYPE
KVRQLHAKWCAIEPRAVGRAGSNRLDAKTAALLEQPFLADRGGAGTSYWALLRASTAFKAYYKTNPKFVWQMAGAQLAFI
KAQMSSPGGGGGGGSDGMPLLVTPLMYAGLAPDGRFVKQYLARLECDGSQYPDDDLEGDGEDGGGGGGRGDDVD
;
_entity_poly.pdbx_strand_id   A,B,C,D
#
# COMPACT_ATOMS: atom_id res chain seq x y z
N GLN A 22 -4.20 35.70 -32.06
CA GLN A 22 -3.36 36.38 -30.99
C GLN A 22 -1.82 36.24 -31.18
N SER A 23 -1.41 36.30 -32.44
CA SER A 23 0.01 36.14 -32.83
C SER A 23 0.70 37.37 -33.45
N MET A 24 0.36 37.77 -34.68
CA MET A 24 -0.74 37.22 -35.48
C MET A 24 -0.18 36.60 -36.77
N GLU A 25 -0.54 35.34 -37.01
CA GLU A 25 -0.08 34.64 -38.22
C GLU A 25 -1.12 33.96 -39.18
N VAL A 26 -2.35 33.55 -38.81
CA VAL A 26 -3.01 33.31 -37.52
C VAL A 26 -3.12 34.44 -36.47
N TYR A 27 -3.95 35.47 -36.67
CA TYR A 27 -4.74 35.75 -37.89
C TYR A 27 -3.80 36.24 -38.97
N ALA A 28 -4.25 36.39 -40.22
CA ALA A 28 -5.65 36.25 -40.70
C ALA A 28 -6.15 34.80 -40.81
N ARG A 29 -5.23 33.87 -40.98
CA ARG A 29 -5.56 32.44 -41.11
C ARG A 29 -6.49 31.99 -40.01
N LEU A 30 -7.28 30.95 -40.30
CA LEU A 30 -8.45 30.59 -39.54
C LEU A 30 -9.61 31.50 -40.02
N GLN A 31 -9.92 31.44 -41.33
CA GLN A 31 -10.73 32.48 -42.03
C GLN A 31 -12.26 32.50 -41.68
N ASN A 32 -13.23 31.87 -42.38
CA ASN A 32 -13.14 30.93 -43.54
C ASN A 32 -12.25 29.69 -43.39
N ILE A 33 -12.64 28.87 -42.43
CA ILE A 33 -12.35 27.44 -42.46
C ILE A 33 -13.68 26.72 -42.75
N TRP A 34 -14.76 27.26 -42.21
CA TRP A 34 -16.07 26.73 -42.35
C TRP A 34 -16.74 27.56 -43.44
N PRO A 35 -17.50 26.91 -44.33
CA PRO A 35 -18.23 27.58 -45.40
C PRO A 35 -19.41 28.35 -44.86
N LYS A 36 -19.96 29.26 -45.65
CA LYS A 36 -20.98 30.09 -45.07
C LYS A 36 -22.38 29.53 -45.34
N PHE A 37 -23.40 30.37 -45.23
CA PHE A 37 -24.76 29.93 -45.41
C PHE A 37 -25.61 30.90 -46.25
N PRO A 38 -25.94 30.52 -47.51
CA PRO A 38 -26.68 31.41 -48.41
C PRO A 38 -28.16 31.45 -48.10
N ARG A 39 -28.77 32.60 -48.35
CA ARG A 39 -30.18 32.82 -48.01
C ARG A 39 -31.18 31.82 -48.58
N TRP A 40 -30.76 31.07 -49.60
CA TRP A 40 -31.64 30.10 -50.24
C TRP A 40 -31.72 28.81 -49.44
N LEU A 41 -30.74 28.58 -48.56
CA LEU A 41 -30.73 27.38 -47.69
C LEU A 41 -31.26 27.62 -46.26
N HIS A 42 -31.55 28.88 -45.94
CA HIS A 42 -32.03 29.27 -44.61
C HIS A 42 -33.41 28.70 -44.27
N ALA A 43 -34.15 28.28 -45.29
CA ALA A 43 -35.49 27.72 -45.09
C ALA A 43 -35.55 26.54 -44.10
N ALA A 44 -34.43 25.84 -43.90
CA ALA A 44 -34.37 24.64 -43.05
C ALA A 44 -34.86 23.43 -43.87
N PRO A 45 -34.67 22.20 -43.36
CA PRO A 45 -34.04 21.79 -42.12
C PRO A 45 -32.52 21.68 -42.23
N LEU A 46 -31.89 21.22 -41.15
CA LEU A 46 -30.44 21.06 -41.09
C LEU A 46 -29.97 19.92 -41.99
N ALA A 47 -30.70 18.80 -41.93
CA ALA A 47 -30.36 17.57 -42.65
C ALA A 47 -29.88 17.79 -44.09
N LEU A 48 -30.77 18.33 -44.94
CA LEU A 48 -30.44 18.55 -46.36
C LEU A 48 -29.41 19.67 -46.47
N ALA A 49 -29.57 20.71 -45.65
CA ALA A 49 -28.63 21.83 -45.64
C ALA A 49 -27.19 21.35 -45.47
N TRP A 50 -26.97 20.40 -44.57
CA TRP A 50 -25.65 19.80 -44.34
C TRP A 50 -25.21 18.94 -45.53
N GLU A 51 -26.09 18.04 -45.97
CA GLU A 51 -25.78 17.12 -47.07
C GLU A 51 -25.62 17.83 -48.41
N LEU A 52 -26.30 18.97 -48.57
CA LEU A 52 -26.17 19.82 -49.76
C LEU A 52 -24.84 20.58 -49.74
N THR A 53 -24.42 21.02 -48.54
CA THR A 53 -23.11 21.63 -48.36
C THR A 53 -22.00 20.63 -48.76
N ARG A 54 -22.21 19.36 -48.41
CA ARG A 54 -21.28 18.29 -48.78
C ARG A 54 -21.18 18.13 -50.29
N ILE A 55 -22.33 18.05 -50.96
CA ILE A 55 -22.36 17.90 -52.42
C ILE A 55 -21.61 19.01 -53.11
N CYS A 56 -21.84 20.24 -52.67
CA CYS A 56 -21.26 21.43 -53.30
C CYS A 56 -19.73 21.48 -53.26
N LEU A 57 -19.12 21.07 -52.15
CA LEU A 57 -17.66 21.12 -52.04
C LEU A 57 -17.05 19.82 -52.54
N HIS A 58 -17.83 18.75 -52.56
CA HIS A 58 -17.43 17.54 -53.27
C HIS A 58 -17.37 17.83 -54.78
N CYS A 59 -18.42 18.46 -55.29
CA CYS A 59 -18.51 18.86 -56.71
C CYS A 59 -17.77 20.18 -56.99
N LYS A 60 -17.14 20.76 -55.98
CA LYS A 60 -16.36 22.02 -56.09
C LYS A 60 -17.15 23.18 -56.72
N VAL A 61 -18.39 23.32 -56.28
CA VAL A 61 -19.26 24.42 -56.68
C VAL A 61 -19.28 25.46 -55.56
N ASP A 62 -19.19 26.73 -55.93
CA ASP A 62 -19.14 27.82 -54.96
C ASP A 62 -20.54 28.14 -54.43
N LEU A 63 -20.69 28.17 -53.10
CA LEU A 63 -22.00 28.40 -52.47
C LEU A 63 -22.50 29.83 -52.53
N GLU A 64 -21.64 30.77 -52.93
CA GLU A 64 -22.02 32.18 -53.03
C GLU A 64 -22.48 32.55 -54.43
N ASP A 65 -22.76 31.53 -55.24
CA ASP A 65 -23.54 31.69 -56.45
C ASP A 65 -25.01 31.39 -56.08
N PRO A 66 -25.81 32.45 -55.89
CA PRO A 66 -27.24 32.30 -56.07
C PRO A 66 -27.57 31.93 -57.53
N THR A 67 -28.62 32.53 -58.08
CA THR A 67 -29.27 31.97 -59.25
C THR A 67 -30.04 30.68 -58.84
N LEU A 68 -30.29 30.48 -57.50
CA LEU A 68 -30.90 29.23 -56.84
C LEU A 68 -31.88 29.52 -55.66
N ARG A 69 -32.61 28.52 -55.20
CA ARG A 69 -34.01 28.70 -54.76
C ARG A 69 -34.51 27.88 -53.51
N TYR A 70 -35.54 27.02 -53.62
CA TYR A 70 -35.95 26.01 -52.60
C TYR A 70 -37.13 25.10 -53.06
N ASP A 71 -37.02 23.80 -52.80
CA ASP A 71 -38.01 22.81 -53.23
C ASP A 71 -38.72 22.15 -52.04
N PRO A 72 -40.07 22.17 -52.00
CA PRO A 72 -40.77 21.51 -50.87
C PRO A 72 -40.72 19.99 -50.90
N SER A 73 -40.52 19.40 -52.08
CA SER A 73 -40.42 17.94 -52.21
C SER A 73 -39.27 17.37 -51.37
N TRP A 74 -38.17 18.13 -51.28
CA TRP A 74 -37.03 17.80 -50.44
C TRP A 74 -37.40 17.34 -49.02
N ALA A 75 -38.35 18.04 -48.41
CA ALA A 75 -38.77 17.74 -47.05
C ALA A 75 -39.25 16.26 -46.82
N THR A 76 -39.28 15.44 -47.90
CA THR A 76 -39.99 14.15 -47.89
C THR A 76 -39.25 12.82 -48.23
N SER A 77 -38.11 12.88 -48.92
CA SER A 77 -37.74 11.83 -49.95
C SER A 77 -36.69 10.70 -49.59
N ASP A 78 -35.51 10.77 -50.23
CA ASP A 78 -34.36 9.84 -50.09
C ASP A 78 -33.27 10.52 -50.92
N MET A 79 -32.19 10.86 -50.25
CA MET A 79 -31.19 11.75 -50.80
C MET A 79 -31.10 11.64 -52.33
N ALA A 80 -30.96 10.42 -52.83
CA ALA A 80 -30.84 10.19 -54.28
C ALA A 80 -31.93 10.95 -55.03
N ALA A 81 -33.13 10.99 -54.47
CA ALA A 81 -34.19 11.91 -54.91
C ALA A 81 -33.71 13.37 -54.95
N LEU A 82 -33.35 13.92 -53.78
CA LEU A 82 -32.82 15.29 -53.66
C LEU A 82 -31.52 15.46 -54.48
N TRP A 83 -30.74 14.38 -54.54
CA TRP A 83 -29.47 14.36 -55.26
C TRP A 83 -29.66 14.26 -56.77
N ARG A 84 -30.84 13.84 -57.21
CA ARG A 84 -31.20 13.84 -58.64
C ARG A 84 -31.96 15.09 -59.04
N SER A 85 -32.11 16.05 -58.13
CA SER A 85 -32.86 17.28 -58.43
C SER A 85 -32.40 17.95 -59.73
N LEU A 86 -31.21 18.56 -59.86
CA LEU A 86 -30.29 19.04 -58.81
C LEU A 86 -29.13 19.84 -59.43
N THR A 87 -28.27 19.29 -60.32
CA THR A 87 -28.20 17.89 -60.87
C THR A 87 -29.43 17.16 -61.38
N GLN A 88 -29.93 17.37 -62.60
CA GLN A 88 -29.85 18.59 -63.46
C GLN A 88 -28.60 19.49 -63.46
N LEU A 89 -28.80 20.74 -63.88
CA LEU A 89 -27.79 21.81 -63.81
C LEU A 89 -26.47 21.56 -64.58
N ASP A 90 -26.16 20.30 -64.88
CA ASP A 90 -25.00 19.89 -65.71
C ASP A 90 -23.61 20.12 -65.08
N VAL A 91 -23.39 21.28 -64.47
CA VAL A 91 -22.18 21.51 -63.67
C VAL A 91 -22.21 20.67 -62.41
N PHE A 92 -23.39 20.09 -62.12
CA PHE A 92 -23.52 18.99 -61.18
C PHE A 92 -23.68 17.70 -61.99
N ARG A 93 -22.75 17.48 -62.91
CA ARG A 93 -22.69 16.22 -63.66
C ARG A 93 -21.23 15.84 -63.95
N GLY A 94 -20.44 15.60 -62.88
CA GLY A 94 -20.87 15.74 -61.47
C GLY A 94 -21.75 14.60 -60.96
N LYS A 95 -21.20 13.43 -60.65
CA LYS A 95 -19.76 13.20 -60.46
C LYS A 95 -19.41 11.72 -60.14
N SER A 96 -20.16 11.00 -59.28
CA SER A 96 -21.37 11.43 -58.56
C SER A 96 -21.18 11.59 -57.04
N PHE A 97 -21.70 10.66 -56.21
CA PHE A 97 -21.36 10.64 -54.76
C PHE A 97 -21.72 11.99 -54.05
N PRO A 98 -21.17 12.28 -52.83
CA PRO A 98 -20.27 11.61 -51.89
C PRO A 98 -20.88 10.42 -51.15
N GLU A 99 -20.05 9.76 -50.33
CA GLU A 99 -20.36 8.47 -49.68
C GLU A 99 -21.84 8.25 -49.36
N ARG A 100 -22.57 9.31 -49.02
CA ARG A 100 -24.03 9.27 -48.82
C ARG A 100 -24.44 8.61 -47.47
N PRO A 101 -25.44 9.20 -46.80
CA PRO A 101 -25.93 8.61 -45.54
C PRO A 101 -26.87 7.42 -45.76
N SER A 102 -27.11 6.65 -44.70
CA SER A 102 -27.91 5.41 -44.67
C SER A 102 -29.41 5.60 -44.79
N ALA A 103 -30.12 4.50 -45.05
CA ALA A 103 -31.56 4.52 -45.32
C ALA A 103 -32.34 4.98 -44.10
N GLU A 104 -32.11 4.29 -42.99
CA GLU A 104 -32.76 4.62 -41.71
C GLU A 104 -32.35 6.03 -41.21
N ALA A 105 -31.14 6.50 -41.58
CA ALA A 105 -30.59 7.75 -41.03
C ALA A 105 -31.17 9.03 -41.60
N PHE A 106 -31.05 9.20 -42.91
CA PHE A 106 -31.43 10.44 -43.57
C PHE A 106 -32.91 10.79 -43.41
N ALA A 107 -33.77 9.78 -43.49
CA ALA A 107 -35.21 9.99 -43.29
C ALA A 107 -35.47 10.49 -41.88
N ALA A 108 -34.74 9.92 -40.92
CA ALA A 108 -34.82 10.35 -39.53
C ALA A 108 -34.23 11.74 -39.34
N ALA A 109 -33.29 12.13 -40.21
CA ALA A 109 -32.65 13.44 -40.13
C ALA A 109 -33.58 14.61 -40.48
N LEU A 110 -34.75 14.33 -41.07
CA LEU A 110 -35.78 15.35 -41.28
C LEU A 110 -37.03 15.07 -40.43
N THR A 111 -37.61 13.87 -40.58
CA THR A 111 -38.91 13.55 -39.98
C THR A 111 -38.87 12.60 -38.78
N GLY A 112 -37.67 12.13 -38.41
CA GLY A 112 -37.50 11.24 -37.25
C GLY A 112 -36.71 11.95 -36.17
N ASN A 113 -36.59 13.28 -36.29
CA ASN A 113 -35.98 14.15 -35.25
C ASN A 113 -34.57 13.79 -34.82
N PHE A 114 -33.89 12.95 -35.59
CA PHE A 114 -32.51 12.52 -35.36
C PHE A 114 -32.27 11.26 -34.57
N GLU A 115 -33.24 10.35 -34.56
CA GLU A 115 -33.17 9.27 -33.58
C GLU A 115 -33.98 8.01 -33.97
N SER A 116 -33.34 6.85 -33.82
CA SER A 116 -34.02 5.54 -33.89
C SER A 116 -33.75 4.70 -32.64
N ARG A 117 -34.82 4.49 -31.87
CA ARG A 117 -34.75 3.91 -30.49
C ARG A 117 -33.65 4.55 -29.60
N GLY A 118 -32.42 4.05 -29.74
CA GLY A 118 -31.31 4.54 -28.94
C GLY A 118 -30.21 5.19 -29.76
N ASN A 119 -30.21 4.96 -31.08
CA ASN A 119 -29.15 5.44 -31.98
C ASN A 119 -29.45 6.83 -32.51
N THR A 120 -28.59 7.78 -32.15
CA THR A 120 -28.76 9.14 -32.58
C THR A 120 -28.17 9.35 -33.95
N VAL A 121 -28.58 10.42 -34.62
CA VAL A 121 -27.87 10.82 -35.87
C VAL A 121 -26.79 11.83 -35.58
N VAL A 122 -25.61 11.59 -36.11
CA VAL A 122 -24.45 12.40 -35.81
C VAL A 122 -24.25 13.44 -36.88
N LEU A 123 -23.63 14.55 -36.49
CA LEU A 123 -22.95 15.44 -37.42
C LEU A 123 -21.47 15.26 -37.11
N SER A 124 -20.70 14.76 -38.05
CA SER A 124 -19.28 14.59 -37.83
C SER A 124 -18.46 15.18 -38.97
N ALA A 125 -17.51 16.03 -38.59
CA ALA A 125 -16.54 16.59 -39.54
C ALA A 125 -15.17 16.10 -39.12
N SER A 126 -14.20 16.20 -40.00
CA SER A 126 -12.84 15.67 -39.80
C SER A 126 -11.77 16.63 -40.35
N LEU A 127 -10.84 17.07 -39.52
CA LEU A 127 -9.83 18.07 -39.94
C LEU A 127 -8.39 17.54 -40.01
N GLU A 128 -7.76 17.79 -41.17
CA GLU A 128 -6.36 17.51 -41.42
C GLU A 128 -5.75 18.83 -41.89
N PHE A 129 -4.45 19.00 -41.72
CA PHE A 129 -3.75 20.27 -42.07
C PHE A 129 -3.81 20.68 -43.55
N ASN A 130 -3.61 21.98 -43.77
CA ASN A 130 -3.41 22.65 -45.06
C ASN A 130 -2.07 23.42 -44.99
N PRO A 131 -1.46 23.74 -46.15
CA PRO A 131 -0.29 24.66 -46.27
C PRO A 131 -0.50 26.05 -47.04
N SER A 132 -0.66 27.14 -46.27
CA SER A 132 -0.71 28.61 -46.72
C SER A 132 -1.97 29.20 -47.47
N LYS A 133 -2.25 30.54 -47.49
CA LYS A 133 -2.11 31.66 -46.41
C LYS A 133 -2.04 33.12 -47.02
N THR A 134 -3.07 34.02 -46.97
CA THR A 134 -4.29 34.08 -46.03
C THR A 134 -5.21 32.88 -46.26
N GLY A 135 -4.52 31.76 -46.36
CA GLY A 135 -5.09 30.45 -46.61
C GLY A 135 -5.69 29.90 -45.36
N PRO A 136 -6.39 28.77 -45.47
CA PRO A 136 -7.08 28.19 -44.33
C PRO A 136 -6.16 27.76 -43.16
N LEU A 137 -5.30 26.78 -43.41
CA LEU A 137 -4.51 26.09 -42.39
C LEU A 137 -5.14 24.71 -42.12
N PHE A 138 -6.46 24.67 -41.92
CA PHE A 138 -7.18 23.38 -41.70
C PHE A 138 -8.13 23.06 -42.86
N LEU A 139 -8.14 21.80 -43.28
CA LEU A 139 -8.99 21.34 -44.38
C LEU A 139 -10.17 20.52 -43.87
N LEU A 140 -11.39 20.99 -44.14
CA LEU A 140 -12.55 20.25 -43.66
C LEU A 140 -12.84 19.01 -44.48
N ASP A 141 -13.40 18.02 -43.80
CA ASP A 141 -13.95 16.85 -44.41
C ASP A 141 -15.25 16.48 -43.68
N MET A 142 -16.41 16.82 -44.28
CA MET A 142 -17.72 16.54 -43.67
C MET A 142 -18.16 15.15 -44.04
N LYS A 143 -18.09 14.26 -43.08
CA LYS A 143 -18.57 12.94 -43.30
C LYS A 143 -20.11 13.02 -43.36
N PRO A 144 -20.74 12.03 -43.98
CA PRO A 144 -22.19 12.06 -44.05
C PRO A 144 -22.81 11.71 -42.71
N LEU A 145 -24.10 12.03 -42.59
CA LEU A 145 -24.87 11.68 -41.40
C LEU A 145 -24.72 10.20 -41.10
N ARG A 146 -24.26 9.90 -39.88
CA ARG A 146 -23.95 8.54 -39.47
C ARG A 146 -24.77 8.20 -38.24
N PHE A 147 -25.33 7.00 -38.20
CA PHE A 147 -25.92 6.54 -36.96
C PHE A 147 -24.80 6.21 -35.99
N ASP A 148 -24.86 6.76 -34.78
CA ASP A 148 -24.10 6.21 -33.67
C ASP A 148 -25.04 6.01 -32.50
N GLU A 149 -24.57 5.36 -31.44
CA GLU A 149 -25.34 5.33 -30.21
C GLU A 149 -25.39 6.74 -29.59
N GLY A 150 -26.46 7.01 -28.89
CA GLY A 150 -26.64 8.32 -28.25
C GLY A 150 -25.97 8.34 -26.90
N CYS A 151 -25.74 9.55 -26.40
CA CYS A 151 -25.22 9.74 -25.06
C CYS A 151 -26.31 10.48 -24.27
N ARG A 152 -26.00 10.99 -23.10
CA ARG A 152 -27.01 11.67 -22.30
C ARG A 152 -27.29 13.09 -22.70
N LEU A 153 -26.35 13.75 -23.35
CA LEU A 153 -26.55 15.17 -23.62
C LEU A 153 -27.38 15.21 -24.82
N THR A 154 -26.98 14.43 -25.83
CA THR A 154 -27.72 14.34 -27.13
C THR A 154 -29.16 13.85 -26.94
N ARG A 155 -29.36 12.87 -26.06
CA ARG A 155 -30.68 12.46 -25.59
C ARG A 155 -31.50 13.54 -24.88
N ARG A 156 -30.88 14.55 -24.33
CA ARG A 156 -31.58 15.47 -23.47
C ARG A 156 -31.93 16.73 -24.24
N PHE A 157 -30.97 17.23 -25.00
CA PHE A 157 -31.07 18.58 -25.59
C PHE A 157 -31.36 18.49 -27.09
N GLY A 158 -31.51 17.25 -27.59
CA GLY A 158 -31.67 16.98 -29.02
C GLY A 158 -30.33 16.69 -29.72
N PRO A 159 -30.23 15.54 -30.38
CA PRO A 159 -28.99 15.22 -31.09
C PRO A 159 -28.53 16.21 -32.16
N ASP A 160 -29.44 17.00 -32.71
CA ASP A 160 -29.12 18.04 -33.73
C ASP A 160 -28.24 19.19 -33.25
N ARG A 161 -28.21 19.37 -31.93
CA ARG A 161 -27.45 20.47 -31.34
C ARG A 161 -25.96 20.18 -31.07
N PHE A 162 -25.42 19.05 -31.51
CA PHE A 162 -24.04 18.70 -31.21
C PHE A 162 -23.18 18.37 -32.45
N LEU A 163 -21.90 18.77 -32.41
CA LEU A 163 -20.94 18.46 -33.48
C LEU A 163 -19.68 17.87 -32.86
N GLU A 164 -19.10 16.84 -33.49
CA GLU A 164 -17.79 16.35 -33.08
C GLU A 164 -16.83 16.39 -34.26
N VAL A 165 -15.63 16.91 -34.07
CA VAL A 165 -14.63 16.98 -35.16
C VAL A 165 -13.35 16.35 -34.69
N LEU A 166 -12.63 15.67 -35.58
CA LEU A 166 -11.30 15.23 -35.27
C LEU A 166 -10.34 16.34 -35.71
N VAL A 167 -9.60 16.86 -34.74
CA VAL A 167 -8.70 17.95 -34.98
C VAL A 167 -7.27 17.47 -34.68
N PRO A 168 -6.28 17.81 -35.55
CA PRO A 168 -4.89 17.51 -35.24
C PRO A 168 -4.48 18.26 -34.00
N SER A 169 -3.77 17.61 -33.10
CA SER A 169 -3.25 18.36 -31.93
C SER A 169 -2.22 19.43 -32.40
N PRO A 170 -2.32 20.68 -31.93
CA PRO A 170 -1.37 21.73 -32.31
C PRO A 170 -0.06 21.73 -31.51
N THR A 171 0.15 20.72 -30.68
CA THR A 171 1.43 20.43 -30.02
C THR A 171 2.10 19.10 -30.47
N ALA A 172 1.48 18.43 -31.43
CA ALA A 172 2.11 17.36 -32.18
C ALA A 172 3.10 17.94 -33.18
N LEU A 173 4.35 18.13 -32.76
CA LEU A 173 5.39 18.33 -33.77
C LEU A 173 5.71 17.00 -34.46
N ASN A 174 5.50 16.97 -35.76
CA ASN A 174 5.13 18.17 -36.49
C ASN A 174 4.19 17.93 -37.66
N ALA A 175 4.55 18.57 -38.78
CA ALA A 175 3.64 19.36 -39.63
C ALA A 175 4.40 20.30 -40.64
N PRO A 176 3.67 20.87 -41.64
CA PRO A 176 4.09 22.13 -42.33
C PRO A 176 4.62 23.25 -41.40
N SER A 177 5.59 24.03 -41.89
CA SER A 177 6.47 24.79 -41.00
C SER A 177 5.75 25.85 -40.17
N ILE A 178 4.79 26.57 -40.74
CA ILE A 178 4.14 27.64 -39.94
C ILE A 178 3.55 27.02 -38.68
N LEU A 179 3.06 25.78 -38.78
CA LEU A 179 2.58 25.12 -37.58
C LEU A 179 3.78 25.01 -36.65
N LYS A 180 3.62 25.57 -35.46
CA LYS A 180 4.59 25.52 -34.38
C LYS A 180 6.00 26.10 -34.71
N ASP A 181 6.22 26.62 -35.91
CA ASP A 181 7.37 27.52 -36.07
C ASP A 181 7.28 28.63 -35.00
N GLY A 182 6.03 29.06 -34.87
CA GLY A 182 5.54 30.01 -33.90
C GLY A 182 4.66 29.22 -32.96
N GLY A 183 5.30 28.38 -32.16
CA GLY A 183 4.62 27.59 -31.14
C GLY A 183 3.81 28.48 -30.25
N ALA A 184 2.52 28.16 -30.13
CA ALA A 184 1.44 29.06 -29.76
C ALA A 184 0.41 28.88 -30.86
N ALA A 185 -0.80 28.34 -30.67
CA ALA A 185 -1.59 28.05 -29.46
C ALA A 185 -2.72 29.06 -29.38
N GLN A 186 -2.65 30.10 -30.22
CA GLN A 186 -3.83 30.89 -30.65
C GLN A 186 -4.85 29.93 -31.25
N VAL A 187 -4.37 28.82 -31.79
CA VAL A 187 -5.23 27.77 -32.31
C VAL A 187 -6.29 27.32 -31.31
N ILE A 188 -5.85 26.92 -30.12
CA ILE A 188 -6.75 26.50 -29.05
C ILE A 188 -7.68 27.65 -28.68
N ARG A 189 -7.11 28.86 -28.52
CA ARG A 189 -7.91 30.05 -28.22
C ARG A 189 -8.95 30.34 -29.29
N TRP A 190 -8.68 29.88 -30.51
CA TRP A 190 -9.63 30.00 -31.61
C TRP A 190 -10.80 29.00 -31.46
N LEU A 191 -10.50 27.79 -30.96
CA LEU A 191 -11.50 26.78 -30.79
C LEU A 191 -12.48 27.09 -29.64
N THR A 192 -12.02 27.76 -28.61
CA THR A 192 -12.78 27.90 -27.37
C THR A 192 -13.49 29.22 -27.16
N GLU A 193 -12.88 30.28 -27.67
CA GLU A 193 -13.35 31.62 -27.37
C GLU A 193 -14.75 31.96 -27.91
N LYS A 194 -14.91 32.10 -29.22
CA LYS A 194 -16.29 32.25 -29.72
C LYS A 194 -16.79 30.98 -30.33
N PRO A 195 -18.04 31.00 -30.77
CA PRO A 195 -18.55 30.05 -31.67
C PRO A 195 -17.99 30.00 -33.04
N HIS A 196 -18.32 28.90 -33.65
CA HIS A 196 -18.03 28.68 -35.03
C HIS A 196 -19.34 28.61 -35.84
N SER A 197 -19.54 29.57 -36.74
CA SER A 197 -20.75 29.66 -37.56
C SER A 197 -20.65 28.58 -38.62
N LEU A 198 -21.67 27.75 -38.63
CA LEU A 198 -21.81 26.69 -39.61
C LEU A 198 -23.29 26.42 -39.85
N VAL A 199 -23.63 26.07 -41.09
CA VAL A 199 -24.99 25.71 -41.51
C VAL A 199 -26.02 26.43 -40.65
N GLY A 200 -25.82 27.73 -40.47
CA GLY A 200 -26.72 28.61 -39.68
C GLY A 200 -26.57 28.65 -38.13
N ARG A 201 -25.69 27.83 -37.56
CA ARG A 201 -25.64 27.62 -36.11
C ARG A 201 -24.35 28.08 -35.43
N GLN A 202 -24.46 28.42 -34.15
CA GLN A 202 -23.34 28.84 -33.32
C GLN A 202 -22.73 27.70 -32.47
N TRP A 203 -21.72 27.02 -32.99
CA TRP A 203 -21.15 25.86 -32.29
C TRP A 203 -20.05 26.33 -31.38
N GLN A 204 -20.11 25.98 -30.10
CA GLN A 204 -19.20 26.45 -29.06
C GLN A 204 -18.67 25.24 -28.31
N ALA A 205 -17.35 25.18 -28.17
CA ALA A 205 -16.63 24.00 -27.73
C ALA A 205 -16.76 23.77 -26.27
N PHE A 206 -16.85 22.50 -25.89
CA PHE A 206 -16.93 22.16 -24.46
C PHE A 206 -16.00 21.06 -24.00
N TYR A 207 -15.60 20.15 -24.88
CA TYR A 207 -14.83 19.03 -24.42
C TYR A 207 -13.83 18.64 -25.47
N THR A 208 -12.72 18.11 -24.98
CA THR A 208 -11.63 17.70 -25.84
C THR A 208 -10.97 16.45 -25.24
N LYS A 209 -10.87 15.40 -26.05
CA LYS A 209 -10.44 14.12 -25.56
C LYS A 209 -9.37 13.51 -26.46
N ASP A 210 -8.61 12.55 -25.93
CA ASP A 210 -7.70 11.75 -26.78
C ASP A 210 -8.45 10.82 -27.76
N ALA A 211 -7.90 10.67 -28.98
CA ALA A 211 -8.59 10.02 -30.12
C ALA A 211 -8.93 8.51 -29.98
N GLY A 212 -10.21 8.21 -29.71
CA GLY A 212 -10.66 6.91 -29.15
C GLY A 212 -10.04 5.64 -29.64
N ALA A 226 4.43 8.72 -45.14
CA ALA A 226 3.76 7.47 -44.80
C ALA A 226 2.61 7.69 -43.82
N LYS A 227 2.90 7.68 -42.51
CA LYS A 227 1.88 7.69 -41.47
C LYS A 227 1.30 9.10 -41.31
N ALA A 228 -0.01 9.17 -41.06
CA ALA A 228 -0.73 10.40 -40.68
C ALA A 228 -0.44 10.79 -39.20
N THR A 229 -0.93 11.97 -38.80
CA THR A 229 -0.73 12.53 -37.47
C THR A 229 -1.93 12.45 -36.51
N PHE A 230 -1.61 12.54 -35.23
CA PHE A 230 -2.53 12.32 -34.13
C PHE A 230 -3.61 13.40 -34.00
N LYS A 231 -4.78 12.99 -33.50
CA LYS A 231 -5.90 13.90 -33.38
C LYS A 231 -6.64 13.96 -32.06
N GLU A 232 -7.33 15.09 -31.87
CA GLU A 232 -8.09 15.38 -30.63
C GLU A 232 -9.55 15.43 -31.07
N ARG A 233 -10.42 14.81 -30.30
CA ARG A 233 -11.80 14.86 -30.67
C ARG A 233 -12.42 16.00 -29.89
N VAL A 234 -13.14 16.86 -30.62
CA VAL A 234 -13.66 18.06 -30.08
C VAL A 234 -15.18 18.14 -30.29
N HIS A 235 -15.86 18.35 -29.17
CA HIS A 235 -17.31 18.33 -29.10
C HIS A 235 -17.85 19.73 -28.94
N PHE A 236 -18.59 20.17 -29.94
CA PHE A 236 -19.16 21.49 -29.92
C PHE A 236 -20.66 21.33 -29.64
N PHE A 237 -21.26 22.35 -29.02
CA PHE A 237 -22.69 22.40 -28.78
C PHE A 237 -23.24 23.63 -29.48
N ALA A 238 -24.28 23.48 -30.30
CA ALA A 238 -24.90 24.66 -30.97
C ALA A 238 -25.67 25.52 -29.96
N GLU A 239 -25.22 26.75 -29.74
CA GLU A 239 -25.82 27.58 -28.70
C GLU A 239 -27.01 28.41 -29.21
N ARG A 240 -27.02 28.73 -30.50
CA ARG A 240 -28.04 29.57 -31.10
C ARG A 240 -28.02 29.31 -32.63
N GLY A 241 -28.63 30.21 -33.42
CA GLY A 241 -28.68 30.04 -34.86
C GLY A 241 -29.91 30.62 -35.48
N HIS A 242 -30.08 30.30 -36.77
CA HIS A 242 -31.27 30.69 -37.55
C HIS A 242 -32.43 29.75 -37.34
N ASP A 243 -33.19 30.01 -36.29
CA ASP A 243 -34.39 29.27 -35.88
C ASP A 243 -34.71 29.53 -34.41
N PHE A 244 -33.92 30.37 -33.76
CA PHE A 244 -33.77 30.32 -32.31
C PHE A 244 -34.38 31.48 -31.45
N ARG A 245 -34.70 31.15 -30.20
CA ARG A 245 -35.57 31.97 -29.33
C ARG A 245 -35.38 31.76 -27.81
N PRO A 246 -35.30 32.86 -27.01
CA PRO A 246 -35.16 32.82 -25.52
C PRO A 246 -36.48 32.53 -24.71
N ALA A 247 -36.45 32.22 -23.41
CA ALA A 247 -35.27 31.95 -22.52
C ALA A 247 -35.76 31.46 -21.12
N PRO A 248 -34.94 30.70 -20.35
CA PRO A 248 -35.29 30.20 -19.00
C PRO A 248 -36.26 31.08 -18.23
N LEU A 249 -37.34 30.50 -17.68
CA LEU A 249 -37.54 29.02 -17.65
C LEU A 249 -38.48 28.53 -18.76
N ARG A 263 -36.72 22.94 -32.57
CA ARG A 263 -37.80 23.51 -31.77
C ARG A 263 -37.93 25.03 -32.01
N ARG A 264 -36.92 25.84 -31.70
CA ARG A 264 -35.66 25.50 -31.01
C ARG A 264 -35.19 26.70 -30.13
N THR A 265 -35.01 26.49 -28.84
CA THR A 265 -34.64 27.59 -27.95
C THR A 265 -33.17 27.87 -27.90
N GLU A 266 -32.87 29.11 -27.50
CA GLU A 266 -31.54 29.59 -27.28
C GLU A 266 -31.04 29.04 -25.99
N ILE A 267 -29.76 28.67 -25.96
CA ILE A 267 -29.26 27.87 -24.86
C ILE A 267 -27.74 27.72 -24.90
N ARG A 268 -27.08 28.14 -23.83
CA ARG A 268 -25.64 28.30 -23.87
C ARG A 268 -24.99 27.05 -23.28
N VAL A 269 -23.70 26.80 -23.67
CA VAL A 269 -22.84 25.75 -23.07
C VAL A 269 -22.77 25.85 -21.52
N SER A 270 -22.73 27.09 -21.02
CA SER A 270 -22.85 27.38 -19.59
C SER A 270 -24.08 26.83 -18.92
N GLU A 271 -25.24 26.82 -19.59
CA GLU A 271 -26.48 26.24 -19.02
C GLU A 271 -26.53 24.71 -19.20
N MET A 272 -25.90 24.23 -20.27
CA MET A 272 -25.87 22.81 -20.52
C MET A 272 -25.17 22.07 -19.40
N LEU A 273 -23.90 22.42 -19.18
CA LEU A 273 -23.08 21.81 -18.15
C LEU A 273 -23.72 22.02 -16.79
N ASP A 274 -24.31 23.19 -16.58
CA ASP A 274 -25.07 23.43 -15.36
C ASP A 274 -26.21 22.40 -15.10
N TRP A 275 -26.87 21.95 -16.16
CA TRP A 275 -27.80 20.86 -16.14
C TRP A 275 -27.07 19.54 -15.75
N LEU A 276 -26.05 19.23 -16.52
CA LEU A 276 -25.32 17.95 -16.45
C LEU A 276 -24.62 17.80 -15.14
N LEU A 277 -23.78 18.78 -14.84
CA LEU A 277 -22.89 18.75 -13.74
C LEU A 277 -23.51 19.31 -12.45
N GLN A 278 -24.45 20.23 -12.55
CA GLN A 278 -25.09 20.89 -11.42
C GLN A 278 -24.02 21.72 -10.64
N LEU A 279 -23.78 22.96 -11.11
CA LEU A 279 -22.54 23.71 -10.80
C LEU A 279 -22.34 24.49 -9.39
N GLU A 280 -23.42 24.91 -8.77
CA GLU A 280 -23.37 25.59 -7.46
C GLU A 280 -22.96 24.61 -6.38
N GLN A 281 -23.51 23.40 -6.45
CA GLN A 281 -23.18 22.28 -5.59
C GLN A 281 -21.84 21.57 -5.92
N ASN A 282 -21.08 22.06 -6.87
CA ASN A 282 -19.81 21.44 -7.20
C ASN A 282 -18.57 22.34 -7.34
N GLU A 283 -18.62 23.49 -6.69
CA GLU A 283 -17.61 24.50 -6.80
C GLU A 283 -16.35 24.00 -6.17
N TYR A 284 -16.48 23.11 -5.23
CA TYR A 284 -15.35 22.56 -4.51
C TYR A 284 -14.37 21.77 -5.35
N GLN A 285 -14.79 21.33 -6.50
CA GLN A 285 -13.96 20.52 -7.37
C GLN A 285 -12.91 21.36 -8.03
N PRO A 286 -11.73 20.76 -8.25
CA PRO A 286 -10.78 21.30 -9.19
C PRO A 286 -11.42 21.36 -10.58
N HIS A 287 -11.24 22.46 -11.30
CA HIS A 287 -12.02 22.68 -12.51
C HIS A 287 -11.70 21.66 -13.57
N LEU A 288 -10.44 21.28 -13.70
CA LEU A 288 -10.00 20.31 -14.73
C LEU A 288 -10.61 18.97 -14.43
N LYS A 289 -10.74 18.66 -13.15
CA LYS A 289 -11.28 17.35 -12.75
C LYS A 289 -12.77 17.33 -13.06
N LEU A 290 -13.42 18.50 -12.84
CA LEU A 290 -14.83 18.73 -13.17
C LEU A 290 -15.00 18.77 -14.66
N PHE A 291 -14.02 19.31 -15.35
CA PHE A 291 -14.05 19.29 -16.81
C PHE A 291 -14.06 17.85 -17.29
N SER A 292 -13.21 16.99 -16.70
CA SER A 292 -13.05 15.58 -17.14
C SER A 292 -14.34 14.77 -16.95
N ARG A 293 -15.15 15.20 -15.98
CA ARG A 293 -16.39 14.55 -15.62
C ARG A 293 -17.39 14.67 -16.73
N ILE A 294 -17.16 15.64 -17.64
CA ILE A 294 -18.04 15.84 -18.80
C ILE A 294 -18.22 14.49 -19.50
N GLN A 295 -17.13 13.73 -19.57
CA GLN A 295 -17.10 12.45 -20.28
C GLN A 295 -18.18 11.45 -19.91
N LEU A 296 -18.74 11.61 -18.74
CA LEU A 296 -19.92 10.84 -18.34
C LEU A 296 -21.22 11.18 -19.10
N GLY A 297 -21.36 12.41 -19.60
CA GLY A 297 -22.56 12.80 -20.35
C GLY A 297 -22.43 12.60 -21.85
N LEU A 298 -21.30 12.04 -22.23
CA LEU A 298 -20.90 11.96 -23.62
C LEU A 298 -20.66 10.49 -24.00
N SER A 299 -20.34 9.71 -22.98
CA SER A 299 -20.23 8.30 -23.11
C SER A 299 -21.39 7.68 -23.89
N LYS A 300 -21.04 6.84 -24.85
CA LYS A 300 -21.99 6.16 -25.69
C LYS A 300 -22.64 4.98 -24.94
N THR A 301 -23.93 5.09 -24.68
CA THR A 301 -24.60 4.14 -23.87
C THR A 301 -26.05 3.86 -24.32
N PHE A 302 -26.57 2.69 -23.95
CA PHE A 302 -27.97 2.34 -24.16
C PHE A 302 -28.75 2.58 -22.89
N PRO A 303 -29.89 3.23 -23.01
CA PRO A 303 -30.70 3.64 -21.89
C PRO A 303 -31.47 2.44 -21.54
N THR A 304 -31.59 2.17 -20.25
CA THR A 304 -32.09 0.90 -19.79
C THR A 304 -33.26 1.04 -18.87
N VAL A 305 -33.05 1.59 -17.70
CA VAL A 305 -34.14 1.86 -16.80
C VAL A 305 -33.96 3.14 -16.06
N THR A 306 -35.05 3.87 -15.85
CA THR A 306 -35.14 4.93 -14.84
C THR A 306 -35.72 4.45 -13.51
N PHE A 307 -34.98 4.66 -12.44
CA PHE A 307 -35.39 4.23 -11.11
C PHE A 307 -36.15 5.29 -10.37
N GLU A 308 -36.84 4.90 -9.29
CA GLU A 308 -37.49 5.86 -8.40
C GLU A 308 -36.38 6.23 -7.43
N PRO A 309 -36.37 7.50 -6.93
CA PRO A 309 -35.44 7.94 -5.85
C PRO A 309 -35.25 6.94 -4.67
N ASN A 310 -36.31 6.23 -4.24
CA ASN A 310 -36.15 5.25 -3.13
C ASN A 310 -35.30 4.03 -3.55
N GLN A 311 -35.51 3.63 -4.81
CA GLN A 311 -34.91 2.45 -5.45
C GLN A 311 -33.45 2.65 -5.77
N ILE A 312 -32.96 3.91 -5.74
CA ILE A 312 -31.52 4.23 -5.71
C ILE A 312 -30.91 4.44 -4.27
N ARG A 313 -30.08 3.48 -3.83
CA ARG A 313 -29.59 3.49 -2.44
C ARG A 313 -28.17 4.01 -2.23
N HIS A 314 -28.03 5.34 -2.13
CA HIS A 314 -26.75 6.02 -2.10
C HIS A 314 -25.98 5.77 -0.80
N ARG A 315 -25.07 4.83 -0.88
CA ARG A 315 -24.22 4.46 0.23
C ARG A 315 -23.27 5.58 0.46
N THR A 316 -22.97 5.82 1.72
CA THR A 316 -22.14 6.91 2.16
C THR A 316 -20.69 6.46 2.26
N ASP A 317 -20.46 5.23 2.58
CA ASP A 317 -19.08 4.78 2.69
C ASP A 317 -18.75 3.65 1.77
N ASP A 318 -17.48 3.63 1.33
CA ASP A 318 -17.02 2.50 0.64
C ASP A 318 -16.62 1.47 1.66
N ILE A 319 -16.64 0.22 1.18
CA ILE A 319 -16.24 -0.91 1.96
C ILE A 319 -14.75 -0.74 2.18
N LEU A 320 -14.32 -0.77 3.44
CA LEU A 320 -12.92 -0.40 3.78
C LEU A 320 -12.16 -1.55 4.38
N SER A 321 -10.81 -1.43 4.19
CA SER A 321 -9.84 -2.54 4.37
C SER A 321 -10.07 -3.10 5.68
N PRO A 322 -10.19 -4.42 5.68
CA PRO A 322 -10.14 -4.54 7.11
C PRO A 322 -8.71 -4.08 7.47
N ALA A 323 -8.16 -2.85 7.12
CA ALA A 323 -8.73 -1.41 7.05
C ALA A 323 -7.82 -0.20 6.37
N GLY A 324 -8.51 0.88 5.88
CA GLY A 324 -7.92 2.14 5.24
C GLY A 324 -8.24 2.29 3.76
N LYS A 325 -7.89 1.21 3.08
CA LYS A 325 -8.00 0.96 1.64
C LYS A 325 -9.40 0.46 1.29
N ILE A 326 -10.05 1.18 0.36
CA ILE A 326 -11.37 0.80 -0.16
C ILE A 326 -11.19 -0.56 -0.88
N MET A 327 -12.05 -1.47 -0.54
CA MET A 327 -11.98 -2.79 -1.07
C MET A 327 -13.02 -3.06 -2.17
N ASN A 328 -13.79 -2.04 -2.57
CA ASN A 328 -14.74 -2.23 -3.68
C ASN A 328 -14.79 -1.06 -4.66
N ASP A 329 -13.63 -0.55 -5.07
CA ASP A 329 -13.53 0.69 -5.85
C ASP A 329 -14.36 0.70 -7.21
N GLY A 330 -15.51 1.36 -7.20
CA GLY A 330 -16.33 1.51 -8.42
C GLY A 330 -17.40 0.47 -8.64
N ILE A 331 -17.58 -0.47 -7.69
CA ILE A 331 -18.48 -1.60 -7.85
C ILE A 331 -19.45 -1.70 -6.71
N GLY A 332 -20.67 -2.12 -7.02
CA GLY A 332 -21.86 -1.98 -6.15
C GLY A 332 -22.86 -2.88 -6.72
N ARG A 333 -23.84 -3.31 -5.97
CA ARG A 333 -24.81 -4.31 -6.48
C ARG A 333 -26.03 -3.70 -7.18
N MET A 334 -26.60 -4.46 -8.09
CA MET A 334 -27.96 -4.17 -8.60
C MET A 334 -28.82 -5.36 -8.19
N SER A 335 -30.13 -5.20 -8.37
CA SER A 335 -31.12 -6.22 -8.01
C SER A 335 -31.14 -7.21 -9.12
N ARG A 336 -31.68 -8.39 -8.79
CA ARG A 336 -31.92 -9.40 -9.78
C ARG A 336 -32.85 -8.98 -10.85
N SER A 337 -33.86 -8.19 -10.47
CA SER A 337 -34.87 -7.73 -11.40
C SER A 337 -34.37 -6.69 -12.40
N VAL A 338 -33.47 -5.81 -11.95
CA VAL A 338 -32.89 -4.82 -12.85
C VAL A 338 -32.03 -5.55 -13.87
N ALA A 339 -31.31 -6.58 -13.42
CA ALA A 339 -30.55 -7.43 -14.32
C ALA A 339 -31.45 -8.22 -15.34
N ARG A 340 -32.61 -8.68 -14.90
CA ARG A 340 -33.63 -9.27 -15.81
C ARG A 340 -34.10 -8.24 -16.79
N LYS A 341 -34.31 -7.06 -16.27
CA LYS A 341 -34.76 -5.95 -17.08
C LYS A 341 -33.78 -5.54 -18.16
N ILE A 342 -32.47 -5.49 -17.79
CA ILE A 342 -31.41 -5.04 -18.68
C ILE A 342 -31.29 -6.01 -19.85
N ARG A 343 -31.35 -7.32 -19.56
CA ARG A 343 -31.52 -8.31 -20.64
C ARG A 343 -32.76 -7.97 -21.48
N ASP A 344 -33.93 -7.87 -20.85
CA ASP A 344 -35.14 -7.57 -21.57
C ASP A 344 -34.80 -6.41 -22.52
N ALA A 345 -34.30 -5.32 -21.97
CA ALA A 345 -34.29 -4.06 -22.72
C ALA A 345 -33.40 -4.08 -23.97
N LEU A 346 -32.20 -4.63 -23.80
CA LEU A 346 -31.19 -4.62 -24.85
C LEU A 346 -31.44 -5.83 -25.77
N GLY A 347 -31.94 -6.89 -25.18
CA GLY A 347 -32.00 -8.14 -25.89
C GLY A 347 -30.72 -8.86 -25.88
N LEU A 348 -30.46 -9.40 -24.73
CA LEU A 348 -29.44 -10.41 -24.61
C LEU A 348 -30.13 -11.75 -24.45
N SER A 349 -29.45 -12.80 -24.88
CA SER A 349 -29.99 -14.12 -24.79
C SER A 349 -29.90 -14.64 -23.42
N ASP A 350 -29.59 -13.76 -22.46
CA ASP A 350 -29.54 -14.13 -21.03
C ASP A 350 -29.12 -12.99 -20.09
N ILE A 351 -29.59 -13.08 -18.86
CA ILE A 351 -29.38 -12.04 -17.87
C ILE A 351 -27.87 -11.97 -17.59
N PRO A 352 -27.29 -10.78 -17.66
CA PRO A 352 -25.91 -10.70 -17.26
C PRO A 352 -25.79 -10.64 -15.77
N SER A 353 -24.70 -11.15 -15.26
CA SER A 353 -24.53 -11.18 -13.79
C SER A 353 -23.94 -9.85 -13.35
N ALA A 354 -23.27 -9.23 -14.30
CA ALA A 354 -22.74 -7.92 -14.10
C ALA A 354 -22.89 -7.05 -15.36
N ILE A 355 -22.82 -5.74 -15.11
CA ILE A 355 -22.92 -4.69 -16.10
C ILE A 355 -21.95 -3.52 -15.78
N GLN A 356 -21.53 -2.91 -16.87
CA GLN A 356 -20.90 -1.61 -16.84
C GLN A 356 -21.95 -0.61 -17.30
N GLY A 357 -22.38 0.29 -16.40
CA GLY A 357 -23.05 1.49 -16.87
C GLY A 357 -22.59 2.91 -16.47
N ARG A 358 -23.51 3.82 -16.71
CA ARG A 358 -23.54 5.15 -16.08
C ARG A 358 -24.89 5.42 -15.41
N MET A 359 -24.84 6.07 -14.23
CA MET A 359 -26.06 6.39 -13.46
C MET A 359 -26.02 7.78 -12.86
N GLY A 360 -26.38 8.77 -13.66
CA GLY A 360 -26.14 10.15 -13.29
C GLY A 360 -24.69 10.49 -13.03
N SER A 361 -24.39 10.69 -11.74
CA SER A 361 -23.05 11.14 -11.35
C SER A 361 -22.21 9.93 -11.09
N ALA A 362 -22.88 8.79 -10.96
CA ALA A 362 -22.29 7.47 -10.72
C ALA A 362 -21.73 6.91 -12.02
N LYS A 363 -20.63 6.17 -11.90
CA LYS A 363 -20.00 5.45 -13.02
C LYS A 363 -19.20 4.25 -12.54
N GLY A 364 -19.29 3.16 -13.28
CA GLY A 364 -18.64 1.93 -12.91
C GLY A 364 -19.53 0.69 -13.17
N MET A 365 -19.42 -0.27 -12.25
CA MET A 365 -19.91 -1.62 -12.38
C MET A 365 -20.90 -1.85 -11.34
N TRP A 366 -21.95 -2.51 -11.80
CA TRP A 366 -22.98 -3.04 -10.94
C TRP A 366 -23.02 -4.56 -11.23
N LEU A 367 -23.05 -5.37 -10.17
CA LEU A 367 -23.22 -6.81 -10.24
C LEU A 367 -24.50 -7.24 -9.53
N MET A 368 -24.93 -8.47 -9.77
CA MET A 368 -26.17 -8.93 -9.21
C MET A 368 -26.01 -9.29 -7.79
N ASP A 369 -26.81 -8.72 -6.91
CA ASP A 369 -26.80 -9.15 -5.51
C ASP A 369 -27.35 -10.54 -5.45
N VAL A 370 -26.56 -11.46 -4.90
CA VAL A 370 -26.87 -12.87 -4.92
C VAL A 370 -27.82 -13.13 -3.76
N ALA A 371 -27.70 -12.31 -2.73
CA ALA A 371 -28.60 -12.39 -1.53
C ALA A 371 -29.96 -11.71 -1.60
N ASP A 372 -30.17 -10.89 -2.60
CA ASP A 372 -31.49 -10.56 -3.01
C ASP A 372 -32.04 -11.88 -3.49
N ALA A 373 -33.13 -12.33 -2.93
CA ALA A 373 -33.96 -13.25 -3.73
C ALA A 373 -35.10 -12.52 -4.56
N GLY A 374 -35.43 -11.26 -4.24
CA GLY A 374 -36.84 -10.76 -4.31
C GLY A 374 -37.35 -10.13 -5.59
N ASP A 375 -38.46 -9.37 -5.56
CA ASP A 375 -39.14 -8.85 -6.80
C ASP A 375 -39.22 -7.28 -6.95
N ASP A 376 -38.64 -6.53 -6.03
CA ASP A 376 -38.42 -5.07 -6.19
C ASP A 376 -37.06 -4.69 -6.84
N ASP A 377 -37.11 -3.78 -7.80
CA ASP A 377 -35.93 -3.15 -8.46
C ASP A 377 -35.31 -2.17 -7.54
N TRP A 378 -34.01 -2.21 -7.45
CA TRP A 378 -33.17 -1.34 -6.61
C TRP A 378 -31.76 -1.36 -7.25
N ILE A 379 -30.94 -0.39 -6.86
CA ILE A 379 -29.56 -0.33 -7.23
C ILE A 379 -28.91 0.48 -6.16
N GLU A 380 -27.69 0.12 -5.77
CA GLU A 380 -26.95 0.93 -4.82
C GLU A 380 -25.82 1.68 -5.47
N THR A 381 -25.41 2.74 -4.84
CA THR A 381 -24.25 3.45 -5.32
C THR A 381 -23.35 3.78 -4.13
N TYR A 382 -22.06 3.93 -4.44
CA TYR A 382 -21.00 4.17 -3.50
C TYR A 382 -20.26 5.42 -3.86
N PRO A 383 -19.55 6.01 -2.89
CA PRO A 383 -18.80 7.23 -3.17
C PRO A 383 -17.85 7.15 -4.41
N SER A 384 -17.01 6.12 -4.46
CA SER A 384 -16.05 5.91 -5.54
C SER A 384 -16.67 5.82 -6.86
N GLN A 385 -17.97 5.59 -6.84
CA GLN A 385 -18.70 5.52 -8.09
C GLN A 385 -19.11 6.92 -8.49
N ARG A 386 -19.70 7.63 -7.56
CA ARG A 386 -20.29 8.97 -7.77
C ARG A 386 -19.39 10.19 -7.86
N LYS A 387 -19.24 10.68 -9.06
CA LYS A 387 -18.21 11.62 -9.48
C LYS A 387 -18.44 13.11 -9.43
N TRP A 388 -19.66 13.51 -9.18
CA TRP A 388 -20.03 14.84 -8.71
C TRP A 388 -21.32 14.77 -7.96
N LYS A 389 -21.58 15.81 -7.18
CA LYS A 389 -22.78 15.91 -6.34
C LYS A 389 -24.03 16.19 -7.17
N CYS A 390 -24.79 15.14 -7.40
CA CYS A 390 -25.95 15.17 -8.24
C CYS A 390 -27.06 14.90 -7.33
N ASP A 391 -28.08 15.76 -7.38
CA ASP A 391 -29.29 15.59 -6.55
C ASP A 391 -30.21 14.47 -7.11
N ASP A 392 -29.84 13.96 -8.29
CA ASP A 392 -30.61 12.93 -8.97
C ASP A 392 -32.06 13.35 -9.08
N ALA A 393 -32.30 14.59 -9.49
CA ALA A 393 -33.68 15.03 -9.45
C ALA A 393 -34.42 14.49 -10.71
N ASP A 394 -34.12 15.07 -11.88
CA ASP A 394 -34.91 14.81 -13.07
C ASP A 394 -34.62 13.40 -13.57
N ALA A 395 -35.34 12.98 -14.60
CA ALA A 395 -35.38 11.57 -14.97
C ALA A 395 -34.07 11.09 -15.58
N LEU A 396 -33.42 11.95 -16.37
CA LEU A 396 -32.21 11.50 -17.07
C LEU A 396 -30.98 11.44 -16.15
N HIS A 397 -31.12 11.90 -14.92
CA HIS A 397 -30.14 11.54 -13.87
C HIS A 397 -30.50 10.36 -13.01
N ARG A 398 -31.61 9.71 -13.34
CA ARG A 398 -32.05 8.61 -12.53
C ARG A 398 -31.98 7.32 -13.31
N THR A 399 -31.57 7.43 -14.59
CA THR A 399 -31.68 6.31 -15.54
C THR A 399 -30.41 5.55 -15.79
N LEU A 400 -30.45 4.23 -15.65
CA LEU A 400 -29.29 3.42 -15.91
C LEU A 400 -28.98 3.45 -17.40
N GLU A 401 -27.77 3.91 -17.72
CA GLU A 401 -27.26 3.93 -19.11
C GLU A 401 -26.18 2.86 -19.11
N ILE A 402 -26.29 1.85 -19.98
CA ILE A 402 -25.50 0.63 -20.05
C ILE A 402 -24.51 0.73 -21.19
N ARG A 403 -23.27 0.46 -20.76
CA ARG A 403 -22.12 0.60 -21.60
C ARG A 403 -21.80 -0.74 -22.20
N SER A 404 -21.72 -1.75 -21.35
CA SER A 404 -21.27 -3.05 -21.73
C SER A 404 -21.73 -4.05 -20.69
N VAL A 405 -21.97 -5.27 -21.13
CA VAL A 405 -22.51 -6.26 -20.26
C VAL A 405 -21.49 -7.35 -20.10
N SER A 406 -21.68 -8.17 -19.09
CA SER A 406 -21.01 -9.40 -18.97
C SER A 406 -21.46 -10.26 -20.09
N THR A 407 -20.60 -10.56 -21.05
CA THR A 407 -20.98 -11.59 -22.00
C THR A 407 -20.06 -12.80 -21.98
N GLU A 408 -20.33 -13.75 -22.87
CA GLU A 408 -19.66 -15.03 -22.71
C GLU A 408 -18.21 -14.97 -23.14
N LEU A 409 -17.37 -15.61 -22.33
CA LEU A 409 -15.94 -15.48 -22.52
C LEU A 409 -15.59 -16.13 -23.88
N LYS A 410 -14.52 -15.63 -24.53
CA LYS A 410 -13.64 -16.39 -25.49
C LYS A 410 -12.13 -16.50 -25.01
N PRO A 411 -11.37 -17.56 -25.46
CA PRO A 411 -9.93 -17.80 -25.36
C PRO A 411 -9.26 -16.66 -25.93
N ALA A 412 -8.23 -16.26 -25.22
CA ALA A 412 -7.69 -14.92 -25.32
C ALA A 412 -6.24 -14.95 -25.70
N ALA A 413 -5.52 -15.72 -24.92
CA ALA A 413 -4.10 -15.85 -25.10
C ALA A 413 -3.28 -14.90 -24.25
N LEU A 414 -2.12 -14.56 -24.80
CA LEU A 414 -1.16 -13.88 -24.06
C LEU A 414 -0.53 -12.75 -24.80
N ASN A 415 -0.80 -11.50 -24.41
CA ASN A 415 -0.15 -10.40 -25.14
C ASN A 415 1.25 -10.17 -24.71
N LEU A 416 2.10 -9.64 -25.62
CA LEU A 416 3.59 -9.71 -25.53
C LEU A 416 4.05 -8.74 -24.46
N GLN A 417 3.18 -7.79 -24.14
CA GLN A 417 3.45 -6.85 -23.10
C GLN A 417 3.69 -7.59 -21.80
N PHE A 418 3.03 -8.74 -21.63
CA PHE A 418 3.18 -9.48 -20.41
C PHE A 418 4.38 -10.36 -20.40
N LEU A 419 4.97 -10.63 -21.54
CA LEU A 419 6.07 -11.63 -21.68
C LEU A 419 7.27 -11.47 -20.76
N PRO A 420 7.99 -10.33 -20.86
CA PRO A 420 9.10 -10.06 -19.97
C PRO A 420 8.81 -10.12 -18.47
N VAL A 421 7.60 -9.72 -18.07
CA VAL A 421 7.16 -9.80 -16.67
C VAL A 421 7.12 -11.25 -16.23
N LEU A 422 6.48 -12.07 -17.02
CA LEU A 422 6.40 -13.50 -16.75
C LEU A 422 7.77 -14.12 -16.65
N GLU A 423 8.63 -13.88 -17.63
CA GLU A 423 10.04 -14.38 -17.64
C GLU A 423 10.77 -14.01 -16.38
N ASP A 424 10.47 -12.82 -15.85
CA ASP A 424 11.13 -12.35 -14.66
C ASP A 424 10.67 -13.10 -13.41
N ARG A 425 9.37 -13.38 -13.33
CA ARG A 425 8.80 -14.08 -12.21
C ARG A 425 8.73 -15.59 -12.49
N ALA A 426 9.38 -16.07 -13.54
CA ALA A 426 9.49 -17.48 -13.77
C ALA A 426 10.39 -18.12 -12.71
N LYS A 427 9.93 -19.20 -12.10
CA LYS A 427 10.83 -20.28 -11.63
C LYS A 427 12.04 -20.67 -12.59
N ASP A 428 11.80 -21.36 -13.71
CA ASP A 428 12.88 -21.66 -14.76
C ASP A 428 12.63 -20.87 -16.04
N LYS A 429 13.56 -19.97 -16.37
CA LYS A 429 13.36 -19.05 -17.51
C LYS A 429 13.54 -19.76 -18.85
N ALA A 430 14.39 -20.76 -18.88
CA ALA A 430 14.61 -21.52 -20.09
C ALA A 430 13.34 -22.35 -20.40
N ARG A 431 12.81 -23.02 -19.38
CA ARG A 431 11.67 -23.91 -19.54
C ARG A 431 10.45 -23.16 -19.83
N MET A 432 10.41 -21.93 -19.35
CA MET A 432 9.26 -21.01 -19.53
C MET A 432 9.27 -20.51 -20.96
N ARG A 433 10.47 -20.23 -21.48
CA ARG A 433 10.70 -19.85 -22.87
C ARG A 433 10.19 -21.01 -23.72
N ARG A 434 10.62 -22.22 -23.38
CA ARG A 434 10.29 -23.45 -24.15
C ARG A 434 8.84 -23.81 -23.96
N ALA A 435 8.30 -23.48 -22.81
CA ALA A 435 6.89 -23.69 -22.53
C ALA A 435 6.03 -22.87 -23.47
N ILE A 436 6.36 -21.56 -23.52
CA ILE A 436 5.58 -20.56 -24.29
C ILE A 436 5.67 -20.77 -25.76
N ALA A 437 6.86 -20.94 -26.27
CA ALA A 437 7.02 -21.14 -27.70
C ALA A 437 6.28 -22.41 -28.16
N ALA A 438 6.29 -23.43 -27.31
CA ALA A 438 5.71 -24.72 -27.69
C ALA A 438 4.18 -24.57 -27.93
N ARG A 439 3.57 -23.77 -27.09
CA ARG A 439 2.14 -23.57 -27.16
C ARG A 439 1.76 -22.80 -28.41
N LEU A 440 2.65 -21.90 -28.82
CA LEU A 440 2.48 -21.11 -30.04
C LEU A 440 2.34 -22.05 -31.25
N MET A 441 3.38 -22.87 -31.42
CA MET A 441 3.49 -23.73 -32.58
C MET A 441 2.37 -24.77 -32.59
N ASN A 442 1.95 -25.25 -31.42
CA ASN A 442 0.92 -26.29 -31.37
C ASN A 442 -0.51 -25.79 -31.76
N ASP A 443 -0.98 -24.70 -31.15
CA ASP A 443 -2.23 -24.07 -31.65
C ASP A 443 -2.18 -23.88 -33.15
N LEU A 444 -0.99 -23.56 -33.66
CA LEU A 444 -0.79 -23.21 -35.06
C LEU A 444 -0.78 -24.48 -35.93
N LYS A 445 -0.05 -25.50 -35.49
CA LYS A 445 -0.14 -26.84 -36.04
C LYS A 445 -1.64 -27.27 -36.07
N LYS A 446 -2.25 -27.10 -34.91
CA LYS A 446 -3.61 -27.49 -34.67
C LYS A 446 -4.56 -26.86 -35.66
N GLN A 447 -4.32 -25.62 -36.08
CA GLN A 447 -5.32 -24.94 -36.94
C GLN A 447 -5.05 -25.20 -38.40
N PHE A 448 -3.86 -25.71 -38.70
CA PHE A 448 -3.54 -26.06 -40.08
C PHE A 448 -3.91 -27.48 -40.40
N ASP A 449 -3.49 -28.41 -39.56
CA ASP A 449 -3.86 -29.82 -39.74
C ASP A 449 -5.38 -29.97 -39.75
N SER A 450 -6.09 -29.30 -38.83
CA SER A 450 -7.57 -29.30 -38.84
C SER A 450 -8.18 -28.83 -40.18
N GLN A 451 -7.49 -27.89 -40.84
CA GLN A 451 -7.97 -27.19 -42.05
C GLN A 451 -7.58 -27.94 -43.32
N LYS A 452 -6.46 -28.65 -43.31
CA LYS A 452 -6.07 -29.45 -44.49
C LYS A 452 -6.85 -30.76 -44.52
N ALA A 453 -7.21 -31.28 -43.35
CA ALA A 453 -8.09 -32.45 -43.26
C ALA A 453 -9.49 -32.10 -43.69
N ALA A 454 -10.00 -30.98 -43.20
CA ALA A 454 -11.33 -30.49 -43.64
C ALA A 454 -11.44 -30.35 -45.18
N VAL A 455 -10.44 -29.74 -45.81
CA VAL A 455 -10.45 -29.48 -47.27
C VAL A 455 -10.68 -30.74 -48.16
N GLU A 456 -10.43 -31.93 -47.62
CA GLU A 456 -10.58 -33.14 -48.38
C GLU A 456 -12.05 -33.49 -48.68
N ARG A 457 -12.98 -32.84 -48.00
CA ARG A 457 -14.37 -33.17 -48.09
C ARG A 457 -15.23 -31.91 -48.03
N PRO A 458 -15.89 -31.56 -49.14
CA PRO A 458 -16.84 -30.44 -49.10
C PRO A 458 -17.61 -30.19 -47.75
N LEU A 459 -18.44 -31.15 -47.35
CA LEU A 459 -19.26 -30.96 -46.17
C LEU A 459 -18.44 -30.43 -45.03
N GLN A 460 -17.31 -31.06 -44.78
CA GLN A 460 -16.46 -30.71 -43.64
C GLN A 460 -15.70 -29.43 -43.92
N PHE A 461 -15.20 -29.26 -45.15
CA PHE A 461 -14.56 -27.99 -45.48
C PHE A 461 -15.48 -26.78 -45.36
N ARG A 462 -16.74 -26.97 -45.64
CA ARG A 462 -17.74 -25.96 -45.34
C ARG A 462 -17.83 -25.77 -43.83
N GLN A 463 -17.88 -26.88 -43.12
CA GLN A 463 -18.11 -26.85 -41.68
C GLN A 463 -17.01 -26.09 -40.95
N TRP A 464 -15.80 -26.25 -41.46
CA TRP A 464 -14.60 -25.57 -40.89
C TRP A 464 -14.63 -24.05 -40.98
N VAL A 465 -14.98 -23.56 -42.20
CA VAL A 465 -15.08 -22.12 -42.51
C VAL A 465 -16.04 -21.46 -41.54
N ASN A 466 -17.12 -22.17 -41.21
CA ASN A 466 -18.19 -21.60 -40.39
C ASN A 466 -17.80 -21.51 -38.91
N GLU A 467 -16.79 -22.30 -38.54
CA GLU A 467 -16.29 -22.39 -37.16
C GLU A 467 -15.08 -21.49 -36.94
N CYS A 468 -14.74 -20.71 -37.95
CA CYS A 468 -13.56 -19.84 -37.91
C CYS A 468 -13.86 -18.34 -38.14
N THR A 469 -15.02 -17.99 -38.72
CA THR A 469 -15.48 -16.59 -38.59
C THR A 469 -16.99 -16.37 -38.53
N ASN A 470 -17.37 -15.11 -38.53
CA ASN A 470 -18.73 -14.70 -38.41
C ASN A 470 -19.09 -13.50 -39.26
N SER A 471 -19.89 -13.69 -40.30
CA SER A 471 -20.55 -12.56 -41.04
C SER A 471 -21.96 -12.31 -40.53
N ARG A 472 -22.34 -13.04 -39.48
CA ARG A 472 -23.67 -12.94 -38.85
C ARG A 472 -24.09 -11.51 -38.59
N SER A 473 -23.28 -10.74 -37.86
CA SER A 473 -23.64 -9.36 -37.51
C SER A 473 -23.56 -8.42 -38.67
N GLU A 474 -23.02 -8.91 -39.78
CA GLU A 474 -23.04 -8.14 -41.03
C GLU A 474 -24.30 -8.49 -41.81
N ARG A 475 -24.76 -9.73 -41.64
CA ARG A 475 -25.89 -10.27 -42.40
C ARG A 475 -27.21 -9.65 -41.94
N VAL A 476 -27.42 -9.72 -40.62
CA VAL A 476 -28.49 -8.99 -39.97
C VAL A 476 -28.56 -7.57 -40.54
N ARG A 477 -27.38 -6.96 -40.61
CA ARG A 477 -27.24 -5.55 -41.01
C ARG A 477 -27.96 -5.30 -42.31
N HIS A 478 -27.53 -5.99 -43.36
CA HIS A 478 -28.01 -5.72 -44.72
C HIS A 478 -29.08 -6.68 -45.17
N GLY A 479 -29.64 -7.42 -44.22
CA GLY A 479 -30.83 -8.20 -44.47
C GLY A 479 -30.55 -9.46 -45.24
N GLN A 480 -29.28 -9.70 -45.51
CA GLN A 480 -28.88 -10.86 -46.33
C GLN A 480 -27.34 -11.08 -46.18
N VAL A 481 -26.75 -11.87 -47.09
CA VAL A 481 -25.30 -11.90 -47.43
C VAL A 481 -24.86 -10.68 -48.31
N PRO A 482 -24.43 -9.59 -47.69
CA PRO A 482 -23.86 -8.51 -48.54
C PRO A 482 -22.85 -8.97 -49.61
N PHE A 483 -23.03 -8.47 -50.82
CA PHE A 483 -22.32 -8.90 -52.00
C PHE A 483 -21.52 -7.75 -52.61
N LEU A 484 -20.27 -8.03 -52.95
CA LEU A 484 -19.34 -7.05 -53.53
C LEU A 484 -19.19 -7.47 -54.98
N GLY A 485 -19.95 -6.83 -55.87
CA GLY A 485 -20.09 -7.28 -57.27
C GLY A 485 -20.68 -8.68 -57.32
N GLY A 486 -20.04 -9.59 -58.05
CA GLY A 486 -20.53 -10.95 -58.17
C GLY A 486 -20.30 -11.92 -57.01
N LEU A 487 -19.58 -11.49 -55.97
CA LEU A 487 -19.27 -12.37 -54.81
C LEU A 487 -19.33 -11.63 -53.48
N PRO A 488 -19.73 -12.35 -52.42
CA PRO A 488 -19.77 -11.86 -51.05
C PRO A 488 -18.54 -11.04 -50.59
N GLU A 489 -18.78 -10.19 -49.60
CA GLU A 489 -17.79 -9.24 -49.12
C GLU A 489 -16.72 -10.00 -48.34
N ASN A 490 -17.15 -10.69 -47.30
CA ASN A 490 -16.24 -11.47 -46.49
C ASN A 490 -15.80 -12.75 -47.23
N LYS A 491 -14.50 -13.00 -47.24
CA LYS A 491 -13.94 -14.14 -47.96
C LYS A 491 -14.51 -15.50 -47.55
N GLY A 492 -14.66 -15.73 -46.26
CA GLY A 492 -15.14 -16.98 -45.70
C GLY A 492 -16.64 -17.17 -45.92
N GLU A 493 -17.31 -16.09 -46.28
CA GLU A 493 -18.65 -16.16 -46.82
C GLU A 493 -18.60 -16.60 -48.29
N VAL A 494 -17.66 -16.04 -49.05
CA VAL A 494 -17.42 -16.38 -50.47
C VAL A 494 -17.23 -17.91 -50.67
N LEU A 495 -16.48 -18.52 -49.77
CA LEU A 495 -16.23 -19.94 -49.83
C LEU A 495 -17.48 -20.76 -49.63
N SER A 496 -18.22 -20.43 -48.57
CA SER A 496 -19.40 -21.23 -48.22
C SER A 496 -20.43 -21.24 -49.37
N PHE A 497 -20.54 -20.10 -50.06
CA PHE A 497 -21.47 -19.94 -51.17
C PHE A 497 -21.04 -20.75 -52.37
N LEU A 498 -19.75 -20.76 -52.66
CA LEU A 498 -19.23 -21.50 -53.80
C LEU A 498 -19.20 -23.02 -53.48
N LEU A 499 -19.11 -23.36 -52.20
CA LEU A 499 -19.22 -24.75 -51.77
C LEU A 499 -20.67 -25.18 -51.66
N ASN A 500 -21.55 -24.28 -51.21
CA ASN A 500 -23.03 -24.50 -51.19
C ASN A 500 -23.55 -24.74 -52.60
N SER A 501 -22.97 -24.01 -53.55
CA SER A 501 -23.28 -24.20 -54.95
C SER A 501 -22.64 -25.47 -55.62
N GLY A 502 -21.77 -26.16 -54.89
CA GLY A 502 -21.30 -27.46 -55.29
C GLY A 502 -19.87 -27.55 -55.76
N PHE A 503 -19.10 -26.48 -55.54
CA PHE A 503 -17.62 -26.48 -55.85
C PHE A 503 -16.76 -27.27 -54.84
N ASP A 504 -15.47 -27.43 -55.16
CA ASP A 504 -14.55 -28.42 -54.55
C ASP A 504 -13.02 -27.95 -54.33
N ARG A 505 -12.08 -28.91 -54.28
CA ARG A 505 -10.56 -28.66 -54.53
C ARG A 505 -10.10 -29.22 -55.87
N ARG A 506 -10.98 -28.87 -56.78
CA ARG A 506 -10.83 -29.06 -58.16
C ARG A 506 -10.73 -27.66 -58.71
N GLN A 507 -11.28 -26.69 -57.94
CA GLN A 507 -11.32 -25.29 -58.37
C GLN A 507 -10.19 -24.39 -57.78
N LYS A 508 -9.31 -23.92 -58.65
CA LYS A 508 -8.10 -23.20 -58.24
C LYS A 508 -8.44 -22.03 -57.34
N TYR A 509 -9.49 -21.29 -57.72
CA TYR A 509 -9.98 -20.18 -56.90
C TYR A 509 -10.37 -20.61 -55.48
N ILE A 510 -11.02 -21.77 -55.33
CA ILE A 510 -11.44 -22.20 -53.98
C ILE A 510 -10.27 -22.52 -53.10
N GLN A 511 -9.31 -23.20 -53.69
CA GLN A 511 -8.01 -23.47 -53.07
C GLN A 511 -7.36 -22.18 -52.65
N ASP A 512 -7.41 -21.20 -53.57
CA ASP A 512 -6.77 -19.91 -53.39
C ASP A 512 -7.26 -19.17 -52.12
N LEU A 513 -8.57 -19.15 -51.93
CA LEU A 513 -9.17 -18.39 -50.87
C LEU A 513 -8.95 -19.06 -49.54
N ALA A 514 -8.89 -20.37 -49.58
CA ALA A 514 -8.66 -21.16 -48.36
C ALA A 514 -7.32 -20.78 -47.80
N PHE A 515 -6.39 -20.53 -48.71
CA PHE A 515 -5.04 -20.20 -48.33
C PHE A 515 -4.99 -18.77 -47.77
N ASP A 516 -5.68 -17.85 -48.42
CA ASP A 516 -5.67 -16.42 -48.06
C ASP A 516 -6.19 -16.25 -46.63
N LEU A 517 -7.30 -16.94 -46.32
CA LEU A 517 -7.91 -16.82 -45.01
C LEU A 517 -6.96 -17.09 -43.87
N GLN A 518 -6.42 -18.31 -43.89
CA GLN A 518 -5.51 -18.75 -42.84
C GLN A 518 -4.22 -17.94 -42.81
N LYS A 519 -3.74 -17.52 -43.98
CA LYS A 519 -2.52 -16.70 -44.08
C LYS A 519 -2.73 -15.39 -43.41
N GLN A 520 -3.89 -14.78 -43.65
CA GLN A 520 -4.19 -13.46 -43.09
C GLN A 520 -4.32 -13.51 -41.59
N ARG A 521 -4.80 -14.64 -41.05
CA ARG A 521 -4.80 -14.81 -39.58
C ARG A 521 -3.45 -15.15 -38.98
N CYS A 522 -2.57 -15.70 -39.80
CA CYS A 522 -1.19 -15.83 -39.46
C CYS A 522 -0.55 -14.43 -39.38
N GLU A 523 -0.80 -13.58 -40.38
CA GLU A 523 -0.21 -12.25 -40.38
C GLU A 523 -0.46 -11.59 -39.00
N VAL A 524 -1.71 -11.56 -38.59
CA VAL A 524 -2.06 -10.99 -37.30
C VAL A 524 -1.04 -11.42 -36.24
N LEU A 525 -0.69 -12.70 -36.27
CA LEU A 525 0.16 -13.33 -35.21
C LEU A 525 1.65 -12.98 -35.29
N ARG A 526 2.11 -12.77 -36.52
CA ARG A 526 3.53 -12.54 -36.76
C ARG A 526 3.90 -11.09 -36.40
N THR A 527 2.95 -10.17 -36.59
CA THR A 527 3.08 -8.80 -36.11
C THR A 527 2.86 -8.79 -34.56
N LYS A 528 1.61 -8.79 -34.14
CA LYS A 528 1.26 -8.49 -32.74
C LYS A 528 1.67 -9.51 -31.62
N LEU A 529 2.26 -10.64 -31.99
CA LEU A 529 2.49 -11.76 -31.06
C LEU A 529 1.36 -11.97 -30.10
N ASN A 530 0.13 -12.06 -30.64
CA ASN A 530 -1.03 -12.51 -29.84
C ASN A 530 -0.98 -14.02 -29.78
N ILE A 531 -0.14 -14.51 -28.87
CA ILE A 531 0.17 -15.93 -28.69
C ILE A 531 -0.90 -16.66 -27.94
N HIS A 532 -1.70 -17.42 -28.66
CA HIS A 532 -2.91 -17.93 -28.10
C HIS A 532 -2.73 -18.93 -26.98
N VAL A 533 -3.64 -18.91 -26.04
CA VAL A 533 -3.51 -19.73 -24.85
C VAL A 533 -4.92 -20.31 -24.63
N GLY A 534 -5.07 -21.60 -24.95
CA GLY A 534 -6.31 -22.27 -24.86
C GLY A 534 -6.92 -22.17 -23.48
N ARG A 535 -6.07 -22.00 -22.47
CA ARG A 535 -6.53 -21.89 -21.09
C ARG A 535 -6.32 -20.46 -20.50
N SER A 536 -6.99 -19.49 -21.11
CA SER A 536 -7.02 -18.14 -20.64
C SER A 536 -8.16 -17.34 -21.28
N ALA A 537 -8.75 -16.44 -20.49
CA ALA A 537 -9.85 -15.60 -20.91
C ALA A 537 -9.71 -14.15 -20.42
N TYR A 538 -10.39 -13.20 -21.06
CA TYR A 538 -10.54 -11.85 -20.48
C TYR A 538 -11.87 -11.75 -19.75
N MET A 539 -11.83 -11.44 -18.47
CA MET A 539 -13.01 -11.36 -17.65
C MET A 539 -13.15 -10.06 -16.93
N PHE A 540 -14.38 -9.71 -16.60
CA PHE A 540 -14.62 -8.63 -15.66
C PHE A 540 -14.22 -9.04 -14.26
N MET A 541 -13.53 -8.13 -13.62
CA MET A 541 -13.35 -8.16 -12.21
C MET A 541 -14.66 -7.67 -11.54
N VAL A 542 -15.07 -8.44 -10.56
CA VAL A 542 -16.05 -8.10 -9.59
C VAL A 542 -15.44 -8.45 -8.21
N VAL A 543 -15.92 -7.81 -7.17
CA VAL A 543 -15.42 -8.04 -5.79
C VAL A 543 -16.50 -8.84 -5.07
N ASP A 544 -16.23 -9.43 -3.92
CA ASP A 544 -17.20 -10.38 -3.31
C ASP A 544 -17.94 -9.78 -2.17
N PHE A 545 -19.15 -9.27 -2.34
CA PHE A 545 -19.86 -8.49 -1.31
C PHE A 545 -20.37 -9.32 -0.11
N TRP A 546 -20.22 -10.63 -0.19
CA TRP A 546 -20.86 -11.53 0.75
C TRP A 546 -19.88 -12.28 1.65
N GLY A 547 -18.62 -11.84 1.62
CA GLY A 547 -17.57 -12.42 2.48
C GLY A 547 -17.39 -13.93 2.46
N VAL A 548 -17.24 -14.51 1.25
CA VAL A 548 -17.13 -15.98 1.04
C VAL A 548 -15.68 -16.41 0.64
N LEU A 549 -14.89 -15.50 0.08
CA LEU A 549 -13.60 -15.88 -0.48
C LEU A 549 -12.58 -15.28 0.41
N GLU A 550 -11.41 -15.89 0.53
CA GLU A 550 -10.32 -15.47 1.44
C GLU A 550 -9.17 -14.70 0.71
N GLU A 551 -8.17 -14.21 1.46
CA GLU A 551 -7.31 -13.12 0.92
C GLU A 551 -6.71 -13.32 -0.48
N ASN A 552 -6.44 -14.57 -0.84
CA ASN A 552 -5.85 -14.87 -2.15
C ASN A 552 -6.65 -15.88 -2.99
N GLU A 553 -7.95 -15.94 -2.72
CA GLU A 553 -8.94 -16.86 -3.34
C GLU A 553 -9.91 -16.22 -4.36
N VAL A 554 -10.01 -16.76 -5.58
CA VAL A 554 -10.93 -16.16 -6.57
C VAL A 554 -11.88 -17.18 -7.10
N HIS A 555 -13.02 -16.71 -7.58
CA HIS A 555 -14.15 -17.57 -8.05
C HIS A 555 -14.56 -17.29 -9.51
N VAL A 556 -14.41 -18.29 -10.36
CA VAL A 556 -14.61 -18.19 -11.73
C VAL A 556 -15.54 -19.35 -12.17
N GLY A 557 -16.75 -19.00 -12.60
CA GLY A 557 -17.70 -19.94 -13.20
C GLY A 557 -18.09 -19.44 -14.57
N PHE A 558 -18.29 -20.38 -15.51
CA PHE A 558 -18.65 -20.07 -16.86
C PHE A 558 -20.17 -20.16 -17.04
N SER A 559 -20.69 -19.45 -18.05
CA SER A 559 -22.13 -19.49 -18.36
C SER A 559 -22.52 -20.75 -19.17
N SER A 560 -21.47 -21.38 -19.65
CA SER A 560 -21.53 -22.58 -20.42
C SER A 560 -20.13 -23.21 -20.65
N LYS A 561 -20.21 -24.49 -21.02
CA LYS A 561 -19.14 -25.39 -21.47
C LYS A 561 -17.95 -24.70 -22.17
N PHE A 562 -16.85 -24.51 -21.45
CA PHE A 562 -15.65 -23.89 -22.03
C PHE A 562 -14.82 -24.92 -22.72
N ARG A 563 -14.52 -24.71 -23.99
CA ARG A 563 -13.77 -25.68 -24.76
C ARG A 563 -12.29 -25.36 -24.72
N ASP A 564 -11.47 -26.34 -24.39
CA ASP A 564 -10.00 -26.25 -24.55
C ASP A 564 -9.50 -27.39 -25.45
N ASP A 565 -9.30 -27.05 -26.71
CA ASP A 565 -9.16 -28.03 -27.80
C ASP A 565 -10.35 -28.99 -27.88
N ASP A 568 -9.10 -31.64 -26.45
CA ASP A 568 -9.11 -32.59 -25.40
C ASP A 568 -10.34 -32.20 -24.56
N THR A 569 -10.29 -31.11 -23.73
CA THR A 569 -11.16 -30.99 -22.52
C THR A 569 -12.08 -29.76 -22.34
N THR A 570 -13.11 -29.89 -21.47
CA THR A 570 -14.21 -28.87 -21.30
C THR A 570 -14.13 -28.32 -19.79
N TYR A 571 -14.66 -27.14 -19.53
CA TYR A 571 -14.83 -26.61 -18.17
C TYR A 571 -16.14 -25.87 -17.99
N MET A 572 -16.64 -25.82 -16.77
CA MET A 572 -17.74 -24.92 -16.44
C MET A 572 -17.45 -24.11 -15.18
N LEU A 573 -16.32 -24.38 -14.55
CA LEU A 573 -15.75 -23.53 -13.56
C LEU A 573 -14.33 -23.93 -13.25
N LEU A 574 -13.74 -23.15 -12.36
CA LEU A 574 -12.36 -23.33 -11.85
C LEU A 574 -12.31 -23.46 -10.31
N THR A 575 -11.75 -24.58 -9.89
CA THR A 575 -11.70 -25.06 -8.52
C THR A 575 -10.42 -25.79 -8.26
N ASP A 576 -10.03 -25.82 -6.98
CA ASP A 576 -8.84 -26.38 -6.53
C ASP A 576 -7.58 -26.31 -7.50
N CYS A 577 -7.25 -25.11 -7.97
CA CYS A 577 -6.16 -24.95 -8.91
C CYS A 577 -5.70 -23.51 -8.95
N ASP A 578 -4.45 -23.28 -9.23
CA ASP A 578 -3.90 -21.94 -9.20
C ASP A 578 -4.16 -21.27 -10.51
N VAL A 579 -4.30 -19.95 -10.49
CA VAL A 579 -4.58 -19.19 -11.72
C VAL A 579 -3.77 -17.93 -11.70
N LEU A 580 -3.28 -17.46 -12.85
CA LEU A 580 -2.66 -16.15 -12.97
C LEU A 580 -3.67 -15.04 -13.39
N VAL A 581 -3.67 -13.92 -12.66
CA VAL A 581 -4.55 -12.81 -12.98
C VAL A 581 -3.74 -11.56 -13.27
N ALA A 582 -4.19 -10.77 -14.23
CA ALA A 582 -3.37 -9.70 -14.62
C ALA A 582 -4.14 -8.68 -15.45
N ARG A 583 -3.99 -7.39 -15.13
CA ARG A 583 -4.55 -6.37 -15.93
C ARG A 583 -3.50 -5.88 -16.89
N SER A 584 -3.92 -5.78 -18.16
CA SER A 584 -3.16 -5.17 -19.22
C SER A 584 -3.11 -3.68 -18.98
N PRO A 585 -1.95 -3.05 -19.11
CA PRO A 585 -0.63 -3.60 -19.18
C PRO A 585 -0.03 -3.87 -17.78
N ALA A 586 0.74 -4.94 -17.66
CA ALA A 586 1.59 -5.21 -16.50
C ALA A 586 3.00 -4.69 -16.67
N HIS A 587 3.40 -3.80 -15.77
CA HIS A 587 4.68 -3.04 -15.95
C HIS A 587 5.68 -3.38 -14.82
N PHE A 588 5.14 -3.53 -13.59
CA PHE A 588 5.84 -3.98 -12.44
C PHE A 588 5.93 -5.51 -12.65
N PRO A 589 6.92 -6.18 -12.01
CA PRO A 589 6.90 -7.63 -11.78
C PRO A 589 5.71 -8.14 -10.96
N SER A 590 5.14 -7.28 -10.10
CA SER A 590 3.97 -7.71 -9.27
C SER A 590 2.56 -7.53 -9.94
N ASP A 591 2.51 -6.90 -11.12
CA ASP A 591 1.27 -6.62 -11.86
C ASP A 591 0.66 -7.90 -12.49
N ILE A 592 1.40 -9.01 -12.35
CA ILE A 592 0.86 -10.34 -12.59
C ILE A 592 0.90 -11.10 -11.28
N GLN A 593 -0.28 -11.54 -10.85
CA GLN A 593 -0.52 -12.12 -9.52
C GLN A 593 -1.08 -13.56 -9.53
N LYS A 594 -0.47 -14.50 -8.79
CA LYS A 594 -0.98 -15.81 -8.66
C LYS A 594 -1.88 -15.93 -7.46
N VAL A 595 -3.01 -16.60 -7.66
CA VAL A 595 -4.02 -16.75 -6.64
C VAL A 595 -4.62 -18.07 -6.91
N ARG A 596 -5.34 -18.61 -5.94
CA ARG A 596 -6.02 -19.93 -6.04
C ARG A 596 -7.48 -19.83 -6.43
N ALA A 597 -7.81 -20.45 -7.57
CA ALA A 597 -9.19 -20.52 -8.04
C ALA A 597 -9.99 -21.49 -7.25
N VAL A 598 -10.88 -20.95 -6.40
CA VAL A 598 -11.70 -21.71 -5.51
C VAL A 598 -13.16 -21.40 -5.83
N PHE A 599 -13.96 -22.43 -6.02
CA PHE A 599 -15.33 -22.20 -6.27
C PHE A 599 -16.11 -22.23 -4.98
N LYS A 600 -17.05 -21.27 -4.91
CA LYS A 600 -18.16 -21.16 -3.90
C LYS A 600 -19.54 -21.19 -4.49
N PRO A 601 -20.38 -22.18 -4.11
CA PRO A 601 -21.71 -22.29 -4.81
C PRO A 601 -22.70 -21.18 -4.47
N GLN A 602 -22.44 -20.50 -3.37
CA GLN A 602 -23.16 -19.24 -3.07
C GLN A 602 -23.25 -18.32 -4.36
N LEU A 603 -22.11 -18.17 -5.02
CA LEU A 603 -21.91 -17.18 -6.05
C LEU A 603 -22.14 -17.87 -7.38
N HIS A 604 -22.74 -19.05 -7.36
CA HIS A 604 -22.96 -19.84 -8.61
C HIS A 604 -23.55 -18.99 -9.75
N ALA A 605 -24.47 -18.09 -9.35
CA ALA A 605 -25.21 -17.20 -10.24
C ALA A 605 -24.46 -16.04 -10.85
N LEU A 606 -23.23 -15.82 -10.38
CA LEU A 606 -22.32 -14.86 -10.97
C LEU A 606 -21.44 -15.55 -12.01
N LYS A 607 -21.87 -15.47 -13.26
CA LYS A 607 -21.29 -16.24 -14.39
C LYS A 607 -20.50 -15.29 -15.28
N ASP A 608 -19.49 -15.82 -15.93
CA ASP A 608 -18.69 -15.17 -16.97
C ASP A 608 -17.96 -13.96 -16.51
N VAL A 609 -17.81 -13.82 -15.20
CA VAL A 609 -16.95 -12.79 -14.50
C VAL A 609 -15.99 -13.53 -13.54
N ILE A 610 -15.03 -12.79 -12.98
CA ILE A 610 -14.15 -13.28 -11.87
C ILE A 610 -14.36 -12.47 -10.61
N VAL A 611 -14.52 -13.17 -9.49
CA VAL A 611 -14.86 -12.54 -8.23
C VAL A 611 -13.63 -12.50 -7.38
N PHE A 612 -13.15 -11.30 -7.09
CA PHE A 612 -11.98 -11.06 -6.14
C PHE A 612 -12.39 -10.79 -4.69
N PRO A 613 -11.53 -11.07 -3.71
CA PRO A 613 -11.98 -10.98 -2.33
C PRO A 613 -12.05 -9.60 -1.86
N ALA A 614 -12.88 -9.38 -0.87
CA ALA A 614 -12.99 -8.09 -0.24
C ALA A 614 -12.22 -8.05 1.05
N LYS A 615 -11.44 -9.09 1.27
CA LYS A 615 -10.74 -9.34 2.52
C LYS A 615 -9.24 -9.09 2.42
N GLY A 616 -8.64 -8.90 3.57
CA GLY A 616 -7.23 -8.55 3.67
C GLY A 616 -7.07 -7.06 3.67
N ASP A 617 -5.86 -6.59 3.37
CA ASP A 617 -5.58 -5.17 3.39
C ASP A 617 -5.77 -4.48 2.05
N ILE A 618 -5.26 -5.05 0.97
CA ILE A 618 -5.28 -4.44 -0.36
C ILE A 618 -6.13 -5.28 -1.31
N PRO A 619 -7.05 -4.67 -2.03
CA PRO A 619 -7.88 -5.38 -2.89
C PRO A 619 -7.07 -5.81 -4.08
N LEU A 620 -7.36 -7.02 -4.55
CA LEU A 620 -6.62 -7.62 -5.60
C LEU A 620 -6.60 -6.71 -6.84
N ALA A 621 -7.76 -6.24 -7.27
CA ALA A 621 -7.83 -5.33 -8.43
C ALA A 621 -6.69 -4.31 -8.34
N ASP A 622 -6.44 -3.72 -7.14
CA ASP A 622 -5.40 -2.67 -7.01
C ASP A 622 -4.02 -3.21 -7.31
N LYS A 623 -3.77 -4.42 -6.85
CA LYS A 623 -2.43 -5.05 -7.01
C LYS A 623 -2.09 -5.26 -8.48
N LEU A 624 -3.11 -5.38 -9.34
CA LEU A 624 -2.92 -5.60 -10.76
C LEU A 624 -2.85 -4.20 -11.46
N SER A 625 -1.66 -3.60 -11.44
CA SER A 625 -1.32 -2.35 -12.16
C SER A 625 -2.23 -1.17 -11.81
N GLY A 626 -2.61 -1.05 -10.55
CA GLY A 626 -3.47 0.06 -10.11
C GLY A 626 -4.98 -0.03 -10.47
N GLY A 627 -5.46 -1.27 -10.71
CA GLY A 627 -6.80 -1.48 -11.09
C GLY A 627 -7.77 -1.21 -9.96
N ASP A 628 -9.03 -1.28 -10.37
CA ASP A 628 -10.17 -1.09 -9.54
C ASP A 628 -11.24 -1.80 -10.27
N TYR A 629 -12.50 -1.68 -9.84
CA TYR A 629 -13.56 -2.51 -10.49
C TYR A 629 -14.59 -1.70 -11.32
N ASP A 630 -14.15 -0.81 -12.21
CA ASP A 630 -15.06 0.16 -12.88
C ASP A 630 -15.19 -0.01 -14.41
N GLY A 631 -14.83 -1.19 -14.81
CA GLY A 631 -14.91 -1.63 -16.17
C GLY A 631 -13.76 -2.55 -16.47
N ASP A 632 -12.73 -2.47 -15.63
CA ASP A 632 -11.45 -3.11 -15.83
C ASP A 632 -11.65 -4.57 -16.01
N MET A 633 -10.85 -5.17 -16.86
CA MET A 633 -11.04 -6.57 -17.20
C MET A 633 -9.75 -7.20 -16.87
N ALA A 634 -9.74 -8.53 -16.78
CA ALA A 634 -8.58 -9.23 -16.32
C ALA A 634 -8.21 -10.33 -17.26
N TRP A 635 -6.92 -10.47 -17.51
CA TRP A 635 -6.36 -11.68 -18.17
C TRP A 635 -6.28 -12.80 -17.17
N VAL A 636 -7.18 -13.78 -17.25
CA VAL A 636 -7.19 -14.88 -16.27
C VAL A 636 -6.64 -16.18 -16.90
N CYS A 637 -5.44 -16.62 -16.49
CA CYS A 637 -4.75 -17.79 -17.12
C CYS A 637 -4.69 -18.94 -16.18
N TRP A 638 -5.18 -20.09 -16.61
CA TRP A 638 -5.21 -21.30 -15.71
C TRP A 638 -4.53 -22.51 -16.37
N ASP A 639 -3.62 -22.19 -17.27
CA ASP A 639 -2.77 -23.13 -17.93
C ASP A 639 -1.64 -23.53 -17.03
N PRO A 640 -1.62 -24.83 -16.66
CA PRO A 640 -0.65 -25.32 -15.67
C PRO A 640 0.83 -25.07 -15.97
N ASP A 641 1.19 -25.17 -17.24
CA ASP A 641 2.53 -25.11 -17.76
C ASP A 641 3.12 -23.65 -17.61
N ILE A 642 2.19 -22.68 -17.57
CA ILE A 642 2.54 -21.29 -17.34
C ILE A 642 2.49 -20.92 -15.86
N VAL A 643 1.36 -21.22 -15.24
CA VAL A 643 1.06 -20.80 -13.88
C VAL A 643 2.08 -21.24 -12.85
N GLU A 644 2.45 -22.50 -12.92
CA GLU A 644 3.16 -23.14 -11.85
C GLU A 644 4.63 -22.71 -11.94
N ASN A 645 5.12 -22.38 -13.16
CA ASN A 645 6.47 -21.76 -13.25
C ASN A 645 6.53 -20.28 -12.80
N PHE A 646 5.37 -19.65 -12.55
CA PHE A 646 5.26 -18.31 -11.92
C PHE A 646 5.42 -18.36 -10.42
N THR A 647 6.20 -17.40 -9.92
CA THR A 647 6.27 -17.09 -8.50
C THR A 647 6.00 -15.61 -8.30
N ASN A 648 5.07 -15.34 -7.40
CA ASN A 648 4.73 -14.01 -6.97
C ASN A 648 5.87 -13.06 -6.60
N ALA A 649 5.73 -11.80 -6.97
CA ALA A 649 6.59 -10.73 -6.47
C ALA A 649 5.80 -9.82 -5.54
N ASP A 650 6.55 -8.98 -4.74
CA ASP A 650 5.96 -8.13 -3.73
C ASP A 650 5.77 -6.72 -4.22
N MET A 651 4.64 -6.13 -3.82
CA MET A 651 4.29 -4.77 -4.22
C MET A 651 5.44 -3.82 -3.90
N PRO A 652 5.88 -3.04 -4.89
CA PRO A 652 6.93 -2.06 -4.72
C PRO A 652 6.36 -0.86 -4.02
N LYS A 653 7.21 0.04 -3.56
CA LYS A 653 6.72 1.34 -3.10
C LYS A 653 6.98 2.43 -4.13
N GLU A 654 5.91 3.13 -4.48
CA GLU A 654 5.98 4.13 -5.52
C GLU A 654 6.98 5.20 -5.04
N PRO A 655 8.08 5.42 -5.81
CA PRO A 655 9.22 6.29 -5.38
C PRO A 655 8.86 7.75 -5.43
N ASP A 656 9.61 8.62 -4.74
CA ASP A 656 9.13 9.99 -4.55
C ASP A 656 9.38 10.79 -5.82
N LEU A 657 8.31 10.98 -6.59
CA LEU A 657 8.35 11.63 -7.89
C LEU A 657 7.66 12.98 -7.82
N SER A 658 7.62 13.57 -6.65
CA SER A 658 6.79 14.74 -6.40
C SER A 658 7.33 16.02 -7.04
N ALA A 659 8.65 16.12 -7.16
CA ALA A 659 9.29 17.28 -7.80
C ALA A 659 9.02 17.33 -9.32
N TYR A 660 8.36 16.31 -9.86
CA TYR A 660 8.08 16.25 -11.28
C TYR A 660 6.58 16.22 -11.52
N LEU A 661 5.82 15.83 -10.51
CA LEU A 661 4.38 15.68 -10.64
C LEU A 661 3.58 16.70 -9.81
N GLY A 662 2.82 17.55 -10.51
CA GLY A 662 2.26 18.75 -9.91
C GLY A 662 0.84 19.05 -10.33
N LYS A 663 -0.11 18.61 -9.51
CA LYS A 663 -1.52 18.77 -9.82
C LYS A 663 -1.91 20.21 -9.74
N ASP A 664 -2.57 20.71 -10.78
CA ASP A 664 -3.18 22.05 -10.74
C ASP A 664 -4.50 21.96 -10.02
N LYS A 665 -4.51 22.18 -8.72
CA LYS A 665 -5.73 21.93 -7.94
C LYS A 665 -6.67 23.12 -7.88
N THR A 666 -6.45 24.14 -8.70
CA THR A 666 -7.30 25.35 -8.67
C THR A 666 -8.72 24.95 -8.91
N THR A 667 -9.61 25.43 -8.03
CA THR A 667 -11.00 24.97 -8.00
C THR A 667 -11.96 25.78 -8.91
N PHE A 668 -13.15 25.23 -9.08
CA PHE A 668 -14.22 25.88 -9.83
C PHE A 668 -14.76 27.06 -9.01
N GLY A 669 -14.76 26.94 -7.67
CA GLY A 669 -15.17 28.06 -6.78
C GLY A 669 -14.21 29.24 -6.72
N GLU A 670 -12.90 28.99 -6.90
CA GLU A 670 -11.91 30.08 -6.96
C GLU A 670 -12.01 30.81 -8.30
N LEU A 671 -12.43 30.07 -9.32
CA LEU A 671 -12.60 30.64 -10.66
C LEU A 671 -13.85 31.54 -10.73
N VAL A 672 -14.88 31.17 -9.97
CA VAL A 672 -16.08 31.98 -9.93
C VAL A 672 -15.79 33.28 -9.14
N ARG A 673 -15.08 33.12 -8.03
CA ARG A 673 -14.62 34.21 -7.14
C ARG A 673 -13.76 35.28 -7.86
N ASP A 674 -13.13 34.88 -8.97
CA ASP A 674 -12.46 35.79 -9.89
C ASP A 674 -13.42 36.71 -10.66
N THR A 675 -14.70 36.35 -10.72
CA THR A 675 -15.70 37.18 -11.39
C THR A 675 -16.46 38.05 -10.35
N GLY A 676 -16.20 37.81 -9.07
CA GLY A 676 -16.74 38.62 -7.97
C GLY A 676 -17.76 37.88 -7.15
N THR A 678 -20.94 38.27 -6.42
CA THR A 678 -21.44 36.92 -6.66
C THR A 678 -22.73 36.92 -7.55
N GLY A 679 -23.23 35.71 -7.80
CA GLY A 679 -24.39 35.48 -8.62
C GLY A 679 -24.14 34.45 -9.68
N ALA A 680 -25.22 34.16 -10.40
CA ALA A 680 -25.24 33.20 -11.49
C ALA A 680 -24.31 33.64 -12.61
N ALA A 681 -24.11 34.95 -12.79
CA ALA A 681 -23.25 35.42 -13.85
C ALA A 681 -21.85 34.95 -13.64
N ALA A 682 -21.31 35.26 -12.48
CA ALA A 682 -19.92 34.85 -12.18
C ALA A 682 -19.76 33.35 -12.45
N ARG A 683 -20.79 32.59 -12.08
CA ARG A 683 -20.93 31.17 -12.46
C ARG A 683 -20.96 30.83 -13.97
N HIS A 684 -21.63 31.66 -14.75
CA HIS A 684 -21.67 31.51 -16.24
C HIS A 684 -20.32 31.64 -16.97
N GLU A 685 -19.52 32.62 -16.55
CA GLU A 685 -18.22 32.86 -17.18
C GLU A 685 -17.16 31.90 -16.64
N ALA A 686 -17.28 31.53 -15.36
CA ALA A 686 -16.34 30.56 -14.84
C ALA A 686 -16.32 29.36 -15.78
N VAL A 687 -17.49 28.94 -16.25
CA VAL A 687 -17.61 27.77 -17.15
C VAL A 687 -16.68 27.98 -18.37
N TYR A 688 -16.68 29.20 -18.90
CA TYR A 688 -15.94 29.49 -20.12
C TYR A 688 -14.46 29.67 -19.80
N ASP A 689 -14.14 30.26 -18.64
CA ASP A 689 -12.78 30.20 -18.06
C ASP A 689 -12.25 28.76 -18.08
N MET A 690 -13.03 27.87 -17.46
CA MET A 690 -12.64 26.49 -17.33
C MET A 690 -12.48 25.77 -18.67
N ILE A 691 -13.43 25.95 -19.60
CA ILE A 691 -13.28 25.38 -20.97
C ILE A 691 -11.99 25.93 -21.56
N ASN A 692 -11.82 27.25 -21.52
CA ASN A 692 -10.72 27.87 -22.19
C ASN A 692 -9.43 27.31 -21.60
N LYS A 693 -9.29 27.38 -20.26
CA LYS A 693 -8.10 26.83 -19.54
C LYS A 693 -7.90 25.32 -19.60
N SER A 694 -9.00 24.56 -19.65
CA SER A 694 -8.92 23.09 -19.70
C SER A 694 -8.45 22.61 -21.07
N PHE A 695 -8.73 23.41 -22.08
CA PHE A 695 -8.30 23.12 -23.41
C PHE A 695 -6.82 23.29 -23.55
N GLN A 696 -6.29 24.33 -22.92
CA GLN A 696 -4.85 24.56 -23.02
C GLN A 696 -4.09 23.44 -22.32
N PHE A 697 -4.74 22.79 -21.36
CA PHE A 697 -4.17 21.61 -20.76
C PHE A 697 -4.45 20.37 -21.60
N ALA A 698 -5.68 20.24 -22.08
CA ALA A 698 -6.15 19.05 -22.83
C ALA A 698 -5.28 18.75 -24.06
N MET A 699 -4.94 19.84 -24.74
CA MET A 699 -4.06 19.83 -25.92
C MET A 699 -2.55 19.84 -25.68
N GLN A 700 -2.11 19.51 -24.47
CA GLN A 700 -0.66 19.28 -24.24
C GLN A 700 -0.28 17.89 -24.77
N PRO A 701 1.01 17.66 -25.08
CA PRO A 701 1.41 16.38 -25.60
C PRO A 701 1.15 15.27 -24.60
N ASN A 702 0.49 14.22 -25.08
CA ASN A 702 0.27 13.07 -24.28
C ASN A 702 1.61 12.38 -23.94
N TYR A 703 2.24 12.77 -22.83
CA TYR A 703 3.49 12.11 -22.42
C TYR A 703 3.32 10.65 -21.98
N LEU A 704 2.09 10.26 -21.61
CA LEU A 704 1.80 8.88 -21.17
C LEU A 704 2.36 7.90 -22.16
N GLY A 705 2.04 8.14 -23.44
CA GLY A 705 2.46 7.28 -24.52
C GLY A 705 3.94 7.39 -24.82
N ILE A 706 4.56 8.52 -24.45
CA ILE A 706 5.99 8.70 -24.73
C ILE A 706 6.89 8.15 -23.67
N CYS A 707 6.49 8.23 -22.41
CA CYS A 707 7.25 7.57 -21.32
C CYS A 707 7.08 6.03 -21.32
N THR A 708 5.92 5.56 -21.81
CA THR A 708 5.66 4.13 -22.00
C THR A 708 6.50 3.58 -23.11
N ASN A 709 6.67 4.36 -24.18
CA ASN A 709 7.59 3.96 -25.25
C ASN A 709 9.05 3.93 -24.79
N TYR A 710 9.40 4.92 -23.99
CA TYR A 710 10.73 4.99 -23.49
C TYR A 710 11.04 3.80 -22.58
N LYS A 711 10.03 3.42 -21.77
CA LYS A 711 10.13 2.24 -20.90
C LYS A 711 10.28 0.92 -21.64
N GLU A 712 9.51 0.76 -22.70
CA GLU A 712 9.60 -0.42 -23.56
C GLU A 712 11.04 -0.52 -24.17
N ARG A 713 11.64 0.63 -24.45
CA ARG A 713 13.04 0.68 -24.91
C ARG A 713 14.08 0.59 -23.85
N VAL A 714 13.90 1.31 -22.76
CA VAL A 714 14.90 1.24 -21.67
C VAL A 714 14.95 -0.14 -20.99
N CYS A 715 13.83 -0.90 -21.00
CA CYS A 715 13.77 -2.22 -20.37
C CYS A 715 14.28 -3.29 -21.30
N TYR A 716 14.09 -3.07 -22.57
CA TYR A 716 14.57 -4.03 -23.57
C TYR A 716 16.10 -4.10 -23.69
N HIS A 717 16.71 -2.92 -23.74
CA HIS A 717 18.17 -2.76 -23.73
C HIS A 717 18.71 -3.26 -22.45
N ASN A 718 18.17 -2.73 -21.36
CA ASN A 718 18.68 -3.03 -20.04
C ASN A 718 18.27 -4.42 -19.61
N ASN A 719 17.61 -5.14 -20.51
CA ASN A 719 17.18 -6.52 -20.25
C ASN A 719 16.76 -6.75 -18.80
N SER A 720 15.86 -5.86 -18.37
CA SER A 720 15.30 -5.89 -17.03
C SER A 720 13.91 -5.17 -16.92
N VAL A 721 13.03 -5.75 -16.11
CA VAL A 721 11.81 -5.06 -15.71
C VAL A 721 11.84 -4.81 -14.22
N SER A 722 12.96 -5.14 -13.61
CA SER A 722 13.07 -5.26 -12.15
C SER A 722 14.32 -4.60 -11.56
N ASP A 723 14.99 -3.77 -12.33
CA ASP A 723 15.94 -2.85 -11.78
C ASP A 723 15.25 -1.51 -11.40
N GLY A 724 16.04 -0.63 -10.82
CA GLY A 724 15.50 0.56 -10.15
C GLY A 724 14.93 1.58 -11.12
N VAL A 725 15.59 1.70 -12.28
CA VAL A 725 15.12 2.58 -13.34
C VAL A 725 13.78 2.07 -13.97
N ALA A 726 13.51 0.76 -13.91
CA ALA A 726 12.18 0.25 -14.30
C ALA A 726 11.02 0.56 -13.29
N LEU A 727 11.30 0.62 -11.98
CA LEU A 727 10.23 0.97 -11.03
C LEU A 727 9.90 2.45 -11.09
N LEU A 728 10.80 3.20 -11.71
CA LEU A 728 10.68 4.66 -11.71
C LEU A 728 9.80 5.10 -12.83
N LEU A 729 10.04 4.51 -13.99
CA LEU A 729 9.15 4.63 -15.17
C LEU A 729 7.79 3.95 -14.89
N SER A 730 7.79 2.70 -14.42
CA SER A 730 6.56 1.98 -14.11
C SER A 730 5.63 2.84 -13.24
N THR A 731 6.24 3.47 -12.25
CA THR A 731 5.51 4.44 -11.39
C THR A 731 5.04 5.59 -12.22
N LEU A 732 5.90 6.12 -13.08
CA LEU A 732 5.56 7.33 -13.81
C LEU A 732 4.41 7.07 -14.76
N VAL A 733 4.47 5.98 -15.49
CA VAL A 733 3.39 5.70 -16.44
C VAL A 733 2.09 5.36 -15.68
N GLY A 734 2.24 4.98 -14.43
CA GLY A 734 1.10 4.82 -13.56
C GLY A 734 0.42 6.12 -13.35
N LYS A 735 1.14 7.06 -12.77
CA LYS A 735 0.57 8.39 -12.45
C LYS A 735 -0.04 9.11 -13.70
N LEU A 736 0.49 8.81 -14.89
CA LEU A 736 0.09 9.52 -16.13
C LEU A 736 -1.19 9.00 -16.79
N VAL A 737 -1.56 7.77 -16.47
CA VAL A 737 -2.87 7.27 -16.89
C VAL A 737 -4.01 8.12 -16.28
N ASP A 738 -3.77 8.67 -15.10
CA ASP A 738 -4.70 9.56 -14.43
C ASP A 738 -4.47 11.03 -14.73
N GLN A 739 -3.58 11.29 -15.70
CA GLN A 739 -3.17 12.69 -16.00
C GLN A 739 -4.36 13.56 -16.32
N SER A 740 -5.23 12.98 -17.11
CA SER A 740 -6.46 13.62 -17.51
C SER A 740 -7.28 14.09 -16.30
N LYS A 741 -7.80 13.15 -15.54
CA LYS A 741 -8.78 13.46 -14.48
C LYS A 741 -8.19 14.05 -13.20
N GLN A 742 -6.86 14.13 -13.09
CA GLN A 742 -6.20 14.75 -11.91
C GLN A 742 -5.58 16.08 -12.23
N GLY A 743 -5.72 16.48 -13.46
CA GLY A 743 -5.11 17.72 -13.91
C GLY A 743 -3.65 17.90 -13.55
N ILE A 744 -2.89 16.85 -13.77
CA ILE A 744 -1.47 16.86 -13.44
C ILE A 744 -0.67 17.62 -14.47
N LEU A 745 0.30 18.37 -13.92
CA LEU A 745 1.32 19.13 -14.64
C LEU A 745 2.54 18.24 -14.78
N PHE A 746 2.72 17.66 -15.96
CA PHE A 746 3.90 16.89 -16.31
C PHE A 746 4.17 17.25 -17.75
N ASP A 747 5.30 17.93 -17.99
CA ASP A 747 5.54 18.57 -19.28
C ASP A 747 6.99 18.44 -19.76
N ALA A 748 7.29 18.92 -20.96
CA ALA A 748 8.61 18.78 -21.58
C ALA A 748 9.75 19.07 -20.58
N ALA A 749 9.57 20.11 -19.77
CA ALA A 749 10.57 20.47 -18.80
C ALA A 749 10.78 19.34 -17.83
N SER A 750 9.73 18.93 -17.13
CA SER A 750 9.83 17.87 -16.11
C SER A 750 10.36 16.59 -16.62
N TRP A 751 10.00 16.24 -17.85
CA TRP A 751 10.49 15.01 -18.49
C TRP A 751 12.01 14.96 -18.73
N ASP A 752 12.58 16.09 -19.20
CA ASP A 752 14.04 16.25 -19.39
C ASP A 752 14.76 16.30 -18.05
N ARG A 753 14.15 17.04 -17.14
CA ARG A 753 14.63 17.23 -15.81
C ARG A 753 14.75 15.87 -15.13
N LEU A 754 13.71 15.06 -15.24
CA LEU A 754 13.74 13.71 -14.68
C LEU A 754 14.93 12.89 -15.21
N ARG A 755 14.94 12.65 -16.51
CA ARG A 755 15.94 11.80 -17.12
C ARG A 755 17.34 12.27 -16.85
N ARG A 756 17.49 13.56 -16.59
CA ARG A 756 18.80 14.15 -16.31
C ARG A 756 19.23 13.66 -14.93
N GLU A 757 18.31 13.83 -13.99
CA GLU A 757 18.54 13.68 -12.57
C GLU A 757 18.48 12.27 -12.11
N ARG A 758 17.65 11.45 -12.77
CA ARG A 758 17.34 10.12 -12.29
C ARG A 758 17.58 9.00 -13.28
N LEU A 759 17.76 9.29 -14.57
CA LEU A 759 17.84 8.19 -15.58
C LEU A 759 19.11 8.16 -16.43
N GLY A 760 18.98 8.00 -17.73
CA GLY A 760 20.13 8.08 -18.60
C GLY A 760 20.53 9.52 -18.91
N GLY A 761 20.38 9.94 -20.18
CA GLY A 761 19.73 9.14 -21.24
C GLY A 761 18.53 9.81 -21.88
N ARG A 762 18.65 11.10 -22.11
CA ARG A 762 17.62 11.84 -22.80
C ARG A 762 17.47 11.20 -24.16
N MET A 763 18.61 11.10 -24.81
CA MET A 763 18.66 10.84 -26.25
C MET A 763 17.88 9.61 -26.71
N SER A 764 17.44 9.68 -27.97
CA SER A 764 16.74 8.58 -28.59
C SER A 764 17.40 7.26 -28.23
N VAL A 765 16.80 6.58 -27.26
CA VAL A 765 17.08 5.20 -27.02
C VAL A 765 16.58 4.39 -28.24
N GLU A 766 17.32 3.33 -28.59
CA GLU A 766 17.06 2.58 -29.79
C GLU A 766 15.71 1.94 -29.78
N ASP A 767 15.14 1.85 -30.97
CA ASP A 767 14.07 0.92 -31.29
C ASP A 767 14.49 -0.49 -31.07
N PRO A 768 13.66 -1.27 -30.46
CA PRO A 768 13.91 -2.68 -30.32
C PRO A 768 13.82 -3.53 -31.59
N ALA A 769 14.60 -4.61 -31.59
CA ALA A 769 14.73 -5.49 -32.78
C ALA A 769 13.38 -5.95 -33.34
N TYR A 770 12.46 -6.31 -32.42
CA TYR A 770 11.12 -6.78 -32.77
C TYR A 770 10.20 -5.69 -33.39
N LYS A 771 10.70 -4.46 -33.47
CA LYS A 771 10.10 -3.38 -34.19
C LYS A 771 10.41 -3.42 -35.70
N GLY A 772 10.97 -4.53 -36.17
CA GLY A 772 11.10 -4.85 -37.60
C GLY A 772 10.52 -6.21 -37.98
N ASP A 773 10.53 -6.54 -39.28
CA ASP A 773 10.04 -7.83 -39.75
C ASP A 773 11.05 -8.94 -39.73
N VAL A 774 12.19 -8.70 -40.30
CA VAL A 774 13.23 -9.70 -40.43
C VAL A 774 14.45 -9.28 -39.57
N TRP A 775 15.23 -10.28 -39.13
CA TRP A 775 16.11 -10.11 -37.93
C TRP A 775 17.44 -9.44 -38.08
N ALA A 776 17.64 -8.53 -37.18
CA ALA A 776 18.53 -7.47 -37.46
C ALA A 776 20.02 -7.82 -37.32
N GLY A 777 20.37 -8.36 -36.13
CA GLY A 777 21.73 -8.39 -35.60
C GLY A 777 22.46 -9.72 -35.56
N ALA A 778 23.27 -9.92 -34.51
CA ALA A 778 24.40 -10.85 -34.51
C ALA A 778 24.19 -11.99 -33.50
N GLY A 779 24.07 -13.19 -34.04
CA GLY A 779 23.55 -14.35 -33.33
C GLY A 779 22.04 -14.59 -33.52
N GLU A 780 21.58 -15.83 -33.32
CA GLU A 780 20.15 -16.10 -33.11
C GLU A 780 19.73 -15.30 -31.87
N PRO A 781 18.60 -14.62 -31.93
CA PRO A 781 18.17 -13.66 -30.88
C PRO A 781 18.29 -14.09 -29.38
N ARG A 782 18.68 -13.17 -28.51
CA ARG A 782 18.70 -13.41 -27.04
C ARG A 782 17.43 -12.99 -26.30
N HIS A 783 16.78 -11.92 -26.77
CA HIS A 783 15.69 -11.31 -26.02
C HIS A 783 14.48 -12.21 -26.17
N ILE A 784 13.71 -12.38 -25.11
CA ILE A 784 12.59 -13.23 -25.18
C ILE A 784 11.68 -12.86 -26.38
N VAL A 785 11.32 -11.58 -26.52
CA VAL A 785 10.36 -11.18 -27.53
C VAL A 785 10.86 -11.37 -28.98
N ASP A 786 12.13 -10.99 -29.19
CA ASP A 786 12.82 -11.23 -30.45
C ASP A 786 12.84 -12.72 -30.79
N TYR A 787 13.19 -13.54 -29.78
CA TYR A 787 13.17 -15.00 -29.88
C TYR A 787 11.78 -15.48 -30.32
N LEU A 788 10.76 -15.02 -29.61
CA LEU A 788 9.40 -15.46 -29.90
C LEU A 788 8.91 -15.05 -31.28
N LYS A 789 9.34 -13.86 -31.73
CA LYS A 789 8.99 -13.36 -33.06
C LYS A 789 9.83 -13.95 -34.16
N PHE A 790 11.16 -13.73 -34.07
CA PHE A 790 12.06 -14.07 -35.17
C PHE A 790 12.37 -15.59 -35.22
N ALA A 791 12.71 -16.18 -34.07
CA ALA A 791 13.13 -17.59 -33.99
C ALA A 791 11.98 -18.57 -34.06
N VAL A 792 10.86 -18.29 -33.38
CA VAL A 792 9.72 -19.23 -33.34
C VAL A 792 8.55 -18.95 -34.30
N ALA A 793 7.89 -17.80 -34.12
CA ALA A 793 6.67 -17.46 -34.89
C ALA A 793 6.83 -17.33 -36.40
N LYS A 794 7.86 -16.60 -36.79
CA LYS A 794 8.12 -16.41 -38.19
C LYS A 794 8.37 -17.78 -38.85
N PRO A 795 9.31 -18.57 -38.27
CA PRO A 795 9.66 -19.79 -38.92
C PRO A 795 8.56 -20.81 -38.88
N THR A 796 7.89 -20.94 -37.73
CA THR A 796 6.78 -21.88 -37.63
C THR A 796 5.71 -21.59 -38.63
N ILE A 797 5.41 -20.31 -38.80
CA ILE A 797 4.36 -19.90 -39.74
C ILE A 797 4.77 -20.10 -41.21
N ASP A 798 5.92 -19.55 -41.59
CA ASP A 798 6.38 -19.67 -42.99
C ASP A 798 6.43 -21.16 -43.39
N ARG A 799 6.73 -22.01 -42.40
CA ARG A 799 6.92 -23.43 -42.63
C ARG A 799 5.63 -24.08 -42.99
N GLU A 800 4.61 -23.75 -42.23
CA GLU A 800 3.31 -24.38 -42.38
C GLU A 800 2.46 -23.73 -43.47
N LEU A 801 2.74 -22.47 -43.77
CA LEU A 801 2.17 -21.80 -44.92
C LEU A 801 2.56 -22.57 -46.21
N GLU A 802 3.78 -23.13 -46.22
CA GLU A 802 4.39 -23.71 -47.38
C GLU A 802 3.88 -25.12 -47.55
N GLU A 803 3.69 -25.84 -46.45
CA GLU A 803 3.33 -27.25 -46.48
C GLU A 803 2.03 -27.46 -47.22
N LEU A 804 1.17 -26.44 -47.24
CA LEU A 804 -0.02 -26.44 -48.11
C LEU A 804 0.12 -25.43 -49.27
N HIS A 805 1.34 -25.16 -49.68
CA HIS A 805 1.61 -24.49 -50.93
C HIS A 805 2.66 -25.39 -51.53
N LYS A 806 2.22 -26.62 -51.84
CA LYS A 806 3.10 -27.77 -52.11
C LYS A 806 2.62 -28.75 -53.20
N VAL A 807 1.33 -29.12 -53.42
CA VAL A 807 0.04 -28.86 -52.68
C VAL A 807 -1.03 -27.94 -53.38
N MET A 808 -0.70 -27.49 -54.59
CA MET A 808 -1.54 -26.54 -55.33
C MET A 808 -1.56 -26.70 -56.87
N GLN A 809 -0.46 -26.66 -57.65
CA GLN A 809 1.01 -26.65 -57.32
C GLN A 809 1.63 -28.06 -57.33
N ALA A 810 0.81 -29.10 -57.14
CA ALA A 810 1.19 -30.48 -57.46
C ALA A 810 0.29 -31.01 -58.58
N SER A 811 -0.48 -30.13 -59.20
CA SER A 811 -1.69 -30.55 -59.92
C SER A 811 -1.33 -31.20 -61.25
N ARG A 812 -0.38 -30.57 -61.94
CA ARG A 812 -0.05 -30.91 -63.33
C ARG A 812 -1.29 -31.22 -64.16
N ASP A 817 -1.80 -33.69 -63.96
CA ASP A 817 -3.15 -34.16 -64.23
C ASP A 817 -3.35 -35.48 -63.47
N ASP A 818 -2.78 -35.55 -62.28
CA ASP A 818 -2.78 -36.77 -61.46
C ASP A 818 -4.19 -37.13 -60.97
N ASP A 819 -5.04 -36.11 -60.85
CA ASP A 819 -6.47 -36.23 -60.49
C ASP A 819 -6.81 -36.48 -58.99
N ALA A 820 -6.73 -35.50 -58.08
CA ALA A 820 -5.96 -34.22 -58.14
C ALA A 820 -5.88 -33.40 -59.46
N ALA A 821 -5.58 -32.11 -59.44
CA ALA A 821 -5.79 -31.21 -58.33
C ALA A 821 -6.40 -29.93 -58.95
N ALA A 822 -5.86 -28.78 -58.58
CA ALA A 822 -6.61 -27.52 -58.72
C ALA A 822 -6.37 -26.80 -60.04
N HIS A 823 -7.48 -26.42 -60.69
CA HIS A 823 -7.47 -25.74 -61.99
C HIS A 823 -8.64 -24.76 -62.11
N SER A 824 -8.35 -23.55 -62.52
CA SER A 824 -9.38 -22.58 -62.72
C SER A 824 -10.39 -23.13 -63.74
N TRP A 825 -9.88 -23.83 -64.75
CA TRP A 825 -10.71 -24.49 -65.78
C TRP A 825 -11.69 -25.54 -65.25
N ASP A 826 -12.92 -25.44 -65.72
CA ASP A 826 -13.95 -26.40 -65.43
C ASP A 826 -14.89 -26.45 -66.58
N PRO A 827 -14.95 -27.59 -67.28
CA PRO A 827 -15.77 -27.67 -68.50
C PRO A 827 -17.22 -27.28 -68.29
N ASP A 828 -17.76 -27.49 -67.10
CA ASP A 828 -19.16 -27.15 -66.82
C ASP A 828 -19.37 -25.64 -66.97
N LEU A 829 -18.41 -24.85 -66.51
CA LEU A 829 -18.58 -23.39 -66.40
C LEU A 829 -18.61 -22.65 -67.72
N ALA A 830 -18.29 -23.33 -68.80
CA ALA A 830 -18.37 -22.73 -70.14
C ALA A 830 -19.50 -23.35 -71.01
N VAL A 831 -20.50 -23.94 -70.37
CA VAL A 831 -21.48 -24.75 -71.10
C VAL A 831 -22.49 -23.85 -71.83
N TYR A 832 -22.82 -22.69 -71.26
CA TYR A 832 -23.60 -21.66 -71.97
C TYR A 832 -22.87 -21.07 -73.18
N PHE A 833 -21.56 -20.84 -73.01
CA PHE A 833 -20.71 -20.28 -74.07
C PHE A 833 -20.70 -21.12 -75.35
N GLU A 834 -20.37 -22.41 -75.22
CA GLU A 834 -20.22 -23.31 -76.37
C GLU A 834 -21.54 -23.56 -77.10
N ASN A 835 -22.62 -23.70 -76.33
CA ASN A 835 -23.91 -23.96 -76.90
C ASN A 835 -24.34 -22.83 -77.83
N PHE A 836 -24.13 -21.60 -77.35
CA PHE A 836 -24.48 -20.38 -78.11
C PHE A 836 -23.49 -20.11 -79.26
N LYS A 837 -22.29 -20.71 -79.20
CA LYS A 837 -21.24 -20.50 -80.20
C LYS A 837 -21.48 -21.30 -81.49
N ALA A 838 -22.34 -22.31 -81.43
CA ALA A 838 -22.70 -23.06 -82.64
C ALA A 838 -24.11 -22.67 -83.11
N LEU A 839 -24.39 -21.36 -83.07
CA LEU A 839 -25.77 -20.89 -83.07
C LEU A 839 -26.22 -20.10 -84.26
N THR A 840 -25.61 -18.97 -84.63
CA THR A 840 -24.20 -18.52 -84.46
C THR A 840 -23.17 -19.38 -85.17
N ALA A 841 -23.65 -20.09 -86.20
CA ALA A 841 -22.75 -20.80 -87.10
C ALA A 841 -22.91 -20.52 -88.62
N GLU A 842 -24.09 -20.51 -89.28
CA GLU A 842 -25.48 -20.67 -88.78
C GLU A 842 -26.08 -19.41 -88.12
N SER A 843 -25.42 -18.28 -88.28
CA SER A 843 -25.69 -17.11 -87.42
C SER A 843 -26.75 -16.11 -87.87
N ARG A 844 -26.42 -15.35 -88.92
CA ARG A 844 -27.07 -14.07 -89.25
C ARG A 844 -26.47 -12.97 -88.39
N SER A 845 -27.20 -12.42 -87.42
CA SER A 845 -26.72 -11.25 -86.66
C SER A 845 -26.59 -11.65 -85.20
N LEU A 846 -25.99 -12.83 -84.99
CA LEU A 846 -26.00 -13.48 -83.69
C LEU A 846 -24.74 -14.02 -82.97
N ARG A 847 -23.50 -14.07 -83.49
CA ARG A 847 -22.78 -13.23 -84.48
C ARG A 847 -22.63 -11.81 -83.95
N ALA A 848 -23.54 -10.91 -84.30
CA ALA A 848 -23.51 -9.55 -83.76
C ALA A 848 -23.64 -9.54 -82.22
N VAL A 849 -24.48 -10.45 -81.71
CA VAL A 849 -24.73 -10.54 -80.27
C VAL A 849 -23.44 -10.93 -79.55
N LEU A 850 -22.97 -12.15 -79.79
CA LEU A 850 -21.81 -12.72 -79.14
C LEU A 850 -20.57 -11.84 -79.31
N GLU A 851 -20.31 -11.41 -80.55
CA GLU A 851 -19.03 -10.77 -80.90
C GLU A 851 -18.82 -9.47 -80.14
N ALA A 852 -19.90 -8.72 -79.93
CA ALA A 852 -19.84 -7.42 -79.28
C ALA A 852 -19.83 -7.59 -77.79
N LEU A 853 -20.44 -8.66 -77.30
CA LEU A 853 -20.31 -9.05 -75.90
C LEU A 853 -18.84 -9.36 -75.58
N GLN A 854 -18.22 -10.19 -76.40
CA GLN A 854 -16.83 -10.57 -76.21
C GLN A 854 -15.89 -9.37 -76.33
N ASN A 855 -16.14 -8.51 -77.29
CA ASN A 855 -15.37 -7.27 -77.42
C ASN A 855 -15.65 -6.36 -76.23
N ALA A 856 -16.89 -6.37 -75.74
CA ALA A 856 -17.25 -5.54 -74.57
C ALA A 856 -16.48 -5.98 -73.33
N LEU A 857 -16.63 -7.26 -72.98
CA LEU A 857 -15.94 -7.86 -71.86
C LEU A 857 -14.45 -7.48 -71.89
N GLY A 858 -13.83 -7.66 -73.04
CA GLY A 858 -12.45 -7.31 -73.19
C GLY A 858 -12.13 -5.94 -72.59
N ALA A 859 -12.90 -4.93 -73.01
CA ALA A 859 -12.63 -3.54 -72.63
C ALA A 859 -12.85 -3.34 -71.14
N VAL A 860 -13.72 -4.18 -70.56
CA VAL A 860 -14.01 -4.13 -69.12
C VAL A 860 -12.81 -4.70 -68.35
N GLU A 861 -12.21 -5.78 -68.86
CA GLU A 861 -11.07 -6.38 -68.17
C GLU A 861 -9.82 -5.47 -68.37
N HIS A 862 -9.85 -4.73 -69.44
CA HIS A 862 -8.91 -3.71 -69.73
C HIS A 862 -9.02 -2.66 -68.68
N GLU A 863 -10.26 -2.37 -68.30
CA GLU A 863 -10.53 -1.39 -67.26
C GLU A 863 -9.97 -1.85 -65.92
N TRP A 864 -10.10 -3.15 -65.63
CA TRP A 864 -9.61 -3.76 -64.42
C TRP A 864 -8.10 -3.53 -64.35
N LYS A 865 -7.45 -3.72 -65.47
CA LYS A 865 -6.04 -3.54 -65.55
C LYS A 865 -5.57 -2.32 -64.82
N VAL A 866 -6.09 -1.18 -65.21
CA VAL A 866 -6.02 0.04 -64.42
C VAL A 866 -7.14 0.07 -63.45
N LEU A 867 -6.93 0.18 -62.18
CA LEU A 867 -7.90 -0.40 -61.22
C LEU A 867 -7.24 -1.75 -60.87
N MET A 868 -6.04 -1.60 -60.31
CA MET A 868 -4.97 -2.54 -60.53
C MET A 868 -5.14 -3.64 -59.47
N LEU A 876 -10.31 5.40 -56.35
CA LEU A 876 -9.13 4.70 -55.81
C LEU A 876 -9.36 4.05 -54.42
N THR A 877 -10.59 3.63 -54.16
CA THR A 877 -10.88 2.77 -53.04
C THR A 877 -11.27 1.45 -53.67
N TYR A 878 -10.94 0.32 -53.03
CA TYR A 878 -10.92 -0.97 -53.74
C TYR A 878 -12.27 -1.52 -54.09
N PRO A 879 -13.18 -1.64 -53.11
CA PRO A 879 -14.55 -2.09 -53.46
C PRO A 879 -15.23 -1.13 -54.43
N GLU A 880 -14.92 0.16 -54.31
CA GLU A 880 -15.44 1.19 -55.20
C GLU A 880 -15.02 0.84 -56.60
N LYS A 881 -13.75 0.50 -56.79
CA LYS A 881 -13.23 0.12 -58.10
C LYS A 881 -13.96 -1.13 -58.57
N VAL A 882 -14.03 -2.10 -57.68
CA VAL A 882 -14.73 -3.35 -57.93
C VAL A 882 -16.19 -3.15 -58.35
N ARG A 883 -16.85 -2.13 -57.78
CA ARG A 883 -18.22 -1.77 -58.13
C ARG A 883 -18.30 -0.97 -59.41
N GLN A 884 -17.53 0.11 -59.48
CA GLN A 884 -17.41 0.91 -60.70
C GLN A 884 -17.37 0.01 -61.91
N LEU A 885 -16.46 -0.96 -61.89
CA LEU A 885 -16.27 -1.72 -63.09
C LEU A 885 -17.23 -2.90 -63.20
N HIS A 886 -17.91 -3.28 -62.11
CA HIS A 886 -19.07 -4.20 -62.14
C HIS A 886 -20.22 -3.62 -62.95
N ALA A 887 -20.68 -2.43 -62.61
CA ALA A 887 -21.76 -1.77 -63.37
C ALA A 887 -21.40 -1.65 -64.88
N LYS A 888 -20.13 -1.37 -65.20
CA LYS A 888 -19.64 -1.43 -66.58
C LYS A 888 -19.73 -2.87 -67.07
N TRP A 889 -19.51 -3.83 -66.18
CA TRP A 889 -19.74 -5.23 -66.50
C TRP A 889 -21.23 -5.49 -66.68
N CYS A 890 -22.01 -5.02 -65.72
CA CYS A 890 -23.45 -5.19 -65.75
C CYS A 890 -24.08 -4.36 -66.89
N ALA A 891 -23.27 -3.58 -67.62
CA ALA A 891 -23.78 -2.72 -68.72
C ALA A 891 -23.83 -3.40 -70.08
N ILE A 892 -23.17 -4.54 -70.18
CA ILE A 892 -23.05 -5.26 -71.44
C ILE A 892 -24.44 -5.81 -71.84
N GLU A 893 -25.17 -5.09 -72.70
CA GLU A 893 -26.58 -5.39 -73.05
C GLU A 893 -26.86 -5.75 -74.53
N PRO A 894 -27.73 -6.75 -74.78
CA PRO A 894 -28.14 -7.17 -76.13
C PRO A 894 -29.32 -6.39 -76.65
N ALA A 907 -37.00 -8.81 -83.32
CA ALA A 907 -36.68 -10.21 -83.38
C ALA A 907 -35.31 -10.39 -82.74
N LYS A 908 -35.09 -11.42 -81.91
CA LYS A 908 -36.10 -12.41 -81.47
C LYS A 908 -35.85 -12.98 -80.05
N THR A 909 -34.73 -13.69 -79.92
CA THR A 909 -34.24 -14.16 -78.61
C THR A 909 -33.69 -12.96 -77.85
N ALA A 910 -33.40 -11.88 -78.57
CA ALA A 910 -33.06 -10.59 -77.97
C ALA A 910 -34.21 -9.99 -77.16
N ALA A 911 -35.42 -10.54 -77.35
CA ALA A 911 -36.54 -10.33 -76.42
C ALA A 911 -36.53 -11.31 -75.22
N LEU A 912 -36.14 -12.56 -75.46
CA LEU A 912 -36.08 -13.60 -74.41
C LEU A 912 -34.90 -13.50 -73.41
N LEU A 913 -33.65 -13.60 -73.92
CA LEU A 913 -32.39 -13.70 -73.13
C LEU A 913 -32.30 -12.60 -72.10
N GLU A 914 -32.66 -11.39 -72.54
CA GLU A 914 -32.53 -10.21 -71.70
C GLU A 914 -33.64 -10.19 -70.64
N GLN A 915 -34.87 -10.51 -71.06
CA GLN A 915 -35.99 -10.75 -70.16
C GLN A 915 -36.42 -9.55 -69.30
N PRO A 916 -36.54 -8.34 -69.87
CA PRO A 916 -36.80 -7.17 -68.98
C PRO A 916 -38.15 -7.07 -68.27
N PHE A 917 -38.88 -8.15 -68.09
CA PHE A 917 -39.87 -8.21 -66.99
C PHE A 917 -39.16 -8.43 -65.65
N LEU A 918 -37.92 -8.92 -65.72
CA LEU A 918 -37.08 -9.04 -64.54
C LEU A 918 -36.47 -7.65 -64.30
N ALA A 919 -36.77 -7.08 -63.14
CA ALA A 919 -36.45 -5.70 -62.82
C ALA A 919 -34.97 -5.30 -62.95
N ASP A 920 -34.09 -6.18 -62.51
CA ASP A 920 -32.65 -5.88 -62.46
C ASP A 920 -31.87 -6.93 -63.27
N ARG A 921 -31.04 -6.43 -64.21
CA ARG A 921 -30.19 -7.26 -65.09
C ARG A 921 -29.46 -8.42 -64.39
N GLY A 922 -29.02 -8.22 -63.14
CA GLY A 922 -28.35 -9.28 -62.36
C GLY A 922 -29.11 -10.59 -62.15
N THR A 926 -31.34 -11.35 -62.39
CA THR A 926 -31.52 -12.79 -62.39
C THR A 926 -31.88 -13.41 -63.78
N SER A 927 -31.34 -12.83 -64.87
CA SER A 927 -31.60 -13.22 -66.27
C SER A 927 -30.73 -14.36 -66.81
N TYR A 928 -31.11 -14.90 -67.97
CA TYR A 928 -30.29 -15.90 -68.73
C TYR A 928 -29.06 -15.43 -69.54
N TRP A 929 -29.19 -14.24 -70.12
CA TRP A 929 -28.05 -13.50 -70.72
C TRP A 929 -26.86 -13.51 -69.74
N ALA A 930 -27.09 -13.05 -68.51
CA ALA A 930 -26.07 -12.97 -67.45
C ALA A 930 -25.23 -14.23 -67.33
N LEU A 931 -25.87 -15.38 -67.40
CA LEU A 931 -25.12 -16.67 -67.42
C LEU A 931 -24.14 -16.64 -68.60
N LEU A 932 -24.72 -16.56 -69.80
CA LEU A 932 -24.01 -16.54 -71.07
C LEU A 932 -22.87 -15.52 -71.06
N ARG A 933 -23.19 -14.31 -70.60
CA ARG A 933 -22.18 -13.27 -70.34
C ARG A 933 -21.04 -13.91 -69.53
N ALA A 934 -21.36 -14.50 -68.38
CA ALA A 934 -20.36 -14.97 -67.45
C ALA A 934 -19.68 -16.24 -67.89
N SER A 935 -20.42 -17.21 -68.43
CA SER A 935 -19.79 -18.46 -68.94
C SER A 935 -18.80 -18.18 -70.12
N THR A 936 -19.15 -17.20 -70.97
CA THR A 936 -18.28 -16.73 -72.04
C THR A 936 -17.09 -15.99 -71.43
N ALA A 937 -17.39 -15.06 -70.53
CA ALA A 937 -16.32 -14.38 -69.80
C ALA A 937 -15.28 -15.38 -69.32
N PHE A 938 -15.74 -16.42 -68.61
CA PHE A 938 -14.87 -17.46 -68.07
C PHE A 938 -13.91 -18.06 -69.11
N LYS A 939 -14.43 -18.55 -70.21
CA LYS A 939 -13.58 -19.23 -71.18
C LYS A 939 -12.49 -18.28 -71.72
N ALA A 940 -12.80 -17.00 -71.79
CA ALA A 940 -11.91 -16.03 -72.45
C ALA A 940 -10.84 -15.51 -71.49
N TYR A 941 -11.16 -15.49 -70.19
CA TYR A 941 -10.29 -14.94 -69.14
C TYR A 941 -10.09 -15.86 -67.95
N TYR A 942 -10.31 -17.16 -68.12
CA TYR A 942 -9.90 -18.13 -67.10
C TYR A 942 -8.40 -18.40 -67.16
N LYS A 943 -7.80 -17.99 -68.29
CA LYS A 943 -6.39 -18.23 -68.59
C LYS A 943 -5.35 -17.73 -67.55
N THR A 944 -5.06 -16.43 -67.30
CA THR A 944 -5.48 -15.11 -67.89
C THR A 944 -5.94 -14.20 -66.76
N ASN A 945 -7.23 -13.94 -66.64
CA ASN A 945 -7.80 -13.26 -65.48
C ASN A 945 -8.86 -14.08 -64.75
N PRO A 946 -8.45 -15.16 -64.07
CA PRO A 946 -9.43 -15.87 -63.30
C PRO A 946 -10.16 -14.94 -62.34
N LYS A 947 -9.40 -14.13 -61.59
CA LYS A 947 -9.98 -13.27 -60.56
C LYS A 947 -11.08 -12.42 -61.13
N PHE A 948 -10.87 -11.92 -62.34
CA PHE A 948 -11.69 -10.84 -62.85
C PHE A 948 -13.07 -11.34 -63.01
N VAL A 949 -13.21 -12.58 -63.46
CA VAL A 949 -14.55 -13.15 -63.67
C VAL A 949 -15.25 -13.55 -62.40
N TRP A 950 -14.51 -14.05 -61.42
CA TRP A 950 -15.07 -14.34 -60.08
C TRP A 950 -15.62 -13.13 -59.29
N GLN A 951 -14.95 -11.99 -59.38
CA GLN A 951 -15.38 -10.78 -58.67
C GLN A 951 -16.56 -10.06 -59.33
N MET A 952 -16.71 -10.23 -60.66
CA MET A 952 -17.86 -9.74 -61.39
C MET A 952 -19.03 -10.74 -61.39
N ALA A 953 -18.74 -12.01 -61.66
CA ALA A 953 -19.80 -12.97 -61.97
C ALA A 953 -19.92 -14.13 -61.00
N GLY A 954 -18.86 -14.48 -60.30
CA GLY A 954 -18.94 -15.51 -59.26
C GLY A 954 -20.30 -16.12 -58.89
N ALA A 955 -21.30 -15.29 -58.59
CA ALA A 955 -22.66 -15.82 -58.32
C ALA A 955 -23.39 -16.42 -59.55
N GLN A 956 -22.99 -15.97 -60.75
CA GLN A 956 -23.49 -16.51 -62.02
C GLN A 956 -22.80 -17.84 -62.39
N LEU A 957 -21.50 -17.96 -62.11
CA LEU A 957 -20.81 -19.27 -62.16
C LEU A 957 -21.44 -20.29 -61.14
N ALA A 958 -21.98 -19.77 -60.06
CA ALA A 958 -22.59 -20.56 -59.04
C ALA A 958 -23.82 -21.22 -59.60
N PHE A 959 -24.69 -20.43 -60.26
CA PHE A 959 -25.90 -20.98 -60.92
C PHE A 959 -25.37 -22.12 -61.77
N ILE A 960 -24.47 -21.75 -62.68
CA ILE A 960 -23.99 -22.65 -63.70
C ILE A 960 -23.48 -23.93 -63.07
N LYS A 961 -22.47 -23.79 -62.23
CA LYS A 961 -21.88 -24.94 -61.55
C LYS A 961 -22.90 -25.78 -60.74
N ALA A 962 -23.98 -25.14 -60.30
CA ALA A 962 -25.06 -25.83 -59.57
C ALA A 962 -25.97 -26.64 -60.51
N GLN A 963 -26.33 -26.02 -61.64
CA GLN A 963 -27.14 -26.65 -62.70
C GLN A 963 -26.44 -27.85 -63.34
N MET A 964 -25.17 -27.66 -63.68
CA MET A 964 -24.44 -28.65 -64.46
C MET A 964 -23.96 -29.89 -63.66
N SER A 965 -23.46 -29.68 -62.45
CA SER A 965 -23.05 -30.80 -61.59
C SER A 965 -24.26 -31.67 -61.17
N SER A 966 -25.45 -31.06 -61.11
CA SER A 966 -26.73 -31.80 -61.16
C SER A 966 -27.03 -32.31 -62.58
N GLY A 973 -27.05 -36.34 -60.77
CA GLY A 973 -27.86 -35.92 -61.91
C GLY A 973 -29.30 -35.64 -61.50
N GLY A 974 -30.09 -35.18 -62.46
CA GLY A 974 -31.52 -34.97 -62.24
C GLY A 974 -32.22 -36.28 -61.91
N SER A 975 -33.06 -36.28 -60.88
CA SER A 975 -33.60 -37.52 -60.25
C SER A 975 -32.77 -37.96 -59.02
N ASP A 976 -31.52 -37.48 -58.96
CA ASP A 976 -30.64 -37.64 -57.80
C ASP A 976 -30.47 -36.24 -57.17
N GLY A 977 -31.60 -35.58 -56.93
CA GLY A 977 -31.60 -34.23 -56.37
C GLY A 977 -31.93 -33.25 -57.47
N MET A 978 -32.96 -32.44 -57.24
CA MET A 978 -33.23 -31.24 -58.03
C MET A 978 -32.54 -29.97 -57.45
N PRO A 979 -32.54 -28.85 -58.21
CA PRO A 979 -31.98 -27.54 -57.80
C PRO A 979 -32.80 -26.67 -56.83
N LEU A 980 -32.43 -26.54 -55.55
CA LEU A 980 -33.24 -25.78 -54.61
C LEU A 980 -32.67 -24.36 -54.40
N LEU A 981 -33.44 -23.34 -54.82
CA LEU A 981 -33.02 -21.94 -54.89
C LEU A 981 -33.48 -21.14 -53.67
N VAL A 982 -32.55 -20.83 -52.76
CA VAL A 982 -32.84 -20.04 -51.55
C VAL A 982 -32.61 -18.56 -51.73
N THR A 983 -33.64 -17.73 -51.52
CA THR A 983 -33.55 -16.24 -51.58
C THR A 983 -32.57 -15.62 -50.55
N PRO A 984 -31.99 -14.44 -50.85
CA PRO A 984 -30.89 -13.86 -50.15
C PRO A 984 -31.09 -13.81 -48.68
N LEU A 985 -32.29 -13.42 -48.26
CA LEU A 985 -32.64 -13.34 -46.82
C LEU A 985 -32.70 -14.75 -46.23
N MET A 986 -33.59 -15.60 -46.76
CA MET A 986 -33.74 -16.99 -46.29
C MET A 986 -32.34 -17.67 -46.18
N TYR A 987 -31.45 -17.40 -47.17
CA TYR A 987 -30.11 -18.03 -47.25
C TYR A 987 -29.23 -17.51 -46.12
N ALA A 988 -29.24 -16.21 -45.91
CA ALA A 988 -28.47 -15.59 -44.84
C ALA A 988 -29.08 -15.97 -43.50
N GLY A 989 -30.33 -16.46 -43.52
CA GLY A 989 -30.98 -17.10 -42.37
C GLY A 989 -30.62 -18.54 -42.05
N LEU A 990 -29.89 -19.24 -42.92
CA LEU A 990 -29.48 -20.66 -42.75
C LEU A 990 -28.00 -20.82 -42.41
N ALA A 991 -27.65 -21.87 -41.66
CA ALA A 991 -26.24 -22.20 -41.38
C ALA A 991 -25.93 -23.68 -41.49
N PRO A 992 -24.63 -24.03 -41.62
CA PRO A 992 -24.27 -25.45 -41.73
C PRO A 992 -24.51 -26.24 -40.48
N ASP A 993 -25.01 -27.45 -40.64
CA ASP A 993 -25.58 -28.14 -39.52
C ASP A 993 -24.56 -29.14 -39.01
N GLY A 994 -23.72 -28.67 -38.08
CA GLY A 994 -22.67 -29.49 -37.43
C GLY A 994 -23.13 -30.89 -37.03
N ARG A 995 -24.23 -30.98 -36.29
CA ARG A 995 -24.85 -32.27 -35.96
C ARG A 995 -25.04 -33.16 -37.18
N PHE A 996 -25.49 -32.57 -38.29
CA PHE A 996 -25.66 -33.35 -39.51
C PHE A 996 -24.32 -33.76 -40.15
N VAL A 997 -23.34 -32.84 -40.12
CA VAL A 997 -22.06 -33.11 -40.75
C VAL A 997 -21.31 -34.23 -40.01
N LYS A 998 -21.45 -34.26 -38.67
CA LYS A 998 -20.85 -35.28 -37.81
C LYS A 998 -21.49 -36.62 -38.06
N GLN A 999 -22.81 -36.64 -38.06
CA GLN A 999 -23.56 -37.88 -38.34
C GLN A 999 -23.58 -38.33 -39.83
N TYR A 1000 -23.43 -37.40 -40.77
CA TYR A 1000 -23.42 -37.76 -42.18
C TYR A 1000 -22.07 -38.30 -42.65
N LEU A 1001 -20.98 -37.86 -42.03
CA LEU A 1001 -19.67 -38.49 -42.32
C LEU A 1001 -19.59 -39.85 -41.65
N ALA A 1002 -20.21 -39.94 -40.47
CA ALA A 1002 -20.17 -41.19 -39.69
C ALA A 1002 -20.75 -42.31 -40.50
N ARG A 1003 -21.70 -41.97 -41.39
CA ARG A 1003 -22.30 -42.94 -42.30
C ARG A 1003 -21.50 -43.14 -43.60
N LEU A 1004 -20.84 -42.10 -44.12
CA LEU A 1004 -20.01 -42.26 -45.33
C LEU A 1004 -18.79 -43.14 -45.04
N GLU A 1005 -18.23 -43.00 -43.85
CA GLU A 1005 -17.15 -43.86 -43.39
C GLU A 1005 -17.85 -44.98 -42.61
N CYS A 1006 -18.77 -45.62 -43.32
CA CYS A 1006 -19.80 -46.48 -42.78
C CYS A 1006 -20.01 -46.40 -41.26
N GLN B 22 -43.36 -84.99 -27.03
CA GLN B 22 -44.34 -85.91 -27.67
C GLN B 22 -45.77 -85.37 -27.56
N SER B 23 -46.43 -85.09 -28.69
CA SER B 23 -47.85 -84.68 -28.68
C SER B 23 -48.79 -85.84 -29.06
N MET B 24 -49.09 -86.04 -30.33
CA MET B 24 -48.63 -85.23 -31.46
C MET B 24 -49.80 -84.48 -32.09
N GLU B 25 -49.67 -83.16 -32.27
CA GLU B 25 -50.73 -82.36 -32.89
C GLU B 25 -50.45 -81.46 -34.14
N VAL B 26 -49.24 -80.98 -34.49
CA VAL B 26 -47.96 -80.85 -33.72
C VAL B 26 -47.24 -82.04 -33.05
N TYR B 27 -46.62 -82.94 -33.81
CA TYR B 27 -46.64 -82.98 -35.26
C TYR B 27 -48.00 -83.51 -35.75
N ALA B 28 -48.24 -83.60 -37.05
CA ALA B 28 -47.22 -83.44 -38.07
C ALA B 28 -46.70 -82.03 -38.11
N ARG B 29 -47.58 -81.08 -37.80
CA ARG B 29 -47.25 -79.66 -37.91
C ARG B 29 -45.93 -79.32 -37.21
N LEU B 30 -45.27 -78.30 -37.71
CA LEU B 30 -43.85 -78.02 -37.39
C LEU B 30 -43.02 -78.94 -38.28
N GLN B 31 -43.26 -78.86 -39.58
CA GLN B 31 -42.91 -80.02 -40.42
C GLN B 31 -41.40 -80.32 -40.54
N ASN B 32 -40.59 -79.65 -41.36
CA ASN B 32 -40.89 -78.72 -42.48
C ASN B 32 -41.60 -77.35 -42.19
N ILE B 33 -40.94 -76.48 -41.42
CA ILE B 33 -41.23 -75.05 -41.39
C ILE B 33 -40.15 -74.36 -42.22
N TRP B 34 -38.91 -74.86 -42.13
CA TRP B 34 -37.76 -74.20 -42.75
C TRP B 34 -37.42 -74.89 -44.07
N PRO B 35 -37.16 -74.10 -45.13
CA PRO B 35 -37.08 -74.63 -46.50
C PRO B 35 -35.82 -75.43 -46.76
N LYS B 36 -35.84 -76.23 -47.83
CA LYS B 36 -34.77 -77.16 -48.20
C LYS B 36 -33.57 -76.43 -48.77
N PHE B 37 -32.44 -77.14 -48.84
CA PHE B 37 -31.21 -76.57 -49.34
C PHE B 37 -30.75 -77.42 -50.53
N PRO B 38 -30.96 -76.92 -51.76
CA PRO B 38 -30.60 -77.67 -52.95
C PRO B 38 -29.11 -77.64 -53.28
N ARG B 39 -28.62 -78.73 -53.87
CA ARG B 39 -27.19 -78.93 -54.10
C ARG B 39 -26.55 -77.86 -54.99
N TRP B 40 -27.36 -77.05 -55.67
CA TRP B 40 -26.82 -75.98 -56.51
C TRP B 40 -26.41 -74.74 -55.69
N LEU B 41 -26.95 -74.62 -54.47
CA LEU B 41 -26.63 -73.51 -53.57
C LEU B 41 -25.58 -73.84 -52.51
N HIS B 42 -25.16 -75.10 -52.47
CA HIS B 42 -24.14 -75.55 -51.52
C HIS B 42 -22.76 -74.93 -51.84
N ALA B 43 -22.60 -74.39 -53.04
CA ALA B 43 -21.36 -73.74 -53.48
C ALA B 43 -20.84 -72.63 -52.55
N ALA B 44 -21.74 -72.05 -51.76
CA ALA B 44 -21.39 -70.95 -50.86
C ALA B 44 -21.36 -69.65 -51.66
N PRO B 45 -21.27 -68.50 -50.97
CA PRO B 45 -21.28 -68.26 -49.53
C PRO B 45 -22.70 -68.19 -48.96
N LEU B 46 -22.81 -67.86 -47.68
CA LEU B 46 -24.11 -67.75 -47.00
C LEU B 46 -24.89 -66.53 -47.50
N ALA B 47 -24.20 -65.40 -47.63
CA ALA B 47 -24.80 -64.12 -48.04
C ALA B 47 -25.83 -64.21 -49.18
N LEU B 48 -25.38 -64.64 -50.35
CA LEU B 48 -26.29 -64.77 -51.50
C LEU B 48 -27.28 -65.92 -51.27
N ALA B 49 -26.80 -67.02 -50.71
CA ALA B 49 -27.66 -68.17 -50.39
C ALA B 49 -28.90 -67.75 -49.61
N TRP B 50 -28.69 -66.87 -48.63
CA TRP B 50 -29.78 -66.32 -47.82
C TRP B 50 -30.67 -65.39 -48.64
N GLU B 51 -30.06 -64.45 -49.33
CA GLU B 51 -30.79 -63.45 -50.11
C GLU B 51 -31.49 -64.08 -51.30
N LEU B 52 -30.96 -65.18 -51.81
CA LEU B 52 -31.61 -65.96 -52.89
C LEU B 52 -32.80 -66.75 -52.39
N THR B 53 -32.67 -67.30 -51.18
CA THR B 53 -33.78 -67.99 -50.51
C THR B 53 -34.94 -67.00 -50.34
N ARG B 54 -34.59 -65.75 -50.01
CA ARG B 54 -35.57 -64.67 -49.86
C ARG B 54 -36.29 -64.41 -51.17
N ILE B 55 -35.51 -64.25 -52.24
CA ILE B 55 -36.03 -64.01 -53.57
C ILE B 55 -37.04 -65.10 -54.00
N CYS B 56 -36.67 -66.36 -53.77
CA CYS B 56 -37.48 -67.52 -54.18
C CYS B 56 -38.84 -67.61 -53.50
N LEU B 57 -38.91 -67.28 -52.20
CA LEU B 57 -40.16 -67.38 -51.47
C LEU B 57 -40.95 -66.06 -51.58
N HIS B 58 -40.25 -64.96 -51.86
CA HIS B 58 -40.90 -63.69 -52.25
C HIS B 58 -41.61 -63.90 -53.58
N CYS B 59 -40.87 -64.48 -54.54
CA CYS B 59 -41.41 -64.80 -55.87
C CYS B 59 -42.20 -66.11 -55.92
N LYS B 60 -42.33 -66.79 -54.78
CA LYS B 60 -43.10 -68.04 -54.65
C LYS B 60 -42.69 -69.13 -55.65
N VAL B 61 -41.36 -69.27 -55.80
CA VAL B 61 -40.77 -70.31 -56.63
C VAL B 61 -40.30 -71.45 -55.72
N ASP B 62 -40.56 -72.69 -56.12
CA ASP B 62 -40.18 -73.85 -55.32
C ASP B 62 -38.70 -74.16 -55.49
N LEU B 63 -37.99 -74.29 -54.37
CA LEU B 63 -36.54 -74.50 -54.38
C LEU B 63 -36.09 -75.90 -54.82
N GLU B 64 -37.04 -76.84 -54.92
CA GLU B 64 -36.71 -78.20 -55.35
C GLU B 64 -36.96 -78.41 -56.82
N ASP B 65 -37.24 -77.34 -57.55
CA ASP B 65 -37.67 -77.43 -58.94
C ASP B 65 -36.50 -77.36 -59.92
N PRO B 66 -36.55 -78.19 -60.97
CA PRO B 66 -35.58 -78.30 -62.05
C PRO B 66 -35.80 -77.28 -63.18
N THR B 67 -35.82 -75.99 -62.81
CA THR B 67 -35.86 -74.89 -63.79
C THR B 67 -35.03 -73.72 -63.24
CA LEU B 68 -29.57 -73.95 -62.34
C LEU B 68 -28.58 -74.73 -61.50
N ARG B 69 -27.48 -74.12 -61.01
CA ARG B 69 -27.00 -72.75 -61.30
C ARG B 69 -25.76 -72.40 -60.42
N TYR B 70 -24.80 -71.68 -61.01
CA TYR B 70 -23.81 -70.88 -60.29
C TYR B 70 -22.99 -69.95 -61.21
N ASP B 71 -22.95 -68.67 -60.87
CA ASP B 71 -22.30 -67.65 -61.70
C ASP B 71 -21.13 -67.04 -60.92
N PRO B 72 -19.92 -67.04 -61.51
CA PRO B 72 -18.76 -66.37 -60.87
C PRO B 72 -18.88 -64.84 -60.75
N SER B 73 -19.64 -64.20 -61.65
CA SER B 73 -19.83 -62.73 -61.64
C SER B 73 -20.49 -62.24 -60.33
N TRP B 74 -21.34 -63.08 -59.76
CA TRP B 74 -21.94 -62.84 -58.44
C TRP B 74 -20.91 -62.40 -57.39
N ALA B 75 -19.75 -63.07 -57.36
CA ALA B 75 -18.69 -62.79 -56.38
C ALA B 75 -18.06 -61.39 -56.47
N THR B 76 -18.20 -60.73 -57.61
CA THR B 76 -17.71 -59.35 -57.81
C THR B 76 -18.82 -58.29 -57.64
N SER B 77 -20.02 -58.71 -57.26
CA SER B 77 -21.06 -57.82 -56.76
C SER B 77 -20.81 -57.41 -55.28
CA ASP B 78 -23.83 -55.16 -55.89
C ASP B 78 -24.83 -56.29 -56.23
N MET B 79 -25.79 -56.49 -55.31
CA MET B 79 -26.84 -57.51 -55.46
C MET B 79 -27.78 -57.24 -56.66
N ALA B 80 -27.96 -55.97 -57.02
CA ALA B 80 -28.77 -55.61 -58.22
C ALA B 80 -28.33 -56.34 -59.47
N ALA B 81 -27.01 -56.49 -59.62
CA ALA B 81 -26.42 -57.30 -60.70
C ALA B 81 -26.90 -58.74 -60.59
N LEU B 82 -26.77 -59.31 -59.40
CA LEU B 82 -27.21 -60.68 -59.13
C LEU B 82 -28.72 -60.82 -59.25
N TRP B 83 -29.43 -59.78 -58.83
CA TRP B 83 -30.90 -59.77 -58.86
C TRP B 83 -31.47 -59.54 -60.25
N ARG B 84 -30.65 -58.99 -61.16
CA ARG B 84 -31.06 -58.85 -62.57
C ARG B 84 -30.55 -60.01 -63.43
N SER B 85 -29.98 -61.05 -62.80
CA SER B 85 -29.45 -62.21 -63.54
C SER B 85 -30.46 -62.81 -64.53
N LEU B 86 -31.56 -63.48 -64.14
CA LEU B 86 -31.84 -64.11 -62.83
C LEU B 86 -33.13 -64.97 -62.94
N THR B 87 -34.32 -64.45 -63.29
CA THR B 87 -34.72 -63.03 -63.54
C THR B 87 -33.89 -62.09 -64.46
N GLN B 88 -34.01 -62.13 -65.80
CA GLN B 88 -34.44 -63.24 -66.70
C GLN B 88 -35.44 -64.33 -66.21
N LEU B 89 -35.41 -65.52 -66.82
CA LEU B 89 -36.22 -66.68 -66.42
C LEU B 89 -37.76 -66.48 -66.49
N ASP B 90 -38.22 -65.24 -66.46
CA ASP B 90 -39.63 -64.86 -66.69
C ASP B 90 -40.58 -65.26 -65.55
N VAL B 91 -40.44 -66.48 -65.04
CA VAL B 91 -41.16 -66.89 -63.82
C VAL B 91 -40.66 -66.10 -62.61
N PHE B 92 -39.48 -65.49 -62.78
CA PHE B 92 -38.98 -64.49 -61.84
C PHE B 92 -39.27 -63.09 -62.36
N ARG B 93 -40.55 -62.74 -62.53
CA ARG B 93 -40.91 -61.36 -62.88
C ARG B 93 -42.25 -60.79 -62.33
N GLY B 94 -42.32 -60.28 -61.08
CA GLY B 94 -41.33 -60.50 -60.02
C GLY B 94 -39.94 -59.89 -60.13
N LYS B 95 -39.76 -58.58 -59.95
CA LYS B 95 -40.80 -57.65 -59.49
C LYS B 95 -40.34 -56.17 -59.53
N SER B 96 -39.13 -55.81 -59.08
CA SER B 96 -38.05 -56.72 -58.59
C SER B 96 -38.16 -57.08 -57.09
N PHE B 97 -37.44 -56.37 -56.23
CA PHE B 97 -37.45 -56.59 -54.77
C PHE B 97 -37.09 -58.04 -54.40
N PRO B 98 -37.22 -58.44 -53.11
CA PRO B 98 -37.71 -57.83 -51.85
C PRO B 98 -36.87 -56.66 -51.33
N GLU B 99 -37.30 -56.08 -50.20
CA GLU B 99 -36.73 -54.83 -49.64
C GLU B 99 -35.26 -54.59 -49.93
N ARG B 100 -34.47 -55.65 -50.00
CA ARG B 100 -33.06 -55.60 -50.40
C ARG B 100 -32.13 -55.04 -49.28
N PRO B 101 -30.95 -55.66 -49.08
CA PRO B 101 -29.97 -55.13 -48.15
C PRO B 101 -29.21 -53.95 -48.69
N SER B 102 -28.45 -53.30 -47.82
CA SER B 102 -27.63 -52.20 -48.24
C SER B 102 -26.39 -52.69 -48.98
N ALA B 103 -25.81 -51.85 -49.83
CA ALA B 103 -24.60 -52.22 -50.56
C ALA B 103 -23.49 -52.55 -49.58
N GLU B 104 -23.21 -51.62 -48.67
CA GLU B 104 -22.09 -51.74 -47.73
C GLU B 104 -22.21 -52.94 -46.81
N ALA B 105 -23.46 -53.33 -46.57
CA ALA B 105 -23.77 -54.54 -45.81
C ALA B 105 -23.52 -55.79 -46.65
N PHE B 106 -24.14 -55.84 -47.82
CA PHE B 106 -24.08 -57.01 -48.70
C PHE B 106 -22.68 -57.34 -49.19
N ALA B 107 -21.90 -56.31 -49.54
CA ALA B 107 -20.51 -56.51 -49.95
C ALA B 107 -19.72 -57.12 -48.79
N ALA B 108 -19.97 -56.65 -47.57
CA ALA B 108 -19.31 -57.17 -46.39
C ALA B 108 -19.78 -58.59 -46.09
N ALA B 109 -20.99 -58.90 -46.53
CA ALA B 109 -21.57 -60.23 -46.31
C ALA B 109 -20.88 -61.34 -47.13
N LEU B 110 -20.06 -60.98 -48.12
CA LEU B 110 -19.23 -61.94 -48.84
C LEU B 110 -17.73 -61.74 -48.61
N THR B 111 -17.25 -60.51 -48.84
CA THR B 111 -15.80 -60.20 -48.80
C THR B 111 -15.33 -59.36 -47.60
N GLY B 112 -16.24 -58.95 -46.72
CA GLY B 112 -15.90 -58.11 -45.56
C GLY B 112 -16.11 -58.71 -44.18
N ASN B 113 -16.05 -60.05 -44.09
CA ASN B 113 -16.10 -60.76 -42.81
C ASN B 113 -17.35 -60.54 -41.92
N PHE B 114 -18.41 -59.97 -42.50
CA PHE B 114 -19.62 -59.69 -41.75
C PHE B 114 -19.47 -58.59 -40.68
N GLU B 115 -18.40 -57.78 -40.73
CA GLU B 115 -18.26 -56.71 -39.72
C GLU B 115 -17.50 -55.44 -40.15
N SER B 116 -18.13 -54.29 -39.91
CA SER B 116 -17.56 -52.94 -40.17
C SER B 116 -17.32 -52.17 -38.86
N ARG B 117 -16.06 -51.83 -38.60
CA ARG B 117 -15.63 -51.17 -37.34
C ARG B 117 -16.16 -51.87 -36.05
N GLY B 118 -17.41 -51.59 -35.66
CA GLY B 118 -18.07 -52.24 -34.50
C GLY B 118 -19.37 -52.96 -34.85
N ASN B 119 -19.88 -52.68 -36.05
CA ASN B 119 -21.22 -53.14 -36.46
C ASN B 119 -21.20 -54.49 -37.23
N THR B 120 -21.83 -55.51 -36.63
CA THR B 120 -21.91 -56.84 -37.25
C THR B 120 -23.04 -56.95 -38.28
N VAL B 121 -22.94 -57.89 -39.22
CA VAL B 121 -24.06 -58.13 -40.16
C VAL B 121 -24.97 -59.15 -39.55
N VAL B 122 -26.28 -58.85 -39.56
CA VAL B 122 -27.26 -59.70 -38.90
C VAL B 122 -27.89 -60.65 -39.89
N LEU B 123 -28.32 -61.80 -39.39
CA LEU B 123 -29.31 -62.63 -40.02
C LEU B 123 -30.54 -62.56 -39.13
N SER B 124 -31.62 -61.99 -39.65
CA SER B 124 -32.86 -61.91 -38.88
C SER B 124 -34.05 -62.45 -39.67
N ALA B 125 -34.76 -63.41 -39.07
CA ALA B 125 -36.03 -63.93 -39.63
C ALA B 125 -37.16 -63.58 -38.70
N SER B 126 -38.39 -63.64 -39.21
CA SER B 126 -39.57 -63.15 -38.49
C SER B 126 -40.77 -64.08 -38.69
N LEU B 127 -41.34 -64.57 -37.59
CA LEU B 127 -42.46 -65.54 -37.65
C LEU B 127 -43.77 -64.96 -37.16
N GLU B 128 -44.79 -65.11 -37.99
CA GLU B 128 -46.19 -64.84 -37.61
C GLU B 128 -46.98 -66.10 -37.84
N PHE B 129 -48.12 -66.20 -37.16
CA PHE B 129 -48.93 -67.42 -37.19
C PHE B 129 -49.51 -67.70 -38.57
N ASN B 130 -49.80 -68.98 -38.79
CA ASN B 130 -50.49 -69.42 -39.96
C ASN B 130 -51.96 -69.05 -39.71
N PRO B 131 -52.57 -68.27 -40.63
CA PRO B 131 -53.93 -67.88 -40.45
C PRO B 131 -54.83 -68.71 -41.33
CA SER B 132 -55.31 -78.26 -40.38
C SER B 132 -53.99 -78.93 -40.75
N LYS B 133 -53.90 -80.24 -40.48
CA LYS B 133 -52.69 -81.00 -40.74
C LYS B 133 -52.54 -81.30 -42.25
N THR B 134 -51.33 -81.18 -42.79
CA THR B 134 -50.11 -80.90 -42.05
C THR B 134 -49.53 -79.58 -42.50
N GLY B 135 -50.27 -78.50 -42.24
CA GLY B 135 -49.84 -77.16 -42.57
C GLY B 135 -48.73 -76.73 -41.63
N PRO B 136 -48.05 -75.62 -41.94
CA PRO B 136 -46.89 -75.21 -41.15
C PRO B 136 -47.24 -74.85 -39.69
N LEU B 137 -48.07 -73.82 -39.48
CA LEU B 137 -48.38 -73.23 -38.15
C LEU B 137 -47.64 -71.90 -38.04
N PHE B 138 -46.36 -71.90 -38.46
CA PHE B 138 -45.56 -70.67 -38.49
C PHE B 138 -45.16 -70.29 -39.92
N LEU B 139 -45.35 -69.02 -40.26
CA LEU B 139 -45.05 -68.46 -41.61
C LEU B 139 -43.74 -67.73 -41.55
N LEU B 140 -42.75 -68.15 -42.32
CA LEU B 140 -41.46 -67.46 -42.24
C LEU B 140 -41.45 -66.15 -43.01
N ASP B 141 -40.58 -65.26 -42.56
CA ASP B 141 -40.11 -64.18 -43.45
C ASP B 141 -38.68 -63.76 -43.12
N MET B 142 -37.75 -64.00 -44.04
CA MET B 142 -36.38 -63.54 -43.83
C MET B 142 -36.25 -62.07 -44.16
N LYS B 143 -35.97 -61.24 -43.15
CA LYS B 143 -35.67 -59.82 -43.42
C LYS B 143 -34.32 -59.79 -44.09
N PRO B 144 -34.01 -58.72 -44.82
CA PRO B 144 -32.73 -58.69 -45.47
C PRO B 144 -31.57 -58.37 -44.49
N LEU B 145 -30.35 -58.71 -44.90
CA LEU B 145 -29.15 -58.45 -44.11
C LEU B 145 -29.09 -56.97 -43.69
N ARG B 146 -28.88 -56.72 -42.39
CA ARG B 146 -28.81 -55.36 -41.82
C ARG B 146 -27.57 -55.17 -40.93
N PHE B 147 -26.94 -54.00 -40.96
CA PHE B 147 -25.88 -53.70 -39.98
C PHE B 147 -26.53 -53.39 -38.62
N ASP B 148 -26.18 -54.14 -37.57
CA ASP B 148 -26.48 -53.73 -36.16
C ASP B 148 -25.17 -53.75 -35.39
N GLU B 149 -25.17 -53.21 -34.19
CA GLU B 149 -24.00 -53.25 -33.36
C GLU B 149 -23.74 -54.70 -32.94
N GLY B 150 -22.45 -55.01 -32.75
CA GLY B 150 -22.06 -56.35 -32.35
C GLY B 150 -22.19 -56.58 -30.86
N CYS B 151 -22.26 -57.83 -30.47
CA CYS B 151 -22.24 -58.20 -29.06
C CYS B 151 -20.98 -59.04 -28.84
N ARG B 152 -20.84 -59.67 -27.68
CA ARG B 152 -19.65 -60.40 -27.39
C ARG B 152 -19.55 -61.76 -27.96
N LEU B 153 -20.69 -62.38 -28.24
CA LEU B 153 -20.68 -63.74 -28.77
C LEU B 153 -20.39 -63.64 -30.24
N THR B 154 -21.09 -62.73 -30.95
CA THR B 154 -20.91 -62.53 -32.39
C THR B 154 -19.50 -62.14 -32.69
N ARG B 155 -18.94 -61.30 -31.84
CA ARG B 155 -17.54 -60.90 -31.96
C ARG B 155 -16.53 -62.04 -31.82
N ARG B 156 -16.92 -63.09 -31.14
CA ARG B 156 -15.93 -64.13 -30.81
C ARG B 156 -16.07 -65.32 -31.72
N PHE B 157 -17.31 -65.69 -32.00
CA PHE B 157 -17.59 -66.88 -32.77
C PHE B 157 -17.97 -66.56 -34.21
N GLY B 158 -17.95 -65.28 -34.57
CA GLY B 158 -18.22 -64.86 -35.96
C GLY B 158 -19.68 -64.51 -36.15
N PRO B 159 -19.97 -63.28 -36.61
CA PRO B 159 -21.37 -62.85 -36.69
C PRO B 159 -22.26 -63.72 -37.62
N ASP B 160 -21.66 -64.43 -38.59
CA ASP B 160 -22.35 -65.37 -39.49
C ASP B 160 -23.03 -66.59 -38.79
N ARG B 161 -22.59 -66.85 -37.55
CA ARG B 161 -23.01 -68.02 -36.83
C ARG B 161 -24.20 -67.81 -35.93
N PHE B 162 -24.87 -66.67 -35.95
CA PHE B 162 -26.04 -66.44 -35.05
C PHE B 162 -27.27 -66.06 -35.83
N LEU B 163 -28.42 -66.55 -35.36
CA LEU B 163 -29.73 -66.20 -35.97
C LEU B 163 -30.72 -65.75 -34.90
N GLU B 164 -31.45 -64.68 -35.15
CA GLU B 164 -32.55 -64.32 -34.28
C GLU B 164 -33.83 -64.57 -35.11
N VAL B 165 -34.90 -64.84 -34.38
CA VAL B 165 -36.22 -64.84 -34.95
C VAL B 165 -37.25 -64.35 -33.99
N LEU B 166 -38.23 -63.63 -34.48
CA LEU B 166 -39.32 -63.21 -33.59
C LEU B 166 -40.41 -64.28 -33.70
N VAL B 167 -40.71 -64.92 -32.57
CA VAL B 167 -41.66 -66.05 -32.51
C VAL B 167 -42.87 -65.82 -31.59
N PRO B 168 -44.09 -66.14 -32.08
CA PRO B 168 -45.32 -65.75 -31.33
C PRO B 168 -45.36 -66.55 -30.07
N SER B 169 -45.60 -65.92 -28.94
CA SER B 169 -45.50 -66.63 -27.69
C SER B 169 -46.63 -67.60 -27.73
N PRO B 170 -46.35 -68.89 -27.47
CA PRO B 170 -47.39 -69.91 -27.46
C PRO B 170 -48.27 -69.92 -26.20
N THR B 171 -48.07 -68.96 -25.29
CA THR B 171 -48.97 -68.72 -24.13
C THR B 171 -49.71 -67.33 -24.17
N ALA B 172 -49.42 -66.54 -25.22
CA ALA B 172 -49.99 -65.19 -25.40
C ALA B 172 -51.39 -65.19 -26.05
N LEU B 173 -52.42 -65.47 -25.27
CA LEU B 173 -53.81 -65.46 -25.77
C LEU B 173 -54.34 -64.03 -25.89
N ASN B 174 -54.60 -63.53 -27.10
CA ASN B 174 -54.39 -64.24 -28.37
C ASN B 174 -53.85 -63.33 -29.47
CA ALA B 175 -53.63 -66.69 -30.70
C ALA B 175 -54.60 -67.76 -31.17
N PRO B 176 -54.43 -68.27 -32.43
CA PRO B 176 -55.31 -69.28 -33.02
C PRO B 176 -55.43 -70.53 -32.16
N SER B 177 -56.64 -71.07 -32.10
CA SER B 177 -56.99 -72.20 -31.23
C SER B 177 -56.18 -73.45 -31.54
N ILE B 178 -55.83 -73.63 -32.82
CA ILE B 178 -54.98 -74.75 -33.21
C ILE B 178 -53.80 -74.87 -32.24
N LEU B 179 -53.23 -73.72 -31.84
CA LEU B 179 -52.26 -73.65 -30.76
C LEU B 179 -52.89 -73.86 -29.38
N LYS B 180 -52.29 -74.76 -28.60
CA LYS B 180 -52.67 -75.04 -27.19
C LYS B 180 -54.09 -75.59 -26.93
N ASP B 181 -54.96 -75.59 -27.95
CA ASP B 181 -56.24 -76.34 -27.85
C ASP B 181 -56.01 -77.84 -28.05
N GLY B 182 -54.75 -78.23 -28.30
CA GLY B 182 -54.27 -79.59 -28.05
C GLY B 182 -53.87 -79.77 -26.59
N GLY B 183 -54.23 -78.82 -25.72
CA GLY B 183 -53.95 -78.92 -24.27
C GLY B 183 -52.46 -78.96 -23.93
N ALA B 184 -51.74 -78.03 -24.52
CA ALA B 184 -50.34 -77.75 -24.20
C ALA B 184 -49.34 -78.89 -24.47
N ALA B 185 -48.82 -79.01 -25.70
CA ALA B 185 -49.24 -78.25 -26.93
C ALA B 185 -49.31 -76.71 -26.81
CA GLN B 186 -44.73 -79.13 -27.51
C GLN B 186 -43.95 -78.09 -28.32
N VAL B 187 -44.58 -76.94 -28.55
CA VAL B 187 -43.96 -75.85 -29.31
C VAL B 187 -42.61 -75.48 -28.76
N ILE B 188 -42.53 -75.16 -27.46
CA ILE B 188 -41.24 -74.84 -26.82
C ILE B 188 -40.26 -76.00 -26.93
N ARG B 189 -40.76 -77.19 -26.64
CA ARG B 189 -39.96 -78.39 -26.73
C ARG B 189 -39.45 -78.61 -28.16
N TRP B 190 -40.16 -78.05 -29.15
CA TRP B 190 -39.71 -78.06 -30.55
C TRP B 190 -38.57 -77.10 -30.85
N LEU B 191 -38.58 -75.95 -30.20
CA LEU B 191 -37.54 -74.93 -30.39
C LEU B 191 -36.19 -75.30 -29.75
N THR B 192 -36.25 -76.09 -28.67
CA THR B 192 -35.04 -76.36 -27.90
C THR B 192 -34.44 -77.79 -28.08
N GLU B 193 -35.29 -78.80 -28.33
CA GLU B 193 -34.85 -80.21 -28.32
C GLU B 193 -33.92 -80.62 -29.50
N LYS B 194 -34.48 -80.69 -30.73
CA LYS B 194 -33.67 -80.89 -31.96
C LYS B 194 -33.20 -79.54 -32.50
N PRO B 195 -32.23 -79.55 -33.44
CA PRO B 195 -31.67 -78.34 -34.07
C PRO B 195 -32.57 -77.87 -35.21
N HIS B 196 -32.25 -76.71 -35.78
CA HIS B 196 -33.06 -76.12 -36.85
C HIS B 196 -32.30 -75.94 -38.19
N SER B 197 -32.66 -76.74 -39.22
CA SER B 197 -31.98 -76.72 -40.51
C SER B 197 -32.40 -75.53 -41.33
N LEU B 198 -31.43 -74.71 -41.70
CA LEU B 198 -31.65 -73.58 -42.60
C LEU B 198 -30.37 -73.26 -43.39
N VAL B 199 -30.54 -72.85 -44.65
CA VAL B 199 -29.41 -72.46 -45.53
C VAL B 199 -28.15 -73.29 -45.23
N GLY B 200 -28.34 -74.60 -45.08
CA GLY B 200 -27.23 -75.51 -44.78
C GLY B 200 -26.62 -75.49 -43.38
N ARG B 201 -27.25 -74.82 -42.43
CA ARG B 201 -26.72 -74.75 -41.09
C ARG B 201 -27.65 -75.29 -39.97
N GLN B 202 -27.00 -75.75 -38.90
CA GLN B 202 -27.71 -76.28 -37.74
C GLN B 202 -27.82 -75.20 -36.64
N TRP B 203 -28.94 -74.52 -36.61
CA TRP B 203 -29.14 -73.51 -35.65
C TRP B 203 -29.77 -74.21 -34.47
N GLN B 204 -29.17 -74.04 -33.30
CA GLN B 204 -29.68 -74.64 -32.06
C GLN B 204 -29.87 -73.54 -31.05
N ALA B 205 -31.06 -73.51 -30.44
CA ALA B 205 -31.52 -72.33 -29.64
C ALA B 205 -30.74 -72.21 -28.36
N PHE B 206 -30.47 -70.98 -27.96
CA PHE B 206 -29.86 -70.74 -26.65
C PHE B 206 -30.50 -69.68 -25.71
N TYR B 207 -31.18 -68.70 -26.25
CA TYR B 207 -31.75 -67.67 -25.39
C TYR B 207 -33.13 -67.18 -25.88
N THR B 208 -33.91 -66.70 -24.90
CA THR B 208 -35.24 -66.20 -25.16
C THR B 208 -35.54 -64.98 -24.32
N LYS B 209 -36.11 -63.96 -24.95
CA LYS B 209 -36.30 -62.69 -24.28
C LYS B 209 -37.66 -62.13 -24.62
N ASP B 210 -38.20 -61.35 -23.67
CA ASP B 210 -39.49 -60.74 -23.89
C ASP B 210 -39.37 -59.61 -24.91
N ALA B 211 -40.38 -59.47 -25.76
CA ALA B 211 -40.23 -58.65 -26.99
C ALA B 211 -39.80 -57.20 -26.67
N GLY B 212 -38.50 -56.99 -26.64
CA GLY B 212 -37.82 -55.73 -26.20
C GLY B 212 -38.52 -54.38 -26.26
N ALA B 226 -56.99 -56.40 -36.66
CA ALA B 226 -56.64 -55.26 -35.84
C ALA B 226 -55.25 -55.42 -35.20
N LYS B 227 -55.17 -56.05 -34.03
CA LYS B 227 -53.93 -56.10 -33.27
C LYS B 227 -52.97 -57.18 -33.82
N ALA B 228 -51.66 -56.90 -33.78
CA ALA B 228 -50.60 -57.91 -33.99
C ALA B 228 -50.45 -58.83 -32.75
N THR B 229 -49.58 -59.85 -32.84
CA THR B 229 -49.26 -60.72 -31.66
C THR B 229 -47.90 -60.46 -30.96
N PHE B 230 -47.86 -60.36 -29.63
CA PHE B 230 -46.55 -60.22 -28.91
C PHE B 230 -45.73 -61.50 -29.06
N LYS B 231 -44.44 -61.28 -29.24
CA LYS B 231 -43.54 -62.31 -29.74
C LYS B 231 -42.45 -62.51 -28.76
N GLU B 232 -41.75 -63.62 -28.92
CA GLU B 232 -40.53 -63.89 -28.14
C GLU B 232 -39.38 -63.83 -29.10
N ARG B 233 -38.28 -63.21 -28.67
CA ARG B 233 -37.12 -63.12 -29.53
C ARG B 233 -36.16 -64.24 -29.21
N VAL B 234 -35.77 -64.99 -30.22
CA VAL B 234 -35.09 -66.24 -29.99
C VAL B 234 -33.79 -66.27 -30.78
N HIS B 235 -32.73 -66.60 -30.03
CA HIS B 235 -31.39 -66.61 -30.53
C HIS B 235 -30.88 -68.02 -30.77
N PHE B 236 -30.52 -68.33 -32.00
CA PHE B 236 -30.03 -69.64 -32.35
C PHE B 236 -28.60 -69.48 -32.74
N PHE B 237 -27.80 -70.52 -32.53
CA PHE B 237 -26.35 -70.49 -32.83
C PHE B 237 -25.99 -71.62 -33.75
N ALA B 238 -25.39 -71.33 -34.89
CA ALA B 238 -25.12 -72.36 -35.87
C ALA B 238 -24.05 -73.34 -35.43
N GLU B 239 -24.43 -74.59 -35.17
CA GLU B 239 -23.53 -75.57 -34.55
C GLU B 239 -22.68 -76.33 -35.55
N ARG B 240 -23.21 -76.49 -36.77
CA ARG B 240 -22.57 -77.31 -37.79
C ARG B 240 -23.22 -76.91 -39.12
N GLY B 241 -23.07 -77.74 -40.15
CA GLY B 241 -23.61 -77.44 -41.49
C GLY B 241 -22.80 -78.07 -42.61
N HIS B 242 -23.24 -77.87 -43.87
CA HIS B 242 -22.45 -78.19 -45.07
C HIS B 242 -21.41 -77.12 -45.36
N ASP B 243 -20.27 -77.26 -44.71
CA ASP B 243 -19.08 -76.37 -44.83
C ASP B 243 -18.17 -76.56 -43.60
N PHE B 244 -18.54 -77.46 -42.71
CA PHE B 244 -18.06 -77.45 -41.36
C PHE B 244 -17.24 -78.68 -41.03
N ARG B 245 -16.43 -78.55 -39.99
CA ARG B 245 -15.51 -79.63 -39.59
C ARG B 245 -15.37 -79.77 -38.06
N PRO B 246 -15.54 -80.99 -37.53
CA PRO B 246 -15.51 -81.26 -36.08
C PRO B 246 -14.09 -81.49 -35.56
N ALA B 247 -13.85 -81.56 -34.24
CA ALA B 247 -14.76 -81.31 -33.11
C ALA B 247 -13.84 -81.55 -31.93
N PRO B 248 -13.61 -80.51 -31.08
CA PRO B 248 -12.58 -80.34 -30.01
C PRO B 248 -11.70 -81.58 -29.78
N LEU B 249 -10.44 -81.53 -30.20
CA LEU B 249 -9.79 -80.30 -30.64
C LEU B 249 -9.72 -80.19 -32.16
N THR B 251 -15.52 -70.49 -43.61
CA THR B 251 -14.30 -70.24 -42.84
C THR B 251 -13.57 -71.53 -42.37
N ARG B 252 -14.12 -72.43 -41.53
CA ARG B 252 -15.26 -72.27 -40.59
C ARG B 252 -15.51 -73.63 -39.86
N ALA B 253 -15.33 -73.67 -38.54
CA ALA B 253 -15.31 -74.96 -37.80
C ALA B 253 -16.67 -75.36 -37.21
N GLN B 254 -16.76 -76.58 -36.68
CA GLN B 254 -17.87 -76.97 -35.81
C GLN B 254 -17.73 -76.29 -34.44
N LEU B 255 -18.86 -76.09 -33.78
CA LEU B 255 -18.92 -75.63 -32.40
C LEU B 255 -20.32 -75.92 -31.85
N PRO B 256 -20.45 -76.59 -30.70
CA PRO B 256 -21.79 -76.93 -30.11
C PRO B 256 -22.30 -75.92 -29.04
N VAL B 269 -23.51 -75.36 -29.09
CA VAL B 269 -23.95 -74.34 -28.10
C VAL B 269 -23.34 -74.55 -26.71
N SER B 270 -23.19 -75.82 -26.37
CA SER B 270 -22.52 -76.25 -25.15
C SER B 270 -21.11 -75.69 -24.89
N GLU B 271 -20.33 -75.56 -25.93
CA GLU B 271 -19.01 -75.05 -25.78
C GLU B 271 -19.04 -73.52 -25.83
N MET B 272 -19.99 -72.97 -26.55
CA MET B 272 -20.07 -71.56 -26.63
C MET B 272 -20.26 -70.98 -25.20
N LEU B 273 -21.35 -71.37 -24.58
CA LEU B 273 -21.69 -70.84 -23.26
C LEU B 273 -20.52 -71.09 -22.37
N ASP B 274 -19.96 -72.28 -22.52
CA ASP B 274 -18.88 -72.68 -21.61
C ASP B 274 -17.76 -71.69 -21.65
N TRP B 275 -17.58 -71.10 -22.82
CA TRP B 275 -16.60 -70.01 -22.98
C TRP B 275 -17.09 -68.76 -22.24
N LEU B 276 -18.30 -68.34 -22.61
CA LEU B 276 -18.90 -67.09 -22.13
C LEU B 276 -19.04 -67.12 -20.60
N LEU B 277 -19.79 -68.12 -20.14
CA LEU B 277 -20.14 -68.22 -18.70
C LEU B 277 -19.05 -68.88 -17.80
N GLN B 278 -18.29 -69.85 -18.35
CA GLN B 278 -17.29 -70.64 -17.59
C GLN B 278 -18.06 -71.52 -16.62
N LEU B 279 -18.54 -72.67 -17.12
CA LEU B 279 -19.61 -73.47 -16.48
C LEU B 279 -19.24 -74.50 -15.45
N GLU B 280 -17.97 -74.88 -15.31
CA GLU B 280 -17.55 -75.63 -14.15
C GLU B 280 -17.64 -74.66 -13.02
N GLN B 281 -17.07 -73.49 -13.25
CA GLN B 281 -16.92 -72.51 -12.17
C GLN B 281 -18.22 -71.75 -11.84
N ASN B 282 -19.35 -72.06 -12.54
CA ASN B 282 -20.68 -71.48 -12.21
C ASN B 282 -21.85 -72.49 -12.09
N GLU B 283 -21.53 -73.74 -11.73
CA GLU B 283 -22.51 -74.77 -11.38
C GLU B 283 -23.41 -74.45 -10.19
N TYR B 284 -22.88 -73.65 -9.30
CA TYR B 284 -23.64 -73.21 -8.12
C TYR B 284 -24.92 -72.47 -8.42
N GLN B 285 -25.00 -71.85 -9.61
CA GLN B 285 -26.08 -70.93 -9.93
C GLN B 285 -27.33 -71.70 -10.22
N PRO B 286 -28.51 -71.13 -9.79
CA PRO B 286 -29.78 -71.57 -10.22
C PRO B 286 -29.80 -71.47 -11.73
N HIS B 287 -30.38 -72.48 -12.45
CA HIS B 287 -30.19 -72.61 -13.91
C HIS B 287 -30.92 -71.52 -14.71
N LEU B 288 -32.02 -71.05 -14.14
CA LEU B 288 -32.74 -69.88 -14.68
C LEU B 288 -31.94 -68.54 -14.47
N LYS B 289 -31.15 -68.44 -13.39
CA LYS B 289 -30.31 -67.27 -13.10
C LYS B 289 -28.99 -67.19 -13.89
N LEU B 290 -28.35 -68.33 -14.05
CA LEU B 290 -27.25 -68.50 -14.96
C LEU B 290 -27.68 -68.36 -16.41
N PHE B 291 -28.86 -68.87 -16.73
CA PHE B 291 -29.40 -68.72 -18.05
C PHE B 291 -29.53 -67.25 -18.34
N SER B 292 -30.04 -66.49 -17.38
CA SER B 292 -30.33 -65.08 -17.62
C SER B 292 -29.12 -64.28 -17.98
N ARG B 293 -27.99 -64.78 -17.46
CA ARG B 293 -26.66 -64.15 -17.55
C ARG B 293 -26.16 -64.18 -18.93
N ILE B 294 -26.81 -64.99 -19.78
CA ILE B 294 -26.58 -65.03 -21.25
C ILE B 294 -26.80 -63.69 -21.94
N GLN B 295 -27.87 -62.99 -21.56
CA GLN B 295 -28.06 -61.63 -21.98
C GLN B 295 -26.78 -60.69 -21.95
N LEU B 296 -25.78 -60.96 -21.10
CA LEU B 296 -24.52 -60.17 -21.09
C LEU B 296 -23.64 -60.34 -22.33
N GLY B 297 -23.77 -61.46 -22.96
CA GLY B 297 -22.99 -61.76 -24.13
C GLY B 297 -23.72 -61.48 -25.38
N LEU B 298 -24.89 -60.89 -25.23
CA LEU B 298 -25.79 -60.62 -26.37
C LEU B 298 -26.07 -59.17 -26.48
N SER B 299 -25.98 -58.52 -25.36
CA SER B 299 -26.07 -57.08 -25.26
C SER B 299 -25.29 -56.36 -26.33
N LYS B 300 -25.98 -55.43 -27.00
CA LYS B 300 -25.45 -54.64 -28.07
C LYS B 300 -24.50 -53.60 -27.49
N THR B 301 -23.22 -53.74 -27.73
CA THR B 301 -22.28 -52.85 -27.11
C THR B 301 -21.12 -52.45 -28.09
N PHE B 302 -20.56 -51.25 -27.86
CA PHE B 302 -19.39 -50.81 -28.60
C PHE B 302 -18.23 -51.22 -27.77
N PRO B 303 -17.35 -52.00 -28.37
CA PRO B 303 -16.11 -52.33 -27.76
C PRO B 303 -15.20 -51.07 -27.71
N THR B 304 -14.59 -50.86 -26.57
CA THR B 304 -13.92 -49.59 -26.25
C THR B 304 -12.44 -49.68 -25.88
N VAL B 305 -12.10 -50.30 -24.74
CA VAL B 305 -10.69 -50.61 -24.42
C VAL B 305 -10.56 -51.95 -23.75
N THR B 306 -9.47 -52.64 -24.13
CA THR B 306 -8.96 -53.81 -23.44
C THR B 306 -7.98 -53.45 -22.33
N PHE B 307 -8.30 -53.85 -21.13
CA PHE B 307 -7.41 -53.63 -20.04
C PHE B 307 -6.35 -54.79 -19.86
N GLU B 308 -5.27 -54.53 -19.13
CA GLU B 308 -4.41 -55.61 -18.63
C GLU B 308 -5.06 -56.11 -17.32
N PRO B 309 -4.84 -57.39 -16.98
CA PRO B 309 -5.22 -57.92 -15.67
C PRO B 309 -4.79 -57.00 -14.43
N ASN B 310 -3.64 -56.33 -14.48
CA ASN B 310 -3.25 -55.47 -13.31
C ASN B 310 -4.14 -54.24 -13.18
N GLN B 311 -4.59 -53.80 -14.35
CA GLN B 311 -5.51 -52.64 -14.51
C GLN B 311 -7.02 -52.84 -14.28
N ILE B 312 -7.53 -54.08 -14.26
CA ILE B 312 -8.88 -54.35 -13.74
C ILE B 312 -8.82 -54.72 -12.28
N ARG B 313 -9.46 -53.88 -11.44
CA ARG B 313 -9.33 -54.03 -10.00
C ARG B 313 -10.63 -54.59 -9.44
N HIS B 314 -10.61 -55.90 -9.24
CA HIS B 314 -11.72 -56.62 -8.64
C HIS B 314 -11.88 -56.41 -7.13
N ARG B 315 -12.70 -55.44 -6.76
CA ARG B 315 -12.93 -55.13 -5.37
C ARG B 315 -13.58 -56.33 -4.77
N THR B 316 -13.18 -56.65 -3.54
CA THR B 316 -13.60 -57.88 -2.84
C THR B 316 -14.73 -57.63 -1.88
N ASP B 317 -15.03 -56.37 -1.60
CA ASP B 317 -16.26 -55.98 -0.95
C ASP B 317 -16.97 -54.76 -1.59
N ASP B 318 -18.24 -54.65 -1.43
CA ASP B 318 -18.90 -53.41 -1.73
C ASP B 318 -18.78 -52.33 -0.62
N ILE B 319 -19.18 -51.11 -1.01
CA ILE B 319 -19.39 -50.02 -0.07
C ILE B 319 -20.58 -50.40 0.79
N LEU B 320 -20.45 -50.35 2.11
CA LEU B 320 -21.47 -50.84 3.01
C LEU B 320 -22.03 -49.77 3.91
N SER B 321 -23.17 -50.03 4.53
CA SER B 321 -23.88 -48.97 5.30
C SER B 321 -23.24 -48.45 6.63
N PRO B 322 -23.08 -47.13 6.72
CA PRO B 322 -22.44 -46.55 7.91
C PRO B 322 -23.28 -46.57 9.20
N ALA B 323 -24.59 -46.21 9.08
CA ALA B 323 -25.38 -45.90 10.34
C ALA B 323 -25.69 -47.20 11.10
CA GLY B 324 -24.34 -54.29 6.16
C GLY B 324 -24.99 -53.99 4.83
N LYS B 325 -25.61 -52.82 4.68
CA LYS B 325 -26.37 -52.53 3.51
C LYS B 325 -25.43 -51.88 2.51
N ILE B 326 -25.31 -52.54 1.38
CA ILE B 326 -24.44 -52.12 0.30
C ILE B 326 -24.92 -50.82 -0.25
N MET B 327 -24.05 -49.85 -0.34
CA MET B 327 -24.45 -48.53 -0.74
C MET B 327 -24.14 -48.25 -2.22
N ASN B 328 -23.48 -49.14 -2.92
CA ASN B 328 -23.17 -48.87 -4.30
C ASN B 328 -23.54 -49.98 -5.23
N ASP B 329 -24.80 -50.39 -5.12
CA ASP B 329 -25.32 -51.45 -5.90
C ASP B 329 -25.34 -51.05 -7.37
N GLY B 330 -24.46 -51.60 -8.20
CA GLY B 330 -24.47 -51.37 -9.61
C GLY B 330 -23.16 -50.74 -10.04
N ILE B 331 -22.43 -50.02 -9.13
CA ILE B 331 -21.39 -49.02 -9.56
C ILE B 331 -19.94 -49.37 -9.23
N GLY B 332 -19.04 -48.68 -9.93
CA GLY B 332 -17.68 -48.68 -9.68
C GLY B 332 -16.98 -47.66 -10.56
N ARG B 333 -15.83 -47.18 -10.15
CA ARG B 333 -15.21 -46.06 -10.81
C ARG B 333 -14.41 -46.54 -11.99
N MET B 334 -14.25 -45.66 -12.97
CA MET B 334 -13.27 -45.86 -13.98
C MET B 334 -12.31 -44.70 -13.84
N SER B 335 -11.17 -44.82 -14.52
CA SER B 335 -10.14 -43.77 -14.47
C SER B 335 -10.60 -42.64 -15.34
N ARG B 336 -10.00 -41.47 -15.15
CA ARG B 336 -10.12 -40.39 -16.16
C ARG B 336 -9.62 -40.80 -17.52
N SER B 337 -8.54 -41.59 -17.57
CA SER B 337 -7.85 -41.94 -18.86
C SER B 337 -8.65 -42.91 -19.68
N VAL B 338 -9.37 -43.78 -18.98
CA VAL B 338 -10.33 -44.64 -19.61
C VAL B 338 -11.46 -43.79 -20.16
N ALA B 339 -11.85 -42.77 -19.42
CA ALA B 339 -12.96 -41.90 -19.87
C ALA B 339 -12.61 -41.04 -21.09
N ARG B 340 -11.38 -40.57 -21.15
CA ARG B 340 -10.88 -39.92 -22.39
C ARG B 340 -10.89 -40.95 -23.57
N LYS B 341 -10.31 -42.12 -23.27
CA LYS B 341 -10.11 -43.22 -24.22
C LYS B 341 -11.43 -43.62 -24.91
N ILE B 342 -12.52 -43.64 -24.07
CA ILE B 342 -13.90 -44.02 -24.55
C ILE B 342 -14.44 -42.99 -25.52
N ARG B 343 -14.44 -41.69 -25.10
CA ARG B 343 -14.92 -40.58 -25.97
C ARG B 343 -14.28 -40.72 -27.32
N ASP B 344 -12.94 -40.83 -27.34
CA ASP B 344 -12.21 -40.99 -28.61
C ASP B 344 -12.82 -42.17 -29.44
N ALA B 345 -12.95 -43.33 -28.82
CA ALA B 345 -13.23 -44.56 -29.56
C ALA B 345 -14.63 -44.51 -30.20
N LEU B 346 -15.58 -43.94 -29.48
CA LEU B 346 -16.98 -43.85 -29.92
C LEU B 346 -17.32 -42.59 -30.69
N GLY B 347 -16.47 -41.60 -30.63
CA GLY B 347 -16.80 -40.35 -31.27
C GLY B 347 -17.82 -39.51 -30.50
N LEU B 348 -17.51 -39.13 -29.26
CA LEU B 348 -18.27 -38.09 -28.58
C LEU B 348 -17.50 -36.80 -28.80
N SER B 349 -18.21 -35.70 -28.58
CA SER B 349 -17.67 -34.34 -28.44
C SER B 349 -17.65 -33.95 -26.96
N ASP B 350 -17.39 -34.92 -26.07
CA ASP B 350 -17.01 -34.67 -24.68
C ASP B 350 -16.76 -35.96 -23.91
N ILE B 351 -15.71 -36.01 -23.09
CA ILE B 351 -15.54 -37.15 -22.23
C ILE B 351 -16.72 -37.20 -21.30
N PRO B 352 -17.34 -38.34 -21.19
CA PRO B 352 -18.42 -38.45 -20.27
C PRO B 352 -17.87 -38.58 -18.87
N SER B 353 -18.66 -38.13 -17.90
CA SER B 353 -18.40 -38.44 -16.51
C SER B 353 -18.74 -39.88 -16.03
N ALA B 354 -19.82 -40.45 -16.61
CA ALA B 354 -20.31 -41.77 -16.27
C ALA B 354 -20.73 -42.52 -17.47
N ILE B 355 -20.74 -43.86 -17.34
CA ILE B 355 -20.80 -44.80 -18.46
C ILE B 355 -21.55 -46.12 -18.12
N GLN B 356 -22.29 -46.67 -19.07
CA GLN B 356 -23.03 -47.90 -18.84
C GLN B 356 -22.61 -48.96 -19.82
N GLY B 357 -22.43 -50.16 -19.31
CA GLY B 357 -21.63 -51.11 -20.06
C GLY B 357 -21.29 -52.36 -19.31
N ARG B 358 -20.37 -53.09 -19.93
CA ARG B 358 -20.05 -54.44 -19.55
C ARG B 358 -18.54 -54.64 -19.53
N MET B 359 -18.10 -55.45 -18.62
CA MET B 359 -16.70 -55.90 -18.58
C MET B 359 -16.61 -57.39 -18.20
N GLY B 360 -16.72 -58.30 -19.15
CA GLY B 360 -16.75 -59.70 -18.80
C GLY B 360 -17.97 -60.13 -17.96
N SER B 361 -17.75 -60.44 -16.68
CA SER B 361 -18.81 -60.89 -15.79
C SER B 361 -19.33 -59.77 -15.05
N ALA B 362 -18.65 -58.66 -15.20
CA ALA B 362 -19.08 -57.39 -14.61
C ALA B 362 -20.14 -56.74 -15.48
N LYS B 363 -21.09 -56.07 -14.81
CA LYS B 363 -22.04 -55.22 -15.47
C LYS B 363 -22.59 -54.09 -14.59
N GLY B 364 -22.92 -52.96 -15.21
CA GLY B 364 -23.65 -51.89 -14.52
C GLY B 364 -23.14 -50.53 -14.98
N MET B 365 -22.66 -49.71 -14.04
CA MET B 365 -22.24 -48.35 -14.28
C MET B 365 -20.81 -48.26 -13.82
N TRP B 366 -19.99 -47.42 -14.50
CA TRP B 366 -18.69 -46.92 -14.05
C TRP B 366 -18.74 -45.44 -14.25
N LEU B 367 -18.40 -44.69 -13.21
CA LEU B 367 -18.29 -43.22 -13.24
C LEU B 367 -16.83 -42.83 -13.00
N MET B 368 -16.51 -41.59 -13.36
CA MET B 368 -15.17 -41.12 -13.36
C MET B 368 -14.68 -40.83 -11.94
N ASP B 369 -13.58 -41.44 -11.54
CA ASP B 369 -12.92 -41.16 -10.27
C ASP B 369 -12.36 -39.78 -10.42
N VAL B 370 -12.84 -38.89 -9.59
CA VAL B 370 -12.48 -37.49 -9.74
C VAL B 370 -11.19 -37.31 -8.83
N ALA B 371 -11.10 -38.16 -7.80
CA ALA B 371 -9.87 -38.38 -7.04
C ALA B 371 -8.74 -38.90 -7.90
N ASP B 372 -9.04 -39.36 -9.09
CA ASP B 372 -8.12 -40.10 -9.91
C ASP B 372 -7.17 -39.02 -10.22
N ALA B 373 -6.03 -39.01 -9.51
CA ALA B 373 -4.97 -38.05 -9.80
C ALA B 373 -4.31 -38.56 -11.04
N GLY B 374 -4.34 -39.86 -11.20
CA GLY B 374 -3.30 -40.55 -11.94
C GLY B 374 -3.39 -40.47 -13.45
N ASP B 375 -2.39 -41.03 -14.12
CA ASP B 375 -2.20 -40.86 -15.55
C ASP B 375 -2.28 -42.29 -16.07
N ASP B 376 -2.80 -43.21 -15.24
CA ASP B 376 -2.72 -44.63 -15.50
C ASP B 376 -4.16 -45.10 -15.71
N ASP B 377 -4.43 -45.93 -16.75
CA ASP B 377 -5.72 -46.62 -16.93
C ASP B 377 -5.94 -47.73 -15.91
N TRP B 378 -7.13 -47.72 -15.32
CA TRP B 378 -7.58 -48.74 -14.34
C TRP B 378 -9.07 -48.63 -14.33
N ILE B 379 -9.71 -49.66 -13.87
CA ILE B 379 -11.19 -49.72 -13.77
C ILE B 379 -11.49 -50.68 -12.68
N GLU B 380 -12.46 -50.36 -11.83
CA GLU B 380 -12.72 -51.25 -10.71
C GLU B 380 -14.11 -51.94 -10.80
N THR B 381 -14.21 -53.04 -10.08
CA THR B 381 -15.40 -53.83 -10.12
C THR B 381 -15.74 -54.28 -8.77
N TYR B 382 -17.02 -54.48 -8.54
CA TYR B 382 -17.53 -54.83 -7.25
C TYR B 382 -18.29 -56.13 -7.25
N PRO B 383 -18.25 -56.87 -6.12
CA PRO B 383 -19.13 -58.06 -6.02
C PRO B 383 -20.55 -57.99 -6.55
N SER B 384 -21.32 -56.99 -6.15
CA SER B 384 -22.69 -56.75 -6.69
C SER B 384 -22.80 -56.46 -8.21
N GLN B 385 -21.76 -55.98 -8.84
CA GLN B 385 -21.68 -55.85 -10.29
C GLN B 385 -21.36 -57.14 -10.96
N ARG B 386 -20.49 -57.93 -10.37
CA ARG B 386 -19.97 -59.11 -11.04
C ARG B 386 -20.99 -60.19 -10.93
N LYS B 387 -21.52 -60.59 -12.08
CA LYS B 387 -22.62 -61.50 -12.14
C LYS B 387 -22.26 -62.98 -11.94
N TRP B 388 -21.11 -63.41 -12.43
CA TRP B 388 -20.66 -64.79 -12.30
C TRP B 388 -19.15 -64.82 -12.16
N LYS B 389 -18.63 -66.00 -11.77
CA LYS B 389 -17.21 -66.21 -11.59
C LYS B 389 -16.50 -66.30 -12.91
N CYS B 390 -15.87 -65.21 -13.29
CA CYS B 390 -15.07 -65.13 -14.51
C CYS B 390 -13.61 -64.93 -14.16
N ASP B 391 -12.76 -65.73 -14.74
CA ASP B 391 -11.33 -65.60 -14.55
C ASP B 391 -10.75 -64.42 -15.36
N ASP B 392 -11.57 -63.79 -16.20
CA ASP B 392 -11.12 -62.69 -17.07
C ASP B 392 -9.87 -63.05 -17.84
N ALA B 393 -9.88 -64.19 -18.52
CA ALA B 393 -8.64 -64.61 -19.10
C ALA B 393 -8.40 -63.93 -20.40
N ASP B 394 -9.06 -64.35 -21.45
CA ASP B 394 -8.68 -63.85 -22.81
C ASP B 394 -9.10 -62.38 -23.02
N ALA B 395 -8.82 -61.84 -24.19
CA ALA B 395 -8.94 -60.38 -24.38
C ALA B 395 -10.40 -59.89 -24.37
N LEU B 396 -11.34 -60.70 -24.91
CA LEU B 396 -12.72 -60.28 -24.92
C LEU B 396 -13.38 -60.29 -23.55
N HIS B 397 -12.79 -60.96 -22.58
CA HIS B 397 -13.33 -60.86 -21.23
C HIS B 397 -12.66 -59.73 -20.48
N ARG B 398 -11.81 -58.98 -21.17
CA ARG B 398 -11.03 -57.92 -20.54
C ARG B 398 -11.31 -56.55 -21.13
N THR B 399 -12.16 -56.53 -22.14
CA THR B 399 -12.46 -55.33 -22.92
C THR B 399 -13.76 -54.63 -22.51
N LEU B 400 -13.70 -53.32 -22.24
CA LEU B 400 -14.89 -52.54 -21.80
C LEU B 400 -15.79 -52.37 -22.95
N GLU B 401 -17.02 -52.85 -22.79
CA GLU B 401 -18.03 -52.85 -23.83
C GLU B 401 -19.05 -51.89 -23.28
N ILE B 402 -19.38 -50.84 -24.03
CA ILE B 402 -20.39 -49.93 -23.50
C ILE B 402 -21.71 -50.04 -24.25
N ARG B 403 -22.79 -49.95 -23.46
CA ARG B 403 -24.16 -49.82 -23.86
C ARG B 403 -24.54 -48.37 -24.14
N SER B 404 -24.16 -47.47 -23.23
CA SER B 404 -24.51 -46.01 -23.30
C SER B 404 -23.62 -45.07 -22.43
N VAL B 405 -23.67 -43.74 -22.64
CA VAL B 405 -22.92 -42.77 -21.81
C VAL B 405 -23.81 -41.70 -21.04
N SER B 406 -23.26 -41.13 -19.95
CA SER B 406 -23.94 -40.12 -19.11
C SER B 406 -24.03 -38.80 -19.89
N THR B 407 -25.09 -38.62 -20.65
CA THR B 407 -25.10 -37.61 -21.70
C THR B 407 -26.18 -36.50 -21.59
N GLU B 408 -26.20 -35.56 -22.53
CA GLU B 408 -26.92 -34.27 -22.35
C GLU B 408 -28.38 -34.28 -21.82
N LEU B 409 -28.62 -33.78 -20.59
CA LEU B 409 -29.97 -33.83 -20.04
C LEU B 409 -30.99 -33.14 -20.99
N LYS B 410 -32.15 -33.79 -21.12
CA LYS B 410 -33.31 -33.26 -21.80
C LYS B 410 -34.32 -32.80 -20.73
N PRO B 411 -34.89 -31.61 -20.87
CA PRO B 411 -36.05 -31.18 -20.07
C PRO B 411 -37.25 -32.15 -20.27
N ALA B 412 -37.92 -32.52 -19.14
CA ALA B 412 -38.64 -33.78 -19.09
C ALA B 412 -40.13 -33.62 -18.91
N ALA B 413 -40.52 -33.10 -17.75
CA ALA B 413 -41.93 -33.05 -17.38
C ALA B 413 -42.29 -34.27 -16.52
N LEU B 414 -43.58 -34.51 -16.45
CA LEU B 414 -44.14 -35.35 -15.42
C LEU B 414 -45.07 -36.36 -16.20
N ASN B 415 -44.86 -37.64 -15.90
CA ASN B 415 -45.79 -38.60 -16.32
C ASN B 415 -46.98 -38.58 -15.44
N LEU B 416 -47.98 -39.33 -15.86
CA LEU B 416 -49.21 -39.38 -15.15
C LEU B 416 -49.23 -40.57 -14.15
N GLN B 417 -48.32 -41.51 -14.36
CA GLN B 417 -48.01 -42.57 -13.38
C GLN B 417 -47.51 -42.02 -12.02
N PHE B 418 -46.77 -40.90 -11.99
CA PHE B 418 -46.31 -40.35 -10.68
C PHE B 418 -47.33 -39.47 -10.05
N LEU B 419 -48.30 -38.99 -10.83
CA LEU B 419 -49.38 -38.08 -10.29
C LEU B 419 -49.98 -38.48 -8.91
N PRO B 420 -50.66 -39.66 -8.80
CA PRO B 420 -51.44 -39.98 -7.61
C PRO B 420 -50.60 -40.07 -6.36
N VAL B 421 -49.37 -40.52 -6.53
CA VAL B 421 -48.41 -40.67 -5.44
C VAL B 421 -48.07 -39.28 -4.90
N LEU B 422 -47.80 -38.34 -5.80
CA LEU B 422 -47.60 -36.96 -5.41
C LEU B 422 -48.80 -36.45 -4.61
N GLU B 423 -49.99 -36.58 -5.17
CA GLU B 423 -51.19 -36.13 -4.52
C GLU B 423 -51.38 -36.72 -3.11
N ASP B 424 -50.92 -37.93 -2.93
CA ASP B 424 -50.97 -38.61 -1.61
C ASP B 424 -50.01 -38.03 -0.60
N ARG B 425 -48.86 -37.55 -1.07
CA ARG B 425 -47.89 -36.95 -0.18
C ARG B 425 -48.25 -35.46 0.05
N ALA B 426 -49.04 -34.90 -0.87
CA ALA B 426 -49.26 -33.44 -0.91
C ALA B 426 -49.80 -32.70 0.33
N LYS B 427 -48.91 -32.03 1.05
CA LYS B 427 -49.25 -31.20 2.22
C LYS B 427 -50.61 -30.50 2.04
N ASP B 428 -50.76 -29.92 0.85
CA ASP B 428 -52.06 -29.50 0.34
C ASP B 428 -52.35 -30.15 -1.02
N LYS B 429 -53.30 -31.08 -1.01
CA LYS B 429 -53.72 -31.81 -2.20
C LYS B 429 -54.52 -30.89 -3.09
N ALA B 430 -55.27 -29.97 -2.50
CA ALA B 430 -56.11 -29.10 -3.25
C ALA B 430 -55.25 -28.15 -4.06
N ARG B 431 -54.24 -27.58 -3.40
CA ARG B 431 -53.33 -26.58 -4.06
C ARG B 431 -52.58 -27.21 -5.19
N MET B 432 -52.20 -28.45 -4.90
CA MET B 432 -51.27 -29.23 -5.70
C MET B 432 -52.03 -29.62 -6.97
N ARG B 433 -53.33 -29.86 -6.81
CA ARG B 433 -54.26 -30.13 -7.91
C ARG B 433 -54.38 -29.04 -8.92
N ARG B 434 -54.67 -27.87 -8.40
CA ARG B 434 -54.68 -26.64 -9.24
C ARG B 434 -53.29 -26.21 -9.74
N ALA B 435 -52.26 -26.46 -8.92
CA ALA B 435 -50.83 -26.16 -9.25
C ALA B 435 -50.36 -26.89 -10.48
N ILE B 436 -50.61 -28.20 -10.47
CA ILE B 436 -50.33 -29.04 -11.63
C ILE B 436 -51.26 -28.76 -12.83
N ALA B 437 -52.55 -28.59 -12.57
CA ALA B 437 -53.47 -28.28 -13.66
C ALA B 437 -52.98 -27.05 -14.42
N ALA B 438 -52.53 -26.07 -13.65
CA ALA B 438 -52.18 -24.78 -14.20
C ALA B 438 -50.93 -24.92 -15.10
N ARG B 439 -50.03 -25.80 -14.74
CA ARG B 439 -48.81 -26.03 -15.47
C ARG B 439 -49.04 -26.67 -16.81
N LEU B 440 -50.06 -27.52 -16.89
CA LEU B 440 -50.51 -28.10 -18.17
C LEU B 440 -51.02 -27.02 -19.12
N MET B 441 -52.01 -26.26 -18.65
CA MET B 441 -52.56 -25.11 -19.41
C MET B 441 -51.54 -24.08 -19.90
N ASN B 442 -50.60 -23.74 -19.05
CA ASN B 442 -49.66 -22.69 -19.40
C ASN B 442 -48.62 -23.16 -20.44
N ASP B 443 -48.01 -24.32 -20.21
CA ASP B 443 -47.19 -24.95 -21.26
C ASP B 443 -47.90 -25.03 -22.60
N LEU B 444 -49.23 -25.20 -22.57
CA LEU B 444 -50.07 -25.40 -23.76
C LEU B 444 -50.31 -24.13 -24.51
N LYS B 445 -50.67 -23.07 -23.76
CA LYS B 445 -50.72 -21.71 -24.29
C LYS B 445 -49.40 -21.45 -25.02
N LYS B 446 -48.30 -21.69 -24.31
CA LYS B 446 -46.97 -21.29 -24.73
C LYS B 446 -46.43 -22.10 -25.88
N GLN B 447 -47.18 -23.08 -26.38
CA GLN B 447 -46.87 -23.66 -27.72
C GLN B 447 -47.93 -23.46 -28.85
N PHE B 448 -49.10 -22.94 -28.49
CA PHE B 448 -50.07 -22.45 -29.49
C PHE B 448 -49.71 -21.00 -29.89
N ASP B 449 -49.45 -20.16 -28.89
CA ASP B 449 -49.00 -18.78 -29.12
C ASP B 449 -47.74 -18.83 -29.97
N SER B 450 -46.86 -19.79 -29.67
CA SER B 450 -45.64 -20.02 -30.44
C SER B 450 -45.92 -20.14 -31.94
N GLN B 451 -47.05 -20.77 -32.29
CA GLN B 451 -47.38 -21.12 -33.69
C GLN B 451 -48.19 -20.06 -34.44
N LYS B 452 -49.05 -19.35 -33.71
CA LYS B 452 -49.87 -18.31 -34.37
C LYS B 452 -49.07 -17.02 -34.63
N ALA B 453 -48.15 -16.70 -33.72
CA ALA B 453 -47.30 -15.52 -33.90
C ALA B 453 -46.31 -15.82 -35.01
N ALA B 454 -45.76 -17.03 -34.99
CA ALA B 454 -44.81 -17.48 -36.00
C ALA B 454 -45.34 -17.27 -37.41
N VAL B 455 -46.58 -17.71 -37.66
CA VAL B 455 -47.19 -17.70 -39.00
C VAL B 455 -47.23 -16.33 -39.69
N GLU B 456 -47.16 -15.25 -38.92
CA GLU B 456 -47.23 -13.91 -39.48
C GLU B 456 -46.03 -13.55 -40.35
N ARG B 457 -44.91 -14.27 -40.22
CA ARG B 457 -43.67 -13.93 -40.90
C ARG B 457 -42.88 -15.19 -41.31
N PRO B 458 -42.76 -15.44 -42.64
CA PRO B 458 -41.95 -16.56 -43.14
C PRO B 458 -40.73 -16.89 -42.25
N LEU B 459 -39.75 -15.99 -42.10
CA LEU B 459 -38.54 -16.29 -41.29
C LEU B 459 -38.87 -17.05 -39.99
N GLN B 460 -39.78 -16.48 -39.21
CA GLN B 460 -40.17 -17.08 -37.93
C GLN B 460 -41.00 -18.34 -38.11
N PHE B 461 -41.94 -18.29 -39.07
CA PHE B 461 -42.74 -19.46 -39.36
C PHE B 461 -41.85 -20.60 -39.82
N ARG B 462 -40.78 -20.28 -40.54
CA ARG B 462 -39.77 -21.28 -40.93
C ARG B 462 -39.09 -21.82 -39.68
N GLN B 463 -38.71 -20.91 -38.81
CA GLN B 463 -38.02 -21.27 -37.58
C GLN B 463 -38.81 -22.26 -36.75
N TRP B 464 -40.13 -22.06 -36.70
CA TRP B 464 -41.06 -22.90 -35.92
C TRP B 464 -41.14 -24.33 -36.47
N VAL B 465 -41.25 -24.42 -37.81
CA VAL B 465 -41.35 -25.72 -38.47
C VAL B 465 -40.05 -26.56 -38.32
N ASN B 466 -38.91 -25.90 -38.20
CA ASN B 466 -37.66 -26.60 -37.95
C ASN B 466 -37.52 -27.14 -36.51
N GLU B 467 -38.30 -26.56 -35.60
CA GLU B 467 -38.33 -26.94 -34.19
C GLU B 467 -39.41 -27.99 -33.91
N CYS B 468 -40.06 -28.50 -34.98
CA CYS B 468 -41.07 -29.57 -34.87
C CYS B 468 -40.45 -30.91 -35.21
N THR B 469 -39.49 -30.89 -36.12
CA THR B 469 -39.11 -32.11 -36.83
C THR B 469 -37.60 -32.37 -36.78
N ASN B 470 -37.23 -33.57 -36.32
CA ASN B 470 -35.87 -34.03 -36.46
C ASN B 470 -35.80 -34.86 -37.73
N SER B 471 -35.85 -34.17 -38.88
CA SER B 471 -35.70 -34.84 -40.17
C SER B 471 -34.22 -35.01 -40.52
N ARG B 472 -33.33 -34.43 -39.71
CA ARG B 472 -31.89 -34.58 -39.87
C ARG B 472 -31.49 -36.03 -40.07
N SER B 473 -31.88 -36.89 -39.14
CA SER B 473 -31.53 -38.32 -39.19
C SER B 473 -32.29 -39.07 -40.29
N GLU B 474 -33.25 -38.40 -40.93
CA GLU B 474 -33.89 -38.91 -42.13
C GLU B 474 -33.17 -38.41 -43.38
N ARG B 475 -32.57 -37.24 -43.30
CA ARG B 475 -31.80 -36.65 -44.41
C ARG B 475 -30.52 -37.42 -44.67
N VAL B 476 -29.72 -37.58 -43.62
CA VAL B 476 -28.51 -38.39 -43.66
C VAL B 476 -28.84 -39.70 -44.34
N ARG B 477 -29.97 -40.28 -43.92
CA ARG B 477 -30.41 -41.59 -44.40
C ARG B 477 -30.37 -41.64 -45.92
N HIS B 478 -31.09 -40.72 -46.55
CA HIS B 478 -31.23 -40.69 -48.01
C HIS B 478 -30.24 -39.72 -48.69
N GLY B 479 -29.25 -39.24 -47.94
CA GLY B 479 -28.16 -38.44 -48.49
C GLY B 479 -28.50 -37.00 -48.81
N GLN B 480 -29.75 -36.63 -48.62
CA GLN B 480 -30.23 -35.29 -48.98
C GLN B 480 -31.60 -35.10 -48.33
N VAL B 481 -32.40 -34.16 -48.82
CA VAL B 481 -33.79 -34.11 -48.41
C VAL B 481 -34.57 -35.23 -49.11
N PRO B 482 -34.89 -36.37 -48.42
CA PRO B 482 -35.60 -37.42 -49.14
C PRO B 482 -36.89 -36.89 -49.72
N PHE B 483 -37.13 -37.23 -50.98
CA PHE B 483 -38.21 -36.68 -51.75
C PHE B 483 -39.22 -37.75 -52.11
N LEU B 484 -40.48 -37.41 -51.88
CA LEU B 484 -41.60 -38.27 -52.18
C LEU B 484 -42.24 -37.62 -53.40
N GLY B 485 -41.87 -38.12 -54.58
CA GLY B 485 -42.22 -37.44 -55.83
C GLY B 485 -41.60 -36.05 -55.89
N GLY B 486 -42.41 -35.04 -56.20
CA GLY B 486 -41.92 -33.65 -56.31
C GLY B 486 -41.73 -32.86 -55.05
N LEU B 487 -42.04 -33.48 -53.90
CA LEU B 487 -41.89 -32.82 -52.63
C LEU B 487 -41.39 -33.78 -51.57
N PRO B 488 -40.66 -33.23 -50.60
CA PRO B 488 -40.19 -33.96 -49.43
C PRO B 488 -41.19 -34.91 -48.76
N GLU B 489 -40.62 -35.93 -48.09
CA GLU B 489 -41.40 -36.97 -47.41
C GLU B 489 -42.11 -36.37 -46.21
N ASN B 490 -41.34 -35.84 -45.28
CA ASN B 490 -41.89 -35.25 -44.09
C ASN B 490 -42.57 -33.92 -44.43
N LYS B 491 -43.80 -33.76 -43.96
CA LYS B 491 -44.61 -32.57 -44.25
C LYS B 491 -43.94 -31.27 -43.83
N GLY B 492 -43.34 -31.26 -42.64
CA GLY B 492 -42.68 -30.07 -42.13
C GLY B 492 -41.44 -29.71 -42.95
N GLU B 493 -40.85 -30.72 -43.60
CA GLU B 493 -39.70 -30.52 -44.48
C GLU B 493 -40.21 -29.86 -45.73
N VAL B 494 -41.38 -30.28 -46.16
CA VAL B 494 -42.07 -29.69 -47.33
C VAL B 494 -42.29 -28.17 -47.20
N LEU B 495 -42.71 -27.74 -46.01
CA LEU B 495 -42.91 -26.33 -45.75
C LEU B 495 -41.61 -25.53 -45.85
N SER B 496 -40.57 -26.00 -45.19
CA SER B 496 -39.34 -25.24 -45.10
C SER B 496 -38.74 -24.99 -46.48
N PHE B 497 -38.83 -25.99 -47.35
CA PHE B 497 -38.35 -25.90 -48.72
C PHE B 497 -39.16 -24.92 -49.57
N LEU B 498 -40.47 -24.93 -49.41
CA LEU B 498 -41.32 -24.02 -50.15
C LEU B 498 -41.20 -22.61 -49.60
N LEU B 499 -40.87 -22.49 -48.31
CA LEU B 499 -40.65 -21.17 -47.69
C LEU B 499 -39.26 -20.65 -48.00
N ASN B 500 -38.28 -21.55 -48.02
CA ASN B 500 -36.92 -21.22 -48.45
C ASN B 500 -36.93 -20.68 -49.88
N SER B 501 -37.77 -21.28 -50.73
CA SER B 501 -37.88 -20.90 -52.13
C SER B 501 -38.67 -19.60 -52.31
N GLY B 502 -39.23 -19.09 -51.23
CA GLY B 502 -39.80 -17.73 -51.22
C GLY B 502 -41.32 -17.64 -51.09
N PHE B 503 -41.97 -18.78 -50.83
CA PHE B 503 -43.41 -18.81 -50.57
C PHE B 503 -43.71 -18.28 -49.16
N ASP B 504 -45.00 -18.10 -48.88
CA ASP B 504 -45.45 -17.52 -47.62
C ASP B 504 -46.60 -18.32 -47.03
CA ARG B 505 -49.77 -17.33 -45.34
C ARG B 505 -50.41 -16.67 -46.58
N ARG B 506 -49.72 -16.75 -47.74
CA ARG B 506 -50.28 -16.37 -49.07
C ARG B 506 -50.66 -17.57 -49.97
N GLN B 507 -49.95 -18.68 -49.80
CA GLN B 507 -50.13 -19.88 -50.62
C GLN B 507 -51.01 -20.89 -49.86
N LYS B 508 -52.18 -21.17 -50.44
CA LYS B 508 -53.18 -21.97 -49.76
C LYS B 508 -52.62 -23.29 -49.29
N TYR B 509 -51.82 -23.93 -50.13
CA TYR B 509 -51.16 -25.19 -49.81
C TYR B 509 -50.29 -25.06 -48.54
N ILE B 510 -49.57 -23.95 -48.43
CA ILE B 510 -48.68 -23.73 -47.28
C ILE B 510 -49.44 -23.63 -45.98
N GLN B 511 -50.52 -22.86 -46.05
CA GLN B 511 -51.49 -22.76 -44.96
C GLN B 511 -52.01 -24.15 -44.58
N ASP B 512 -52.36 -24.92 -45.61
CA ASP B 512 -53.00 -26.23 -45.46
C ASP B 512 -52.18 -27.18 -44.61
N LEU B 513 -50.89 -27.23 -44.89
CA LEU B 513 -49.98 -28.13 -44.21
C LEU B 513 -49.74 -27.66 -42.77
N ALA B 514 -49.69 -26.35 -42.59
CA ALA B 514 -49.45 -25.76 -41.26
C ALA B 514 -50.48 -26.16 -40.18
N PHE B 515 -51.73 -26.23 -40.60
CA PHE B 515 -52.81 -26.54 -39.68
C PHE B 515 -52.78 -28.02 -39.25
N ASP B 516 -52.54 -28.90 -40.22
CA ASP B 516 -52.50 -30.34 -39.96
C ASP B 516 -51.40 -30.72 -38.97
N LEU B 517 -50.22 -30.13 -39.16
CA LEU B 517 -49.08 -30.42 -38.30
C LEU B 517 -49.42 -30.19 -36.79
N GLN B 518 -49.88 -28.99 -36.45
CA GLN B 518 -50.25 -28.62 -35.06
C GLN B 518 -51.35 -29.53 -34.49
N LYS B 519 -52.30 -29.89 -35.33
CA LYS B 519 -53.44 -30.68 -34.88
C LYS B 519 -52.99 -32.04 -34.37
N GLN B 520 -52.05 -32.65 -35.10
CA GLN B 520 -51.55 -33.97 -34.72
C GLN B 520 -50.77 -33.87 -33.42
N ARG B 521 -50.12 -32.73 -33.18
CA ARG B 521 -49.37 -32.50 -31.94
C ARG B 521 -50.31 -32.21 -30.74
N CYS B 522 -51.51 -31.73 -31.04
CA CYS B 522 -52.59 -31.66 -30.06
C CYS B 522 -53.03 -33.05 -29.63
N GLU B 523 -53.26 -33.92 -30.61
CA GLU B 523 -53.69 -35.30 -30.32
C GLU B 523 -52.74 -35.96 -29.29
N VAL B 524 -51.45 -35.96 -29.58
CA VAL B 524 -50.46 -36.52 -28.66
C VAL B 524 -50.70 -36.07 -27.21
N LEU B 525 -50.97 -34.77 -27.05
CA LEU B 525 -51.08 -34.15 -25.75
C LEU B 525 -52.39 -34.46 -25.01
N ARG B 526 -53.46 -34.63 -25.79
CA ARG B 526 -54.78 -34.86 -25.21
C ARG B 526 -54.89 -36.27 -24.65
N THR B 527 -54.22 -37.22 -25.31
CA THR B 527 -54.16 -38.58 -24.83
C THR B 527 -53.13 -38.63 -23.70
N LYS B 528 -51.85 -38.71 -24.08
CA LYS B 528 -50.78 -39.13 -23.17
C LYS B 528 -50.38 -38.13 -22.08
N LEU B 529 -51.04 -36.97 -22.04
CA LEU B 529 -50.85 -35.95 -20.98
C LEU B 529 -49.40 -35.77 -20.61
N ASN B 530 -48.59 -35.53 -21.61
CA ASN B 530 -47.22 -35.11 -21.28
C ASN B 530 -47.32 -33.76 -20.61
N ILE B 531 -47.31 -33.72 -19.27
CA ILE B 531 -47.37 -32.46 -18.58
C ILE B 531 -45.98 -31.91 -18.27
N HIS B 532 -45.53 -30.98 -19.09
CA HIS B 532 -44.18 -30.49 -19.00
C HIS B 532 -43.85 -29.75 -17.66
N VAL B 533 -42.61 -29.93 -17.20
CA VAL B 533 -42.14 -29.36 -15.95
C VAL B 533 -40.77 -28.82 -16.24
N GLY B 534 -40.70 -27.52 -16.40
CA GLY B 534 -39.46 -26.82 -16.84
C GLY B 534 -38.32 -27.14 -15.90
N ARG B 535 -38.68 -27.45 -14.65
CA ARG B 535 -37.71 -27.74 -13.64
C ARG B 535 -37.66 -29.22 -13.22
N SER B 536 -37.27 -30.02 -14.20
CA SER B 536 -37.17 -31.46 -14.06
C SER B 536 -36.41 -32.11 -15.22
N ALA B 537 -35.56 -33.07 -14.90
CA ALA B 537 -34.80 -33.82 -15.86
C ALA B 537 -34.72 -35.31 -15.48
N TYR B 538 -34.49 -36.13 -16.47
CA TYR B 538 -34.14 -37.50 -16.17
C TYR B 538 -32.64 -37.66 -16.11
N MET B 539 -32.16 -38.09 -14.95
CA MET B 539 -30.77 -38.30 -14.75
C MET B 539 -30.38 -39.68 -14.29
N PHE B 540 -29.16 -40.06 -14.65
CA PHE B 540 -28.56 -41.21 -14.08
C PHE B 540 -28.18 -41.04 -12.61
N MET B 541 -28.60 -42.04 -11.84
CA MET B 541 -28.22 -42.17 -10.48
C MET B 541 -26.86 -42.79 -10.38
N VAL B 542 -25.97 -42.04 -9.75
CA VAL B 542 -24.67 -42.46 -9.50
C VAL B 542 -24.65 -42.33 -8.05
N VAL B 543 -23.66 -42.97 -7.45
CA VAL B 543 -23.32 -42.88 -6.04
C VAL B 543 -22.09 -41.92 -5.78
N ASP B 544 -21.89 -41.50 -4.55
CA ASP B 544 -20.76 -40.64 -4.19
C ASP B 544 -19.59 -41.41 -3.50
N PHE B 545 -18.56 -41.76 -4.24
CA PHE B 545 -17.54 -42.60 -3.68
C PHE B 545 -16.50 -41.91 -2.74
N TRP B 546 -16.58 -40.59 -2.69
CA TRP B 546 -15.63 -39.78 -2.05
C TRP B 546 -16.14 -39.20 -0.73
N GLY B 547 -17.30 -39.66 -0.29
CA GLY B 547 -17.81 -39.29 1.01
C GLY B 547 -17.86 -37.79 1.17
N VAL B 548 -18.45 -37.09 0.21
CA VAL B 548 -18.70 -35.64 0.35
C VAL B 548 -20.18 -35.23 0.66
N LEU B 549 -21.12 -36.12 0.48
CA LEU B 549 -22.52 -35.76 0.72
C LEU B 549 -23.01 -36.40 2.02
N GLU B 550 -24.07 -35.84 2.59
CA GLU B 550 -24.80 -36.43 3.70
C GLU B 550 -26.12 -37.19 3.28
N GLU B 551 -26.78 -37.84 4.25
CA GLU B 551 -27.83 -38.78 3.90
C GLU B 551 -28.79 -38.24 2.87
N ASN B 552 -29.39 -37.07 3.10
CA ASN B 552 -30.46 -36.58 2.12
C ASN B 552 -30.01 -35.46 1.16
N GLU B 553 -28.66 -35.41 0.94
CA GLU B 553 -27.98 -34.40 0.12
C GLU B 553 -27.58 -34.98 -1.21
N VAL B 554 -28.01 -34.34 -2.29
CA VAL B 554 -27.67 -34.84 -3.64
C VAL B 554 -27.07 -33.72 -4.44
N HIS B 555 -26.34 -34.08 -5.45
CA HIS B 555 -25.57 -33.15 -6.21
C HIS B 555 -25.84 -33.30 -7.73
N VAL B 556 -26.27 -32.21 -8.29
CA VAL B 556 -26.69 -32.19 -9.68
C VAL B 556 -26.01 -31.02 -10.38
N GLY B 557 -25.13 -31.32 -11.33
CA GLY B 557 -24.53 -30.30 -12.19
C GLY B 557 -24.62 -30.57 -13.68
N PHE B 558 -24.87 -29.52 -14.45
CA PHE B 558 -25.12 -29.64 -15.88
C PHE B 558 -23.86 -29.35 -16.73
N SER B 559 -23.79 -30.02 -17.90
CA SER B 559 -22.56 -29.95 -18.74
C SER B 559 -22.61 -28.73 -19.58
N SER B 560 -23.82 -28.13 -19.55
CA SER B 560 -24.27 -27.03 -20.41
C SER B 560 -25.43 -26.34 -19.72
N LYS B 561 -25.43 -25.05 -19.82
CA LYS B 561 -26.61 -24.18 -19.59
C LYS B 561 -28.03 -24.73 -19.58
N PHE B 562 -28.66 -24.87 -18.43
CA PHE B 562 -30.10 -25.17 -18.42
C PHE B 562 -31.00 -23.93 -18.62
N ARG B 563 -31.40 -23.73 -19.86
CA ARG B 563 -32.15 -22.56 -20.29
C ARG B 563 -33.55 -22.91 -20.09
N ASP B 564 -34.14 -22.37 -19.03
CA ASP B 564 -35.50 -22.79 -18.58
C ASP B 564 -36.40 -21.63 -18.24
N ASP B 565 -37.31 -21.34 -19.19
CA ASP B 565 -38.37 -20.30 -19.03
C ASP B 565 -37.84 -18.85 -18.77
N ASP B 568 -37.40 -17.04 -15.72
CA ASP B 568 -36.59 -16.26 -16.65
C ASP B 568 -35.07 -16.63 -16.64
N THR B 569 -34.76 -17.94 -16.49
CA THR B 569 -33.54 -18.37 -15.76
C THR B 569 -32.58 -19.45 -16.41
N THR B 570 -31.26 -19.19 -16.34
CA THR B 570 -30.23 -20.09 -16.85
C THR B 570 -29.40 -20.56 -15.65
N TYR B 571 -29.01 -21.85 -15.67
CA TYR B 571 -28.58 -22.57 -14.49
C TYR B 571 -27.61 -23.50 -15.07
N MET B 572 -26.56 -23.84 -14.31
CA MET B 572 -25.64 -24.90 -14.66
C MET B 572 -25.43 -25.85 -13.49
N LEU B 573 -26.17 -25.64 -12.41
CA LEU B 573 -26.26 -26.65 -11.37
C LEU B 573 -27.42 -26.35 -10.42
N LEU B 574 -27.61 -27.22 -9.42
CA LEU B 574 -28.56 -27.01 -8.38
C LEU B 574 -27.99 -27.02 -7.03
N THR B 575 -28.39 -26.05 -6.23
CA THR B 575 -27.89 -25.95 -4.87
C THR B 575 -28.97 -25.25 -4.08
N ASP B 576 -28.81 -25.32 -2.79
CA ASP B 576 -29.73 -24.77 -1.83
C ASP B 576 -31.18 -24.72 -2.23
N CYS B 577 -31.68 -25.90 -2.42
CA CYS B 577 -33.08 -26.07 -2.59
C CYS B 577 -33.35 -27.55 -2.43
N ASP B 578 -34.49 -27.83 -1.84
CA ASP B 578 -35.13 -29.14 -2.00
C ASP B 578 -35.57 -29.60 -3.43
N VAL B 579 -35.39 -30.91 -3.68
CA VAL B 579 -35.58 -31.50 -4.98
C VAL B 579 -36.30 -32.80 -4.77
N LEU B 580 -37.20 -33.20 -5.66
CA LEU B 580 -37.80 -34.55 -5.55
C LEU B 580 -37.05 -35.54 -6.42
N VAL B 581 -36.73 -36.73 -5.90
CA VAL B 581 -36.12 -37.81 -6.74
C VAL B 581 -36.93 -39.12 -6.72
N ALA B 582 -37.02 -39.75 -7.89
CA ALA B 582 -38.00 -40.77 -8.07
C ALA B 582 -37.81 -41.61 -9.32
N ARG B 583 -37.85 -42.92 -9.12
CA ARG B 583 -37.76 -43.84 -10.26
C ARG B 583 -39.14 -44.22 -10.75
N SER B 584 -39.26 -44.16 -12.08
CA SER B 584 -40.40 -44.58 -12.90
C SER B 584 -40.38 -46.10 -13.19
N PRO B 585 -41.48 -46.84 -12.80
CA PRO B 585 -42.71 -46.35 -12.09
C PRO B 585 -42.81 -46.31 -10.51
N ALA B 586 -43.39 -45.24 -9.91
CA ALA B 586 -43.58 -45.08 -8.42
C ALA B 586 -44.96 -45.58 -7.96
N HIS B 587 -45.00 -46.54 -7.02
CA HIS B 587 -46.23 -47.27 -6.68
C HIS B 587 -46.65 -47.13 -5.26
N PHE B 588 -45.65 -47.13 -4.40
CA PHE B 588 -45.82 -46.79 -2.98
C PHE B 588 -45.80 -45.23 -2.85
N PRO B 589 -46.39 -44.67 -1.80
CA PRO B 589 -46.24 -43.27 -1.49
C PRO B 589 -44.81 -42.88 -1.14
N SER B 590 -44.01 -43.86 -0.68
CA SER B 590 -42.60 -43.62 -0.37
C SER B 590 -41.64 -43.67 -1.52
N ASP B 591 -42.11 -44.10 -2.69
CA ASP B 591 -41.26 -44.21 -3.89
C ASP B 591 -40.75 -42.88 -4.41
N ILE B 592 -41.36 -41.83 -3.89
CA ILE B 592 -40.98 -40.45 -4.26
C ILE B 592 -40.46 -39.81 -3.01
N GLN B 593 -39.20 -39.37 -3.07
CA GLN B 593 -38.41 -38.92 -1.88
C GLN B 593 -37.85 -37.49 -1.99
N LYS B 594 -38.21 -36.66 -1.06
CA LYS B 594 -37.62 -35.32 -1.00
C LYS B 594 -36.18 -35.21 -0.30
N VAL B 595 -35.26 -34.54 -0.98
CA VAL B 595 -33.86 -34.47 -0.61
C VAL B 595 -33.28 -33.12 -1.06
N ARG B 596 -32.18 -32.71 -0.44
CA ARG B 596 -31.68 -31.36 -0.62
C ARG B 596 -30.55 -31.29 -1.63
N ALA B 597 -30.76 -30.58 -2.74
CA ALA B 597 -29.71 -30.44 -3.72
C ALA B 597 -28.65 -29.52 -3.26
N VAL B 598 -27.49 -30.06 -2.95
CA VAL B 598 -26.34 -29.32 -2.44
C VAL B 598 -25.20 -29.58 -3.36
N PHE B 599 -24.62 -28.50 -3.87
CA PHE B 599 -23.46 -28.61 -4.77
C PHE B 599 -22.18 -28.67 -3.99
N LYS B 600 -21.30 -29.58 -4.41
CA LYS B 600 -19.96 -29.79 -3.83
C LYS B 600 -19.07 -29.58 -4.98
N PRO B 601 -18.13 -28.59 -4.89
CA PRO B 601 -17.24 -28.44 -6.01
C PRO B 601 -16.28 -29.63 -6.23
N GLN B 602 -16.02 -30.40 -5.21
CA GLN B 602 -15.28 -31.61 -5.40
C GLN B 602 -15.70 -32.58 -6.42
N LEU B 603 -16.98 -32.58 -6.75
CA LEU B 603 -17.59 -33.40 -7.81
C LEU B 603 -17.93 -32.60 -9.09
N HIS B 604 -17.45 -31.35 -9.17
CA HIS B 604 -17.85 -30.39 -10.21
C HIS B 604 -17.89 -31.09 -11.57
N ALA B 605 -16.92 -31.98 -11.79
CA ALA B 605 -16.66 -32.62 -13.08
C ALA B 605 -17.60 -33.80 -13.43
N LEU B 606 -18.40 -34.24 -12.47
CA LEU B 606 -19.44 -35.26 -12.71
C LEU B 606 -20.62 -34.48 -13.20
N LYS B 607 -20.69 -34.37 -14.52
CA LYS B 607 -21.70 -33.56 -15.21
C LYS B 607 -22.69 -34.45 -15.96
N ASP B 608 -23.94 -34.03 -15.93
CA ASP B 608 -25.10 -34.72 -16.53
C ASP B 608 -25.54 -36.07 -15.86
N VAL B 609 -25.36 -36.12 -14.54
CA VAL B 609 -25.81 -37.19 -13.62
C VAL B 609 -26.24 -36.59 -12.23
N ILE B 610 -26.85 -37.36 -11.35
CA ILE B 610 -27.11 -37.01 -9.99
C ILE B 610 -26.42 -37.93 -9.06
N VAL B 611 -25.77 -37.37 -8.06
CA VAL B 611 -24.88 -38.12 -7.21
C VAL B 611 -25.60 -38.33 -5.90
N PHE B 612 -25.92 -39.59 -5.57
CA PHE B 612 -26.59 -39.98 -4.29
C PHE B 612 -25.64 -40.40 -3.22
N PRO B 613 -25.99 -40.18 -1.95
CA PRO B 613 -25.01 -40.31 -0.88
C PRO B 613 -24.66 -41.76 -0.57
N ALA B 614 -23.46 -41.98 -0.03
CA ALA B 614 -23.00 -43.29 0.36
C ALA B 614 -23.15 -43.44 1.82
N LYS B 615 -23.80 -42.46 2.41
CA LYS B 615 -24.11 -42.44 3.83
C LYS B 615 -25.59 -42.69 4.21
N GLY B 616 -25.80 -42.99 5.48
CA GLY B 616 -27.11 -43.45 5.98
C GLY B 616 -27.21 -44.96 6.14
N ASP B 617 -28.32 -45.39 6.76
CA ASP B 617 -28.70 -46.79 6.99
C ASP B 617 -28.85 -47.44 5.64
N ILE B 618 -29.48 -46.75 4.71
CA ILE B 618 -29.93 -47.37 3.47
C ILE B 618 -29.73 -46.48 2.23
N PRO B 619 -29.33 -47.05 1.07
CA PRO B 619 -29.02 -46.20 -0.02
C PRO B 619 -30.26 -45.64 -0.73
N LEU B 620 -30.16 -44.39 -1.16
CA LEU B 620 -31.29 -43.66 -1.74
C LEU B 620 -31.88 -44.43 -2.94
N ALA B 621 -31.03 -44.84 -3.86
CA ALA B 621 -31.47 -45.65 -5.01
C ALA B 621 -32.45 -46.69 -4.57
N ASP B 622 -32.13 -47.40 -3.46
CA ASP B 622 -33.06 -48.47 -2.94
C ASP B 622 -34.47 -48.00 -2.59
N LYS B 623 -34.50 -46.82 -1.99
CA LYS B 623 -35.76 -46.25 -1.48
C LYS B 623 -36.72 -45.87 -2.60
N LEU B 624 -36.15 -45.54 -3.75
CA LEU B 624 -36.93 -45.11 -4.90
C LEU B 624 -37.40 -46.32 -5.67
N SER B 625 -38.51 -46.93 -5.21
CA SER B 625 -39.10 -48.07 -5.86
C SER B 625 -38.07 -49.24 -6.01
N GLY B 626 -37.22 -49.44 -5.02
CA GLY B 626 -36.34 -50.60 -4.96
C GLY B 626 -35.08 -50.55 -5.79
N GLY B 627 -34.68 -49.36 -6.23
CA GLY B 627 -33.65 -49.18 -7.28
C GLY B 627 -32.26 -49.62 -6.90
N ASP B 628 -31.35 -49.41 -7.87
CA ASP B 628 -29.90 -49.51 -7.70
C ASP B 628 -29.08 -48.60 -8.65
N TYR B 629 -27.78 -48.76 -8.76
CA TYR B 629 -27.02 -47.90 -9.68
C TYR B 629 -26.37 -48.69 -10.80
N ASP B 630 -27.12 -49.54 -11.44
CA ASP B 630 -26.59 -50.29 -12.57
C ASP B 630 -27.05 -49.73 -13.91
N GLY B 631 -27.75 -48.59 -13.91
CA GLY B 631 -28.28 -47.96 -15.12
C GLY B 631 -29.59 -47.19 -14.87
N ASP B 632 -30.20 -47.44 -13.73
CA ASP B 632 -31.49 -46.90 -13.44
C ASP B 632 -31.35 -45.42 -13.63
N MET B 633 -32.44 -44.72 -14.01
CA MET B 633 -32.40 -43.26 -14.12
C MET B 633 -33.29 -42.71 -13.07
N ALA B 634 -33.33 -41.40 -12.90
CA ALA B 634 -34.22 -40.78 -11.93
C ALA B 634 -34.98 -39.59 -12.51
N TRP B 635 -36.26 -39.46 -12.20
CA TRP B 635 -37.00 -38.23 -12.41
C TRP B 635 -36.61 -37.27 -11.31
N VAL B 636 -35.89 -36.22 -11.66
CA VAL B 636 -35.42 -35.29 -10.65
C VAL B 636 -36.22 -34.01 -10.86
N CYS B 637 -37.08 -33.69 -9.90
CA CYS B 637 -37.82 -32.44 -9.93
C CYS B 637 -37.26 -31.44 -8.87
N TRP B 638 -37.01 -30.20 -9.31
CA TRP B 638 -36.64 -29.11 -8.40
C TRP B 638 -37.56 -27.94 -8.24
N ASP B 639 -38.80 -28.09 -8.73
CA ASP B 639 -39.72 -26.98 -8.93
C ASP B 639 -40.37 -26.70 -7.60
N PRO B 640 -40.12 -25.53 -7.01
CA PRO B 640 -40.55 -25.21 -5.68
C PRO B 640 -42.05 -25.33 -5.42
N ASP B 641 -42.84 -25.01 -6.43
CA ASP B 641 -44.30 -25.08 -6.41
C ASP B 641 -44.87 -26.50 -6.32
N ILE B 642 -44.11 -27.47 -6.84
CA ILE B 642 -44.39 -28.89 -6.65
C ILE B 642 -43.75 -29.37 -5.36
N VAL B 643 -42.45 -29.14 -5.24
CA VAL B 643 -41.62 -29.79 -4.24
C VAL B 643 -42.18 -29.52 -2.83
N GLU B 644 -42.70 -28.32 -2.59
CA GLU B 644 -43.13 -27.95 -1.23
C GLU B 644 -44.48 -28.54 -0.84
N ASN B 645 -45.34 -28.82 -1.79
CA ASN B 645 -46.54 -29.68 -1.53
C ASN B 645 -46.12 -31.13 -1.17
N PHE B 646 -44.84 -31.45 -1.34
CA PHE B 646 -44.41 -32.76 -0.96
C PHE B 646 -43.95 -32.87 0.49
N THR B 647 -44.46 -33.86 1.19
CA THR B 647 -43.92 -34.28 2.48
C THR B 647 -43.67 -35.81 2.44
N ASN B 648 -42.44 -36.21 2.78
CA ASN B 648 -42.00 -37.61 2.79
C ASN B 648 -42.90 -38.63 3.52
N ALA B 649 -42.93 -39.84 2.99
CA ALA B 649 -43.52 -41.02 3.64
C ALA B 649 -42.44 -42.07 3.91
N ASP B 650 -42.72 -43.03 4.77
CA ASP B 650 -41.68 -44.02 5.11
C ASP B 650 -41.91 -45.36 4.45
N MET B 651 -40.81 -46.04 4.19
CA MET B 651 -40.85 -47.37 3.61
C MET B 651 -41.83 -48.27 4.41
N PRO B 652 -42.79 -48.87 3.70
CA PRO B 652 -43.64 -49.89 4.25
C PRO B 652 -42.77 -51.10 4.47
N LYS B 653 -43.08 -51.95 5.45
CA LYS B 653 -42.58 -53.34 5.38
C LYS B 653 -43.70 -54.23 4.89
N GLU B 654 -43.42 -54.86 3.79
CA GLU B 654 -44.44 -55.46 2.97
C GLU B 654 -45.00 -56.74 3.55
N PRO B 655 -46.27 -57.04 3.26
CA PRO B 655 -46.84 -58.38 3.48
C PRO B 655 -46.09 -59.50 2.73
N ASP B 656 -46.02 -60.66 3.40
CA ASP B 656 -45.35 -61.87 2.94
C ASP B 656 -46.28 -62.63 1.95
N LEU B 657 -45.73 -62.88 0.75
CA LEU B 657 -46.47 -63.42 -0.37
C LEU B 657 -45.93 -64.85 -0.77
N SER B 658 -45.47 -65.63 0.20
CA SER B 658 -44.76 -66.87 -0.10
C SER B 658 -45.70 -68.02 -0.54
N ALA B 659 -46.94 -68.05 -0.05
CA ALA B 659 -47.89 -69.08 -0.47
C ALA B 659 -48.35 -68.90 -1.91
N TYR B 660 -47.86 -67.86 -2.59
CA TYR B 660 -48.18 -67.66 -4.01
C TYR B 660 -46.92 -67.63 -4.89
N LEU B 661 -45.79 -67.32 -4.27
CA LEU B 661 -44.57 -67.15 -5.02
C LEU B 661 -43.84 -68.47 -4.82
N GLY B 662 -43.51 -69.11 -5.93
CA GLY B 662 -42.97 -70.49 -5.93
C GLY B 662 -41.62 -70.51 -6.59
N LYS B 663 -40.59 -70.37 -5.76
CA LYS B 663 -39.23 -70.15 -6.23
C LYS B 663 -38.62 -71.39 -6.81
N ASP B 664 -37.88 -71.22 -7.89
CA ASP B 664 -36.99 -72.24 -8.39
C ASP B 664 -35.62 -72.01 -7.85
N LYS B 665 -35.23 -72.86 -6.94
CA LYS B 665 -33.90 -72.88 -6.39
C LYS B 665 -32.92 -73.84 -7.08
N THR B 666 -33.49 -74.67 -7.94
CA THR B 666 -32.83 -75.79 -8.57
C THR B 666 -31.63 -75.37 -9.43
N THR B 667 -30.49 -75.95 -9.19
CA THR B 667 -29.22 -75.37 -9.68
C THR B 667 -28.78 -75.96 -11.00
N PHE B 668 -27.72 -75.35 -11.56
CA PHE B 668 -27.02 -75.97 -12.67
C PHE B 668 -26.26 -77.28 -12.27
N GLY B 669 -25.72 -77.34 -11.05
CA GLY B 669 -25.08 -78.58 -10.59
C GLY B 669 -25.98 -79.78 -10.35
N GLU B 670 -27.23 -79.56 -9.99
CA GLU B 670 -28.21 -80.65 -9.86
C GLU B 670 -28.60 -81.17 -11.24
N LEU B 671 -28.58 -80.26 -12.22
CA LEU B 671 -28.90 -80.63 -13.58
C LEU B 671 -27.83 -81.44 -14.24
N VAL B 672 -26.58 -81.12 -13.92
CA VAL B 672 -25.46 -81.86 -14.45
C VAL B 672 -25.61 -83.27 -13.86
N ARG B 673 -25.84 -83.33 -12.55
CA ARG B 673 -25.71 -84.55 -11.72
C ARG B 673 -26.65 -85.59 -12.23
N ASP B 674 -27.72 -85.11 -12.86
CA ASP B 674 -28.72 -85.98 -13.45
C ASP B 674 -28.14 -86.75 -14.63
N THR B 675 -26.98 -86.31 -15.11
CA THR B 675 -26.16 -87.10 -16.05
C THR B 675 -24.97 -87.73 -15.27
N GLY B 676 -24.89 -87.35 -13.97
CA GLY B 676 -23.78 -87.69 -13.10
C GLY B 676 -23.18 -86.51 -12.31
N THR B 678 -20.66 -87.47 -13.17
CA THR B 678 -19.90 -86.24 -13.31
C THR B 678 -19.03 -86.25 -14.57
N GLY B 679 -18.47 -85.08 -14.89
CA GLY B 679 -17.68 -84.89 -16.11
C GLY B 679 -18.20 -83.91 -17.18
N ALA B 680 -17.39 -83.81 -18.23
CA ALA B 680 -17.55 -82.89 -19.35
C ALA B 680 -18.72 -83.19 -20.18
N ALA B 681 -19.03 -84.48 -20.30
CA ALA B 681 -20.16 -84.98 -21.10
C ALA B 681 -21.48 -84.86 -20.36
N ALA B 682 -21.46 -84.97 -19.04
CA ALA B 682 -22.63 -84.55 -18.24
C ALA B 682 -22.95 -83.05 -18.32
N ARG B 683 -21.91 -82.26 -18.20
CA ARG B 683 -21.95 -80.81 -18.40
C ARG B 683 -22.41 -80.44 -19.81
N HIS B 684 -22.07 -81.17 -20.88
CA HIS B 684 -22.60 -80.87 -22.28
C HIS B 684 -24.09 -81.06 -22.43
N GLU B 685 -24.62 -82.10 -21.79
CA GLU B 685 -26.03 -82.35 -21.71
C GLU B 685 -26.81 -81.40 -20.82
N ALA B 686 -26.20 -80.99 -19.69
CA ALA B 686 -26.78 -80.01 -18.75
C ALA B 686 -27.09 -78.72 -19.40
N VAL B 687 -26.20 -78.26 -20.21
CA VAL B 687 -26.41 -77.01 -20.92
C VAL B 687 -27.67 -77.03 -21.74
N TYR B 688 -27.89 -78.16 -22.44
CA TYR B 688 -29.07 -78.32 -23.29
C TYR B 688 -30.35 -78.54 -22.49
N ASP B 689 -30.25 -79.29 -21.40
CA ASP B 689 -31.30 -79.31 -20.42
C ASP B 689 -31.74 -77.92 -19.97
N MET B 690 -30.76 -77.10 -19.61
CA MET B 690 -31.01 -75.81 -19.01
C MET B 690 -31.68 -74.90 -19.94
N ILE B 691 -31.18 -74.91 -21.17
CA ILE B 691 -31.83 -74.24 -22.28
C ILE B 691 -33.26 -74.77 -22.37
N ASN B 692 -33.40 -76.07 -22.37
CA ASN B 692 -34.70 -76.67 -22.42
C ASN B 692 -35.61 -76.17 -21.33
N LYS B 693 -35.26 -76.36 -20.07
CA LYS B 693 -36.17 -75.98 -18.96
C LYS B 693 -36.38 -74.49 -18.84
N SER B 694 -35.37 -73.74 -19.23
CA SER B 694 -35.35 -72.29 -19.03
C SER B 694 -36.26 -71.60 -20.00
N PHE B 695 -36.40 -72.24 -21.17
CA PHE B 695 -37.38 -71.88 -22.21
C PHE B 695 -38.76 -72.13 -21.78
N GLN B 696 -38.97 -73.23 -21.07
CA GLN B 696 -40.30 -73.53 -20.56
C GLN B 696 -40.78 -72.48 -19.60
N PHE B 697 -39.87 -71.91 -18.83
CA PHE B 697 -40.23 -70.87 -17.89
C PHE B 697 -40.26 -69.51 -18.59
N ALA B 698 -39.25 -69.26 -19.44
CA ALA B 698 -39.10 -68.01 -20.19
C ALA B 698 -40.36 -67.65 -20.96
N MET B 699 -40.94 -68.63 -21.61
CA MET B 699 -42.20 -68.45 -22.38
C MET B 699 -43.52 -68.63 -21.58
N GLN B 700 -43.50 -68.55 -20.25
CA GLN B 700 -44.75 -68.36 -19.46
C GLN B 700 -45.19 -66.89 -19.38
N PRO B 701 -46.47 -66.63 -19.09
CA PRO B 701 -47.01 -65.28 -19.35
C PRO B 701 -46.46 -64.16 -18.45
N ASN B 702 -46.11 -63.00 -19.02
CA ASN B 702 -45.56 -61.91 -18.22
C ASN B 702 -46.59 -61.29 -17.24
N TYR B 703 -46.71 -61.86 -16.04
CA TYR B 703 -47.71 -61.36 -15.10
C TYR B 703 -47.39 -59.98 -14.52
N LEU B 704 -46.11 -59.56 -14.63
CA LEU B 704 -45.70 -58.24 -14.14
C LEU B 704 -46.61 -57.16 -14.69
N GLY B 705 -46.80 -57.22 -15.99
CA GLY B 705 -47.64 -56.26 -16.68
C GLY B 705 -49.12 -56.38 -16.38
N ILE B 706 -49.54 -57.59 -16.01
CA ILE B 706 -50.97 -57.87 -15.82
C ILE B 706 -51.43 -57.48 -14.43
N CYS B 707 -50.56 -57.68 -13.42
CA CYS B 707 -50.84 -57.22 -12.05
C CYS B 707 -50.68 -55.70 -11.90
N THR B 708 -49.85 -55.12 -12.74
CA THR B 708 -49.71 -53.68 -12.84
C THR B 708 -50.97 -53.05 -13.46
N ASN B 709 -51.50 -53.64 -14.53
CA ASN B 709 -52.78 -53.18 -15.08
C ASN B 709 -53.92 -53.34 -14.09
N TYR B 710 -53.91 -54.45 -13.35
CA TYR B 710 -54.85 -54.63 -12.27
C TYR B 710 -54.66 -53.54 -11.18
N LYS B 711 -53.43 -53.20 -10.82
CA LYS B 711 -53.16 -52.14 -9.80
C LYS B 711 -53.48 -50.64 -10.22
N GLU B 712 -53.13 -50.25 -11.46
CA GLU B 712 -53.57 -48.97 -12.03
C GLU B 712 -55.13 -48.85 -12.03
N ARG B 713 -55.80 -49.98 -12.34
CA ARG B 713 -57.23 -50.01 -12.24
C ARG B 713 -57.74 -50.14 -10.78
N VAL B 714 -57.13 -50.99 -9.96
CA VAL B 714 -57.74 -51.28 -8.63
C VAL B 714 -57.52 -50.12 -7.69
N CYS B 715 -56.51 -49.29 -7.97
CA CYS B 715 -56.20 -48.13 -7.12
C CYS B 715 -57.02 -46.96 -7.56
N TYR B 716 -57.33 -46.95 -8.86
CA TYR B 716 -58.19 -45.90 -9.43
C TYR B 716 -59.59 -45.96 -8.86
N HIS B 717 -60.14 -47.16 -8.90
CA HIS B 717 -61.43 -47.46 -8.38
C HIS B 717 -61.43 -47.23 -6.88
N ASN B 718 -60.41 -47.73 -6.25
CA ASN B 718 -60.10 -47.35 -4.84
C ASN B 718 -59.81 -45.88 -4.45
N ASN B 719 -59.54 -45.08 -5.46
CA ASN B 719 -58.93 -43.78 -5.25
C ASN B 719 -57.90 -43.76 -4.08
N SER B 720 -57.10 -44.82 -4.01
CA SER B 720 -56.04 -44.89 -3.02
C SER B 720 -54.75 -45.49 -3.62
N VAL B 721 -53.62 -44.93 -3.20
CA VAL B 721 -52.36 -45.60 -3.42
C VAL B 721 -51.69 -45.94 -2.09
N SER B 722 -52.43 -45.84 -0.99
CA SER B 722 -51.86 -46.06 0.35
C SER B 722 -52.61 -47.00 1.28
N ASP B 723 -53.64 -47.69 0.79
CA ASP B 723 -54.35 -48.70 1.62
C ASP B 723 -53.84 -50.15 1.37
N GLY B 724 -54.54 -51.15 1.92
CA GLY B 724 -53.94 -52.45 2.12
C GLY B 724 -53.77 -53.19 0.83
N VAL B 725 -54.75 -53.06 -0.04
CA VAL B 725 -54.68 -53.68 -1.35
C VAL B 725 -53.64 -52.98 -2.23
N ALA B 726 -53.34 -51.70 -1.95
CA ALA B 726 -52.24 -50.99 -2.64
C ALA B 726 -50.84 -51.38 -2.18
N LEU B 727 -50.63 -51.72 -0.91
CA LEU B 727 -49.32 -52.22 -0.49
C LEU B 727 -49.17 -53.69 -0.81
N LEU B 728 -50.28 -54.38 -1.06
CA LEU B 728 -50.26 -55.79 -1.48
C LEU B 728 -49.88 -55.95 -2.97
N LEU B 729 -50.54 -55.19 -3.84
CA LEU B 729 -50.16 -55.16 -5.24
C LEU B 729 -48.82 -54.45 -5.55
N SER B 730 -48.58 -53.25 -4.98
CA SER B 730 -47.27 -52.60 -5.04
C SER B 730 -46.19 -53.60 -4.71
N THR B 731 -46.46 -54.35 -3.63
CA THR B 731 -45.59 -55.38 -3.12
C THR B 731 -45.37 -56.46 -4.17
N LEU B 732 -46.46 -56.89 -4.79
CA LEU B 732 -46.40 -57.96 -5.79
C LEU B 732 -45.66 -57.50 -7.06
N VAL B 733 -45.96 -56.32 -7.57
CA VAL B 733 -45.32 -55.85 -8.77
C VAL B 733 -43.87 -55.54 -8.46
N GLY B 734 -43.55 -55.33 -7.19
CA GLY B 734 -42.12 -55.23 -6.73
C GLY B 734 -41.41 -56.53 -6.98
N LYS B 735 -41.92 -57.59 -6.37
CA LYS B 735 -41.31 -58.91 -6.50
C LYS B 735 -41.24 -59.43 -7.95
N LEU B 736 -42.17 -59.02 -8.80
CA LEU B 736 -42.21 -59.51 -10.17
C LEU B 736 -41.22 -58.86 -11.13
N VAL B 737 -40.75 -57.66 -10.81
CA VAL B 737 -39.74 -57.00 -11.68
C VAL B 737 -38.42 -57.78 -11.71
N ASP B 738 -38.13 -58.55 -10.69
CA ASP B 738 -37.01 -59.48 -10.87
C ASP B 738 -37.43 -60.93 -11.14
N GLN B 739 -38.70 -61.13 -11.57
CA GLN B 739 -39.31 -62.50 -11.85
C GLN B 739 -38.46 -63.36 -12.77
N SER B 740 -37.96 -62.81 -13.85
CA SER B 740 -37.17 -63.63 -14.76
C SER B 740 -35.94 -64.16 -13.97
N LYS B 741 -35.07 -63.21 -13.51
CA LYS B 741 -33.69 -63.54 -13.03
C LYS B 741 -33.67 -64.07 -11.62
N GLN B 742 -34.85 -64.13 -10.98
CA GLN B 742 -34.97 -64.80 -9.68
C GLN B 742 -35.69 -66.10 -9.83
N GLY B 743 -36.07 -66.39 -11.05
CA GLY B 743 -36.76 -67.64 -11.33
C GLY B 743 -37.84 -67.88 -10.33
N ILE B 744 -38.54 -66.83 -10.00
CA ILE B 744 -39.69 -66.92 -9.12
C ILE B 744 -40.90 -67.36 -9.95
N LEU B 745 -41.76 -68.28 -9.48
CA LEU B 745 -42.87 -68.73 -10.27
C LEU B 745 -44.19 -68.25 -9.76
N PHE B 746 -45.12 -68.06 -10.71
CA PHE B 746 -46.39 -67.37 -10.45
C PHE B 746 -47.12 -67.50 -11.78
N ASP B 747 -48.27 -68.15 -11.72
CA ASP B 747 -48.96 -68.51 -12.92
C ASP B 747 -50.45 -68.20 -12.75
N ALA B 748 -51.21 -68.28 -13.84
CA ALA B 748 -52.61 -67.91 -13.83
C ALA B 748 -53.36 -68.48 -12.60
N ALA B 749 -53.08 -69.73 -12.24
CA ALA B 749 -53.72 -70.35 -11.09
C ALA B 749 -53.48 -69.56 -9.84
N SER B 750 -52.19 -69.35 -9.49
CA SER B 750 -51.76 -68.73 -8.23
C SER B 750 -52.16 -67.25 -8.15
N TRP B 751 -52.30 -66.60 -9.31
CA TRP B 751 -52.80 -65.21 -9.38
C TRP B 751 -54.25 -65.14 -8.99
N ASP B 752 -55.00 -66.16 -9.43
CA ASP B 752 -56.42 -66.28 -9.22
C ASP B 752 -56.74 -66.65 -7.83
N ARG B 753 -55.95 -67.61 -7.34
CA ARG B 753 -55.96 -68.06 -5.93
C ARG B 753 -55.77 -66.86 -5.02
N LEU B 754 -54.76 -66.03 -5.32
CA LEU B 754 -54.52 -64.79 -4.55
C LEU B 754 -55.72 -63.84 -4.48
N ARG B 755 -56.16 -63.34 -5.62
CA ARG B 755 -57.33 -62.46 -5.73
C ARG B 755 -58.61 -63.01 -5.13
N ARG B 756 -58.70 -64.36 -5.08
CA ARG B 756 -59.81 -65.03 -4.46
C ARG B 756 -59.73 -65.02 -2.99
N GLU B 757 -58.58 -65.54 -2.51
CA GLU B 757 -58.19 -65.63 -1.06
C GLU B 757 -57.87 -64.25 -0.37
N ARG B 758 -57.32 -63.27 -1.07
CA ARG B 758 -56.87 -62.03 -0.45
C ARG B 758 -57.12 -60.71 -1.19
N LEU B 759 -57.89 -60.69 -2.26
CA LEU B 759 -58.31 -59.44 -2.84
C LEU B 759 -59.80 -59.41 -3.21
N GLY B 760 -60.12 -58.85 -4.36
CA GLY B 760 -61.52 -58.73 -4.80
C GLY B 760 -62.12 -60.00 -5.42
N GLY B 761 -62.35 -59.99 -6.73
CA GLY B 761 -61.88 -58.95 -7.65
C GLY B 761 -61.06 -59.53 -8.78
N ARG B 762 -61.28 -60.82 -9.03
CA ARG B 762 -60.74 -61.46 -10.23
C ARG B 762 -61.31 -60.66 -11.37
N MET B 763 -62.64 -60.51 -11.30
CA MET B 763 -63.43 -60.02 -12.42
C MET B 763 -62.90 -58.75 -13.11
N SER B 764 -63.13 -58.73 -14.41
CA SER B 764 -62.70 -57.63 -15.27
C SER B 764 -63.23 -56.34 -14.66
N VAL B 765 -62.36 -55.64 -13.95
CA VAL B 765 -62.66 -54.31 -13.44
C VAL B 765 -62.72 -53.31 -14.61
N GLU B 766 -63.56 -52.28 -14.43
CA GLU B 766 -63.75 -51.26 -15.44
C GLU B 766 -62.44 -50.56 -15.72
N ASP B 767 -62.29 -50.17 -16.96
CA ASP B 767 -61.31 -49.16 -17.33
C ASP B 767 -61.38 -47.87 -16.53
N PRO B 768 -60.21 -47.23 -16.32
CA PRO B 768 -60.17 -45.89 -15.78
C PRO B 768 -60.76 -44.89 -16.76
N ALA B 769 -61.54 -43.96 -16.21
CA ALA B 769 -62.35 -43.08 -17.05
C ALA B 769 -61.48 -42.47 -18.12
N TYR B 770 -60.23 -42.18 -17.74
CA TYR B 770 -59.27 -41.45 -18.62
C TYR B 770 -58.83 -42.25 -19.82
N LYS B 771 -59.21 -43.52 -19.89
CA LYS B 771 -58.80 -44.36 -21.04
C LYS B 771 -59.72 -44.14 -22.21
N GLY B 772 -60.78 -43.36 -22.00
CA GLY B 772 -61.75 -43.09 -23.06
C GLY B 772 -61.65 -41.63 -23.46
N ASP B 773 -62.26 -41.32 -24.60
CA ASP B 773 -62.12 -40.01 -25.22
C ASP B 773 -62.93 -38.99 -24.47
N VAL B 774 -64.01 -39.42 -23.81
CA VAL B 774 -64.98 -38.49 -23.22
C VAL B 774 -65.23 -38.82 -21.75
N TRP B 775 -65.77 -37.85 -21.04
CA TRP B 775 -66.10 -38.03 -19.63
C TRP B 775 -67.37 -38.89 -19.51
N ALA B 776 -67.15 -40.19 -19.42
CA ALA B 776 -68.22 -41.15 -19.56
C ALA B 776 -69.11 -41.12 -18.34
N GLY B 777 -68.84 -40.19 -17.43
CA GLY B 777 -69.55 -40.04 -16.17
C GLY B 777 -70.53 -38.89 -16.12
N ALA B 778 -70.87 -38.56 -14.89
CA ALA B 778 -71.66 -37.41 -14.56
C ALA B 778 -71.15 -36.78 -13.25
N GLY B 779 -70.90 -35.48 -13.28
CA GLY B 779 -70.35 -34.75 -12.12
C GLY B 779 -68.85 -34.50 -12.29
N GLU B 780 -68.33 -33.44 -11.66
CA GLU B 780 -66.94 -33.07 -11.88
C GLU B 780 -66.01 -34.17 -11.38
N PRO B 781 -65.11 -34.70 -12.24
CA PRO B 781 -64.21 -35.82 -11.89
C PRO B 781 -63.48 -35.61 -10.56
N ARG B 782 -63.35 -36.68 -9.76
CA ARG B 782 -62.67 -36.61 -8.46
C ARG B 782 -61.21 -37.02 -8.56
N HIS B 783 -60.88 -37.91 -9.50
CA HIS B 783 -59.50 -38.41 -9.58
C HIS B 783 -58.60 -37.34 -10.23
N ILE B 784 -57.37 -37.21 -9.74
CA ILE B 784 -56.47 -36.19 -10.30
C ILE B 784 -56.29 -36.34 -11.83
N VAL B 785 -56.07 -37.56 -12.31
CA VAL B 785 -55.87 -37.77 -13.75
C VAL B 785 -57.08 -37.44 -14.63
N ASP B 786 -58.26 -37.87 -14.19
CA ASP B 786 -59.53 -37.62 -14.88
C ASP B 786 -59.77 -36.14 -14.93
N TYR B 787 -59.53 -35.47 -13.80
CA TYR B 787 -59.59 -33.98 -13.68
C TYR B 787 -58.66 -33.32 -14.68
N LEU B 788 -57.41 -33.76 -14.72
CA LEU B 788 -56.43 -33.21 -15.66
C LEU B 788 -56.80 -33.44 -17.10
N LYS B 789 -57.36 -34.60 -17.39
CA LYS B 789 -57.78 -34.95 -18.78
C LYS B 789 -59.12 -34.38 -19.18
N PHE B 790 -60.15 -34.69 -18.40
CA PHE B 790 -61.52 -34.30 -18.79
C PHE B 790 -61.87 -32.87 -18.47
N ALA B 791 -61.50 -32.41 -17.27
CA ALA B 791 -61.82 -31.06 -16.85
C ALA B 791 -60.91 -30.02 -17.44
N VAL B 792 -59.61 -30.30 -17.54
CA VAL B 792 -58.65 -29.28 -18.03
C VAL B 792 -58.24 -29.45 -19.50
N ALA B 793 -57.56 -30.54 -19.83
CA ALA B 793 -56.94 -30.72 -21.15
C ALA B 793 -57.97 -30.80 -22.31
N LYS B 794 -59.05 -31.55 -22.13
CA LYS B 794 -60.04 -31.70 -23.19
C LYS B 794 -60.65 -30.31 -23.49
N PRO B 795 -61.18 -29.64 -22.46
CA PRO B 795 -61.71 -28.32 -22.68
C PRO B 795 -60.69 -27.31 -23.20
N THR B 796 -59.50 -27.25 -22.59
CA THR B 796 -58.44 -26.33 -23.02
C THR B 796 -58.09 -26.58 -24.49
N ILE B 797 -58.02 -27.83 -24.92
CA ILE B 797 -57.71 -28.14 -26.32
C ILE B 797 -58.84 -27.82 -27.29
N ASP B 798 -60.05 -28.29 -27.01
CA ASP B 798 -61.19 -28.02 -27.89
C ASP B 798 -61.31 -26.52 -28.15
N ARG B 799 -60.96 -25.75 -27.12
CA ARG B 799 -61.13 -24.31 -27.12
C ARG B 799 -60.12 -23.63 -28.02
N GLU B 800 -58.87 -24.04 -27.93
CA GLU B 800 -57.75 -23.37 -28.61
C GLU B 800 -57.58 -23.87 -30.04
N LEU B 801 -58.09 -25.07 -30.34
CA LEU B 801 -58.10 -25.61 -31.72
C LEU B 801 -58.87 -24.67 -32.63
N GLU B 802 -59.90 -24.04 -32.07
CA GLU B 802 -60.82 -23.22 -32.84
C GLU B 802 -60.36 -21.80 -33.05
N GLU B 803 -59.72 -21.22 -32.04
CA GLU B 803 -59.50 -19.78 -31.93
C GLU B 803 -58.79 -19.17 -33.13
N LEU B 804 -58.01 -19.98 -33.83
CA LEU B 804 -57.52 -19.58 -35.14
C LEU B 804 -57.77 -20.64 -36.24
N HIS B 805 -58.85 -21.43 -36.09
CA HIS B 805 -59.33 -22.37 -37.11
C HIS B 805 -60.74 -22.01 -37.56
N LYS B 806 -60.86 -20.74 -37.96
CA LYS B 806 -62.16 -20.09 -38.09
C LYS B 806 -62.27 -19.07 -39.25
N VAL B 807 -61.36 -18.10 -39.46
CA VAL B 807 -60.02 -17.89 -38.84
C VAL B 807 -58.97 -18.69 -39.61
N MET B 808 -59.26 -18.99 -40.88
CA MET B 808 -58.46 -19.90 -41.71
C MET B 808 -58.11 -19.37 -43.13
N GLN B 809 -59.01 -19.01 -44.07
CA GLN B 809 -60.49 -18.82 -44.00
C GLN B 809 -60.88 -17.35 -43.71
N ALA B 810 -59.96 -16.60 -43.09
CA ALA B 810 -60.04 -15.13 -43.04
C ALA B 810 -58.92 -14.47 -43.88
N SER B 811 -58.38 -15.23 -44.84
CA SER B 811 -57.51 -14.71 -45.92
C SER B 811 -58.12 -14.70 -47.34
N ARG B 812 -59.28 -15.34 -47.50
CA ARG B 812 -60.10 -15.34 -48.71
C ARG B 812 -59.63 -14.31 -49.73
N ASP B 817 -59.09 -11.49 -48.28
CA ASP B 817 -58.23 -10.55 -48.99
C ASP B 817 -57.85 -9.37 -48.08
N ASP B 818 -57.47 -9.69 -46.85
CA ASP B 818 -56.73 -8.74 -46.01
C ASP B 818 -55.49 -8.24 -46.78
N ASP B 819 -55.10 -9.02 -47.79
CA ASP B 819 -54.03 -8.68 -48.75
C ASP B 819 -52.62 -8.82 -48.17
N ALA B 820 -52.18 -10.02 -47.79
CA ALA B 820 -52.96 -11.30 -47.61
C ALA B 820 -54.01 -11.72 -48.67
N ALA B 821 -54.54 -12.95 -48.63
CA ALA B 821 -54.20 -14.01 -47.68
C ALA B 821 -53.88 -15.21 -48.55
N ALA B 822 -54.56 -16.33 -48.32
CA ALA B 822 -54.22 -17.60 -48.93
C ALA B 822 -55.04 -17.99 -50.18
N HIS B 823 -54.32 -18.33 -51.24
CA HIS B 823 -54.88 -18.79 -52.51
C HIS B 823 -53.93 -19.76 -53.20
N SER B 824 -54.45 -20.87 -53.70
CA SER B 824 -53.62 -21.79 -54.48
C SER B 824 -53.06 -21.06 -55.70
N TRP B 825 -53.88 -20.21 -56.34
CA TRP B 825 -53.46 -19.42 -57.51
C TRP B 825 -52.33 -18.46 -57.22
N ASP B 826 -51.36 -18.44 -58.12
CA ASP B 826 -50.26 -17.50 -58.08
C ASP B 826 -49.80 -17.23 -59.50
N PRO B 827 -49.95 -15.99 -59.97
CA PRO B 827 -49.62 -15.68 -61.36
C PRO B 827 -48.17 -16.05 -61.77
N ASP B 828 -47.24 -16.01 -60.83
CA ASP B 828 -45.85 -16.34 -61.11
C ASP B 828 -45.72 -17.78 -61.57
N LEU B 829 -46.48 -18.68 -60.93
CA LEU B 829 -46.32 -20.13 -61.14
C LEU B 829 -46.77 -20.65 -62.50
N ALA B 830 -47.46 -19.82 -63.29
CA ALA B 830 -47.88 -20.22 -64.64
C ALA B 830 -47.16 -19.43 -65.73
N VAL B 831 -45.97 -18.90 -65.41
CA VAL B 831 -45.25 -18.02 -66.34
C VAL B 831 -44.62 -18.79 -67.51
N TYR B 832 -44.13 -20.00 -67.27
CA TYR B 832 -43.67 -20.89 -68.34
C TYR B 832 -44.80 -21.33 -69.26
N PHE B 833 -45.96 -21.62 -68.68
CA PHE B 833 -47.14 -22.07 -69.44
C PHE B 833 -47.58 -21.07 -70.50
N GLU B 834 -47.81 -19.81 -70.09
CA GLU B 834 -48.29 -18.75 -70.99
C GLU B 834 -47.24 -18.35 -72.03
N ASN B 835 -45.98 -18.31 -71.62
CA ASN B 835 -44.87 -17.94 -72.50
C ASN B 835 -44.74 -18.92 -73.68
N PHE B 836 -44.87 -20.21 -73.38
CA PHE B 836 -44.83 -21.27 -74.40
C PHE B 836 -46.13 -21.39 -75.20
N LYS B 837 -47.22 -20.82 -74.69
CA LYS B 837 -48.52 -20.88 -75.37
C LYS B 837 -48.62 -19.89 -76.53
N ALA B 838 -47.73 -18.90 -76.58
CA ALA B 838 -47.65 -17.97 -77.70
C ALA B 838 -46.47 -18.32 -78.61
N LEU B 839 -46.28 -19.63 -78.84
CA LEU B 839 -45.03 -20.15 -79.39
C LEU B 839 -45.05 -20.84 -80.76
N THR B 840 -45.85 -21.88 -81.05
CA THR B 840 -47.17 -22.25 -80.47
C THR B 840 -48.28 -21.21 -80.73
N ALA B 841 -48.09 -20.39 -81.76
CA ALA B 841 -49.13 -19.46 -82.22
C ALA B 841 -49.51 -19.48 -83.72
N GLU B 842 -48.61 -19.50 -84.73
CA GLU B 842 -47.13 -19.56 -84.69
C GLU B 842 -46.54 -20.96 -84.39
N SER B 843 -47.39 -21.98 -84.43
CA SER B 843 -47.06 -23.31 -83.89
C SER B 843 -46.54 -24.33 -84.92
N ARG B 844 -47.42 -24.77 -85.81
CA ARG B 844 -47.21 -25.91 -86.73
C ARG B 844 -47.49 -27.24 -86.02
N SER B 845 -46.51 -27.79 -85.31
CA SER B 845 -46.73 -29.04 -84.56
C SER B 845 -46.13 -28.95 -83.15
N LEU B 846 -46.42 -27.83 -82.47
CA LEU B 846 -45.79 -27.48 -81.19
C LEU B 846 -46.60 -27.02 -79.95
N ARG B 847 -47.94 -26.90 -79.92
CA ARG B 847 -48.94 -27.63 -80.72
C ARG B 847 -49.00 -29.12 -80.33
N ALA B 848 -48.37 -29.99 -81.11
CA ALA B 848 -48.27 -31.41 -80.76
C ALA B 848 -47.56 -31.60 -79.42
N VAL B 849 -46.55 -30.76 -79.17
CA VAL B 849 -45.76 -30.82 -77.93
C VAL B 849 -46.65 -30.54 -76.73
N LEU B 850 -47.15 -29.31 -76.64
CA LEU B 850 -48.01 -28.85 -75.53
C LEU B 850 -49.27 -29.70 -75.36
N GLU B 851 -49.98 -29.94 -76.45
CA GLU B 851 -51.29 -30.62 -76.39
C GLU B 851 -51.20 -32.03 -75.84
N ALA B 852 -50.12 -32.73 -76.18
CA ALA B 852 -49.92 -34.12 -75.76
C ALA B 852 -49.39 -34.19 -74.35
N LEU B 853 -48.64 -33.17 -73.94
CA LEU B 853 -48.25 -32.99 -72.54
C LEU B 853 -49.49 -32.78 -71.65
N GLN B 854 -50.36 -31.86 -72.06
CA GLN B 854 -51.61 -31.59 -71.34
C GLN B 854 -52.53 -32.81 -71.28
N ASN B 855 -52.63 -33.54 -72.40
CA ASN B 855 -53.41 -34.78 -72.43
C ASN B 855 -52.75 -35.83 -71.54
N ALA B 856 -51.42 -35.84 -71.53
CA ALA B 856 -50.67 -36.81 -70.73
C ALA B 856 -50.91 -36.58 -69.24
N LEU B 857 -50.65 -35.35 -68.81
CA LEU B 857 -50.90 -34.94 -67.42
C LEU B 857 -52.29 -35.36 -66.97
N GLY B 858 -53.30 -35.08 -67.79
CA GLY B 858 -54.66 -35.49 -67.49
C GLY B 858 -54.76 -36.94 -67.03
N ALA B 859 -54.19 -37.84 -67.83
CA ALA B 859 -54.25 -39.28 -67.56
C ALA B 859 -53.50 -39.67 -66.30
N VAL B 860 -52.49 -38.87 -65.96
CA VAL B 860 -51.71 -39.10 -64.74
C VAL B 860 -52.49 -38.65 -63.48
N GLU B 861 -53.22 -37.54 -63.59
CA GLU B 861 -54.04 -37.06 -62.46
C GLU B 861 -55.18 -38.05 -62.19
N HIS B 862 -55.58 -38.77 -63.24
CA HIS B 862 -56.47 -39.92 -63.07
C HIS B 862 -55.87 -40.99 -62.14
N GLU B 863 -54.56 -41.19 -62.29
CA GLU B 863 -53.80 -42.12 -61.46
C GLU B 863 -53.75 -41.71 -60.00
N TRP B 864 -53.54 -40.42 -59.76
CA TRP B 864 -53.46 -39.86 -58.41
C TRP B 864 -54.71 -40.17 -57.61
N LYS B 865 -55.86 -40.02 -58.26
CA LYS B 865 -57.16 -40.27 -57.63
C LYS B 865 -57.19 -41.56 -56.81
N VAL B 866 -57.03 -42.70 -57.49
CA VAL B 866 -57.12 -44.03 -56.87
C VAL B 866 -55.70 -44.59 -56.67
N LEU B 876 -49.31 -51.21 -52.26
CA LEU B 876 -50.44 -51.17 -51.33
C LEU B 876 -50.30 -50.12 -50.21
N THR B 877 -49.53 -49.06 -50.47
CA THR B 877 -49.28 -48.01 -49.50
C THR B 877 -49.35 -46.63 -50.18
N TYR B 878 -49.47 -45.58 -49.35
CA TYR B 878 -49.74 -44.23 -49.85
C TYR B 878 -48.58 -43.64 -50.63
N PRO B 879 -47.35 -43.64 -50.04
CA PRO B 879 -46.20 -43.17 -50.83
C PRO B 879 -45.98 -44.00 -52.08
N GLU B 880 -46.27 -45.31 -52.01
CA GLU B 880 -46.18 -46.19 -53.16
C GLU B 880 -47.09 -45.67 -54.27
N LYS B 881 -48.33 -45.33 -53.91
CA LYS B 881 -49.28 -44.76 -54.87
C LYS B 881 -48.73 -43.46 -55.44
N VAL B 882 -48.26 -42.61 -54.53
CA VAL B 882 -47.63 -41.34 -54.89
C VAL B 882 -46.42 -41.51 -55.84
N ARG B 883 -45.66 -42.59 -55.64
CA ARG B 883 -44.50 -42.90 -56.49
C ARG B 883 -44.94 -43.50 -57.81
N GLN B 884 -45.77 -44.55 -57.74
CA GLN B 884 -46.36 -45.15 -58.93
C GLN B 884 -46.76 -44.07 -59.93
N LEU B 885 -47.49 -43.07 -59.44
CA LEU B 885 -47.96 -41.93 -60.25
C LEU B 885 -46.84 -41.02 -60.77
N HIS B 886 -45.86 -40.79 -59.90
CA HIS B 886 -44.73 -39.90 -60.18
C HIS B 886 -43.92 -40.35 -61.39
N ALA B 887 -43.52 -41.63 -61.38
CA ALA B 887 -42.74 -42.21 -62.48
C ALA B 887 -43.45 -42.04 -63.81
N LYS B 888 -44.77 -42.21 -63.80
CA LYS B 888 -45.59 -41.91 -64.98
C LYS B 888 -45.63 -40.41 -65.24
N TRP B 889 -45.53 -39.60 -64.19
CA TRP B 889 -45.44 -38.16 -64.33
C TRP B 889 -44.10 -37.80 -64.96
N CYS B 890 -43.03 -38.35 -64.40
CA CYS B 890 -41.68 -38.10 -64.92
C CYS B 890 -41.47 -38.70 -66.33
N ALA B 891 -42.47 -39.43 -66.83
CA ALA B 891 -42.37 -40.11 -68.14
C ALA B 891 -42.87 -39.25 -69.31
N ILE B 892 -43.54 -38.15 -68.99
CA ILE B 892 -44.11 -37.27 -70.00
C ILE B 892 -42.97 -36.60 -70.77
N GLU B 893 -42.61 -37.19 -71.91
CA GLU B 893 -41.40 -36.83 -72.68
C GLU B 893 -41.69 -36.11 -74.00
N PRO B 894 -40.88 -35.09 -74.36
CA PRO B 894 -41.07 -34.36 -75.61
C PRO B 894 -40.51 -35.11 -76.81
N ALA B 907 -35.89 -32.28 -84.46
CA ALA B 907 -36.15 -30.88 -84.81
C ALA B 907 -37.53 -30.39 -84.33
N LYS B 908 -37.58 -29.69 -83.20
CA LYS B 908 -36.40 -29.29 -82.41
C LYS B 908 -36.76 -28.95 -80.96
N THR B 909 -38.05 -28.80 -80.62
CA THR B 909 -38.47 -28.22 -79.32
C THR B 909 -38.32 -29.23 -78.20
N ALA B 910 -38.29 -30.52 -78.54
CA ALA B 910 -37.94 -31.57 -77.60
C ALA B 910 -36.47 -31.49 -77.12
N ALA B 911 -35.65 -30.75 -77.88
CA ALA B 911 -34.22 -30.52 -77.59
C ALA B 911 -33.89 -29.18 -76.89
N LEU B 912 -34.58 -28.09 -77.25
CA LEU B 912 -34.48 -26.82 -76.50
C LEU B 912 -35.02 -26.99 -75.07
N LEU B 913 -36.19 -27.61 -74.92
CA LEU B 913 -36.75 -27.88 -73.59
C LEU B 913 -35.93 -28.89 -72.75
N GLU B 914 -35.17 -29.74 -73.46
CA GLU B 914 -34.23 -30.67 -72.81
C GLU B 914 -33.03 -29.91 -72.26
N GLN B 915 -32.45 -29.05 -73.12
CA GLN B 915 -31.14 -28.44 -72.87
C GLN B 915 -30.15 -29.55 -72.66
N PRO B 916 -29.82 -30.30 -73.72
CA PRO B 916 -29.06 -31.53 -73.84
C PRO B 916 -27.65 -31.47 -73.21
N PHE B 917 -27.24 -30.28 -72.80
CA PHE B 917 -26.00 -30.13 -72.06
C PHE B 917 -26.15 -30.49 -70.57
N LEU B 918 -27.40 -30.50 -70.09
CA LEU B 918 -27.72 -30.94 -68.74
C LEU B 918 -27.93 -32.44 -68.66
N ALA B 919 -27.44 -33.02 -67.58
CA ALA B 919 -27.11 -34.43 -67.51
C ALA B 919 -28.29 -35.44 -67.53
N ASP B 920 -29.29 -35.25 -66.68
CA ASP B 920 -30.38 -36.26 -66.48
C ASP B 920 -31.82 -35.72 -66.51
N ARG B 921 -32.78 -36.60 -66.80
CA ARG B 921 -34.15 -36.20 -67.19
C ARG B 921 -34.94 -35.25 -66.26
N GLY B 922 -34.89 -35.47 -64.95
CA GLY B 922 -35.83 -34.86 -63.97
C GLY B 922 -36.29 -33.44 -64.26
N THR B 926 -33.02 -31.05 -63.94
CA THR B 926 -32.81 -29.61 -63.94
C THR B 926 -33.12 -28.99 -65.33
N SER B 927 -33.95 -29.68 -66.11
CA SER B 927 -34.27 -29.27 -67.48
C SER B 927 -35.40 -28.24 -67.53
N TYR B 928 -35.48 -27.51 -68.64
CA TYR B 928 -36.48 -26.45 -68.79
C TYR B 928 -37.85 -27.05 -69.01
N TRP B 929 -37.91 -28.20 -69.69
CA TRP B 929 -39.15 -28.98 -69.89
C TRP B 929 -39.91 -29.16 -68.58
N ALA B 930 -39.24 -29.77 -67.61
CA ALA B 930 -39.81 -30.03 -66.29
C ALA B 930 -40.55 -28.82 -65.69
N LEU B 931 -39.99 -27.61 -65.82
CA LEU B 931 -40.68 -26.39 -65.40
C LEU B 931 -42.00 -26.29 -66.14
N LEU B 932 -41.89 -26.21 -67.47
CA LEU B 932 -43.02 -26.08 -68.38
C LEU B 932 -44.09 -27.14 -68.11
N ARG B 933 -43.65 -28.39 -67.97
CA ARG B 933 -44.50 -29.49 -67.51
C ARG B 933 -45.29 -29.03 -66.30
N ALA B 934 -44.57 -28.59 -65.28
CA ALA B 934 -45.19 -28.26 -64.01
C ALA B 934 -45.99 -26.94 -63.99
N SER B 935 -45.49 -25.90 -64.62
CA SER B 935 -46.23 -24.61 -64.68
C SER B 935 -47.56 -24.76 -65.44
N THR B 936 -47.54 -25.60 -66.47
CA THR B 936 -48.75 -25.96 -67.21
C THR B 936 -49.66 -26.79 -66.33
N ALA B 937 -49.10 -27.84 -65.74
CA ALA B 937 -49.85 -28.66 -64.80
C ALA B 937 -50.65 -27.76 -63.85
N PHE B 938 -49.95 -26.82 -63.22
CA PHE B 938 -50.55 -25.90 -62.25
C PHE B 938 -51.79 -25.18 -62.77
N LYS B 939 -51.67 -24.51 -63.92
CA LYS B 939 -52.80 -23.73 -64.43
C LYS B 939 -54.03 -24.62 -64.72
N ALA B 940 -53.80 -25.87 -65.09
CA ALA B 940 -54.88 -26.78 -65.47
C ALA B 940 -55.55 -27.46 -64.27
N TYR B 941 -54.79 -27.66 -63.19
CA TYR B 941 -55.28 -28.38 -62.00
C TYR B 941 -55.06 -27.63 -60.68
N TYR B 942 -54.90 -26.31 -60.72
CA TYR B 942 -54.88 -25.52 -59.48
C TYR B 942 -56.29 -25.29 -58.96
N LYS B 943 -57.28 -25.56 -59.84
CA LYS B 943 -58.70 -25.30 -59.58
C LYS B 943 -59.28 -25.95 -58.29
N THR B 944 -59.48 -27.27 -58.12
CA THR B 944 -59.32 -28.44 -59.03
C THR B 944 -58.51 -29.50 -58.26
N ASN B 945 -57.27 -29.79 -58.68
CA ASN B 945 -56.39 -30.67 -57.92
C ASN B 945 -55.11 -29.96 -57.49
N PRO B 946 -55.23 -29.00 -56.57
CA PRO B 946 -54.02 -28.34 -56.13
C PRO B 946 -53.02 -29.38 -55.65
N LYS B 947 -53.48 -30.28 -54.77
CA LYS B 947 -52.60 -31.29 -54.18
C LYS B 947 -51.85 -32.14 -55.21
N PHE B 948 -52.50 -32.46 -56.32
CA PHE B 948 -51.90 -33.37 -57.33
C PHE B 948 -50.64 -32.78 -57.95
N VAL B 949 -50.64 -31.48 -58.23
CA VAL B 949 -49.48 -30.84 -58.89
C VAL B 949 -48.34 -30.58 -57.90
N TRP B 950 -48.67 -30.30 -56.65
CA TRP B 950 -47.66 -30.15 -55.60
C TRP B 950 -46.91 -31.44 -55.27
N GLN B 951 -47.59 -32.58 -55.26
CA GLN B 951 -46.94 -33.85 -54.92
C GLN B 951 -46.05 -34.39 -56.04
N MET B 952 -46.37 -34.01 -57.28
CA MET B 952 -45.56 -34.40 -58.44
C MET B 952 -44.47 -33.39 -58.76
N ALA B 953 -44.80 -32.10 -58.73
CA ALA B 953 -43.87 -31.06 -59.20
C ALA B 953 -43.37 -30.06 -58.16
N GLY B 954 -44.11 -29.90 -57.07
CA GLY B 954 -43.66 -29.00 -55.99
C GLY B 954 -42.25 -28.39 -56.03
N ALA B 955 -41.22 -29.21 -56.26
CA ALA B 955 -39.84 -28.68 -56.37
C ALA B 955 -39.58 -27.88 -57.65
N GLN B 956 -40.39 -28.14 -58.67
CA GLN B 956 -40.32 -27.38 -59.92
C GLN B 956 -41.04 -26.03 -59.77
N LEU B 957 -42.15 -26.01 -59.04
CA LEU B 957 -42.82 -24.75 -58.66
C LEU B 957 -41.90 -23.90 -57.78
N ALA B 958 -41.03 -24.57 -57.04
CA ALA B 958 -40.05 -23.92 -56.19
C ALA B 958 -39.07 -23.11 -57.02
N PHE B 959 -38.51 -23.76 -58.04
CA PHE B 959 -37.61 -23.10 -58.98
C PHE B 959 -38.34 -21.86 -59.48
N ILE B 960 -39.51 -22.09 -60.07
CA ILE B 960 -40.32 -21.05 -60.70
C ILE B 960 -40.55 -19.91 -59.72
N LYS B 961 -41.19 -20.21 -58.59
CA LYS B 961 -41.48 -19.21 -57.58
C LYS B 961 -40.24 -18.46 -57.07
N ALA B 962 -39.08 -19.12 -57.12
CA ALA B 962 -37.81 -18.50 -56.74
C ALA B 962 -37.28 -17.53 -57.81
N GLN B 963 -37.35 -17.96 -59.07
CA GLN B 963 -36.93 -17.15 -60.23
C GLN B 963 -37.78 -15.88 -60.38
N MET B 964 -39.10 -16.05 -60.29
CA MET B 964 -40.05 -14.98 -60.60
C MET B 964 -40.19 -13.91 -59.52
N SER B 965 -40.22 -14.32 -58.25
CA SER B 965 -40.29 -13.36 -57.14
C SER B 965 -39.02 -12.51 -57.03
N SER B 966 -37.89 -13.08 -57.48
CA SER B 966 -36.69 -12.29 -57.84
C SER B 966 -36.87 -11.53 -59.15
N GLY B 973 -34.38 -9.11 -57.24
CA GLY B 973 -33.64 -9.41 -58.46
C GLY B 973 -32.14 -9.48 -58.22
N GLY B 974 -31.36 -9.82 -59.26
CA GLY B 974 -29.91 -9.82 -59.17
C GLY B 974 -29.41 -8.40 -58.89
N SER B 975 -28.47 -8.25 -57.94
CA SER B 975 -28.14 -6.93 -57.38
C SER B 975 -28.97 -6.60 -56.10
N ASP B 976 -30.02 -7.40 -55.88
CA ASP B 976 -30.74 -7.49 -54.60
C ASP B 976 -30.59 -8.92 -54.04
N GLY B 977 -29.36 -9.42 -53.98
CA GLY B 977 -29.08 -10.77 -53.53
C GLY B 977 -28.90 -11.75 -54.68
N MET B 978 -28.08 -12.77 -54.43
CA MET B 978 -27.86 -13.85 -55.36
C MET B 978 -28.60 -15.11 -54.87
N PRO B 979 -29.89 -15.30 -55.32
CA PRO B 979 -30.61 -16.56 -55.12
C PRO B 979 -30.11 -17.69 -55.99
N LEU B 980 -29.14 -18.45 -55.50
CA LEU B 980 -28.64 -19.65 -56.23
C LEU B 980 -29.08 -20.98 -55.63
N LEU B 981 -28.87 -21.99 -56.44
CA LEU B 981 -29.10 -23.38 -56.05
C LEU B 981 -27.99 -23.84 -55.10
N VAL B 982 -28.39 -24.33 -53.91
CA VAL B 982 -27.49 -25.08 -53.04
C VAL B 982 -27.64 -26.55 -53.33
N THR B 983 -26.61 -27.17 -53.89
CA THR B 983 -26.73 -28.54 -54.40
C THR B 983 -27.50 -29.41 -53.40
N PRO B 984 -28.23 -30.42 -53.92
CA PRO B 984 -29.17 -31.21 -53.12
C PRO B 984 -28.66 -31.59 -51.72
N LEU B 985 -27.39 -32.00 -51.65
CA LEU B 985 -26.80 -32.40 -50.39
C LEU B 985 -26.62 -31.16 -49.54
N MET B 986 -25.87 -30.19 -50.05
CA MET B 986 -25.57 -28.99 -49.26
C MET B 986 -26.85 -28.36 -48.68
N TYR B 987 -27.95 -28.45 -49.43
CA TYR B 987 -29.25 -27.89 -48.99
C TYR B 987 -29.80 -28.63 -47.77
N ALA B 988 -29.76 -29.96 -47.83
CA ALA B 988 -30.04 -30.80 -46.65
C ALA B 988 -29.03 -30.58 -45.53
N GLY B 989 -27.87 -30.06 -45.89
CA GLY B 989 -26.86 -29.68 -44.93
C GLY B 989 -27.07 -28.38 -44.18
N LEU B 990 -28.03 -27.56 -44.62
CA LEU B 990 -28.31 -26.24 -44.02
C LEU B 990 -29.57 -26.24 -43.18
N ALA B 991 -29.51 -25.61 -42.01
CA ALA B 991 -30.68 -25.44 -41.16
C ALA B 991 -30.76 -24.03 -40.52
N PRO B 992 -32.00 -23.53 -40.27
CA PRO B 992 -32.30 -22.13 -39.90
C PRO B 992 -31.58 -21.65 -38.60
N ASP B 993 -31.05 -20.43 -38.65
CA ASP B 993 -30.22 -19.84 -37.63
C ASP B 993 -31.11 -19.07 -36.66
N GLY B 994 -31.60 -19.78 -35.64
CA GLY B 994 -32.40 -19.19 -34.58
C GLY B 994 -31.89 -17.84 -34.11
N ARG B 995 -30.65 -17.78 -33.65
CA ARG B 995 -30.06 -16.52 -33.20
C ARG B 995 -30.31 -15.42 -34.24
N PHE B 996 -30.17 -15.76 -35.52
CA PHE B 996 -30.34 -14.76 -36.58
C PHE B 996 -31.79 -14.34 -36.72
N VAL B 997 -32.70 -15.30 -36.60
CA VAL B 997 -34.13 -15.00 -36.76
C VAL B 997 -34.63 -14.10 -35.62
N LYS B 998 -34.14 -14.38 -34.42
CA LYS B 998 -34.46 -13.59 -33.24
C LYS B 998 -33.76 -12.18 -33.31
N GLN B 999 -32.49 -12.15 -33.72
CA GLN B 999 -31.74 -10.89 -33.88
C GLN B 999 -32.08 -10.12 -35.14
N TYR B 1000 -32.61 -10.80 -36.16
CA TYR B 1000 -32.96 -10.10 -37.40
C TYR B 1000 -34.28 -9.40 -37.27
N LEU B 1001 -35.17 -9.97 -36.49
CA LEU B 1001 -36.47 -9.35 -36.32
C LEU B 1001 -36.30 -8.20 -35.32
N ALA B 1002 -35.41 -8.40 -34.36
CA ALA B 1002 -35.09 -7.35 -33.38
C ALA B 1002 -34.66 -6.03 -34.05
N ARG B 1003 -34.03 -6.13 -35.22
CA ARG B 1003 -33.63 -4.95 -36.00
C ARG B 1003 -34.78 -4.42 -36.89
N LEU B 1004 -35.62 -5.30 -37.44
CA LEU B 1004 -36.73 -4.85 -38.28
C LEU B 1004 -37.78 -4.13 -37.44
N GLU B 1005 -37.97 -4.57 -36.20
CA GLU B 1005 -38.92 -3.95 -35.24
C GLU B 1005 -38.28 -3.20 -34.06
N CYS B 1006 -37.54 -2.16 -34.41
CA CYS B 1006 -37.08 -1.19 -33.42
C CYS B 1006 -36.14 -1.80 -32.38
N GLN C 22 58.62 -17.69 65.68
CA GLN C 22 57.97 -18.78 66.49
C GLN C 22 57.70 -18.28 67.93
N SER C 23 56.43 -18.11 68.31
CA SER C 23 56.13 -17.43 69.58
C SER C 23 56.14 -18.34 70.84
N MET C 24 55.43 -19.47 70.84
CA MET C 24 54.37 -19.78 69.88
C MET C 24 53.07 -19.68 70.65
N GLU C 25 52.14 -18.91 70.12
CA GLU C 25 50.86 -18.75 70.79
C GLU C 25 49.53 -19.05 70.04
N VAL C 26 49.37 -18.99 68.71
CA VAL C 26 50.17 -18.41 67.61
C VAL C 26 51.65 -18.83 67.42
N TYR C 27 51.92 -20.05 66.92
CA TYR C 27 50.91 -21.08 66.62
C TYR C 27 50.52 -21.72 67.95
N ALA C 28 49.54 -22.62 67.97
CA ALA C 28 48.85 -23.21 66.82
C ALA C 28 47.80 -22.31 66.14
N ARG C 29 47.30 -21.33 66.90
CA ARG C 29 46.28 -20.38 66.42
C ARG C 29 46.66 -19.83 65.07
N LEU C 30 45.66 -19.42 64.29
CA LEU C 30 45.80 -19.20 62.85
C LEU C 30 45.68 -20.55 62.15
N GLN C 31 44.58 -21.25 62.40
CA GLN C 31 44.50 -22.70 62.15
C GLN C 31 44.42 -23.16 60.65
N ASN C 32 43.27 -23.36 59.98
CA ASN C 32 41.85 -23.19 60.39
C ASN C 32 41.41 -21.81 60.90
N ILE C 33 41.53 -20.82 60.02
CA ILE C 33 40.73 -19.59 60.05
C ILE C 33 39.66 -19.69 58.95
N TRP C 34 40.01 -20.32 57.84
CA TRP C 34 39.12 -20.41 56.67
C TRP C 34 38.18 -21.65 56.67
N PRO C 35 36.92 -21.48 56.22
CA PRO C 35 35.94 -22.58 56.23
C PRO C 35 36.25 -23.64 55.18
N LYS C 36 35.69 -24.84 55.36
CA LYS C 36 35.93 -26.00 54.46
C LYS C 36 35.15 -25.86 53.15
N PHE C 37 35.48 -26.75 52.22
CA PHE C 37 34.87 -26.77 50.91
C PHE C 37 34.22 -28.15 50.67
N PRO C 38 32.88 -28.21 50.76
CA PRO C 38 32.18 -29.50 50.68
C PRO C 38 32.03 -29.99 49.26
N ARG C 39 32.04 -31.31 49.09
CA ARG C 39 32.05 -31.93 47.77
C ARG C 39 30.84 -31.56 46.89
N TRP C 40 29.79 -30.98 47.47
CA TRP C 40 28.62 -30.56 46.69
C TRP C 40 28.85 -29.23 45.96
N LEU C 41 29.84 -28.45 46.42
CA LEU C 41 30.18 -27.15 45.82
C LEU C 41 31.38 -27.21 44.87
N HIS C 42 32.03 -28.37 44.79
CA HIS C 42 33.21 -28.56 43.94
C HIS C 42 32.93 -28.45 42.45
N ALA C 43 31.67 -28.62 42.06
CA ALA C 43 31.31 -28.60 40.64
C ALA C 43 31.72 -27.32 39.89
N ALA C 44 31.92 -26.22 40.63
CA ALA C 44 32.24 -24.91 40.04
C ALA C 44 30.94 -24.25 39.58
N PRO C 45 30.98 -22.94 39.27
CA PRO C 45 32.12 -22.00 39.28
C PRO C 45 32.41 -21.36 40.64
N LEU C 46 33.37 -20.43 40.67
CA LEU C 46 33.77 -19.72 41.89
C LEU C 46 32.68 -18.76 42.35
N ALA C 47 32.10 -18.03 41.39
CA ALA C 47 31.08 -17.00 41.65
C ALA C 47 30.03 -17.39 42.69
N LEU C 48 29.23 -18.42 42.37
CA LEU C 48 28.17 -18.85 43.29
C LEU C 48 28.77 -19.49 44.53
N ALA C 49 29.84 -20.27 44.34
CA ALA C 49 30.54 -20.90 45.45
C ALA C 49 30.91 -19.89 46.54
N TRP C 50 31.41 -18.72 46.12
CA TRP C 50 31.74 -17.64 47.03
C TRP C 50 30.50 -17.00 47.66
N GLU C 51 29.52 -16.66 46.83
CA GLU C 51 28.30 -16.01 47.29
C GLU C 51 27.45 -16.93 48.16
N LEU C 52 27.56 -18.23 47.93
CA LEU C 52 26.90 -19.23 48.79
C LEU C 52 27.60 -19.39 50.13
N THR C 53 28.93 -19.33 50.12
CA THR C 53 29.74 -19.32 51.35
C THR C 53 29.35 -18.11 52.20
N ARG C 54 29.09 -16.98 51.54
CA ARG C 54 28.61 -15.77 52.20
C ARG C 54 27.28 -15.96 52.87
N ILE C 55 26.33 -16.52 52.11
CA ILE C 55 24.99 -16.77 52.61
C ILE C 55 25.06 -17.63 53.87
N CYS C 56 25.87 -18.67 53.84
CA CYS C 56 25.99 -19.62 54.96
C CYS C 56 26.55 -19.01 56.26
N LEU C 57 27.53 -18.12 56.15
CA LEU C 57 28.12 -17.50 57.33
C LEU C 57 27.39 -16.21 57.72
N HIS C 58 26.67 -15.60 56.77
CA HIS C 58 25.68 -14.53 57.08
C HIS C 58 24.56 -15.15 57.90
N CYS C 59 24.04 -16.28 57.43
CA CYS C 59 22.97 -17.02 58.10
C CYS C 59 23.51 -17.95 59.21
N LYS C 60 24.82 -17.96 59.41
CA LYS C 60 25.44 -18.68 60.50
C LYS C 60 25.15 -20.20 60.45
N VAL C 61 25.16 -20.75 59.24
CA VAL C 61 24.96 -22.18 59.01
C VAL C 61 26.32 -22.86 58.77
N ASP C 62 26.51 -24.04 59.36
CA ASP C 62 27.76 -24.79 59.22
C ASP C 62 27.80 -25.55 57.89
N LEU C 63 28.87 -25.37 57.14
CA LEU C 63 29.01 -25.97 55.79
C LEU C 63 29.25 -27.49 55.79
N GLU C 64 29.49 -28.08 56.97
CA GLU C 64 29.69 -29.54 57.13
C GLU C 64 28.45 -30.39 57.66
N ASP C 65 27.24 -30.24 57.09
CA ASP C 65 26.05 -30.79 57.77
C ASP C 65 25.88 -32.30 57.55
N PRO C 66 25.53 -33.04 58.62
CA PRO C 66 25.34 -34.50 58.78
C PRO C 66 23.87 -34.97 58.80
N THR C 67 22.95 -34.21 58.21
CA THR C 67 21.53 -34.55 58.30
C THR C 67 21.19 -35.66 57.30
CA LEU C 68 22.90 -30.26 49.87
C LEU C 68 23.77 -31.25 49.02
N ARG C 69 23.87 -31.16 47.68
CA ARG C 69 22.98 -30.49 46.70
C ARG C 69 23.80 -30.18 45.46
N TYR C 70 23.13 -30.15 44.32
CA TYR C 70 23.61 -29.31 43.23
C TYR C 70 22.55 -28.99 42.20
N ASP C 71 22.34 -27.71 41.93
CA ASP C 71 21.43 -27.27 40.89
C ASP C 71 22.28 -26.69 39.76
N PRO C 72 22.19 -27.28 38.56
CA PRO C 72 22.85 -26.70 37.39
C PRO C 72 22.33 -25.32 36.95
N SER C 73 21.06 -25.02 37.22
CA SER C 73 20.44 -23.73 36.83
C SER C 73 21.16 -22.54 37.45
N TRP C 74 21.69 -22.74 38.66
CA TRP C 74 22.50 -21.75 39.35
C TRP C 74 23.58 -21.13 38.44
N ALA C 75 24.26 -21.97 37.67
CA ALA C 75 25.36 -21.55 36.79
C ALA C 75 24.95 -20.56 35.67
N THR C 76 23.68 -20.54 35.33
CA THR C 76 23.15 -19.61 34.31
C THR C 76 22.50 -18.34 34.90
N SER C 77 22.48 -18.22 36.23
CA SER C 77 21.99 -16.98 36.87
C SER C 77 22.94 -15.81 36.71
CA ASP C 78 20.48 -13.54 38.49
C ASP C 78 20.54 -14.38 39.78
N MET C 79 21.27 -13.84 40.76
CA MET C 79 21.43 -14.48 42.08
C MET C 79 20.13 -14.57 42.90
N ALA C 80 19.20 -13.63 42.68
CA ALA C 80 17.87 -13.68 43.33
C ALA C 80 17.18 -15.02 43.12
N ALA C 81 17.31 -15.57 41.91
CA ALA C 81 16.83 -16.93 41.60
C ALA C 81 17.50 -17.95 42.51
N LEU C 82 18.83 -17.91 42.54
CA LEU C 82 19.61 -18.81 43.40
C LEU C 82 19.33 -18.57 44.89
N TRP C 83 19.14 -17.31 45.25
CA TRP C 83 18.91 -16.91 46.63
C TRP C 83 17.50 -17.20 47.12
N ARG C 84 16.56 -17.39 46.19
CA ARG C 84 15.20 -17.82 46.58
C ARG C 84 15.04 -19.33 46.53
N SER C 85 16.11 -20.07 46.24
CA SER C 85 16.03 -21.52 46.09
C SER C 85 15.31 -22.21 47.28
N LEU C 86 15.84 -22.30 48.51
CA LEU C 86 17.25 -22.16 48.92
C LEU C 86 17.42 -22.59 50.39
N THR C 87 16.76 -22.00 51.40
CA THR C 87 15.87 -20.80 51.41
C THR C 87 14.71 -20.62 50.39
N GLN C 88 13.52 -21.24 50.59
CA GLN C 88 13.19 -22.48 51.35
C GLN C 88 13.99 -22.94 52.60
N LEU C 89 13.99 -24.24 52.91
CA LEU C 89 14.82 -24.85 53.97
C LEU C 89 14.59 -24.36 55.40
N ASP C 90 14.02 -23.17 55.55
CA ASP C 90 13.57 -22.63 56.85
C ASP C 90 14.69 -22.22 57.80
N VAL C 91 15.72 -23.05 57.92
CA VAL C 91 16.95 -22.67 58.64
C VAL C 91 17.67 -21.54 57.88
N PHE C 92 17.29 -21.35 56.61
CA PHE C 92 17.69 -20.18 55.83
C PHE C 92 16.60 -19.09 55.76
N ARG C 93 16.28 -18.38 56.87
CA ARG C 93 15.16 -17.42 56.87
C ARG C 93 15.19 -16.35 57.99
N GLY C 94 16.12 -15.39 57.93
CA GLY C 94 17.26 -15.39 57.02
C GLY C 94 17.00 -15.31 55.52
N LYS C 95 16.55 -14.17 55.00
CA LYS C 95 16.44 -12.89 55.71
C LYS C 95 15.77 -11.79 54.87
N SER C 96 16.09 -11.62 53.57
CA SER C 96 17.03 -12.44 52.78
C SER C 96 18.50 -12.03 52.90
N PHE C 97 18.98 -11.21 51.96
CA PHE C 97 20.36 -10.70 51.99
C PHE C 97 21.40 -11.84 52.02
N PRO C 98 22.70 -11.53 52.22
CA PRO C 98 23.48 -10.32 52.50
C PRO C 98 23.51 -9.29 51.37
N GLU C 99 24.18 -8.15 51.61
CA GLU C 99 24.16 -6.97 50.72
C GLU C 99 23.93 -7.26 49.24
N ARG C 100 24.45 -8.39 48.77
CA ARG C 100 24.19 -8.88 47.40
C ARG C 100 25.01 -8.12 46.36
N PRO C 101 25.57 -8.85 45.38
CA PRO C 101 26.29 -8.20 44.30
C PRO C 101 25.35 -7.60 43.27
N SER C 102 25.90 -6.78 42.40
CA SER C 102 25.11 -6.20 41.31
C SER C 102 24.81 -7.27 40.26
N ALA C 103 23.75 -7.05 39.48
CA ALA C 103 23.36 -7.99 38.41
C ALA C 103 24.48 -8.08 37.38
N GLU C 104 24.90 -6.92 36.87
CA GLU C 104 25.94 -6.85 35.83
C GLU C 104 27.29 -7.41 36.29
N ALA C 105 27.53 -7.35 37.60
CA ALA C 105 28.71 -7.99 38.21
C ALA C 105 28.55 -9.50 38.27
N PHE C 106 27.48 -9.95 38.92
CA PHE C 106 27.26 -11.36 39.16
C PHE C 106 27.13 -12.19 37.88
N ALA C 107 26.44 -11.66 36.87
CA ALA C 107 26.33 -12.31 35.58
C ALA C 107 27.72 -12.47 34.94
N ALA C 108 28.54 -11.42 35.06
CA ALA C 108 29.92 -11.47 34.58
C ALA C 108 30.78 -12.44 35.40
N ALA C 109 30.40 -12.66 36.66
CA ALA C 109 31.13 -13.56 37.55
C ALA C 109 31.01 -15.04 37.15
N LEU C 110 30.07 -15.37 36.26
CA LEU C 110 29.97 -16.73 35.69
C LEU C 110 30.26 -16.76 34.18
N THR C 111 29.54 -15.93 33.42
CA THR C 111 29.61 -15.97 31.95
C THR C 111 30.34 -14.78 31.28
N GLY C 112 30.81 -13.82 32.07
CA GLY C 112 31.48 -12.63 31.52
C GLY C 112 32.96 -12.44 31.89
N ASN C 113 33.66 -13.55 32.15
CA ASN C 113 35.11 -13.55 32.39
C ASN C 113 35.63 -12.69 33.57
N PHE C 114 34.72 -12.25 34.45
CA PHE C 114 35.09 -11.41 35.60
C PHE C 114 35.55 -10.01 35.20
N GLU C 115 35.28 -9.58 33.96
CA GLU C 115 35.71 -8.23 33.54
C GLU C 115 34.84 -7.56 32.50
N SER C 116 34.39 -6.35 32.84
CA SER C 116 33.60 -5.51 31.94
C SER C 116 34.49 -4.34 31.54
N ARG C 117 34.81 -4.30 30.24
CA ARG C 117 35.67 -3.28 29.69
C ARG C 117 37.01 -3.16 30.43
N GLY C 118 37.03 -2.38 31.51
CA GLY C 118 38.20 -2.21 32.37
C GLY C 118 37.97 -2.64 33.82
N ASN C 119 36.71 -2.79 34.20
CA ASN C 119 36.35 -3.06 35.59
C ASN C 119 36.30 -4.55 35.92
N THR C 120 37.21 -4.99 36.79
CA THR C 120 37.35 -6.39 37.17
C THR C 120 36.36 -6.70 38.26
N VAL C 121 36.01 -7.97 38.41
CA VAL C 121 35.21 -8.38 39.55
C VAL C 121 36.14 -8.77 40.69
N VAL C 122 35.88 -8.22 41.88
CA VAL C 122 36.78 -8.40 43.02
C VAL C 122 36.31 -9.53 43.90
N LEU C 123 37.27 -10.16 44.59
CA LEU C 123 37.01 -10.93 45.79
C LEU C 123 37.66 -10.14 46.96
N SER C 124 36.84 -9.64 47.87
CA SER C 124 37.34 -8.91 49.02
C SER C 124 36.74 -9.45 50.32
N ALA C 125 37.61 -9.80 51.26
CA ALA C 125 37.20 -10.24 52.62
C ALA C 125 37.72 -9.25 53.64
N SER C 126 37.20 -9.31 54.86
CA SER C 126 37.52 -8.33 55.92
C SER C 126 37.68 -9.03 57.29
N LEU C 127 38.84 -8.83 57.94
CA LEU C 127 39.12 -9.51 59.22
C LEU C 127 39.11 -8.59 60.44
N GLU C 128 38.34 -9.01 61.44
CA GLU C 128 38.30 -8.41 62.79
C GLU C 128 38.45 -9.55 63.81
N PHE C 129 38.78 -9.22 65.06
CA PHE C 129 39.02 -10.25 66.09
C PHE C 129 37.84 -11.17 66.43
N ASN C 130 38.16 -12.37 66.93
CA ASN C 130 37.12 -13.42 67.20
C ASN C 130 36.00 -13.06 68.22
N PRO C 131 34.74 -12.92 67.73
CA PRO C 131 33.67 -12.51 68.64
C PRO C 131 32.92 -13.72 69.20
CA SER C 132 43.34 -19.68 73.89
C SER C 132 43.43 -20.78 72.87
N LYS C 133 44.40 -21.68 73.03
CA LYS C 133 44.71 -22.64 71.98
C LYS C 133 43.75 -23.85 71.90
N THR C 134 43.32 -24.26 70.71
CA THR C 134 43.74 -23.69 69.45
C THR C 134 42.57 -23.02 68.74
N GLY C 135 42.04 -21.96 69.33
CA GLY C 135 40.94 -21.19 68.75
C GLY C 135 41.45 -20.37 67.59
N PRO C 136 40.53 -19.80 66.79
CA PRO C 136 40.94 -19.05 65.59
C PRO C 136 41.80 -17.82 65.86
N LEU C 137 41.25 -16.82 66.56
CA LEU C 137 41.84 -15.49 66.74
C LEU C 137 41.13 -14.49 65.81
N PHE C 138 40.94 -14.84 64.54
CA PHE C 138 40.27 -13.95 63.55
C PHE C 138 38.97 -14.54 63.01
N LEU C 139 37.97 -13.67 62.73
CA LEU C 139 36.77 -14.05 61.93
C LEU C 139 36.70 -13.36 60.55
N LEU C 140 36.46 -14.18 59.51
CA LEU C 140 36.50 -13.74 58.11
C LEU C 140 35.15 -13.49 57.43
N ASP C 141 34.90 -12.23 57.07
CA ASP C 141 33.60 -11.77 56.56
C ASP C 141 33.74 -11.25 55.13
N MET C 142 33.12 -11.99 54.20
CA MET C 142 33.24 -11.75 52.76
C MET C 142 32.26 -10.68 52.26
N LYS C 143 32.81 -9.58 51.77
CA LYS C 143 31.99 -8.60 51.08
C LYS C 143 31.55 -9.22 49.75
N PRO C 144 30.44 -8.74 49.16
CA PRO C 144 29.99 -9.33 47.90
C PRO C 144 30.85 -8.91 46.75
N LEU C 145 30.73 -9.66 45.65
CA LEU C 145 31.42 -9.35 44.41
C LEU C 145 31.11 -7.90 44.01
N ARG C 146 32.16 -7.11 43.84
CA ARG C 146 31.98 -5.71 43.52
C ARG C 146 32.79 -5.45 42.27
N PHE C 147 32.25 -4.63 41.36
CA PHE C 147 33.06 -4.14 40.26
C PHE C 147 33.99 -3.09 40.85
N ASP C 148 35.28 -3.29 40.69
CA ASP C 148 36.21 -2.22 40.91
C ASP C 148 37.00 -2.14 39.64
N GLU C 149 37.83 -1.12 39.52
CA GLU C 149 38.73 -1.07 38.41
C GLU C 149 39.77 -2.20 38.57
N GLY C 150 40.23 -2.70 37.44
CA GLY C 150 41.23 -3.77 37.43
C GLY C 150 42.62 -3.20 37.56
N CYS C 151 43.56 -4.06 37.92
CA CYS C 151 44.97 -3.71 37.92
C CYS C 151 45.68 -4.58 36.88
N ARG C 152 47.01 -4.57 36.87
CA ARG C 152 47.76 -5.27 35.83
C ARG C 152 47.96 -6.76 36.11
N LEU C 153 47.92 -7.16 37.37
CA LEU C 153 48.10 -8.57 37.70
C LEU C 153 46.80 -9.29 37.45
N THR C 154 45.69 -8.71 37.93
CA THR C 154 44.34 -9.26 37.71
C THR C 154 44.02 -9.36 36.22
N ARG C 155 44.38 -8.33 35.46
CA ARG C 155 44.20 -8.34 34.00
C ARG C 155 44.96 -9.45 33.27
N ARG C 156 46.05 -9.93 33.86
CA ARG C 156 46.94 -10.83 33.15
C ARG C 156 46.70 -12.26 33.55
N PHE C 157 46.52 -12.49 34.85
CA PHE C 157 46.43 -13.83 35.39
C PHE C 157 45.01 -14.18 35.78
N GLY C 158 44.07 -13.30 35.44
CA GLY C 158 42.66 -13.53 35.66
C GLY C 158 42.18 -12.98 37.00
N PRO C 159 41.18 -12.09 36.97
CA PRO C 159 40.76 -11.45 38.21
C PRO C 159 40.28 -12.40 39.30
N ASP C 160 39.85 -13.60 38.91
CA ASP C 160 39.43 -14.65 39.85
C ASP C 160 40.55 -15.16 40.79
N ARG C 161 41.80 -14.96 40.39
CA ARG C 161 42.95 -15.54 41.09
C ARG C 161 43.49 -14.69 42.24
N PHE C 162 42.84 -13.59 42.60
CA PHE C 162 43.39 -12.70 43.62
C PHE C 162 42.43 -12.43 44.74
N LEU C 163 42.97 -12.29 45.95
CA LEU C 163 42.18 -11.93 47.12
C LEU C 163 42.87 -10.81 47.92
N GLU C 164 42.10 -9.81 48.34
CA GLU C 164 42.62 -8.77 49.23
C GLU C 164 41.80 -8.75 50.53
N VAL C 165 42.47 -8.76 51.68
CA VAL C 165 41.79 -8.77 52.98
C VAL C 165 42.30 -7.64 53.85
N LEU C 166 41.42 -7.05 54.65
CA LEU C 166 41.86 -6.09 55.65
C LEU C 166 42.14 -6.83 56.95
N VAL C 167 43.40 -6.77 57.40
CA VAL C 167 43.85 -7.49 58.57
C VAL C 167 44.34 -6.53 59.67
N PRO C 168 43.88 -6.72 60.93
CA PRO C 168 44.34 -5.83 62.02
C PRO C 168 45.83 -5.92 62.22
N SER C 169 46.52 -4.78 62.31
CA SER C 169 47.97 -4.74 62.49
C SER C 169 48.26 -5.13 63.94
N PRO C 170 49.15 -6.11 64.15
CA PRO C 170 49.52 -6.53 65.50
C PRO C 170 50.56 -5.63 66.20
N THR C 171 50.91 -4.50 65.58
CA THR C 171 51.77 -3.46 66.19
C THR C 171 51.04 -2.11 66.37
N ALA C 172 49.78 -2.05 65.95
CA ALA C 172 48.95 -0.83 66.02
C ALA C 172 48.27 -0.62 67.39
N LEU C 173 49.05 -0.21 68.40
CA LEU C 173 48.64 -0.28 69.82
C LEU C 173 47.91 0.95 70.36
N ASN C 174 46.60 0.84 70.68
CA ASN C 174 45.73 -0.29 70.31
C ASN C 174 44.45 0.16 69.64
CA ALA C 175 40.49 -6.92 71.54
C ALA C 175 41.39 -7.80 72.43
N PRO C 176 41.45 -9.12 72.14
CA PRO C 176 42.25 -10.07 72.93
C PRO C 176 43.73 -9.70 73.10
N SER C 177 44.27 -9.96 74.30
CA SER C 177 45.66 -9.59 74.64
C SER C 177 46.67 -10.21 73.74
N ILE C 178 46.41 -11.45 73.32
CA ILE C 178 47.32 -12.16 72.44
C ILE C 178 47.80 -11.17 71.37
N LEU C 179 46.88 -10.33 70.89
CA LEU C 179 47.20 -9.20 70.03
C LEU C 179 47.87 -8.06 70.79
N LYS C 180 49.01 -7.62 70.25
CA LYS C 180 49.77 -6.46 70.76
C LYS C 180 50.34 -6.53 72.19
N ASP C 181 49.98 -7.56 72.96
CA ASP C 181 50.67 -7.87 74.23
C ASP C 181 51.98 -8.62 73.95
N GLY C 182 52.21 -9.00 72.69
CA GLY C 182 53.42 -9.69 72.30
C GLY C 182 53.55 -9.70 70.78
N GLY C 183 53.76 -8.52 70.23
CA GLY C 183 53.84 -8.32 68.78
C GLY C 183 54.97 -9.07 68.11
N ALA C 184 54.71 -9.73 66.98
CA ALA C 184 55.78 -10.33 66.14
C ALA C 184 56.63 -11.42 66.83
N ALA C 185 56.21 -12.69 66.85
CA ALA C 185 54.92 -13.18 66.32
C ALA C 185 54.59 -12.66 64.91
CA GLN C 186 54.17 -15.93 64.37
C GLN C 186 53.14 -15.41 63.39
N VAL C 187 52.41 -14.35 63.77
CA VAL C 187 51.34 -13.82 62.94
C VAL C 187 51.80 -13.52 61.53
N ILE C 188 52.86 -12.70 61.41
CA ILE C 188 53.42 -12.34 60.09
C ILE C 188 53.90 -13.59 59.37
N ARG C 189 54.61 -14.45 60.10
CA ARG C 189 55.08 -15.71 59.55
C ARG C 189 53.93 -16.60 59.07
N TRP C 190 52.75 -16.41 59.65
CA TRP C 190 51.55 -17.12 59.22
C TRP C 190 51.00 -16.58 57.91
N LEU C 191 51.11 -15.28 57.72
CA LEU C 191 50.61 -14.66 56.50
C LEU C 191 51.44 -15.08 55.29
N THR C 192 52.76 -15.16 55.47
CA THR C 192 53.71 -15.20 54.35
C THR C 192 54.19 -16.60 53.95
N GLU C 193 54.25 -17.51 54.91
CA GLU C 193 54.82 -18.84 54.70
C GLU C 193 54.02 -19.80 53.79
N LYS C 194 52.93 -20.39 54.30
CA LYS C 194 52.26 -21.52 53.62
C LYS C 194 51.00 -21.12 52.85
N PRO C 195 50.40 -22.08 52.11
CA PRO C 195 49.18 -21.81 51.33
C PRO C 195 47.94 -21.79 52.22
N HIS C 196 46.89 -21.04 51.86
CA HIS C 196 45.64 -21.05 52.60
C HIS C 196 44.41 -21.41 51.76
N SER C 197 43.74 -22.48 52.20
CA SER C 197 42.60 -23.05 51.48
C SER C 197 41.34 -22.23 51.67
N LEU C 198 40.77 -21.80 50.56
CA LEU C 198 39.47 -21.14 50.55
C LEU C 198 38.76 -21.49 49.24
N VAL C 199 37.44 -21.66 49.31
CA VAL C 199 36.61 -21.96 48.12
C VAL C 199 37.37 -22.79 47.06
N GLY C 200 38.06 -23.84 47.53
CA GLY C 200 38.84 -24.72 46.65
C GLY C 200 40.14 -24.18 46.07
N ARG C 201 40.65 -23.06 46.58
CA ARG C 201 41.90 -22.46 46.06
C ARG C 201 43.03 -22.22 47.08
N GLN C 202 44.26 -22.23 46.59
CA GLN C 202 45.46 -22.03 47.40
C GLN C 202 45.98 -20.58 47.38
N TRP C 203 45.56 -19.77 48.33
CA TRP C 203 45.95 -18.34 48.33
C TRP C 203 47.26 -18.14 49.10
N GLN C 204 48.26 -17.50 48.47
CA GLN C 204 49.60 -17.26 49.06
C GLN C 204 49.95 -15.77 48.97
N ALA C 205 50.39 -15.17 50.09
CA ALA C 205 50.52 -13.70 50.22
C ALA C 205 51.70 -13.13 49.44
N PHE C 206 51.52 -11.94 48.88
CA PHE C 206 52.63 -11.25 48.20
C PHE C 206 52.85 -9.77 48.53
N TYR C 207 51.81 -9.07 49.01
CA TYR C 207 51.96 -7.64 49.27
C TYR C 207 51.15 -7.18 50.48
N THR C 208 51.65 -6.12 51.14
CA THR C 208 51.01 -5.51 52.29
C THR C 208 51.10 -3.98 52.21
N LYS C 209 49.98 -3.33 52.54
CA LYS C 209 49.73 -1.89 52.32
C LYS C 209 49.01 -1.28 53.53
N ASP C 210 49.10 0.03 53.70
CA ASP C 210 48.33 0.73 54.75
C ASP C 210 46.82 0.74 54.44
N ALA C 211 46.00 0.80 55.50
CA ALA C 211 44.54 0.94 55.40
C ALA C 211 43.98 2.23 54.74
N GLY C 212 43.43 2.08 53.54
CA GLY C 212 42.95 3.20 52.77
C GLY C 212 41.67 3.76 53.32
N ALA C 226 35.43 1.32 69.20
CA ALA C 226 36.79 1.78 68.95
C ALA C 226 36.93 2.50 67.63
N LYS C 227 38.06 3.18 67.49
CA LYS C 227 38.59 3.48 66.17
C LYS C 227 38.92 2.11 65.62
N ALA C 228 38.58 1.87 64.37
CA ALA C 228 38.66 0.52 63.85
C ALA C 228 40.14 0.13 63.95
N THR C 229 40.52 -0.85 64.81
CA THR C 229 41.95 -1.09 65.12
C THR C 229 42.50 -1.02 63.71
N PHE C 230 43.54 -0.22 63.49
CA PHE C 230 43.95 0.13 62.13
C PHE C 230 44.51 -1.11 61.46
N LYS C 231 44.12 -1.28 60.20
CA LYS C 231 44.26 -2.55 59.52
C LYS C 231 45.34 -2.48 58.45
N GLU C 232 45.84 -3.65 58.04
CA GLU C 232 46.80 -3.79 56.94
C GLU C 232 46.07 -4.48 55.79
N ARG C 233 46.28 -4.03 54.57
CA ARG C 233 45.62 -4.66 53.45
C ARG C 233 46.59 -5.66 52.86
N VAL C 234 46.11 -6.88 52.68
CA VAL C 234 46.97 -7.99 52.30
C VAL C 234 46.44 -8.72 51.06
N HIS C 235 47.33 -8.86 50.09
CA HIS C 235 47.02 -9.35 48.77
C HIS C 235 47.53 -10.74 48.57
N PHE C 236 46.61 -11.70 48.38
CA PHE C 236 46.94 -13.10 48.21
C PHE C 236 46.69 -13.46 46.76
N PHE C 237 47.47 -14.41 46.23
CA PHE C 237 47.33 -14.89 44.86
C PHE C 237 47.06 -16.38 44.90
N ALA C 238 45.99 -16.83 44.24
CA ALA C 238 45.63 -18.26 44.20
C ALA C 238 46.64 -19.04 43.34
N GLU C 239 47.41 -19.91 43.97
CA GLU C 239 48.51 -20.61 43.28
C GLU C 239 48.04 -21.88 42.57
N ARG C 240 46.95 -22.47 43.05
CA ARG C 240 46.42 -23.71 42.48
C ARG C 240 44.93 -23.88 42.84
N GLY C 241 44.29 -24.99 42.47
CA GLY C 241 42.86 -25.09 42.71
C GLY C 241 42.09 -26.27 42.15
N HIS C 242 40.79 -26.35 42.47
CA HIS C 242 39.87 -27.34 41.90
C HIS C 242 39.36 -26.93 40.52
N ASP C 243 40.17 -27.23 39.50
CA ASP C 243 39.92 -26.93 38.07
C ASP C 243 41.24 -26.98 37.28
N PHE C 244 42.35 -27.28 37.96
CA PHE C 244 43.68 -26.86 37.51
C PHE C 244 44.55 -28.06 37.02
N ARG C 245 45.57 -27.81 36.18
CA ARG C 245 46.12 -28.85 35.28
C ARG C 245 47.57 -28.65 34.79
N PRO C 246 48.42 -29.71 34.79
CA PRO C 246 49.84 -29.64 34.36
C PRO C 246 50.05 -29.79 32.83
N ALA C 247 51.23 -29.50 32.26
CA ALA C 247 52.44 -28.88 32.88
C ALA C 247 53.42 -28.47 31.75
N PRO C 248 54.07 -27.29 31.89
CA PRO C 248 54.86 -26.47 30.95
C PRO C 248 55.43 -27.20 29.73
N LEU C 249 55.22 -26.72 28.50
CA LEU C 249 54.33 -25.57 28.20
C LEU C 249 52.95 -26.07 27.83
N THR C 251 39.22 -22.61 34.41
CA THR C 251 39.67 -22.40 33.04
C THR C 251 40.68 -23.46 32.54
N ARG C 252 41.89 -23.66 33.12
CA ARG C 252 42.69 -22.81 34.06
C ARG C 252 43.96 -23.57 34.51
N ALA C 253 45.16 -23.06 34.20
CA ALA C 253 46.43 -23.79 34.50
C ALA C 253 47.09 -23.41 35.85
N GLN C 254 47.97 -24.30 36.31
CA GLN C 254 48.66 -24.20 37.60
C GLN C 254 49.78 -23.17 37.53
N LEU C 255 50.00 -22.41 38.61
CA LEU C 255 51.03 -21.32 38.64
C LEU C 255 51.29 -20.67 40.04
N PRO C 256 52.57 -20.38 40.40
CA PRO C 256 53.00 -19.85 41.73
C PRO C 256 53.25 -18.33 41.85
N VAL C 269 53.18 -17.72 43.06
CA VAL C 269 53.62 -16.30 43.34
C VAL C 269 55.03 -15.95 42.79
N SER C 270 56.00 -16.85 42.98
CA SER C 270 57.37 -16.69 42.43
C SER C 270 57.42 -16.44 40.93
N GLU C 271 56.52 -17.07 40.18
CA GLU C 271 56.49 -16.88 38.72
C GLU C 271 55.72 -15.60 38.36
N MET C 272 54.73 -15.28 39.17
CA MET C 272 53.92 -14.11 38.91
C MET C 272 54.79 -12.86 38.94
N LEU C 273 55.44 -12.62 40.09
CA LEU C 273 56.33 -11.47 40.24
C LEU C 273 57.40 -11.51 39.18
N ASP C 274 57.93 -12.70 38.90
CA ASP C 274 58.96 -12.85 37.89
C ASP C 274 58.50 -12.34 36.51
N TRP C 275 57.21 -12.47 36.24
CA TRP C 275 56.60 -11.86 35.09
C TRP C 275 56.56 -10.33 35.23
N LEU C 276 55.95 -9.89 36.32
CA LEU C 276 55.71 -8.47 36.59
C LEU C 276 57.00 -7.68 36.66
N LEU C 277 57.86 -8.10 37.58
CA LEU C 277 59.08 -7.40 37.92
C LEU C 277 60.30 -7.75 37.03
N GLN C 278 60.35 -8.98 36.51
CA GLN C 278 61.46 -9.46 35.69
C GLN C 278 62.74 -9.51 36.54
N LEU C 279 62.91 -10.61 37.27
CA LEU C 279 63.80 -10.67 38.45
C LEU C 279 65.35 -10.85 38.28
N GLU C 280 65.80 -11.48 37.19
CA GLU C 280 67.25 -11.61 36.93
C GLU C 280 67.86 -10.25 36.63
N GLN C 281 67.14 -9.48 35.80
CA GLN C 281 67.57 -8.14 35.38
C GLN C 281 67.38 -7.08 36.48
N ASN C 282 66.93 -7.48 37.67
CA ASN C 282 66.72 -6.51 38.75
C ASN C 282 67.30 -6.90 40.11
N GLU C 283 68.29 -7.79 40.09
CA GLU C 283 68.91 -8.31 41.31
C GLU C 283 69.68 -7.24 42.06
N TYR C 284 70.10 -6.21 41.32
CA TYR C 284 70.79 -5.06 41.90
C TYR C 284 69.98 -4.24 42.89
N GLN C 285 68.65 -4.33 42.81
CA GLN C 285 67.79 -3.55 43.68
C GLN C 285 67.82 -4.05 45.08
N PRO C 286 67.75 -3.12 46.05
CA PRO C 286 67.36 -3.45 47.42
C PRO C 286 66.00 -4.15 47.44
N HIS C 287 65.87 -5.21 48.22
CA HIS C 287 64.69 -6.06 48.10
C HIS C 287 63.38 -5.37 48.54
N LEU C 288 63.48 -4.52 49.56
CA LEU C 288 62.33 -3.75 50.05
C LEU C 288 61.88 -2.76 48.98
N LYS C 289 62.85 -2.24 48.23
CA LYS C 289 62.55 -1.26 47.20
C LYS C 289 61.88 -1.97 46.03
N LEU C 290 62.35 -3.19 45.75
CA LEU C 290 61.76 -4.05 44.73
C LEU C 290 60.43 -4.57 45.17
N PHE C 291 60.31 -4.86 46.46
CA PHE C 291 59.03 -5.27 47.00
C PHE C 291 58.00 -4.17 46.80
N SER C 292 58.40 -2.92 47.06
CA SER C 292 57.49 -1.77 46.98
C SER C 292 56.97 -1.57 45.58
N ARG C 293 57.77 -2.01 44.61
CA ARG C 293 57.47 -1.85 43.20
C ARG C 293 56.28 -2.68 42.78
N ILE C 294 55.93 -3.67 43.61
CA ILE C 294 54.75 -4.50 43.41
C ILE C 294 53.52 -3.62 43.23
N GLN C 295 53.43 -2.56 44.03
CA GLN C 295 52.33 -1.62 43.98
C GLN C 295 51.98 -1.12 42.56
N LEU C 296 52.93 -1.18 41.62
CA LEU C 296 52.66 -0.81 40.22
C LEU C 296 51.77 -1.80 39.49
N GLY C 297 51.81 -3.06 39.90
CA GLY C 297 50.98 -4.09 39.28
C GLY C 297 49.68 -4.34 40.03
N LEU C 298 49.41 -3.50 41.01
CA LEU C 298 48.21 -3.61 41.82
C LEU C 298 47.38 -2.35 41.74
N SER C 299 48.04 -1.25 41.43
CA SER C 299 47.40 0.02 41.22
C SER C 299 46.19 -0.10 40.32
N LYS C 300 45.10 0.48 40.78
CA LYS C 300 43.81 0.44 40.11
C LYS C 300 43.72 1.48 38.97
N THR C 301 43.79 0.98 37.74
CA THR C 301 44.01 1.83 36.55
C THR C 301 43.12 1.45 35.38
N PHE C 302 42.79 2.42 34.53
CA PHE C 302 42.06 2.18 33.29
C PHE C 302 43.08 1.90 32.22
N PRO C 303 43.00 0.70 31.63
CA PRO C 303 43.76 0.35 30.46
C PRO C 303 43.28 1.17 29.28
N THR C 304 44.21 1.72 28.51
CA THR C 304 43.89 2.72 27.52
C THR C 304 44.38 2.39 26.11
N VAL C 305 45.69 2.37 25.90
CA VAL C 305 46.24 1.95 24.60
C VAL C 305 47.54 1.18 24.76
N THR C 306 47.70 0.21 23.86
CA THR C 306 48.96 -0.50 23.65
C THR C 306 49.81 0.11 22.52
N PHE C 307 51.04 0.48 22.86
CA PHE C 307 51.96 1.08 21.88
C PHE C 307 52.77 0.01 21.18
N GLU C 308 53.38 0.40 20.06
CA GLU C 308 54.36 -0.48 19.44
C GLU C 308 55.71 -0.13 20.02
N PRO C 309 56.60 -1.12 20.13
CA PRO C 309 57.99 -0.87 20.54
C PRO C 309 58.68 0.35 19.84
N ASN C 310 58.42 0.56 18.54
CA ASN C 310 59.06 1.68 17.79
C ASN C 310 58.55 3.02 18.28
N GLN C 311 57.29 3.02 18.69
CA GLN C 311 56.58 4.18 19.23
C GLN C 311 56.94 4.57 20.70
N ILE C 312 57.40 3.64 21.56
CA ILE C 312 57.81 4.00 22.92
C ILE C 312 59.26 4.48 22.84
N ARG C 313 59.54 5.70 23.33
CA ARG C 313 60.92 6.22 23.35
C ARG C 313 61.54 6.30 24.74
N HIS C 314 62.32 5.29 25.10
CA HIS C 314 63.02 5.27 26.37
C HIS C 314 64.23 6.21 26.45
N ARG C 315 64.01 7.40 27.01
CA ARG C 315 65.08 8.38 27.17
C ARG C 315 66.07 7.84 28.17
N THR C 316 67.34 8.12 27.93
CA THR C 316 68.45 7.62 28.72
C THR C 316 68.77 8.54 29.86
N ASP C 317 68.62 9.83 29.64
CA ASP C 317 68.90 10.81 30.70
C ASP C 317 67.66 11.65 30.99
N ASP C 318 67.55 12.10 32.22
CA ASP C 318 66.54 13.07 32.56
C ASP C 318 66.96 14.49 32.13
N ILE C 319 65.98 15.39 32.09
CA ILE C 319 66.26 16.82 31.92
C ILE C 319 66.99 17.22 33.18
N LEU C 320 68.13 17.87 33.00
CA LEU C 320 69.00 18.18 34.13
C LEU C 320 69.11 19.66 34.33
N SER C 321 69.59 20.05 35.49
CA SER C 321 69.68 21.47 35.82
C SER C 321 70.62 22.23 34.90
N PRO C 322 70.10 23.28 34.26
CA PRO C 322 70.93 24.05 33.32
C PRO C 322 72.30 24.52 33.87
N ALA C 323 72.42 24.60 35.21
CA ALA C 323 73.72 24.62 35.89
C ALA C 323 73.64 23.72 37.13
CA GLY C 324 72.94 18.05 37.48
C GLY C 324 71.72 17.57 38.25
N LYS C 325 70.88 18.52 38.61
CA LYS C 325 69.62 18.26 39.32
C LYS C 325 68.53 18.06 38.30
N ILE C 326 67.89 16.89 38.38
CA ILE C 326 66.87 16.50 37.43
C ILE C 326 65.66 17.41 37.56
N MET C 327 65.24 17.97 36.45
CA MET C 327 64.20 19.00 36.47
C MET C 327 62.83 18.45 36.06
N ASN C 328 62.76 17.18 35.69
CA ASN C 328 61.47 16.62 35.30
C ASN C 328 61.19 15.31 35.99
N ASP C 329 61.38 15.32 37.31
CA ASP C 329 61.24 14.13 38.13
C ASP C 329 59.85 13.50 37.91
N GLY C 330 59.82 12.52 37.02
CA GLY C 330 58.63 11.69 36.87
C GLY C 330 57.71 12.05 35.72
N ILE C 331 58.05 13.05 34.91
CA ILE C 331 57.23 13.46 33.74
C ILE C 331 57.89 13.29 32.41
N GLY C 332 57.08 13.06 31.39
CA GLY C 332 57.56 12.78 30.02
C GLY C 332 56.38 12.92 29.09
N ARG C 333 56.63 13.31 27.84
CA ARG C 333 55.56 13.74 26.96
C ARG C 333 54.87 12.56 26.33
N MET C 334 53.58 12.71 26.06
CA MET C 334 52.89 11.82 25.16
C MET C 334 52.58 12.60 23.91
N SER C 335 52.12 11.89 22.88
CA SER C 335 51.68 12.49 21.61
C SER C 335 50.28 13.03 21.76
N ARG C 336 49.95 13.99 20.88
CA ARG C 336 48.57 14.55 20.82
C ARG C 336 47.58 13.44 20.47
N SER C 337 47.99 12.48 19.64
CA SER C 337 47.10 11.39 19.23
C SER C 337 46.82 10.39 20.35
N VAL C 338 47.79 10.16 21.21
CA VAL C 338 47.59 9.25 22.35
C VAL C 338 46.65 9.96 23.30
N ALA C 339 46.77 11.28 23.41
CA ALA C 339 45.82 12.07 24.24
C ALA C 339 44.40 12.08 23.66
N ARG C 340 44.28 12.15 22.34
CA ARG C 340 42.99 12.01 21.68
C ARG C 340 42.45 10.62 21.96
N LYS C 341 43.33 9.63 21.83
CA LYS C 341 42.95 8.24 22.03
C LYS C 341 42.43 7.93 23.42
N ILE C 342 43.05 8.52 24.42
CA ILE C 342 42.64 8.37 25.81
C ILE C 342 41.23 8.96 26.03
N ARG C 343 40.99 10.19 25.54
CA ARG C 343 39.64 10.78 25.60
C ARG C 343 38.66 9.84 24.94
N ASP C 344 38.98 9.42 23.70
CA ASP C 344 38.13 8.48 22.95
C ASP C 344 37.76 7.30 23.85
N ALA C 345 38.77 6.70 24.49
CA ALA C 345 38.57 5.46 25.22
C ALA C 345 37.71 5.62 26.49
N LEU C 346 37.99 6.64 27.30
CA LEU C 346 37.38 6.83 28.62
C LEU C 346 36.08 7.67 28.60
N GLY C 347 35.84 8.38 27.52
CA GLY C 347 34.64 9.19 27.40
C GLY C 347 34.71 10.52 28.14
N LEU C 348 35.72 11.32 27.83
CA LEU C 348 35.82 12.68 28.37
C LEU C 348 35.40 13.68 27.32
N SER C 349 34.84 14.79 27.76
CA SER C 349 34.35 15.77 26.84
C SER C 349 35.44 16.63 26.25
N ASP C 350 36.70 16.21 26.42
CA ASP C 350 37.87 16.84 25.73
C ASP C 350 39.19 16.27 26.22
N ILE C 351 40.15 16.29 25.31
CA ILE C 351 41.39 15.56 25.47
C ILE C 351 42.11 16.16 26.66
N PRO C 352 42.42 15.34 27.69
CA PRO C 352 43.21 15.85 28.82
C PRO C 352 44.65 16.06 28.42
N SER C 353 45.21 17.12 28.97
CA SER C 353 46.49 17.62 28.54
C SER C 353 47.58 16.84 29.24
N ALA C 354 47.24 16.37 30.43
CA ALA C 354 48.12 15.57 31.23
C ALA C 354 47.36 14.51 31.98
N ILE C 355 48.10 13.46 32.24
CA ILE C 355 47.55 12.21 32.66
C ILE C 355 48.50 11.56 33.69
N GLN C 356 47.92 10.95 34.70
CA GLN C 356 48.68 10.18 35.68
C GLN C 356 48.40 8.69 35.53
N GLY C 357 49.42 7.87 35.63
CA GLY C 357 49.26 6.51 35.21
C GLY C 357 50.53 5.71 35.21
N ARG C 358 50.44 4.57 34.53
CA ARG C 358 51.49 3.56 34.51
C ARG C 358 51.76 3.01 33.08
N MET C 359 53.03 2.73 32.80
CA MET C 359 53.44 2.12 31.52
C MET C 359 54.52 1.09 31.77
N GLY C 360 54.12 -0.12 32.13
CA GLY C 360 55.10 -1.14 32.53
C GLY C 360 55.89 -0.81 33.80
N SER C 361 57.15 -0.48 33.63
CA SER C 361 58.02 -0.16 34.76
C SER C 361 57.99 1.32 35.02
N ALA C 362 57.46 2.05 34.04
CA ALA C 362 57.35 3.50 34.08
C ALA C 362 56.16 3.87 34.93
N LYS C 363 56.28 4.98 35.64
CA LYS C 363 55.20 5.49 36.45
C LYS C 363 55.38 6.98 36.66
N GLY C 364 54.27 7.70 36.63
CA GLY C 364 54.31 9.13 36.81
C GLY C 364 53.27 9.86 36.03
N MET C 365 53.70 10.92 35.35
CA MET C 365 52.85 11.77 34.52
C MET C 365 53.33 11.71 33.09
N TRP C 366 52.38 11.75 32.15
CA TRP C 366 52.65 12.04 30.75
C TRP C 366 51.78 13.19 30.33
N LEU C 367 52.40 14.24 29.80
CA LEU C 367 51.69 15.45 29.34
C LEU C 367 51.81 15.58 27.83
N MET C 368 50.92 16.37 27.26
CA MET C 368 50.82 16.47 25.82
C MET C 368 51.94 17.29 25.26
N ASP C 369 52.68 16.74 24.31
CA ASP C 369 53.63 17.54 23.57
C ASP C 369 52.80 18.52 22.74
N VAL C 370 53.02 19.82 22.96
CA VAL C 370 52.28 20.89 22.28
C VAL C 370 52.96 21.22 20.95
N ALA C 371 54.27 21.06 20.92
CA ALA C 371 54.99 21.40 19.73
C ALA C 371 54.57 20.46 18.62
N ASP C 372 54.02 19.30 18.99
CA ASP C 372 53.81 18.20 18.07
C ASP C 372 52.66 18.58 17.18
N ALA C 373 52.92 18.75 15.89
CA ALA C 373 51.92 19.15 14.88
C ALA C 373 51.42 17.93 14.08
N GLY C 374 52.19 16.84 14.08
CA GLY C 374 51.80 15.58 13.47
C GLY C 374 50.73 14.86 14.26
N ASP C 375 50.35 13.69 13.74
CA ASP C 375 49.40 12.81 14.45
C ASP C 375 49.75 11.30 14.43
N ASP C 376 51.02 10.99 14.71
CA ASP C 376 51.52 9.61 14.82
C ASP C 376 51.65 9.34 16.31
N ASP C 377 51.22 8.18 16.82
CA ASP C 377 51.28 7.87 18.29
C ASP C 377 52.70 7.53 18.75
N TRP C 378 53.10 8.12 19.86
CA TRP C 378 54.40 7.90 20.47
C TRP C 378 54.24 8.28 21.94
N ILE C 379 55.17 7.86 22.77
CA ILE C 379 55.21 8.26 24.19
C ILE C 379 56.66 8.12 24.59
N GLU C 380 57.14 9.01 25.44
CA GLU C 380 58.50 8.87 25.94
C GLU C 380 58.57 8.53 27.44
N THR C 381 59.71 7.98 27.84
CA THR C 381 59.92 7.68 29.25
C THR C 381 61.34 8.10 29.64
N TYR C 382 61.50 8.39 30.93
CA TYR C 382 62.76 8.86 31.50
C TYR C 382 63.24 7.97 32.67
N PRO C 383 64.55 7.96 32.96
CA PRO C 383 65.13 7.12 34.00
C PRO C 383 64.48 7.22 35.37
N SER C 384 64.22 8.44 35.85
CA SER C 384 63.55 8.64 37.16
C SER C 384 62.12 8.11 37.19
N GLN C 385 61.48 8.01 36.02
CA GLN C 385 60.13 7.46 35.93
C GLN C 385 60.24 5.97 36.15
N ARG C 386 61.17 5.37 35.40
CA ARG C 386 61.20 3.93 35.20
C ARG C 386 61.77 3.20 36.37
N LYS C 387 60.90 2.50 37.10
CA LYS C 387 61.17 1.98 38.42
C LYS C 387 62.02 0.72 38.48
N TRP C 388 61.91 -0.13 37.48
CA TRP C 388 62.77 -1.29 37.36
C TRP C 388 63.03 -1.54 35.90
N LYS C 389 64.03 -2.38 35.64
CA LYS C 389 64.41 -2.70 34.28
C LYS C 389 63.42 -3.64 33.64
N CYS C 390 62.57 -3.08 32.80
CA CYS C 390 61.56 -3.84 32.08
C CYS C 390 61.92 -3.83 30.62
N ASP C 391 61.91 -5.01 30.01
CA ASP C 391 62.17 -5.15 28.57
C ASP C 391 60.98 -4.72 27.71
N ASP C 392 59.86 -4.43 28.36
CA ASP C 392 58.61 -4.05 27.68
C ASP C 392 58.29 -5.05 26.59
N ALA C 393 58.33 -6.33 26.91
CA ALA C 393 58.14 -7.32 25.86
C ALA C 393 56.65 -7.48 25.58
N ASP C 394 55.93 -8.15 26.47
CA ASP C 394 54.54 -8.54 26.26
C ASP C 394 53.61 -7.32 26.17
N ALA C 395 52.35 -7.54 25.76
CA ALA C 395 51.45 -6.42 25.45
C ALA C 395 51.05 -5.60 26.67
N LEU C 396 50.87 -6.26 27.81
CA LEU C 396 50.51 -5.55 29.03
C LEU C 396 51.65 -4.72 29.63
N HIS C 397 52.88 -4.93 29.17
CA HIS C 397 53.97 -4.06 29.58
C HIS C 397 54.15 -2.93 28.56
N ARG C 398 53.28 -2.89 27.56
CA ARG C 398 53.37 -1.88 26.51
C ARG C 398 52.10 -1.00 26.46
N THR C 399 51.15 -1.28 27.35
CA THR C 399 49.84 -0.61 27.38
C THR C 399 49.75 0.50 28.45
N LEU C 400 49.32 1.69 28.02
CA LEU C 400 49.15 2.82 28.95
C LEU C 400 47.98 2.57 29.88
N GLU C 401 48.26 2.56 31.18
CA GLU C 401 47.26 2.35 32.23
C GLU C 401 47.15 3.67 32.98
N ILE C 402 45.97 4.28 33.03
CA ILE C 402 45.87 5.57 33.75
C ILE C 402 45.10 5.47 35.04
N ARG C 403 45.63 6.22 36.01
CA ARG C 403 45.09 6.38 37.33
C ARG C 403 44.10 7.53 37.33
N SER C 404 44.51 8.66 36.78
CA SER C 404 43.71 9.89 36.84
C SER C 404 44.08 10.88 35.74
N VAL C 405 43.10 11.70 35.34
CA VAL C 405 43.32 12.63 34.26
C VAL C 405 43.31 14.05 34.83
N SER C 406 43.87 14.97 34.04
CA SER C 406 43.65 16.39 34.27
C SER C 406 42.16 16.69 34.12
N THR C 407 41.45 16.96 35.22
CA THR C 407 40.01 17.35 35.15
C THR C 407 39.77 18.81 35.45
N GLU C 408 38.57 19.33 35.21
CA GLU C 408 38.40 20.77 35.23
C GLU C 408 38.43 21.30 36.64
N LEU C 409 39.22 22.35 36.82
CA LEU C 409 39.51 22.83 38.14
C LEU C 409 38.26 23.37 38.71
N LYS C 410 38.08 23.11 40.01
CA LYS C 410 37.15 23.85 40.82
C LYS C 410 37.81 24.38 42.10
N PRO C 411 37.04 25.25 42.79
CA PRO C 411 37.19 26.01 44.01
C PRO C 411 37.69 25.15 45.13
N ALA C 412 38.79 25.57 45.78
CA ALA C 412 39.50 24.73 46.73
C ALA C 412 39.46 25.27 48.14
N ALA C 413 40.06 26.44 48.32
CA ALA C 413 40.19 27.01 49.65
C ALA C 413 41.53 26.64 50.27
N LEU C 414 41.58 26.74 51.59
CA LEU C 414 42.83 26.80 52.31
C LEU C 414 42.77 25.88 53.51
N ASN C 415 43.58 24.84 53.55
CA ASN C 415 43.58 24.01 54.75
C ASN C 415 44.20 24.74 55.92
N LEU C 416 44.11 24.13 57.09
CA LEU C 416 44.62 24.76 58.28
C LEU C 416 46.08 24.42 58.51
N GLN C 417 46.53 23.33 57.88
CA GLN C 417 47.91 22.95 57.98
C GLN C 417 48.81 24.00 57.30
N PHE C 418 48.31 24.73 56.30
CA PHE C 418 49.12 25.79 55.68
C PHE C 418 49.11 27.07 56.48
N LEU C 419 48.14 27.23 57.37
CA LEU C 419 47.94 28.50 58.06
C LEU C 419 49.19 29.09 58.70
N PRO C 420 49.81 28.40 59.68
CA PRO C 420 50.91 28.96 60.45
C PRO C 420 52.13 29.32 59.60
N VAL C 421 52.33 28.58 58.53
CA VAL C 421 53.37 28.90 57.57
C VAL C 421 53.08 30.27 56.96
N LEU C 422 51.84 30.46 56.48
CA LEU C 422 51.48 31.71 55.84
C LEU C 422 51.69 32.87 56.80
N GLU C 423 51.14 32.75 58.01
CA GLU C 423 51.30 33.78 59.03
C GLU C 423 52.78 34.11 59.26
N ASP C 424 53.65 33.11 59.14
CA ASP C 424 55.09 33.30 59.34
C ASP C 424 55.71 34.14 58.22
N ARG C 425 55.25 33.90 57.00
CA ARG C 425 55.79 34.62 55.85
C ARG C 425 54.98 35.89 55.54
N ALA C 426 54.04 36.21 56.42
CA ALA C 426 53.27 37.44 56.27
C ALA C 426 54.11 38.70 56.51
N LYS C 427 54.01 39.66 55.60
CA LYS C 427 54.38 41.04 55.93
C LYS C 427 53.94 41.42 57.31
N ASP C 428 52.65 41.22 57.56
CA ASP C 428 52.02 41.66 58.80
C ASP C 428 51.09 40.56 59.23
N LYS C 429 51.34 40.05 60.41
CA LYS C 429 50.58 38.91 60.93
C LYS C 429 49.21 39.32 61.43
N ALA C 430 49.10 40.56 61.89
CA ALA C 430 47.82 41.10 62.34
C ALA C 430 46.87 41.30 61.16
N ARG C 431 47.35 41.90 60.07
CA ARG C 431 46.55 42.13 58.84
C ARG C 431 46.07 40.84 58.21
N MET C 432 46.98 39.88 58.25
CA MET C 432 46.83 38.61 57.57
C MET C 432 45.79 37.79 58.34
N ARG C 433 45.79 37.96 59.66
CA ARG C 433 44.81 37.35 60.56
C ARG C 433 43.40 37.79 60.24
N ARG C 434 43.21 39.11 60.16
CA ARG C 434 41.91 39.69 59.83
C ARG C 434 41.57 39.45 58.36
N ALA C 435 42.59 39.40 57.49
CA ALA C 435 42.40 39.11 56.06
C ALA C 435 41.76 37.75 55.85
N ILE C 436 42.34 36.74 56.51
CA ILE C 436 41.85 35.35 56.44
C ILE C 436 40.51 35.14 57.11
N ALA C 437 40.36 35.70 58.31
CA ALA C 437 39.11 35.61 59.06
C ALA C 437 37.94 36.23 58.29
N ALA C 438 38.22 37.31 57.59
CA ALA C 438 37.20 38.04 56.83
C ALA C 438 36.67 37.18 55.67
N ARG C 439 37.56 36.44 55.04
CA ARG C 439 37.19 35.62 53.89
C ARG C 439 36.32 34.43 54.30
N LEU C 440 36.56 33.93 55.51
CA LEU C 440 35.73 32.89 56.10
C LEU C 440 34.30 33.38 56.26
N MET C 441 34.14 34.47 57.00
CA MET C 441 32.83 35.04 57.28
C MET C 441 32.08 35.48 56.03
N ASN C 442 32.79 36.02 55.02
CA ASN C 442 32.11 36.52 53.80
C ASN C 442 31.57 35.38 52.92
N ASP C 443 32.42 34.40 52.62
CA ASP C 443 31.96 33.18 51.95
C ASP C 443 30.72 32.62 52.66
N LEU C 444 30.69 32.75 53.98
CA LEU C 444 29.67 32.15 54.84
C LEU C 444 28.35 32.94 54.79
N LYS C 445 28.45 34.26 54.89
CA LYS C 445 27.33 35.15 54.65
C LYS C 445 26.71 34.79 53.33
N LYS C 446 27.56 34.75 52.32
CA LYS C 446 27.06 34.60 50.98
C LYS C 446 26.31 33.31 50.76
N GLN C 447 26.63 32.22 51.50
CA GLN C 447 25.94 30.96 51.28
C GLN C 447 24.70 30.79 52.19
N PHE C 448 24.53 31.66 53.19
CA PHE C 448 23.27 31.71 53.98
C PHE C 448 22.24 32.65 53.32
N ASP C 449 22.67 33.88 53.03
CA ASP C 449 21.81 34.90 52.42
C ASP C 449 21.27 34.42 51.06
N SER C 450 22.12 33.74 50.29
CA SER C 450 21.68 33.10 49.01
C SER C 450 20.47 32.17 49.15
N GLN C 451 20.37 31.54 50.31
CA GLN C 451 19.38 30.51 50.58
C GLN C 451 18.05 31.04 51.15
N LYS C 452 18.08 32.13 51.89
CA LYS C 452 16.86 32.67 52.51
C LYS C 452 16.03 33.48 51.53
N ALA C 453 16.68 34.12 50.56
CA ALA C 453 15.96 34.77 49.44
C ALA C 453 15.40 33.72 48.46
N ALA C 454 16.21 32.72 48.12
CA ALA C 454 15.73 31.61 47.29
C ALA C 454 14.41 31.03 47.80
N VAL C 455 14.30 30.80 49.11
CA VAL C 455 13.10 30.14 49.70
C VAL C 455 11.72 30.70 49.27
N GLU C 456 11.70 31.97 48.89
CA GLU C 456 10.49 32.75 48.59
C GLU C 456 9.91 32.46 47.13
N ARG C 457 10.51 31.49 46.48
CA ARG C 457 9.94 30.99 45.21
C ARG C 457 10.37 29.55 45.00
N PRO C 458 9.40 28.61 45.00
CA PRO C 458 9.68 27.21 44.66
C PRO C 458 10.72 27.07 43.53
N LEU C 459 10.42 27.55 42.31
CA LEU C 459 11.41 27.59 41.22
C LEU C 459 12.81 27.94 41.69
N GLN C 460 13.01 29.08 42.38
CA GLN C 460 14.35 29.50 42.81
C GLN C 460 14.88 28.66 43.96
N PHE C 461 14.02 28.36 44.93
CA PHE C 461 14.44 27.50 46.02
C PHE C 461 14.86 26.12 45.55
N ARG C 462 14.18 25.64 44.51
CA ARG C 462 14.58 24.43 43.85
C ARG C 462 15.94 24.63 43.20
N GLN C 463 16.09 25.77 42.51
CA GLN C 463 17.31 26.06 41.78
C GLN C 463 18.52 26.02 42.72
N TRP C 464 18.35 26.55 43.93
CA TRP C 464 19.40 26.63 44.96
C TRP C 464 19.85 25.24 45.44
N VAL C 465 18.88 24.37 45.70
CA VAL C 465 19.14 23.00 46.17
C VAL C 465 19.89 22.19 45.11
N ASN C 466 19.64 22.47 43.84
CA ASN C 466 20.34 21.77 42.74
C ASN C 466 21.81 22.22 42.61
N GLU C 467 22.12 23.39 43.14
CA GLU C 467 23.43 23.99 43.13
C GLU C 467 24.20 23.69 44.45
N CYS C 468 23.61 22.83 45.30
CA CYS C 468 24.14 22.45 46.63
C CYS C 468 24.22 20.92 46.93
N THR C 469 23.46 20.09 46.20
CA THR C 469 23.62 18.63 46.21
C THR C 469 24.13 18.17 44.85
N ASN C 470 25.24 17.44 44.84
CA ASN C 470 25.67 16.68 43.66
C ASN C 470 25.31 15.20 43.85
N SER C 471 24.03 14.89 43.68
CA SER C 471 23.53 13.51 43.80
C SER C 471 23.63 12.75 42.46
N ARG C 472 24.17 13.44 41.47
CA ARG C 472 24.37 12.89 40.13
C ARG C 472 25.03 11.51 40.17
N SER C 473 26.17 11.40 40.84
CA SER C 473 26.93 10.14 40.90
C SER C 473 26.27 9.09 41.80
N GLU C 474 25.22 9.50 42.51
CA GLU C 474 24.36 8.57 43.24
C GLU C 474 23.19 8.13 42.36
N ARG C 475 22.75 9.00 41.45
CA ARG C 475 21.63 8.73 40.55
C ARG C 475 22.01 7.69 39.50
N VAL C 476 23.11 7.97 38.79
CA VAL C 476 23.71 7.01 37.84
C VAL C 476 23.76 5.64 38.49
N ARG C 477 24.22 5.62 39.74
CA ARG C 477 24.42 4.39 40.49
C ARG C 477 23.16 3.53 40.40
N HIS C 478 22.04 4.09 40.84
CA HIS C 478 20.78 3.34 40.91
C HIS C 478 19.87 3.53 39.71
N GLY C 479 20.40 4.17 38.66
CA GLY C 479 19.68 4.34 37.40
C GLY C 479 18.55 5.37 37.44
N GLN C 480 18.35 6.01 38.57
CA GLN C 480 17.24 6.94 38.76
C GLN C 480 17.50 7.73 40.04
N VAL C 481 16.48 8.36 40.62
CA VAL C 481 16.58 8.92 41.96
C VAL C 481 16.48 7.82 43.04
N PRO C 482 17.61 7.37 43.61
CA PRO C 482 17.49 6.28 44.59
C PRO C 482 16.60 6.68 45.75
N PHE C 483 15.70 5.78 46.13
CA PHE C 483 14.70 6.06 47.13
C PHE C 483 15.09 5.29 48.41
N LEU C 484 14.72 5.87 49.54
CA LEU C 484 14.77 5.21 50.85
C LEU C 484 13.35 5.22 51.45
N GLY C 485 12.65 4.09 51.32
CA GLY C 485 11.21 4.02 51.63
C GLY C 485 10.46 5.00 50.74
N GLY C 486 9.61 5.83 51.35
CA GLY C 486 8.80 6.81 50.62
C GLY C 486 9.47 8.09 50.12
N LEU C 487 10.76 8.28 50.42
CA LEU C 487 11.49 9.47 49.99
C LEU C 487 12.93 9.19 49.62
N PRO C 488 13.51 10.03 48.72
CA PRO C 488 14.89 9.94 48.26
C PRO C 488 15.89 9.80 49.36
N GLU C 489 17.03 9.20 49.04
CA GLU C 489 18.06 8.93 50.02
C GLU C 489 18.68 10.27 50.44
N ASN C 490 19.26 10.98 49.48
CA ASN C 490 19.95 12.23 49.74
C ASN C 490 18.94 13.31 50.05
N LYS C 491 19.19 14.04 51.14
CA LYS C 491 18.25 15.07 51.63
C LYS C 491 17.91 16.13 50.59
N GLY C 492 18.91 16.61 49.86
CA GLY C 492 18.71 17.67 48.87
C GLY C 492 17.92 17.20 47.67
N GLU C 493 17.94 15.90 47.46
CA GLU C 493 17.11 15.30 46.46
C GLU C 493 15.67 15.27 46.93
N VAL C 494 15.49 14.98 48.22
CA VAL C 494 14.18 14.96 48.89
C VAL C 494 13.45 16.28 48.67
N LEU C 495 14.20 17.36 48.78
CA LEU C 495 13.63 18.68 48.65
C LEU C 495 13.12 18.94 47.25
N SER C 496 13.94 18.65 46.24
CA SER C 496 13.61 18.98 44.86
C SER C 496 12.34 18.25 44.40
N PHE C 497 12.17 17.01 44.87
CA PHE C 497 10.99 16.20 44.58
C PHE C 497 9.72 16.73 45.25
N LEU C 498 9.83 17.16 46.51
CA LEU C 498 8.68 17.70 47.21
C LEU C 498 8.35 19.08 46.68
N LEU C 499 9.36 19.79 46.17
CA LEU C 499 9.14 21.10 45.58
C LEU C 499 8.63 21.02 44.16
N ASN C 500 9.12 20.04 43.41
CA ASN C 500 8.60 19.69 42.09
C ASN C 500 7.11 19.37 42.19
N SER C 501 6.74 18.65 43.24
CA SER C 501 5.37 18.24 43.46
C SER C 501 4.49 19.39 43.98
N GLY C 502 5.10 20.53 44.26
CA GLY C 502 4.36 21.77 44.52
C GLY C 502 4.37 22.28 45.95
N PHE C 503 5.21 21.67 46.80
CA PHE C 503 5.45 22.16 48.15
C PHE C 503 6.31 23.43 48.14
N ASP C 504 6.40 24.07 49.31
CA ASP C 504 7.10 25.34 49.45
C ASP C 504 7.98 25.35 50.69
CA ARG C 505 8.59 28.11 53.17
C ARG C 505 7.29 27.82 53.92
N ARG C 506 6.42 26.97 53.36
CA ARG C 506 5.09 26.70 53.96
C ARG C 506 5.00 25.36 54.73
N GLN C 507 5.81 24.39 54.31
CA GLN C 507 5.80 23.05 54.88
C GLN C 507 6.97 22.95 55.85
N LYS C 508 6.63 22.74 57.13
CA LYS C 508 7.63 22.79 58.18
C LYS C 508 8.78 21.82 57.92
N TYR C 509 8.46 20.60 57.46
CA TYR C 509 9.45 19.57 57.09
C TYR C 509 10.41 20.13 56.02
N ILE C 510 9.89 20.85 55.04
CA ILE C 510 10.67 21.39 53.94
C ILE C 510 11.70 22.43 54.44
N GLN C 511 11.20 23.33 55.25
CA GLN C 511 12.02 24.27 55.96
C GLN C 511 13.11 23.54 56.74
N ASP C 512 12.69 22.50 57.47
CA ASP C 512 13.54 21.77 58.40
C ASP C 512 14.77 21.20 57.73
N LEU C 513 14.56 20.60 56.56
CA LEU C 513 15.62 19.95 55.82
C LEU C 513 16.56 21.01 55.25
N ALA C 514 15.99 22.14 54.83
CA ALA C 514 16.76 23.24 54.27
C ALA C 514 17.79 23.71 55.26
N PHE C 515 17.37 23.74 56.51
CA PHE C 515 18.21 24.19 57.60
C PHE C 515 19.28 23.14 57.92
N ASP C 516 18.89 21.88 57.95
CA ASP C 516 19.83 20.79 58.28
C ASP C 516 20.98 20.69 57.27
N LEU C 517 20.63 20.78 55.97
CA LEU C 517 21.61 20.66 54.90
C LEU C 517 22.78 21.57 55.11
N GLN C 518 22.47 22.88 55.20
CA GLN C 518 23.48 23.91 55.38
C GLN C 518 24.27 23.69 56.68
N LYS C 519 23.56 23.27 57.72
CA LYS C 519 24.15 23.06 59.02
C LYS C 519 25.20 21.97 58.99
N GLN C 520 24.92 20.85 58.32
CA GLN C 520 25.88 19.72 58.25
C GLN C 520 27.19 20.13 57.57
N ARG C 521 27.08 20.99 56.55
CA ARG C 521 28.25 21.51 55.84
C ARG C 521 28.99 22.54 56.69
N CYS C 522 28.26 23.19 57.59
CA CYS C 522 28.87 24.06 58.60
C CYS C 522 29.68 23.23 59.59
N GLU C 523 29.13 22.12 60.05
CA GLU C 523 29.83 21.23 60.99
C GLU C 523 31.21 20.91 60.43
N VAL C 524 31.26 20.41 59.20
CA VAL C 524 32.55 20.11 58.55
C VAL C 524 33.53 21.30 58.69
N LEU C 525 33.02 22.51 58.49
CA LEU C 525 33.83 23.73 58.48
C LEU C 525 34.27 24.15 59.87
N ARG C 526 33.42 23.92 60.88
CA ARG C 526 33.71 24.41 62.24
C ARG C 526 34.81 23.58 62.86
N THR C 527 34.84 22.30 62.55
CA THR C 527 35.91 21.41 62.98
C THR C 527 37.15 21.66 62.14
N LYS C 528 37.17 21.05 60.96
CA LYS C 528 38.38 20.92 60.14
C LYS C 528 38.88 22.19 59.41
N LEU C 529 38.21 23.31 59.64
CA LEU C 529 38.60 24.61 59.07
C LEU C 529 39.07 24.55 57.62
N ASN C 530 38.23 23.95 56.79
CA ASN C 530 38.41 24.01 55.35
C ASN C 530 37.86 25.36 54.88
N ILE C 531 38.69 26.40 55.05
CA ILE C 531 38.36 27.83 54.83
C ILE C 531 38.38 28.22 53.35
N HIS C 532 37.21 28.35 52.74
CA HIS C 532 37.11 28.56 51.29
C HIS C 532 37.81 29.83 50.76
N VAL C 533 38.42 29.71 49.60
CA VAL C 533 39.18 30.81 48.99
C VAL C 533 38.74 30.77 47.54
N GLY C 534 37.88 31.72 47.16
CA GLY C 534 37.35 31.76 45.83
C GLY C 534 38.43 31.77 44.77
N ARG C 535 39.60 32.31 45.12
CA ARG C 535 40.71 32.43 44.18
C ARG C 535 41.87 31.49 44.49
N SER C 536 41.55 30.21 44.41
CA SER C 536 42.53 29.13 44.60
C SER C 536 41.99 27.80 44.07
N ALA C 537 42.88 27.02 43.47
CA ALA C 537 42.52 25.74 42.90
C ALA C 537 43.58 24.70 43.21
N TYR C 538 43.22 23.43 43.18
CA TYR C 538 44.23 22.38 43.22
C TYR C 538 44.53 21.96 41.78
N MET C 539 45.81 22.06 41.40
CA MET C 539 46.24 21.71 40.06
C MET C 539 47.36 20.68 40.04
N PHE C 540 47.42 19.92 38.97
CA PHE C 540 48.57 19.08 38.68
C PHE C 540 49.79 19.92 38.30
N MET C 541 50.92 19.58 38.93
CA MET C 541 52.23 20.14 38.55
C MET C 541 52.79 19.39 37.37
N VAL C 542 53.05 20.14 36.31
CA VAL C 542 53.68 19.65 35.11
C VAL C 542 54.89 20.54 34.91
N VAL C 543 55.89 20.05 34.17
CA VAL C 543 57.10 20.80 33.87
C VAL C 543 57.00 21.35 32.45
N ASP C 544 57.89 22.26 32.08
CA ASP C 544 57.83 22.90 30.76
C ASP C 544 58.94 22.36 29.84
N PHE C 545 58.62 21.41 28.98
CA PHE C 545 59.65 20.75 28.17
C PHE C 545 60.21 21.60 27.01
N TRP C 546 59.57 22.73 26.74
CA TRP C 546 59.80 23.50 25.52
C TRP C 546 60.61 24.78 25.80
N GLY C 547 61.11 24.91 27.04
CA GLY C 547 61.94 26.05 27.41
C GLY C 547 61.34 27.42 27.12
N VAL C 548 60.10 27.64 27.58
CA VAL C 548 59.41 28.94 27.39
C VAL C 548 59.26 29.76 28.68
N LEU C 549 59.39 29.12 29.84
CA LEU C 549 59.25 29.85 31.10
C LEU C 549 60.64 30.06 31.63
N GLU C 550 60.80 31.09 32.44
CA GLU C 550 62.07 31.39 33.10
C GLU C 550 61.98 30.96 34.60
N GLU C 551 63.05 31.15 35.36
CA GLU C 551 63.13 30.53 36.70
C GLU C 551 61.90 30.74 37.62
N ASN C 552 61.42 31.99 37.74
CA ASN C 552 60.33 32.31 38.69
C ASN C 552 58.98 32.55 38.01
N GLU C 553 58.78 31.90 36.86
CA GLU C 553 57.57 32.01 36.06
C GLU C 553 56.73 30.71 35.92
N VAL C 554 55.41 30.78 36.17
CA VAL C 554 54.53 29.60 35.94
C VAL C 554 53.37 29.96 35.02
N HIS C 555 52.78 28.94 34.41
CA HIS C 555 51.73 29.10 33.38
C HIS C 555 50.49 28.31 33.74
N VAL C 556 49.40 29.02 33.96
CA VAL C 556 48.14 28.44 34.38
C VAL C 556 47.07 28.88 33.43
N GLY C 557 46.52 27.93 32.69
CA GLY C 557 45.36 28.22 31.85
C GLY C 557 44.26 27.24 32.16
N PHE C 558 43.03 27.73 32.08
CA PHE C 558 41.85 26.92 32.35
C PHE C 558 41.28 26.36 31.04
N SER C 559 40.58 25.25 31.12
CA SER C 559 39.92 24.68 29.95
C SER C 559 38.65 25.48 29.62
N SER C 560 38.25 26.32 30.57
CA SER C 560 37.08 27.18 30.44
C SER C 560 36.98 28.18 31.64
N LYS C 561 36.15 29.21 31.41
CA LYS C 561 35.75 30.23 32.38
C LYS C 561 35.79 29.91 33.89
N PHE C 562 36.83 30.39 34.59
CA PHE C 562 36.95 30.18 36.04
C PHE C 562 36.32 31.29 36.81
N ARG C 563 35.26 30.96 37.51
CA ARG C 563 34.31 31.93 37.99
C ARG C 563 34.61 32.37 39.41
N ASP C 564 34.66 33.67 39.66
CA ASP C 564 34.90 34.22 40.99
C ASP C 564 33.84 35.29 41.42
N ASP C 565 32.90 34.82 42.26
CA ASP C 565 31.78 35.57 42.88
C ASP C 565 31.31 36.89 42.19
N ASP C 568 33.01 38.64 41.86
CA ASP C 568 32.53 39.49 40.76
C ASP C 568 32.99 39.13 39.31
N THR C 569 34.12 38.46 39.14
CA THR C 569 34.83 38.33 37.85
C THR C 569 34.90 36.92 37.28
N THR C 570 35.64 36.77 36.18
CA THR C 570 35.87 35.46 35.59
C THR C 570 37.10 35.40 34.67
N TYR C 571 37.84 34.29 34.68
CA TYR C 571 39.15 34.20 34.01
C TYR C 571 39.26 32.94 33.15
N MET C 572 40.15 32.98 32.17
CA MET C 572 40.49 31.80 31.38
C MET C 572 41.98 31.55 31.38
N LEU C 573 42.72 32.41 32.08
CA LEU C 573 44.08 32.10 32.49
C LEU C 573 44.56 33.08 33.52
N LEU C 574 45.81 32.91 33.91
CA LEU C 574 46.47 33.81 34.82
C LEU C 574 47.75 34.33 34.17
N THR C 575 47.84 35.64 34.06
CA THR C 575 49.02 36.24 33.57
C THR C 575 49.21 37.55 34.26
N ASP C 576 50.40 38.10 34.11
CA ASP C 576 50.82 39.31 34.79
C ASP C 576 50.16 39.50 36.19
N CYS C 577 50.37 38.51 37.05
CA CYS C 577 49.98 38.59 38.46
C CYS C 577 50.76 37.53 39.30
N ASP C 578 51.01 37.81 40.58
CA ASP C 578 51.74 36.92 41.45
C ASP C 578 50.81 35.87 41.96
N VAL C 579 51.33 34.67 42.16
CA VAL C 579 50.51 33.55 42.65
C VAL C 579 51.28 32.80 43.75
N LEU C 580 50.59 32.25 44.76
CA LEU C 580 51.24 31.35 45.71
C LEU C 580 51.09 29.89 45.27
N VAL C 581 52.18 29.11 45.30
CA VAL C 581 52.09 27.67 45.00
C VAL C 581 52.60 26.84 46.17
N ALA C 582 51.92 25.73 46.45
CA ALA C 582 52.23 24.99 47.65
C ALA C 582 51.69 23.58 47.67
N ARG C 583 52.55 22.63 48.02
CA ARG C 583 52.09 21.24 48.19
C ARG C 583 51.76 20.92 49.65
N SER C 584 50.60 20.28 49.83
CA SER C 584 50.17 19.74 51.10
C SER C 584 51.06 18.56 51.46
N PRO C 585 51.57 18.51 52.70
CA PRO C 585 51.58 19.52 53.77
C PRO C 585 52.80 20.43 53.69
N ALA C 586 52.64 21.71 53.99
CA ALA C 586 53.77 22.66 54.06
C ALA C 586 54.27 22.78 55.48
N HIS C 587 55.55 22.47 55.70
CA HIS C 587 56.12 22.35 57.05
C HIS C 587 57.25 23.38 57.30
N PHE C 588 58.06 23.62 56.28
CA PHE C 588 59.05 24.69 56.29
C PHE C 588 58.31 25.99 55.94
N PRO C 589 58.86 27.15 56.32
CA PRO C 589 58.37 28.43 55.82
C PRO C 589 58.53 28.59 54.32
N SER C 590 59.50 27.88 53.72
CA SER C 590 59.74 27.97 52.28
C SER C 590 58.85 27.03 51.44
N ASP C 591 58.10 26.13 52.07
CA ASP C 591 57.25 25.16 51.36
C ASP C 591 56.06 25.81 50.67
N ILE C 592 55.88 27.09 50.95
CA ILE C 592 54.94 27.92 50.22
C ILE C 592 55.74 28.98 49.49
N GLN C 593 55.62 28.98 48.16
CA GLN C 593 56.51 29.76 47.27
C GLN C 593 55.77 30.76 46.38
N LYS C 594 56.18 32.03 46.40
CA LYS C 594 55.59 33.03 45.52
C LYS C 594 56.33 33.09 44.18
N VAL C 595 55.55 33.09 43.11
CA VAL C 595 56.08 33.05 41.76
C VAL C 595 55.13 33.90 40.93
N ARG C 596 55.56 34.32 39.74
CA ARG C 596 54.75 35.14 38.84
C ARG C 596 54.07 34.31 37.74
N ALA C 597 52.74 34.34 37.76
CA ALA C 597 51.96 33.67 36.75
C ALA C 597 52.08 34.42 35.46
N VAL C 598 52.80 33.85 34.50
CA VAL C 598 53.01 34.45 33.18
C VAL C 598 52.48 33.51 32.11
N PHE C 599 51.59 34.02 31.28
CA PHE C 599 51.00 33.18 30.26
C PHE C 599 51.84 33.19 29.00
N LYS C 600 52.03 32.00 28.43
CA LYS C 600 52.70 31.77 27.16
C LYS C 600 51.70 31.08 26.24
N PRO C 601 51.32 31.71 25.10
CA PRO C 601 50.39 31.05 24.20
C PRO C 601 50.94 29.78 23.53
N GLN C 602 52.24 29.58 23.51
CA GLN C 602 52.80 28.28 23.09
C GLN C 602 52.11 27.09 23.80
N LEU C 603 51.93 27.22 25.11
CA LEU C 603 51.43 26.13 25.94
C LEU C 603 49.91 26.20 26.07
N HIS C 604 49.26 27.00 25.23
CA HIS C 604 47.82 27.25 25.35
C HIS C 604 47.04 25.93 25.54
N ALA C 605 47.50 24.87 24.85
CA ALA C 605 46.87 23.55 24.81
C ALA C 605 47.04 22.72 26.08
N LEU C 606 47.90 23.16 27.00
CA LEU C 606 48.02 22.54 28.31
C LEU C 606 47.01 23.22 29.25
N LYS C 607 45.83 22.59 29.32
CA LYS C 607 44.69 23.13 30.02
C LYS C 607 44.37 22.32 31.29
N ASP C 608 44.07 23.03 32.37
CA ASP C 608 43.72 22.47 33.71
C ASP C 608 44.92 21.77 34.44
N VAL C 609 46.11 22.34 34.23
CA VAL C 609 47.32 22.05 35.00
C VAL C 609 48.11 23.34 35.27
N ILE C 610 49.16 23.25 36.08
CA ILE C 610 50.13 24.37 36.21
C ILE C 610 51.51 23.93 35.74
N VAL C 611 52.16 24.74 34.90
CA VAL C 611 53.40 24.38 34.25
C VAL C 611 54.56 25.08 34.95
N PHE C 612 55.43 24.29 35.57
CA PHE C 612 56.61 24.83 36.26
C PHE C 612 57.80 24.85 35.26
N PRO C 613 58.62 25.89 35.27
CA PRO C 613 59.72 25.75 34.33
C PRO C 613 60.77 24.70 34.71
N ALA C 614 61.54 24.37 33.69
CA ALA C 614 62.58 23.34 33.72
C ALA C 614 63.92 24.00 33.92
N LYS C 615 63.89 25.30 34.22
CA LYS C 615 65.07 26.13 34.31
C LYS C 615 65.38 26.45 35.76
N GLY C 616 66.60 26.92 35.98
CA GLY C 616 67.12 27.22 37.31
C GLY C 616 67.98 26.08 37.78
N ASP C 617 68.55 26.19 38.96
CA ASP C 617 69.35 25.06 39.44
C ASP C 617 68.41 23.90 39.86
N ILE C 618 67.36 24.24 40.60
CA ILE C 618 66.58 23.23 41.32
C ILE C 618 65.11 23.35 40.92
N PRO C 619 64.40 22.25 40.87
CA PRO C 619 63.09 22.40 40.28
C PRO C 619 62.09 22.85 41.32
N LEU C 620 61.10 23.65 40.89
CA LEU C 620 60.08 24.23 41.76
C LEU C 620 59.38 23.11 42.50
N ALA C 621 58.90 22.09 41.79
CA ALA C 621 58.23 20.96 42.46
C ALA C 621 58.99 20.51 43.71
N ASP C 622 60.31 20.38 43.60
CA ASP C 622 61.14 20.02 44.77
C ASP C 622 61.11 21.07 45.91
N LYS C 623 61.05 22.35 45.53
CA LYS C 623 61.00 23.46 46.50
C LYS C 623 59.69 23.42 47.35
N LEU C 624 58.63 22.84 46.80
CA LEU C 624 57.39 22.70 47.51
C LEU C 624 57.35 21.37 48.29
N SER C 625 57.93 21.40 49.49
CA SER C 625 57.88 20.29 50.46
C SER C 625 58.40 18.97 49.90
N GLY C 626 59.43 19.05 49.06
CA GLY C 626 60.06 17.83 48.54
C GLY C 626 59.32 17.15 47.40
N GLY C 627 58.49 17.92 46.69
CA GLY C 627 57.66 17.38 45.62
C GLY C 627 58.42 16.95 44.36
N ASP C 628 57.64 16.41 43.43
CA ASP C 628 58.07 16.06 42.07
C ASP C 628 56.89 16.14 41.09
N TYR C 629 57.04 15.66 39.86
CA TYR C 629 55.91 15.72 38.92
C TYR C 629 55.39 14.34 38.54
N ASP C 630 55.18 13.47 39.51
CA ASP C 630 54.69 12.12 39.22
C ASP C 630 53.20 11.96 39.52
N GLY C 631 52.54 13.05 39.89
CA GLY C 631 51.12 13.00 40.29
C GLY C 631 50.75 13.96 41.40
N ASP C 632 51.77 14.53 42.03
CA ASP C 632 51.59 15.55 43.06
C ASP C 632 50.69 16.63 42.50
N MET C 633 49.90 17.25 43.37
CA MET C 633 49.05 18.35 42.98
C MET C 633 49.48 19.57 43.78
N ALA C 634 49.05 20.76 43.37
CA ALA C 634 49.50 22.01 43.99
C ALA C 634 48.33 22.90 44.37
N TRP C 635 48.39 23.47 45.56
CA TRP C 635 47.46 24.53 45.95
C TRP C 635 47.96 25.81 45.30
N VAL C 636 47.23 26.30 44.30
CA VAL C 636 47.65 27.51 43.59
C VAL C 636 46.70 28.64 43.99
N CYS C 637 47.20 29.61 44.75
CA CYS C 637 46.38 30.74 45.23
C CYS C 637 46.76 32.03 44.51
N TRP C 638 45.78 32.73 43.94
CA TRP C 638 46.07 33.99 43.22
C TRP C 638 45.26 35.16 43.78
N ASP C 639 44.80 35.00 45.01
CA ASP C 639 43.97 36.00 45.69
C ASP C 639 44.89 37.10 46.17
N PRO C 640 44.72 38.32 45.63
CA PRO C 640 45.65 39.42 45.85
C PRO C 640 45.88 39.77 47.32
N ASP C 641 44.81 39.67 48.11
CA ASP C 641 44.77 40.00 49.53
C ASP C 641 45.66 39.07 50.38
N ILE C 642 45.80 37.82 49.92
CA ILE C 642 46.66 36.83 50.54
C ILE C 642 48.07 36.95 49.97
N VAL C 643 48.19 36.88 48.66
CA VAL C 643 49.48 36.71 47.96
C VAL C 643 50.49 37.80 48.22
N GLU C 644 50.02 39.04 48.20
CA GLU C 644 50.90 40.19 48.25
C GLU C 644 51.41 40.41 49.66
N ASN C 645 50.63 39.99 50.68
CA ASN C 645 51.10 40.00 52.06
C ASN C 645 52.11 38.90 52.33
N PHE C 646 52.30 37.96 51.40
CA PHE C 646 53.32 36.91 51.48
C PHE C 646 54.68 37.46 51.02
N THR C 647 55.71 37.12 51.78
CA THR C 647 57.08 37.34 51.36
C THR C 647 57.88 36.03 51.45
N ASN C 648 58.52 35.66 50.34
CA ASN C 648 59.33 34.43 50.23
C ASN C 648 60.36 34.22 51.30
N ALA C 649 60.54 32.95 51.66
CA ALA C 649 61.64 32.50 52.49
C ALA C 649 62.55 31.64 51.60
N ASP C 650 63.79 31.45 52.05
CA ASP C 650 64.81 30.76 51.24
C ASP C 650 64.90 29.26 51.63
N MET C 651 65.07 28.37 50.65
CA MET C 651 65.28 26.93 50.91
C MET C 651 66.37 26.73 51.97
N PRO C 652 66.06 25.97 53.03
CA PRO C 652 66.93 25.79 54.20
C PRO C 652 68.05 24.81 53.94
N LYS C 653 69.03 24.73 54.84
CA LYS C 653 70.01 23.62 54.83
C LYS C 653 69.52 22.58 55.86
N GLU C 654 68.99 21.48 55.33
CA GLU C 654 68.43 20.46 56.17
C GLU C 654 69.54 19.87 57.00
N PRO C 655 69.27 19.64 58.30
CA PRO C 655 70.25 19.11 59.23
C PRO C 655 70.44 17.61 58.98
N ASP C 656 71.52 17.04 59.52
CA ASP C 656 71.84 15.62 59.32
C ASP C 656 71.27 14.70 60.41
N LEU C 657 70.50 13.72 59.96
CA LEU C 657 69.61 12.91 60.82
C LEU C 657 69.99 11.44 60.72
N SER C 658 71.21 11.21 60.28
CA SER C 658 71.61 9.90 59.85
C SER C 658 71.82 8.93 61.03
N ALA C 659 72.17 9.47 62.19
CA ALA C 659 72.38 8.65 63.40
C ALA C 659 71.09 8.01 63.94
N TYR C 660 69.99 8.31 63.27
CA TYR C 660 68.72 7.72 63.65
C TYR C 660 68.08 7.00 62.46
N LEU C 661 68.49 7.35 61.25
CA LEU C 661 67.90 6.78 60.05
C LEU C 661 68.84 5.80 59.38
N GLY C 662 68.41 4.55 59.28
CA GLY C 662 69.28 3.45 58.85
C GLY C 662 68.72 2.63 57.71
N LYS C 663 69.15 2.96 56.49
CA LYS C 663 68.64 2.30 55.31
C LYS C 663 69.08 0.86 55.31
N ASP C 664 68.12 -0.03 55.08
CA ASP C 664 68.44 -1.43 54.89
C ASP C 664 68.66 -1.68 53.41
N LYS C 665 69.91 -1.53 52.94
CA LYS C 665 70.18 -1.62 51.50
C LYS C 665 70.48 -3.03 51.01
N THR C 666 70.19 -4.06 51.83
CA THR C 666 70.38 -5.43 51.41
C THR C 666 69.64 -5.73 50.11
N THR C 667 70.33 -6.32 49.14
CA THR C 667 69.82 -6.46 47.80
C THR C 667 69.09 -7.77 47.57
N PHE C 668 68.40 -7.81 46.42
CA PHE C 668 67.69 -9.01 46.00
C PHE C 668 68.70 -10.08 45.61
N GLY C 669 69.83 -9.67 45.04
CA GLY C 669 70.85 -10.61 44.62
C GLY C 669 71.54 -11.32 45.76
N GLU C 670 71.68 -10.62 46.89
CA GLU C 670 72.31 -11.19 48.08
C GLU C 670 71.36 -12.19 48.75
N LEU C 671 70.06 -11.95 48.62
CA LEU C 671 69.01 -12.82 49.15
C LEU C 671 68.87 -14.11 48.34
N VAL C 672 69.15 -14.02 47.05
CA VAL C 672 69.33 -15.19 46.21
C VAL C 672 70.55 -15.97 46.72
N ARG C 673 71.65 -15.22 46.97
CA ARG C 673 72.96 -15.74 47.41
C ARG C 673 72.88 -16.48 48.73
N ASP C 674 71.89 -16.12 49.55
CA ASP C 674 71.55 -16.87 50.76
C ASP C 674 71.00 -18.29 50.47
N THR C 675 70.61 -18.55 49.21
CA THR C 675 70.34 -19.90 48.70
C THR C 675 71.46 -20.36 47.72
N GLY C 676 71.99 -19.43 46.92
CA GLY C 676 73.12 -19.75 46.07
C GLY C 676 73.57 -18.67 45.09
N THR C 678 72.92 -21.45 43.40
CA THR C 678 72.77 -20.97 42.02
C THR C 678 71.50 -21.57 41.43
N GLY C 679 71.03 -20.98 40.36
CA GLY C 679 69.94 -21.57 39.59
C GLY C 679 68.67 -20.76 39.75
N ALA C 680 67.67 -21.16 38.98
CA ALA C 680 66.33 -20.55 38.99
C ALA C 680 65.68 -20.75 40.33
N ALA C 681 66.02 -21.84 41.00
CA ALA C 681 65.49 -22.09 42.34
C ALA C 681 65.92 -21.01 43.28
N ALA C 682 67.23 -20.76 43.39
CA ALA C 682 67.75 -19.74 44.33
C ALA C 682 67.00 -18.46 44.09
N ARG C 683 66.76 -18.17 42.83
CA ARG C 683 65.87 -17.06 42.39
C ARG C 683 64.39 -17.16 42.80
N HIS C 684 63.81 -18.36 42.72
CA HIS C 684 62.40 -18.61 43.11
C HIS C 684 62.28 -18.49 44.61
N GLU C 685 63.32 -18.94 45.30
CA GLU C 685 63.31 -19.01 46.75
C GLU C 685 63.54 -17.64 47.40
N ALA C 686 64.35 -16.81 46.75
CA ALA C 686 64.56 -15.43 47.15
C ALA C 686 63.27 -14.65 47.20
N VAL C 687 62.40 -14.87 46.23
CA VAL C 687 61.12 -14.17 46.15
C VAL C 687 60.35 -14.34 47.44
N TYR C 688 60.35 -15.56 47.96
CA TYR C 688 59.60 -15.88 49.18
C TYR C 688 60.27 -15.32 50.43
N ASP C 689 61.61 -15.37 50.47
CA ASP C 689 62.42 -14.66 51.48
C ASP C 689 62.14 -13.15 51.52
N MET C 690 62.07 -12.54 50.34
CA MET C 690 61.82 -11.10 50.21
C MET C 690 60.43 -10.70 50.68
N ILE C 691 59.42 -11.50 50.27
CA ILE C 691 58.07 -11.37 50.80
C ILE C 691 58.17 -11.49 52.34
N ASN C 692 58.82 -12.54 52.81
CA ASN C 692 58.85 -12.83 54.21
C ASN C 692 59.45 -11.62 54.96
N LYS C 693 60.67 -11.19 54.60
CA LYS C 693 61.34 -10.04 55.30
C LYS C 693 60.72 -8.67 55.07
N SER C 694 60.13 -8.49 53.91
CA SER C 694 59.50 -7.20 53.56
C SER C 694 58.20 -6.97 54.35
N PHE C 695 57.53 -8.08 54.67
CA PHE C 695 56.37 -8.05 55.54
C PHE C 695 56.74 -7.63 56.96
N GLN C 696 57.87 -8.13 57.45
CA GLN C 696 58.36 -7.81 58.78
C GLN C 696 58.66 -6.31 58.88
N PHE C 697 59.05 -5.70 57.76
CA PHE C 697 59.26 -4.21 57.68
C PHE C 697 57.93 -3.49 57.44
N ALA C 698 57.11 -4.03 56.54
CA ALA C 698 55.83 -3.43 56.16
C ALA C 698 54.86 -3.19 57.31
N MET C 699 54.75 -4.21 58.17
CA MET C 699 53.87 -4.16 59.38
C MET C 699 54.52 -3.54 60.63
N GLN C 700 55.62 -2.80 60.48
CA GLN C 700 56.16 -2.01 61.61
C GLN C 700 55.30 -0.74 61.82
N PRO C 701 55.34 -0.13 63.03
CA PRO C 701 54.57 1.10 63.28
C PRO C 701 55.00 2.28 62.41
N ASN C 702 54.02 2.99 61.85
CA ASN C 702 54.24 4.19 61.07
C ASN C 702 54.65 5.44 61.86
N TYR C 703 55.95 5.64 62.05
CA TYR C 703 56.43 6.85 62.76
C TYR C 703 56.22 8.18 62.01
N LEU C 704 56.03 8.13 60.69
CA LEU C 704 55.75 9.35 59.89
C LEU C 704 54.65 10.15 60.56
N GLY C 705 53.55 9.45 60.87
CA GLY C 705 52.38 10.06 61.50
C GLY C 705 52.59 10.46 62.94
N ILE C 706 53.54 9.82 63.61
CA ILE C 706 53.81 10.11 65.03
C ILE C 706 54.76 11.30 65.22
N CYS C 707 55.78 11.44 64.36
CA CYS C 707 56.66 12.61 64.36
C CYS C 707 55.93 13.88 63.82
N THR C 708 54.95 13.67 62.94
CA THR C 708 54.11 14.74 62.42
C THR C 708 53.16 15.23 63.51
N ASN C 709 52.62 14.33 64.30
CA ASN C 709 51.81 14.73 65.47
C ASN C 709 52.65 15.44 66.50
N TYR C 710 53.87 14.96 66.70
CA TYR C 710 54.81 15.63 67.59
C TYR C 710 55.13 17.04 67.05
N LYS C 711 55.35 17.19 65.74
CA LYS C 711 55.64 18.52 65.16
C LYS C 711 54.49 19.55 65.18
N GLU C 712 53.28 19.09 64.84
CA GLU C 712 52.09 19.92 64.91
C GLU C 712 51.91 20.39 66.36
N ARG C 713 52.25 19.53 67.32
CA ARG C 713 52.20 19.88 68.74
C ARG C 713 53.40 20.73 69.21
N VAL C 714 54.62 20.37 68.81
CA VAL C 714 55.81 21.08 69.26
C VAL C 714 55.86 22.48 68.73
N CYS C 715 55.27 22.71 67.57
CA CYS C 715 55.29 24.03 66.93
C CYS C 715 54.12 24.89 67.41
N TYR C 716 53.03 24.22 67.80
CA TYR C 716 51.82 24.88 68.30
C TYR C 716 52.09 25.51 69.63
N HIS C 717 52.71 24.73 70.51
CA HIS C 717 53.19 25.21 71.81
C HIS C 717 54.28 26.30 71.59
N ASN C 718 55.30 25.97 70.79
CA ASN C 718 56.40 26.87 70.36
C ASN C 718 55.94 28.15 69.71
N ASN C 719 54.68 28.14 69.31
CA ASN C 719 54.15 29.18 68.45
C ASN C 719 55.24 29.64 67.42
N SER C 720 55.91 28.64 66.79
CA SER C 720 56.93 28.84 65.71
C SER C 720 56.93 27.70 64.67
N VAL C 721 57.15 28.06 63.42
CA VAL C 721 57.44 27.06 62.39
C VAL C 721 58.79 27.36 61.75
N SER C 722 59.55 28.27 62.37
CA SER C 722 60.82 28.78 61.80
C SER C 722 62.01 28.86 62.77
N ASP C 723 61.90 28.19 63.91
CA ASP C 723 63.06 27.99 64.76
C ASP C 723 63.75 26.65 64.39
N GLY C 724 64.82 26.37 65.12
CA GLY C 724 65.71 25.27 64.76
C GLY C 724 65.07 23.91 64.94
N VAL C 725 64.25 23.80 65.99
CA VAL C 725 63.55 22.56 66.31
C VAL C 725 62.51 22.26 65.25
N ALA C 726 62.03 23.30 64.56
CA ALA C 726 61.10 23.09 63.45
C ALA C 726 61.79 22.59 62.15
N LEU C 727 63.03 22.97 61.90
CA LEU C 727 63.73 22.46 60.70
C LEU C 727 64.19 21.02 60.90
N LEU C 728 64.21 20.60 62.16
CA LEU C 728 64.70 19.28 62.52
C LEU C 728 63.61 18.24 62.29
N LEU C 729 62.43 18.56 62.78
CA LEU C 729 61.24 17.73 62.58
C LEU C 729 60.73 17.81 61.13
N SER C 730 60.63 19.02 60.58
CA SER C 730 60.31 19.21 59.15
C SER C 730 61.18 18.34 58.25
N THR C 731 62.46 18.34 58.58
CA THR C 731 63.44 17.51 57.91
C THR C 731 63.16 16.04 58.11
N LEU C 732 62.82 15.66 59.33
CA LEU C 732 62.55 14.25 59.64
C LEU C 732 61.31 13.76 58.95
N VAL C 733 60.23 14.51 59.02
CA VAL C 733 58.99 14.07 58.38
C VAL C 733 59.16 14.05 56.87
N GLY C 734 60.12 14.82 56.37
CA GLY C 734 60.49 14.77 54.96
C GLY C 734 61.05 13.42 54.58
N LYS C 735 62.12 13.01 55.23
CA LYS C 735 62.74 11.70 54.96
C LYS C 735 61.79 10.50 55.17
N LEU C 736 60.80 10.64 56.06
CA LEU C 736 59.91 9.51 56.41
C LEU C 736 58.77 9.28 55.42
N VAL C 737 58.42 10.30 54.64
CA VAL C 737 57.42 10.11 53.58
C VAL C 737 57.89 9.08 52.54
N ASP C 738 59.20 9.01 52.36
CA ASP C 738 59.79 8.04 51.46
C ASP C 738 60.26 6.78 52.19
N GLN C 739 59.87 6.64 53.47
CA GLN C 739 60.31 5.52 54.31
C GLN C 739 60.04 4.19 53.65
N SER C 740 58.86 4.09 53.08
CA SER C 740 58.44 2.89 52.37
C SER C 740 59.47 2.46 51.31
N LYS C 741 59.58 3.23 50.23
CA LYS C 741 60.36 2.84 49.04
C LYS C 741 61.86 3.13 49.11
N GLN C 742 62.34 3.68 50.24
CA GLN C 742 63.78 3.80 50.51
C GLN C 742 64.25 2.75 51.53
N GLY C 743 63.32 1.93 51.99
CA GLY C 743 63.62 0.93 52.97
C GLY C 743 64.45 1.46 54.12
N ILE C 744 64.06 2.64 54.61
CA ILE C 744 64.69 3.25 55.78
C ILE C 744 64.22 2.61 57.08
N LEU C 745 65.14 2.39 58.01
CA LEU C 745 64.80 1.83 59.33
C LEU C 745 64.80 2.91 60.46
N PHE C 746 63.85 2.75 61.38
CA PHE C 746 63.59 3.72 62.45
C PHE C 746 62.56 3.09 63.36
N ASP C 747 62.82 3.12 64.67
CA ASP C 747 61.92 2.46 65.62
C ASP C 747 61.84 3.20 66.97
N ALA C 748 60.98 2.72 67.86
CA ALA C 748 60.74 3.37 69.16
C ALA C 748 62.03 3.82 69.87
N ALA C 749 63.05 2.96 69.80
CA ALA C 749 64.33 3.28 70.40
C ALA C 749 64.92 4.54 69.78
N SER C 750 65.11 4.55 68.46
CA SER C 750 65.73 5.69 67.78
C SER C 750 64.99 6.97 68.00
N TRP C 751 63.67 6.87 68.07
CA TRP C 751 62.83 8.06 68.23
C TRP C 751 63.06 8.74 69.59
N ASP C 752 63.19 7.92 70.64
CA ASP C 752 63.45 8.38 72.02
C ASP C 752 64.86 8.91 72.16
N ARG C 753 65.78 8.15 71.56
CA ARG C 753 67.18 8.49 71.48
C ARG C 753 67.35 9.89 70.86
N LEU C 754 66.65 10.13 69.75
CA LEU C 754 66.65 11.45 69.09
C LEU C 754 66.22 12.57 70.04
N ARG C 755 64.98 12.49 70.50
CA ARG C 755 64.39 13.52 71.36
C ARG C 755 65.19 13.76 72.64
N ARG C 756 65.93 12.75 73.07
CA ARG C 756 66.80 12.86 74.25
C ARG C 756 67.98 13.75 73.91
N GLU C 757 68.62 13.41 72.81
CA GLU C 757 69.90 13.96 72.39
C GLU C 757 69.80 15.26 71.64
N ARG C 758 68.71 15.46 70.92
CA ARG C 758 68.56 16.65 70.07
C ARG C 758 67.29 17.47 70.28
N LEU C 759 66.34 17.00 71.09
CA LEU C 759 65.11 17.79 71.25
C LEU C 759 64.80 18.00 72.73
N GLY C 760 63.53 17.94 73.12
CA GLY C 760 63.15 18.33 74.46
C GLY C 760 63.37 17.31 75.58
N GLY C 761 62.31 16.99 76.32
CA GLY C 761 60.91 17.21 75.90
C GLY C 761 60.25 15.87 75.75
N ARG C 762 60.53 15.01 76.73
CA ARG C 762 60.30 13.57 76.60
C ARG C 762 58.83 13.22 76.74
N MET C 763 58.28 13.65 77.87
CA MET C 763 56.85 13.47 78.19
C MET C 763 55.91 13.80 77.03
N SER C 764 54.78 13.10 76.98
CA SER C 764 53.81 13.26 75.87
C SER C 764 53.41 14.71 75.67
N VAL C 765 53.65 15.24 74.47
CA VAL C 765 53.44 16.64 74.18
C VAL C 765 51.93 16.99 74.12
N GLU C 766 51.60 18.18 74.62
CA GLU C 766 50.20 18.59 74.83
C GLU C 766 49.50 18.69 73.50
N ASP C 767 48.26 18.28 73.50
CA ASP C 767 47.39 18.52 72.36
C ASP C 767 47.12 19.96 72.09
N PRO C 768 46.84 20.29 70.85
CA PRO C 768 46.40 21.61 70.50
C PRO C 768 45.00 21.93 71.01
N ALA C 769 44.77 23.18 71.47
CA ALA C 769 43.45 23.63 71.93
C ALA C 769 42.35 23.34 70.91
N TYR C 770 42.66 23.58 69.64
CA TYR C 770 41.72 23.40 68.53
C TYR C 770 41.36 21.94 68.28
N LYS C 771 42.01 20.99 68.96
CA LYS C 771 41.65 19.62 68.76
C LYS C 771 40.29 19.37 69.28
N GLY C 772 39.81 20.22 70.16
CA GLY C 772 38.58 19.92 70.85
C GLY C 772 37.51 20.87 70.42
N ASP C 773 36.29 20.57 70.80
CA ASP C 773 35.18 21.37 70.31
C ASP C 773 34.80 22.53 71.28
N VAL C 774 35.55 22.75 72.37
CA VAL C 774 35.39 24.00 73.21
C VAL C 774 36.71 24.68 73.64
N TRP C 775 36.56 25.91 74.12
CA TRP C 775 37.71 26.75 74.46
C TRP C 775 38.33 26.41 75.83
N ALA C 776 39.34 25.54 75.76
CA ALA C 776 40.05 24.97 76.93
C ALA C 776 41.18 25.85 77.44
N GLY C 777 41.37 27.01 76.81
CA GLY C 777 42.48 27.93 77.09
C GLY C 777 42.08 29.10 77.94
N ALA C 778 43.06 29.97 78.16
CA ALA C 778 42.94 31.13 79.07
C ALA C 778 43.02 32.44 78.27
N GLY C 779 42.05 33.32 78.42
CA GLY C 779 41.99 34.53 77.61
C GLY C 779 41.36 34.20 76.28
N GLU C 780 41.02 35.22 75.48
CA GLU C 780 40.69 34.99 74.07
C GLU C 780 41.95 34.42 73.35
N PRO C 781 41.77 33.44 72.44
CA PRO C 781 42.86 32.67 71.80
C PRO C 781 43.96 33.47 71.08
N ARG C 782 45.21 33.02 71.20
CA ARG C 782 46.35 33.69 70.58
C ARG C 782 46.82 33.04 69.29
N HIS C 783 46.69 31.72 69.18
CA HIS C 783 47.19 31.05 67.98
C HIS C 783 46.25 31.26 66.81
N ILE C 784 46.79 31.38 65.59
CA ILE C 784 45.93 31.65 64.43
C ILE C 784 44.77 30.65 64.33
N VAL C 785 45.07 29.37 64.45
CA VAL C 785 44.06 28.33 64.29
C VAL C 785 42.96 28.33 65.37
N ASP C 786 43.36 28.47 66.64
CA ASP C 786 42.42 28.58 67.76
C ASP C 786 41.51 29.78 67.53
N TYR C 787 42.13 30.89 67.15
CA TYR C 787 41.42 32.12 66.80
C TYR C 787 40.38 31.87 65.71
N LEU C 788 40.80 31.25 64.63
CA LEU C 788 39.91 31.00 63.48
C LEU C 788 38.75 30.08 63.85
N LYS C 789 39.02 29.09 64.70
CA LYS C 789 38.00 28.11 65.10
C LYS C 789 37.09 28.70 66.17
N PHE C 790 37.69 29.10 67.29
CA PHE C 790 36.92 29.48 68.46
C PHE C 790 36.38 30.90 68.37
N ALA C 791 37.22 31.85 67.97
CA ALA C 791 36.84 33.26 67.93
C ALA C 791 35.98 33.62 66.73
N VAL C 792 36.29 33.07 65.55
CA VAL C 792 35.58 33.43 64.31
C VAL C 792 34.50 32.44 63.88
N ALA C 793 34.91 31.21 63.54
CA ALA C 793 34.01 30.21 62.91
C ALA C 793 32.85 29.79 63.82
N LYS C 794 33.14 29.51 65.08
CA LYS C 794 32.10 29.10 66.01
C LYS C 794 31.06 30.22 66.17
N PRO C 795 31.53 31.45 66.51
CA PRO C 795 30.61 32.54 66.73
C PRO C 795 29.86 32.93 65.46
N THR C 796 30.57 33.05 64.33
CA THR C 796 29.94 33.39 63.05
C THR C 796 28.80 32.44 62.72
N ILE C 797 29.07 31.15 62.94
CA ILE C 797 28.08 30.10 62.63
C ILE C 797 26.90 30.10 63.59
N ASP C 798 27.18 30.06 64.89
CA ASP C 798 26.09 30.08 65.90
C ASP C 798 25.20 31.32 65.71
N ARG C 799 25.81 32.42 65.27
CA ARG C 799 25.12 33.70 65.09
C ARG C 799 24.12 33.61 63.96
N GLU C 800 24.54 33.02 62.86
CA GLU C 800 23.71 32.96 61.65
C GLU C 800 22.75 31.77 61.69
N LEU C 801 23.08 30.75 62.48
CA LEU C 801 22.18 29.65 62.75
C LEU C 801 20.92 30.17 63.46
N GLU C 802 21.09 31.21 64.29
CA GLU C 802 20.00 31.82 65.11
C GLU C 802 19.10 32.66 64.26
N GLU C 803 19.71 33.44 63.37
CA GLU C 803 19.00 34.43 62.58
C GLU C 803 17.86 33.84 61.77
N LEU C 804 17.94 32.55 61.45
CA LEU C 804 16.79 31.83 60.88
C LEU C 804 16.26 30.74 61.82
N HIS C 805 16.53 30.89 63.11
CA HIS C 805 15.97 30.01 64.15
C HIS C 805 15.31 31.05 65.06
N LYS C 806 14.35 31.76 64.46
CA LYS C 806 13.87 33.07 64.94
C LYS C 806 12.38 33.34 64.72
N VAL C 807 11.79 33.19 63.52
CA VAL C 807 12.38 32.73 62.24
C VAL C 807 12.19 31.23 61.96
N MET C 808 11.11 30.65 62.48
CA MET C 808 10.72 29.28 62.14
C MET C 808 9.21 29.02 61.98
N GLN C 809 8.30 29.23 62.96
CA GLN C 809 8.40 29.91 64.30
C GLN C 809 8.02 31.40 64.26
N ALA C 810 8.16 32.04 63.10
CA ALA C 810 7.55 33.36 62.83
C ALA C 810 6.49 33.22 61.75
N SER C 811 6.15 31.99 61.47
CA SER C 811 4.99 31.69 60.65
C SER C 811 3.78 31.87 61.56
N ARG C 812 3.92 31.37 62.79
CA ARG C 812 2.97 31.60 63.89
C ARG C 812 1.52 31.60 63.39
N ASP C 817 1.12 33.71 61.73
CA ASP C 817 -0.01 33.65 60.82
C ASP C 817 0.22 34.64 59.65
N ASP C 818 1.46 34.83 59.20
CA ASP C 818 1.78 35.84 58.19
C ASP C 818 1.14 35.45 56.85
N ASP C 819 0.95 34.14 56.67
CA ASP C 819 0.19 33.55 55.56
C ASP C 819 0.93 33.55 54.23
N ALA C 820 2.06 32.85 54.10
CA ALA C 820 2.89 32.19 55.17
C ALA C 820 2.24 31.40 56.32
N ALA C 821 3.02 30.67 57.15
CA ALA C 821 4.47 30.47 57.01
C ALA C 821 4.63 28.95 57.00
N ALA C 822 5.52 28.42 57.86
CA ALA C 822 5.78 26.97 57.95
C ALA C 822 4.97 26.20 59.02
N HIS C 823 4.31 25.13 58.59
CA HIS C 823 3.52 24.23 59.46
C HIS C 823 3.53 22.81 58.89
N SER C 824 3.75 21.79 59.73
CA SER C 824 3.67 20.41 59.25
C SER C 824 2.27 20.11 58.69
N TRP C 825 1.24 20.65 59.37
CA TRP C 825 -0.15 20.52 58.93
C TRP C 825 -0.42 21.15 57.58
N ASP C 826 -1.16 20.43 56.74
CA ASP C 826 -1.60 20.95 55.47
C ASP C 826 -2.93 20.32 55.14
N PRO C 827 -4.00 21.13 55.09
CA PRO C 827 -5.33 20.58 54.86
C PRO C 827 -5.44 19.70 53.60
N ASP C 828 -4.65 19.99 52.57
CA ASP C 828 -4.70 19.23 51.31
C ASP C 828 -4.30 17.78 51.52
N LEU C 829 -3.30 17.58 52.37
CA LEU C 829 -2.69 16.26 52.54
C LEU C 829 -3.57 15.25 53.26
N ALA C 830 -4.68 15.69 53.84
CA ALA C 830 -5.60 14.79 54.53
C ALA C 830 -6.92 14.69 53.79
N VAL C 831 -6.93 14.98 52.49
CA VAL C 831 -8.16 15.07 51.71
C VAL C 831 -8.75 13.70 51.43
N TYR C 832 -7.90 12.71 51.16
CA TYR C 832 -8.33 11.32 51.03
C TYR C 832 -8.90 10.79 52.35
N PHE C 833 -8.27 11.14 53.46
CA PHE C 833 -8.70 10.68 54.79
C PHE C 833 -10.14 11.09 55.11
N GLU C 834 -10.43 12.38 55.04
CA GLU C 834 -11.73 12.93 55.38
C GLU C 834 -12.82 12.49 54.40
N ASN C 835 -12.45 12.42 53.11
CA ASN C 835 -13.39 12.04 52.06
C ASN C 835 -13.90 10.62 52.28
N PHE C 836 -12.99 9.72 52.63
CA PHE C 836 -13.31 8.32 52.95
C PHE C 836 -13.96 8.13 54.32
N LYS C 837 -13.81 9.11 55.21
CA LYS C 837 -14.39 9.05 56.56
C LYS C 837 -15.90 9.36 56.57
N ALA C 838 -16.41 9.97 55.50
CA ALA C 838 -17.86 10.21 55.34
C ALA C 838 -18.43 9.19 54.35
N LEU C 839 -17.98 7.95 54.47
CA LEU C 839 -18.18 6.96 53.41
C LEU C 839 -19.04 5.72 53.72
N THR C 840 -18.78 4.90 54.75
CA THR C 840 -18.12 5.16 56.05
C THR C 840 -18.87 6.17 56.95
N ALA C 841 -20.16 6.33 56.69
CA ALA C 841 -21.04 7.13 57.57
C ALA C 841 -22.35 6.47 58.08
N GLU C 842 -23.20 5.75 57.32
CA GLU C 842 -23.11 5.39 55.87
C GLU C 842 -22.15 4.24 55.56
N SER C 843 -21.67 3.56 56.60
CA SER C 843 -20.54 2.63 56.46
C SER C 843 -20.91 1.17 56.19
N ARG C 844 -21.54 0.53 57.18
CA ARG C 844 -21.80 -0.91 57.20
C ARG C 844 -20.52 -1.67 57.64
N SER C 845 -19.60 -1.96 56.72
CA SER C 845 -18.33 -2.61 57.08
C SER C 845 -17.11 -1.96 56.40
N LEU C 846 -17.03 -0.64 56.51
CA LEU C 846 -16.03 0.14 55.76
C LEU C 846 -15.19 1.29 56.40
N ARG C 847 -15.27 1.67 57.68
CA ARG C 847 -15.65 0.88 58.85
C ARG C 847 -14.59 -0.17 59.18
N ALA C 848 -14.82 -1.41 58.79
CA ALA C 848 -13.83 -2.48 58.95
C ALA C 848 -12.51 -2.14 58.24
N VAL C 849 -12.65 -1.53 57.07
CA VAL C 849 -11.55 -1.13 56.24
C VAL C 849 -10.63 -0.10 56.93
N LEU C 850 -11.16 1.09 57.13
CA LEU C 850 -10.42 2.22 57.76
C LEU C 850 -9.84 1.89 59.14
N GLU C 851 -10.66 1.29 60.01
CA GLU C 851 -10.29 1.08 61.41
C GLU C 851 -9.06 0.20 61.58
N ALA C 852 -8.94 -0.82 60.71
CA ALA C 852 -7.84 -1.79 60.78
C ALA C 852 -6.57 -1.27 60.13
N LEU C 853 -6.74 -0.40 59.15
CA LEU C 853 -5.64 0.38 58.61
C LEU C 853 -5.03 1.33 59.66
N GLN C 854 -5.88 2.09 60.35
CA GLN C 854 -5.44 2.99 61.42
C GLN C 854 -4.77 2.25 62.57
N ASN C 855 -5.33 1.11 62.96
CA ASN C 855 -4.71 0.29 64.00
C ASN C 855 -3.38 -0.28 63.49
N ALA C 856 -3.34 -0.61 62.20
CA ALA C 856 -2.13 -1.19 61.60
C ALA C 856 -0.99 -0.18 61.61
N LEU C 857 -1.26 0.99 61.03
CA LEU C 857 -0.30 2.10 61.00
C LEU C 857 0.29 2.35 62.38
N GLY C 858 -0.58 2.42 63.38
CA GLY C 858 -0.14 2.56 64.76
C GLY C 858 1.01 1.63 65.12
N ALA C 859 0.82 0.33 64.85
CA ALA C 859 1.80 -0.69 65.20
C ALA C 859 3.10 -0.56 64.41
N VAL C 860 3.00 0.04 63.22
CA VAL C 860 4.17 0.29 62.38
C VAL C 860 4.98 1.50 62.91
N GLU C 861 4.29 2.52 63.39
CA GLU C 861 4.98 3.69 63.94
C GLU C 861 5.69 3.31 65.24
N HIS C 862 5.17 2.27 65.89
CA HIS C 862 5.88 1.63 67.02
C HIS C 862 7.26 1.10 66.57
N GLU C 863 7.30 0.55 65.37
CA GLU C 863 8.55 0.11 64.75
C GLU C 863 9.51 1.28 64.53
N TRP C 864 8.97 2.40 64.07
CA TRP C 864 9.68 3.66 63.98
C TRP C 864 9.94 4.12 65.42
N LYS C 865 8.92 4.00 66.25
CA LYS C 865 9.02 4.20 67.69
C LYS C 865 10.28 3.57 68.29
N VAL C 866 10.41 2.25 68.15
CA VAL C 866 11.49 1.51 68.81
C VAL C 866 12.66 1.25 67.84
N LEU C 876 20.47 -2.60 63.23
CA LEU C 876 20.83 -1.28 63.74
C LEU C 876 21.58 -0.39 62.74
N THR C 877 21.22 -0.49 61.47
CA THR C 877 21.69 0.43 60.43
C THR C 877 20.48 1.30 60.15
N TYR C 878 20.68 2.61 59.89
CA TYR C 878 19.54 3.57 59.88
C TYR C 878 18.58 3.39 58.71
N PRO C 879 19.10 3.39 57.46
CA PRO C 879 18.24 2.98 56.33
C PRO C 879 17.64 1.58 56.46
N GLU C 880 18.39 0.65 57.05
CA GLU C 880 17.87 -0.69 57.32
C GLU C 880 16.63 -0.58 58.19
N LYS C 881 16.70 0.23 59.26
CA LYS C 881 15.56 0.41 60.17
C LYS C 881 14.42 1.02 59.40
N VAL C 882 14.75 2.04 58.62
CA VAL C 882 13.80 2.71 57.75
C VAL C 882 13.12 1.75 56.75
N ARG C 883 13.87 0.77 56.25
CA ARG C 883 13.36 -0.24 55.32
C ARG C 883 12.53 -1.29 56.07
N GLN C 884 13.14 -1.88 57.11
CA GLN C 884 12.45 -2.85 57.96
C GLN C 884 11.02 -2.41 58.20
N LEU C 885 10.87 -1.14 58.57
CA LEU C 885 9.55 -0.54 58.87
C LEU C 885 8.64 -0.43 57.62
N HIS C 886 9.27 -0.01 56.52
CA HIS C 886 8.58 0.26 55.25
C HIS C 886 7.85 -0.96 54.75
N ALA C 887 8.55 -2.09 54.69
CA ALA C 887 7.96 -3.36 54.21
C ALA C 887 6.72 -3.78 54.99
N LYS C 888 6.77 -3.57 56.30
CA LYS C 888 5.59 -3.73 57.14
C LYS C 888 4.56 -2.65 56.82
N TRP C 889 5.03 -1.46 56.41
CA TRP C 889 4.14 -0.37 56.04
C TRP C 889 3.43 -0.76 54.77
N CYS C 890 4.21 -1.21 53.81
CA CYS C 890 3.63 -1.62 52.51
C CYS C 890 2.73 -2.84 52.63
N ALA C 891 2.66 -3.43 53.82
CA ALA C 891 1.94 -4.70 54.03
C ALA C 891 0.50 -4.48 54.47
N ILE C 892 0.18 -3.24 54.84
CA ILE C 892 -1.15 -2.88 55.34
C ILE C 892 -2.16 -3.02 54.22
N GLU C 893 -2.81 -4.17 54.23
CA GLU C 893 -3.68 -4.57 53.11
C GLU C 893 -5.15 -4.26 53.49
N PRO C 894 -5.98 -3.94 52.47
CA PRO C 894 -7.42 -3.72 52.73
C PRO C 894 -8.26 -4.98 53.04
N ALA C 907 -16.48 -6.92 46.53
CA ALA C 907 -17.81 -6.31 46.48
C ALA C 907 -17.99 -5.28 47.62
N LYS C 908 -17.76 -4.00 47.32
CA LYS C 908 -17.43 -3.51 45.98
C LYS C 908 -16.41 -2.39 46.06
N THR C 909 -16.21 -1.81 47.24
CA THR C 909 -15.23 -0.72 47.45
C THR C 909 -13.82 -1.29 47.47
N ALA C 910 -13.72 -2.59 47.76
CA ALA C 910 -12.46 -3.33 47.67
C ALA C 910 -11.94 -3.43 46.23
N ALA C 911 -12.81 -3.14 45.26
CA ALA C 911 -12.38 -3.00 43.87
C ALA C 911 -11.80 -1.60 43.60
N LEU C 912 -12.43 -0.55 44.15
CA LEU C 912 -11.93 0.82 43.97
C LEU C 912 -10.59 1.02 44.67
N LEU C 913 -10.51 0.62 45.93
CA LEU C 913 -9.29 0.85 46.68
C LEU C 913 -8.11 0.06 46.11
N GLU C 914 -8.38 -1.11 45.54
CA GLU C 914 -7.31 -2.01 45.09
C GLU C 914 -6.75 -1.61 43.72
N GLN C 915 -7.64 -1.37 42.76
CA GLN C 915 -7.28 -1.10 41.35
C GLN C 915 -6.47 -2.23 40.68
N PRO C 916 -6.99 -3.47 40.75
CA PRO C 916 -6.41 -4.77 40.35
C PRO C 916 -5.79 -4.86 38.94
N PHE C 917 -6.02 -3.85 38.11
CA PHE C 917 -5.41 -3.79 36.78
C PHE C 917 -3.99 -3.26 36.84
N LEU C 918 -3.65 -2.59 37.94
CA LEU C 918 -2.29 -2.14 38.18
C LEU C 918 -1.47 -3.32 38.75
N ALA C 919 -0.40 -3.69 38.05
CA ALA C 919 0.65 -4.58 38.55
C ALA C 919 1.32 -4.04 39.81
N ASP C 920 1.72 -2.76 39.78
CA ASP C 920 2.58 -2.22 40.83
C ASP C 920 1.76 -1.21 41.63
N ARG C 921 1.57 -1.50 42.93
CA ARG C 921 0.81 -0.64 43.83
C ARG C 921 1.19 0.85 43.84
N GLY C 922 2.48 1.15 43.72
CA GLY C 922 3.02 2.49 43.98
C GLY C 922 2.12 3.67 43.67
N THR C 926 0.42 2.48 41.70
CA THR C 926 -0.38 3.69 41.58
C THR C 926 -1.83 3.53 42.08
N SER C 927 -2.02 2.72 43.14
CA SER C 927 -3.35 2.42 43.69
C SER C 927 -3.86 3.54 44.60
N TYR C 928 -5.19 3.59 44.69
CA TYR C 928 -5.87 4.64 45.43
C TYR C 928 -5.70 4.40 46.91
N TRP C 929 -5.65 3.13 47.32
CA TRP C 929 -5.38 2.73 48.70
C TRP C 929 -4.17 3.47 49.27
N ALA C 930 -3.01 3.28 48.63
CA ALA C 930 -1.74 3.89 49.07
C ALA C 930 -1.88 5.37 49.46
N LEU C 931 -2.61 6.14 48.67
CA LEU C 931 -2.89 7.53 49.01
C LEU C 931 -3.59 7.57 50.36
N LEU C 932 -4.76 6.94 50.40
CA LEU C 932 -5.63 6.88 51.57
C LEU C 932 -4.86 6.42 52.80
N ARG C 933 -4.08 5.35 52.62
CA ARG C 933 -3.11 4.89 53.62
C ARG C 933 -2.32 6.09 54.14
N ALA C 934 -1.68 6.80 53.22
CA ALA C 934 -0.77 7.88 53.59
C ALA C 934 -1.46 9.15 54.07
N SER C 935 -2.55 9.56 53.44
CA SER C 935 -3.28 10.77 53.88
C SER C 935 -3.87 10.60 55.31
N THR C 936 -4.31 9.38 55.60
CA THR C 936 -4.78 9.01 56.94
C THR C 936 -3.59 9.02 57.89
N ALA C 937 -2.53 8.33 57.50
CA ALA C 937 -1.31 8.32 58.29
C ALA C 937 -1.00 9.75 58.76
N PHE C 938 -0.96 10.67 57.79
CA PHE C 938 -0.61 12.06 58.06
C PHE C 938 -1.44 12.67 59.17
N LYS C 939 -2.76 12.59 59.07
CA LYS C 939 -3.63 13.27 60.05
C LYS C 939 -3.42 12.71 61.46
N ALA C 940 -3.06 11.45 61.56
CA ALA C 940 -2.92 10.79 62.86
C ALA C 940 -1.54 11.06 63.50
N TYR C 941 -0.51 11.24 62.67
CA TYR C 941 0.88 11.37 63.14
C TYR C 941 1.60 12.61 62.60
N TYR C 942 0.87 13.63 62.15
CA TYR C 942 1.50 14.91 61.80
C TYR C 942 1.82 15.73 63.06
N LYS C 943 1.24 15.30 64.18
CA LYS C 943 1.34 16.00 65.47
C LYS C 943 2.77 16.26 66.01
N THR C 944 3.58 15.32 66.48
CA THR C 944 3.40 13.84 66.70
C THR C 944 4.61 13.15 66.06
N ASN C 945 4.41 12.40 64.97
CA ASN C 945 5.54 11.86 64.23
C ASN C 945 5.54 12.35 62.78
N PRO C 946 5.78 13.66 62.58
CA PRO C 946 5.84 14.11 61.21
C PRO C 946 6.83 13.26 60.42
N LYS C 947 8.03 13.07 60.95
CA LYS C 947 9.08 12.28 60.29
C LYS C 947 8.63 10.91 59.83
N PHE C 948 7.84 10.22 60.66
CA PHE C 948 7.49 8.82 60.38
C PHE C 948 6.67 8.68 59.11
N VAL C 949 5.75 9.60 58.87
CA VAL C 949 4.90 9.51 57.68
C VAL C 949 5.63 9.95 56.40
N TRP C 950 6.54 10.92 56.52
CA TRP C 950 7.37 11.37 55.38
C TRP C 950 8.33 10.32 54.87
N GLN C 951 8.88 9.54 55.79
CA GLN C 951 9.84 8.53 55.39
C GLN C 951 9.21 7.29 54.75
N MET C 952 7.96 7.01 55.12
CA MET C 952 7.21 5.87 54.58
C MET C 952 6.42 6.26 53.32
N ALA C 953 5.76 7.41 53.38
CA ALA C 953 4.84 7.78 52.30
C ALA C 953 5.22 9.02 51.48
N GLY C 954 6.05 9.91 52.01
CA GLY C 954 6.50 11.11 51.27
C GLY C 954 6.20 11.24 49.78
N ALA C 955 6.49 10.22 48.99
CA ALA C 955 6.10 10.23 47.55
C ALA C 955 4.59 10.10 47.26
N GLN C 956 3.82 9.53 48.20
CA GLN C 956 2.36 9.51 48.13
C GLN C 956 1.73 10.88 48.51
N LEU C 957 2.32 11.55 49.52
CA LEU C 957 1.94 12.93 49.86
C LEU C 957 2.25 13.87 48.69
N ALA C 958 3.25 13.49 47.91
CA ALA C 958 3.63 14.23 46.72
C ALA C 958 2.49 14.19 45.69
N PHE C 959 1.98 12.99 45.42
CA PHE C 959 0.82 12.84 44.53
C PHE C 959 -0.28 13.73 45.03
N ILE C 960 -0.65 13.52 46.28
CA ILE C 960 -1.76 14.23 46.90
C ILE C 960 -1.56 15.73 46.76
N LYS C 961 -0.46 16.23 47.32
CA LYS C 961 -0.17 17.66 47.26
C LYS C 961 -0.13 18.22 45.82
N ALA C 962 0.19 17.36 44.86
CA ALA C 962 0.19 17.75 43.45
C ALA C 962 -1.22 17.84 42.86
N GLN C 963 -2.04 16.85 43.18
CA GLN C 963 -3.44 16.80 42.75
C GLN C 963 -4.27 17.95 43.32
N MET C 964 -4.12 18.19 44.63
CA MET C 964 -4.96 19.13 45.34
C MET C 964 -4.63 20.62 45.12
N SER C 965 -3.35 20.97 45.08
CA SER C 965 -2.93 22.35 44.82
C SER C 965 -3.29 22.78 43.38
N SER C 966 -3.35 21.81 42.47
CA SER C 966 -4.05 21.99 41.18
C SER C 966 -5.58 21.97 41.35
N GLY C 973 -6.85 25.72 38.22
CA GLY C 973 -6.33 24.36 38.21
C GLY C 973 -6.07 23.83 36.82
N GLY C 974 -7.08 23.23 36.20
CA GLY C 974 -6.99 22.80 34.81
C GLY C 974 -6.81 24.03 33.92
N SER C 975 -5.87 23.96 32.99
CA SER C 975 -5.46 25.14 32.23
C SER C 975 -4.46 26.02 32.98
N ASP C 976 -4.14 25.66 34.23
CA ASP C 976 -3.24 26.44 35.10
C ASP C 976 -2.17 25.52 35.70
N GLY C 977 -1.53 24.73 34.85
CA GLY C 977 -0.72 23.60 35.31
C GLY C 977 -1.50 22.27 35.41
N MET C 978 -1.21 21.35 34.49
CA MET C 978 -1.80 19.99 34.50
C MET C 978 -1.01 18.95 35.31
N PRO C 979 -1.67 17.87 35.80
CA PRO C 979 -1.00 16.72 36.46
C PRO C 979 -0.24 15.75 35.54
N LEU C 980 1.01 16.09 35.24
CA LEU C 980 1.86 15.22 34.45
C LEU C 980 2.77 14.44 35.38
N LEU C 981 2.62 13.11 35.39
CA LEU C 981 3.38 12.17 36.25
C LEU C 981 4.56 11.49 35.51
N VAL C 982 5.78 11.78 35.97
CA VAL C 982 7.02 11.44 35.22
C VAL C 982 7.74 10.17 35.73
N THR C 983 7.86 9.16 34.88
CA THR C 983 8.47 7.86 35.23
C THR C 983 9.87 8.04 35.82
N PRO C 984 10.26 7.10 36.71
CA PRO C 984 11.47 7.22 37.53
C PRO C 984 12.72 7.69 36.78
N LEU C 985 12.93 7.16 35.58
CA LEU C 985 14.06 7.53 34.75
C LEU C 985 13.87 8.96 34.25
N MET C 986 12.78 9.21 33.54
CA MET C 986 12.50 10.53 32.96
C MET C 986 12.71 11.61 34.00
N TYR C 987 12.31 11.34 35.23
CA TYR C 987 12.44 12.32 36.30
C TYR C 987 13.89 12.60 36.73
N ALA C 988 14.68 11.54 36.92
CA ALA C 988 16.12 11.68 37.21
C ALA C 988 16.84 12.26 35.99
N GLY C 989 16.20 12.18 34.83
CA GLY C 989 16.72 12.77 33.61
C GLY C 989 16.49 14.27 33.47
N LEU C 990 15.66 14.84 34.34
CA LEU C 990 15.37 16.26 34.31
C LEU C 990 16.16 16.97 35.39
N ALA C 991 16.72 18.12 35.02
CA ALA C 991 17.32 19.00 36.00
C ALA C 991 16.86 20.43 35.76
N PRO C 992 16.80 21.22 36.83
CA PRO C 992 16.27 22.58 36.75
C PRO C 992 17.04 23.51 35.80
N ASP C 993 16.31 24.31 35.03
CA ASP C 993 16.91 25.09 33.97
C ASP C 993 17.23 26.50 34.48
N GLY C 994 18.43 26.66 35.02
CA GLY C 994 18.93 27.92 35.57
C GLY C 994 18.62 29.14 34.74
N ARG C 995 19.05 29.12 33.47
CA ARG C 995 18.81 30.24 32.59
C ARG C 995 17.33 30.56 32.55
N PHE C 996 16.45 29.54 32.59
CA PHE C 996 15.00 29.75 32.58
C PHE C 996 14.51 30.39 33.89
N VAL C 997 15.03 29.91 35.02
CA VAL C 997 14.58 30.38 36.33
C VAL C 997 14.94 31.86 36.53
N LYS C 998 16.15 32.21 36.07
CA LYS C 998 16.64 33.59 36.13
C LYS C 998 15.87 34.50 35.16
N GLN C 999 15.69 34.03 33.93
CA GLN C 999 14.97 34.80 32.92
C GLN C 999 13.46 34.80 33.10
N TYR C 1000 12.91 33.77 33.76
CA TYR C 1000 11.46 33.71 33.95
C TYR C 1000 11.01 34.60 35.09
N LEU C 1001 11.85 34.75 36.11
CA LEU C 1001 11.51 35.64 37.22
C LEU C 1001 11.73 37.08 36.78
N ALA C 1002 12.76 37.28 35.93
CA ALA C 1002 13.08 38.60 35.40
C ALA C 1002 11.87 39.22 34.71
N ARG C 1003 11.02 38.37 34.11
CA ARG C 1003 9.81 38.85 33.43
C ARG C 1003 8.63 38.99 34.42
N LEU C 1004 8.53 38.12 35.41
CA LEU C 1004 7.45 38.23 36.41
C LEU C 1004 7.61 39.47 37.30
N GLU C 1005 8.87 39.83 37.60
CA GLU C 1005 9.23 41.07 38.30
C GLU C 1005 9.84 42.15 37.37
N CYS C 1006 9.02 42.63 36.45
CA CYS C 1006 9.29 43.87 35.73
C CYS C 1006 10.49 43.81 34.82
N GLN D 22 0.20 69.15 -3.36
CA GLN D 22 -1.02 69.49 -4.16
C GLN D 22 -1.31 68.39 -5.21
N SER D 23 -2.45 67.68 -5.10
CA SER D 23 -2.77 66.60 -6.05
C SER D 23 -3.79 67.03 -7.13
N MET D 24 -5.10 67.04 -6.84
CA MET D 24 -5.71 66.52 -5.62
C MET D 24 -6.58 65.31 -5.98
N GLU D 25 -6.33 64.19 -5.29
CA GLU D 25 -7.08 62.94 -5.53
C GLU D 25 -7.71 62.14 -4.34
N VAL D 26 -7.29 62.16 -3.05
CA VAL D 26 -6.09 62.77 -2.41
C VAL D 26 -5.69 64.24 -2.63
N TYR D 27 -6.42 65.22 -2.08
CA TYR D 27 -7.71 65.04 -1.38
C TYR D 27 -8.80 64.79 -2.42
N ALA D 28 -10.02 64.34 -2.02
CA ALA D 28 -10.54 64.36 -0.65
C ALA D 28 -9.90 63.35 0.29
N ARG D 29 -9.53 62.19 -0.25
CA ARG D 29 -8.99 61.09 0.55
C ARG D 29 -7.88 61.57 1.47
N LEU D 30 -7.69 60.87 2.58
CA LEU D 30 -6.93 61.36 3.74
C LEU D 30 -7.87 62.27 4.54
N GLN D 31 -9.01 61.72 4.94
CA GLN D 31 -10.14 62.57 5.32
C GLN D 31 -9.96 63.38 6.64
N ASN D 32 -10.27 62.89 7.85
CA ASN D 32 -10.88 61.60 8.26
C ASN D 32 -10.16 60.29 7.90
N ILE D 33 -8.97 60.13 8.47
CA ILE D 33 -8.36 58.83 8.69
C ILE D 33 -8.42 58.50 10.20
N TRP D 34 -8.22 59.52 11.05
CA TRP D 34 -8.16 59.31 12.49
C TRP D 34 -9.55 59.55 13.08
N PRO D 35 -9.99 58.69 14.03
CA PRO D 35 -11.34 58.79 14.59
C PRO D 35 -11.51 59.98 15.52
N LYS D 36 -12.77 60.35 15.79
CA LYS D 36 -13.14 61.52 16.63
C LYS D 36 -12.82 61.27 18.09
N PHE D 37 -12.83 62.34 18.88
CA PHE D 37 -12.66 62.23 20.33
C PHE D 37 -13.87 62.85 21.03
N PRO D 38 -14.78 62.00 21.55
CA PRO D 38 -16.00 62.50 22.16
C PRO D 38 -15.80 63.04 23.58
N ARG D 39 -16.59 64.05 23.94
CA ARG D 39 -16.42 64.77 25.20
C ARG D 39 -16.52 63.89 26.45
N TRP D 40 -17.03 62.66 26.29
CA TRP D 40 -17.13 61.75 27.44
C TRP D 40 -15.78 61.06 27.75
N LEU D 41 -14.87 61.04 26.78
CA LEU D 41 -13.55 60.41 26.96
C LEU D 41 -12.45 61.43 27.29
N HIS D 42 -12.80 62.71 27.26
CA HIS D 42 -11.84 63.78 27.58
C HIS D 42 -11.38 63.74 29.05
N ALA D 43 -12.14 63.05 29.89
CA ALA D 43 -11.84 62.90 31.32
C ALA D 43 -10.43 62.39 31.64
N ALA D 44 -9.81 61.66 30.71
CA ALA D 44 -8.50 61.02 30.93
C ALA D 44 -8.67 59.72 31.74
N PRO D 45 -7.60 58.88 31.85
CA PRO D 45 -6.27 59.01 31.27
C PRO D 45 -6.22 58.51 29.83
N LEU D 46 -5.03 58.53 29.27
CA LEU D 46 -4.81 58.12 27.88
C LEU D 46 -4.97 56.60 27.75
N ALA D 47 -4.40 55.86 28.70
CA ALA D 47 -4.40 54.38 28.70
C ALA D 47 -5.72 53.75 28.26
N LEU D 48 -6.78 53.98 29.03
CA LEU D 48 -8.09 53.40 28.71
C LEU D 48 -8.69 54.07 27.46
N ALA D 49 -8.53 55.38 27.34
CA ALA D 49 -8.99 56.12 26.16
C ALA D 49 -8.52 55.46 24.87
N TRP D 50 -7.25 55.05 24.85
CA TRP D 50 -6.65 54.37 23.70
C TRP D 50 -7.23 52.98 23.52
N GLU D 51 -7.24 52.20 24.60
CA GLU D 51 -7.71 50.82 24.56
C GLU D 51 -9.20 50.74 24.29
N LEU D 52 -9.95 51.76 24.70
CA LEU D 52 -11.38 51.86 24.41
C LEU D 52 -11.65 52.20 22.95
N THR D 53 -10.82 53.08 22.40
CA THR D 53 -10.88 53.42 20.97
C THR D 53 -10.66 52.15 20.14
N ARG D 54 -9.72 51.32 20.59
CA ARG D 54 -9.43 50.03 19.95
C ARG D 54 -10.66 49.13 19.93
N ILE D 55 -11.29 48.96 21.10
CA ILE D 55 -12.47 48.12 21.24
C ILE D 55 -13.60 48.55 20.32
N CYS D 56 -13.85 49.85 20.26
CA CYS D 56 -14.97 50.41 19.46
C CYS D 56 -14.86 50.15 17.96
N LEU D 57 -13.65 50.25 17.41
CA LEU D 57 -13.48 50.10 15.97
C LEU D 57 -13.24 48.63 15.63
N HIS D 58 -12.76 47.87 16.60
CA HIS D 58 -12.73 46.43 16.47
C HIS D 58 -14.18 45.91 16.41
N CYS D 59 -15.02 46.38 17.35
CA CYS D 59 -16.44 46.02 17.44
C CYS D 59 -17.33 46.83 16.49
N LYS D 60 -16.73 47.71 15.69
CA LYS D 60 -17.43 48.52 14.69
C LYS D 60 -18.57 49.36 15.27
N VAL D 61 -18.32 49.93 16.44
CA VAL D 61 -19.27 50.83 17.09
C VAL D 61 -18.86 52.29 16.84
N ASP D 62 -19.83 53.14 16.53
CA ASP D 62 -19.58 54.53 16.21
C ASP D 62 -19.35 55.35 17.48
N LEU D 63 -18.23 56.07 17.51
CA LEU D 63 -17.84 56.87 18.69
C LEU D 63 -18.65 58.16 18.88
N GLU D 64 -19.45 58.55 17.89
CA GLU D 64 -20.29 59.75 17.99
C GLU D 64 -21.69 59.47 18.49
N ASP D 65 -21.89 58.27 19.06
CA ASP D 65 -23.09 57.94 19.85
C ASP D 65 -22.89 58.02 21.38
N PRO D 66 -23.90 58.55 22.11
CA PRO D 66 -24.00 58.80 23.55
C PRO D 66 -24.87 57.78 24.31
N THR D 67 -24.97 56.55 23.83
CA THR D 67 -25.75 55.49 24.47
C THR D 67 -25.05 54.15 24.28
CA LEU D 68 -22.17 57.03 27.39
C LEU D 68 -21.39 58.34 27.42
N ARG D 69 -20.57 58.64 28.44
CA ARG D 69 -20.18 57.76 29.57
C ARG D 69 -18.99 58.38 30.35
N TYR D 70 -18.89 58.06 31.64
CA TYR D 70 -17.57 57.93 32.29
C TYR D 70 -17.65 57.24 33.66
N ASP D 71 -16.80 56.24 33.84
CA ASP D 71 -16.78 55.47 35.08
C ASP D 71 -15.46 55.65 35.85
N PRO D 72 -15.54 56.06 37.14
CA PRO D 72 -14.34 56.14 37.99
C PRO D 72 -13.65 54.80 38.30
N SER D 73 -14.41 53.70 38.31
CA SER D 73 -13.87 52.37 38.61
C SER D 73 -12.78 51.94 37.62
N TRP D 74 -12.92 52.37 36.38
CA TRP D 74 -11.88 52.17 35.35
C TRP D 74 -10.47 52.51 35.83
N ALA D 75 -10.35 53.64 36.53
CA ALA D 75 -9.04 54.13 37.01
C ALA D 75 -8.33 53.22 38.02
N THR D 76 -9.08 52.34 38.69
CA THR D 76 -8.50 51.38 39.65
C THR D 76 -8.27 49.98 39.06
N SER D 77 -8.59 49.78 37.77
CA SER D 77 -8.26 48.52 37.10
C SER D 77 -6.76 48.39 36.83
CA ASP D 78 -7.01 45.12 34.99
C ASP D 78 -8.09 45.57 33.99
N MET D 79 -7.72 45.55 32.71
CA MET D 79 -8.62 45.93 31.61
C MET D 79 -9.82 44.97 31.42
N ALA D 80 -9.66 43.70 31.81
CA ALA D 80 -10.78 42.73 31.79
C ALA D 80 -12.01 43.26 32.53
N ALA D 81 -11.78 43.93 33.66
CA ALA D 81 -12.82 44.64 34.41
C ALA D 81 -13.49 45.70 33.54
N LEU D 82 -12.67 46.55 32.94
CA LEU D 82 -13.15 47.59 32.04
C LEU D 82 -13.80 47.01 30.78
N TRP D 83 -13.25 45.91 30.30
CA TRP D 83 -13.75 45.24 29.09
C TRP D 83 -15.03 44.44 29.35
N ARG D 84 -15.31 44.10 30.61
CA ARG D 84 -16.57 43.47 30.97
C ARG D 84 -17.61 44.47 31.45
N SER D 85 -17.32 45.78 31.33
CA SER D 85 -18.24 46.83 31.78
C SER D 85 -19.67 46.64 31.24
N LEU D 86 -19.98 46.84 29.95
CA LEU D 86 -19.23 47.57 28.92
C LEU D 86 -20.09 47.72 27.66
N THR D 87 -20.57 46.66 26.97
CA THR D 87 -20.33 45.20 27.16
C THR D 87 -20.45 44.51 28.54
N GLN D 88 -21.64 44.16 29.05
CA GLN D 88 -23.00 44.71 28.79
C GLN D 88 -23.39 45.35 27.42
N LEU D 89 -24.38 46.25 27.41
CA LEU D 89 -24.79 47.01 26.21
C LEU D 89 -25.28 46.19 25.00
N ASP D 90 -24.92 44.91 24.94
CA ASP D 90 -25.43 43.94 23.94
C ASP D 90 -24.93 44.17 22.51
N VAL D 91 -24.94 45.43 22.05
CA VAL D 91 -24.30 45.79 20.78
C VAL D 91 -22.78 45.64 20.88
N PHE D 92 -22.28 45.54 22.11
CA PHE D 92 -20.91 45.10 22.38
C PHE D 92 -20.92 43.62 22.79
N ARG D 93 -21.41 42.76 21.91
CA ARG D 93 -21.27 41.33 22.14
C ARG D 93 -21.09 40.63 20.79
N GLY D 94 -20.03 40.98 20.06
CA GLY D 94 -19.01 41.93 20.51
C GLY D 94 -18.14 41.47 21.67
N LYS D 95 -17.31 40.45 21.49
CA LYS D 95 -16.93 39.89 20.19
C LYS D 95 -16.00 38.66 20.30
N SER D 96 -15.00 38.64 21.18
CA SER D 96 -14.59 39.75 22.08
C SER D 96 -13.31 40.43 21.60
N PHE D 97 -12.15 40.10 22.20
CA PHE D 97 -10.86 40.68 21.78
C PHE D 97 -10.93 42.24 21.85
N PRO D 98 -9.99 42.99 21.23
CA PRO D 98 -8.75 42.70 20.48
C PRO D 98 -7.61 42.17 21.37
N GLU D 99 -6.50 41.81 20.72
CA GLU D 99 -5.38 41.06 21.34
C GLU D 99 -5.13 41.34 22.82
N ARG D 100 -5.38 42.57 23.25
CA ARG D 100 -5.31 42.97 24.68
C ARG D 100 -3.86 43.17 25.18
N PRO D 101 -3.61 44.24 25.96
CA PRO D 101 -2.30 44.44 26.55
C PRO D 101 -2.05 43.55 27.75
N SER D 102 -0.80 43.49 28.17
CA SER D 102 -0.43 42.72 29.35
C SER D 102 -0.92 43.43 30.61
N ALA D 103 -1.11 42.67 31.69
CA ALA D 103 -1.55 43.23 32.96
C ALA D 103 -0.53 44.22 33.47
N GLU D 104 0.73 43.77 33.58
CA GLU D 104 1.83 44.60 34.09
C GLU D 104 2.06 45.87 33.26
N ALA D 105 1.74 45.81 31.97
CA ALA D 105 1.79 46.96 31.08
C ALA D 105 0.64 47.91 31.36
N PHE D 106 -0.58 47.38 31.29
CA PHE D 106 -1.79 48.18 31.41
C PHE D 106 -1.93 48.88 32.76
N ALA D 107 -1.57 48.18 33.84
CA ALA D 107 -1.59 48.77 35.18
C ALA D 107 -0.61 49.92 35.25
N ALA D 108 0.56 49.74 34.63
CA ALA D 108 1.56 50.79 34.54
C ALA D 108 1.10 51.95 33.65
N ALA D 109 0.22 51.66 32.69
CA ALA D 109 -0.31 52.67 31.78
C ALA D 109 -1.24 53.69 32.45
N LEU D 110 -1.69 53.42 33.68
CA LEU D 110 -2.46 54.40 34.46
C LEU D 110 -1.70 54.85 35.72
N THR D 111 -1.27 53.88 36.54
CA THR D 111 -0.66 54.16 37.86
C THR D 111 0.86 53.89 37.98
N GLY D 112 1.49 53.41 36.92
CA GLY D 112 2.94 53.10 36.95
C GLY D 112 3.85 53.90 36.03
N ASN D 113 3.47 55.15 35.75
CA ASN D 113 4.30 56.12 34.99
C ASN D 113 4.72 55.69 33.57
N PHE D 114 4.09 54.64 33.03
CA PHE D 114 4.42 54.15 31.69
C PHE D 114 5.82 53.51 31.62
N GLU D 115 6.44 53.13 32.75
CA GLU D 115 7.78 52.51 32.69
C GLU D 115 8.10 51.44 33.76
N SER D 116 8.65 50.29 33.30
CA SER D 116 9.16 49.19 34.15
C SER D 116 10.71 49.21 34.05
N ARG D 117 11.36 49.67 35.13
CA ARG D 117 12.81 49.92 35.16
C ARG D 117 13.36 50.68 33.95
N GLY D 118 13.61 49.96 32.84
CA GLY D 118 14.11 50.59 31.62
C GLY D 118 13.13 50.49 30.46
N ASN D 119 12.14 49.60 30.58
CA ASN D 119 11.16 49.36 29.52
C ASN D 119 9.94 50.30 29.57
N THR D 120 9.79 51.14 28.54
CA THR D 120 8.69 52.12 28.45
C THR D 120 7.42 51.45 27.90
N VAL D 121 6.26 52.04 28.16
CA VAL D 121 5.02 51.56 27.51
C VAL D 121 4.88 52.30 26.20
N VAL D 122 4.61 51.55 25.14
CA VAL D 122 4.54 52.11 23.82
C VAL D 122 3.10 52.43 23.44
N LEU D 123 2.95 53.42 22.57
CA LEU D 123 1.75 53.57 21.75
C LEU D 123 2.22 53.25 20.32
N SER D 124 1.71 52.17 19.75
CA SER D 124 2.06 51.82 18.37
C SER D 124 0.80 51.57 17.54
N ALA D 125 0.69 52.27 16.44
CA ALA D 125 -0.39 52.05 15.52
C ALA D 125 0.23 51.49 14.29
N SER D 126 -0.60 50.86 13.48
CA SER D 126 -0.11 50.17 12.31
C SER D 126 -1.05 50.47 11.18
N LEU D 127 -0.51 50.99 10.09
CA LEU D 127 -1.32 51.32 8.94
C LEU D 127 -1.08 50.38 7.78
N GLU D 128 -2.17 49.82 7.27
CA GLU D 128 -2.16 49.03 6.04
C GLU D 128 -3.12 49.70 5.09
N PHE D 129 -2.93 49.46 3.80
CA PHE D 129 -3.71 50.13 2.78
C PHE D 129 -5.17 49.70 2.81
N ASN D 130 -6.01 50.55 2.21
CA ASN D 130 -7.37 50.18 1.91
C ASN D 130 -7.35 49.14 0.77
N PRO D 131 -7.86 47.91 1.02
CA PRO D 131 -7.65 46.82 0.05
C PRO D 131 -8.77 46.68 -0.97
CA SER D 132 -12.62 55.75 -4.80
C SER D 132 -12.93 56.77 -3.70
N LYS D 133 -13.22 58.01 -4.11
CA LYS D 133 -13.50 59.09 -3.18
C LYS D 133 -14.91 58.93 -2.58
N THR D 134 -15.08 59.14 -1.27
CA THR D 134 -14.02 59.61 -0.39
C THR D 134 -13.72 58.56 0.66
N GLY D 135 -13.14 57.44 0.22
CA GLY D 135 -12.67 56.41 1.13
C GLY D 135 -11.37 56.83 1.80
N PRO D 136 -10.94 56.08 2.84
CA PRO D 136 -9.80 56.52 3.64
C PRO D 136 -8.51 56.47 2.86
N LEU D 137 -8.14 55.29 2.39
CA LEU D 137 -6.82 55.03 1.79
C LEU D 137 -5.96 54.26 2.81
N PHE D 138 -5.92 54.75 4.05
CA PHE D 138 -5.20 54.08 5.13
C PHE D 138 -6.14 53.56 6.22
N LEU D 139 -5.95 52.30 6.61
CA LEU D 139 -6.78 51.63 7.61
C LEU D 139 -6.03 51.64 8.93
N LEU D 140 -6.60 52.29 9.94
CA LEU D 140 -5.90 52.55 11.18
C LEU D 140 -6.27 51.57 12.30
N ASP D 141 -5.35 50.63 12.57
CA ASP D 141 -5.51 49.57 13.58
C ASP D 141 -4.40 49.73 14.64
N MET D 142 -4.85 50.17 15.81
CA MET D 142 -3.99 50.39 16.98
C MET D 142 -3.60 49.07 17.60
N LYS D 143 -2.31 48.76 17.63
CA LYS D 143 -1.83 47.60 18.37
C LYS D 143 -2.00 47.94 19.85
N PRO D 144 -2.06 46.91 20.70
CA PRO D 144 -2.28 47.22 22.11
C PRO D 144 -1.00 47.70 22.76
N LEU D 145 -1.14 48.34 23.92
CA LEU D 145 0.00 48.81 24.70
C LEU D 145 0.99 47.66 24.92
N ARG D 146 2.27 47.88 24.57
CA ARG D 146 3.31 46.85 24.73
C ARG D 146 4.51 47.43 25.48
N PHE D 147 5.14 46.63 26.35
CA PHE D 147 6.44 47.03 26.92
C PHE D 147 7.52 46.87 25.83
N ASP D 148 8.23 47.96 25.52
CA ASP D 148 9.49 47.86 24.78
C ASP D 148 10.53 48.60 25.57
N GLU D 149 11.79 48.50 25.14
CA GLU D 149 12.82 49.30 25.78
C GLU D 149 12.59 50.78 25.45
N GLY D 150 12.97 51.65 26.38
CA GLY D 150 12.81 53.09 26.21
C GLY D 150 13.97 53.68 25.44
N CYS D 151 13.76 54.87 24.91
CA CYS D 151 14.81 55.64 24.26
C CYS D 151 15.04 56.94 25.06
N ARG D 152 15.82 57.87 24.54
CA ARG D 152 16.18 59.05 25.31
C ARG D 152 15.14 60.16 25.27
N LEU D 153 14.30 60.19 24.25
CA LEU D 153 13.28 61.23 24.15
C LEU D 153 12.11 60.82 25.03
N THR D 154 11.68 59.56 24.94
CA THR D 154 10.61 59.03 25.81
C THR D 154 10.98 59.09 27.29
N ARG D 155 12.23 58.79 27.62
CA ARG D 155 12.74 58.92 29.00
C ARG D 155 12.73 60.32 29.55
N ARG D 156 12.82 61.31 28.68
CA ARG D 156 12.96 62.67 29.14
C ARG D 156 11.61 63.40 29.18
N PHE D 157 10.80 63.21 28.14
CA PHE D 157 9.59 63.98 27.98
C PHE D 157 8.36 63.17 28.35
N GLY D 158 8.57 61.94 28.83
CA GLY D 158 7.49 61.02 29.22
C GLY D 158 7.02 60.11 28.10
N PRO D 159 7.03 58.79 28.33
CA PRO D 159 6.71 57.85 27.24
C PRO D 159 5.29 57.99 26.67
N ASP D 160 4.39 58.59 27.45
CA ASP D 160 3.04 58.94 26.99
C ASP D 160 2.92 60.00 25.85
N ARG D 161 3.98 60.77 25.57
CA ARG D 161 3.94 61.80 24.50
C ARG D 161 4.36 61.37 23.09
N PHE D 162 4.61 60.09 22.86
CA PHE D 162 5.17 59.68 21.55
C PHE D 162 4.38 58.58 20.89
N LEU D 163 4.31 58.64 19.56
CA LEU D 163 3.62 57.64 18.76
C LEU D 163 4.51 57.20 17.60
N GLU D 164 4.60 55.89 17.36
CA GLU D 164 5.28 55.37 16.16
C GLU D 164 4.39 54.43 15.30
N VAL D 165 4.19 54.78 14.02
CA VAL D 165 3.24 54.08 13.16
C VAL D 165 4.01 53.48 12.01
N LEU D 166 3.63 52.29 11.59
CA LEU D 166 4.15 51.73 10.38
C LEU D 166 3.25 52.13 9.22
N VAL D 167 3.81 52.87 8.27
CA VAL D 167 3.06 53.43 7.16
C VAL D 167 3.59 52.87 5.83
N PRO D 168 2.68 52.38 4.96
CA PRO D 168 3.10 51.92 3.64
C PRO D 168 3.74 53.05 2.81
N SER D 169 4.89 52.79 2.22
CA SER D 169 5.60 53.88 1.52
C SER D 169 4.81 54.41 0.31
N PRO D 170 4.61 55.74 0.21
CA PRO D 170 3.91 56.34 -0.95
C PRO D 170 4.76 56.51 -2.24
N THR D 171 5.99 55.99 -2.23
CA THR D 171 6.81 55.94 -3.44
C THR D 171 7.01 54.50 -3.93
N ALA D 172 6.39 53.56 -3.25
CA ALA D 172 6.17 52.22 -3.80
C ALA D 172 4.98 52.21 -4.77
N LEU D 173 5.26 52.61 -6.02
CA LEU D 173 4.36 52.38 -7.18
C LEU D 173 4.73 51.07 -7.94
N ASN D 174 3.98 50.00 -7.70
CA ASN D 174 2.86 49.97 -6.79
C ASN D 174 2.97 48.78 -5.84
CA ALA D 175 -0.74 48.48 -2.85
C ALA D 175 -1.35 49.36 -3.94
N PRO D 176 -2.54 49.95 -3.68
CA PRO D 176 -3.37 50.55 -4.75
C PRO D 176 -2.71 51.66 -5.59
N SER D 177 -2.96 51.60 -6.90
CA SER D 177 -2.37 52.49 -7.90
C SER D 177 -2.68 53.96 -7.64
N ILE D 178 -3.86 54.25 -7.12
CA ILE D 178 -4.22 55.62 -6.74
C ILE D 178 -3.05 56.28 -6.00
N LEU D 179 -2.41 55.51 -5.13
CA LEU D 179 -1.15 55.89 -4.48
C LEU D 179 0.04 55.84 -5.45
N LYS D 180 0.80 56.93 -5.50
CA LYS D 180 2.05 57.05 -6.28
C LYS D 180 1.97 56.87 -7.81
N ASP D 181 0.80 56.49 -8.34
CA ASP D 181 0.57 56.58 -9.78
C ASP D 181 0.32 58.03 -10.20
N GLY D 182 0.28 58.94 -9.21
CA GLY D 182 0.54 60.38 -9.40
C GLY D 182 1.98 60.82 -9.10
N GLY D 183 2.93 59.88 -9.00
CA GLY D 183 4.33 60.17 -8.73
C GLY D 183 4.63 60.88 -7.40
N ALA D 184 4.03 60.34 -6.34
CA ALA D 184 4.30 60.77 -4.95
C ALA D 184 3.96 62.23 -4.61
N ALA D 185 2.71 62.56 -4.25
CA ALA D 185 1.54 61.65 -4.24
C ALA D 185 1.74 60.31 -3.51
CA GLN D 186 0.84 65.13 -1.14
C GLN D 186 0.71 64.34 0.16
N VAL D 187 0.80 63.01 0.05
CA VAL D 187 0.75 62.13 1.21
C VAL D 187 1.77 62.57 2.26
N ILE D 188 3.01 62.73 1.84
CA ILE D 188 4.09 63.16 2.75
C ILE D 188 3.76 64.53 3.34
N ARG D 189 3.34 65.45 2.48
CA ARG D 189 2.96 66.79 2.91
C ARG D 189 1.81 66.75 3.91
N TRP D 190 1.00 65.70 3.85
CA TRP D 190 -0.08 65.47 4.81
C TRP D 190 0.44 65.03 6.18
N LEU D 191 1.50 64.22 6.20
CA LEU D 191 2.10 63.72 7.44
C LEU D 191 2.88 64.77 8.24
N THR D 192 3.44 65.75 7.54
CA THR D 192 4.40 66.66 8.16
C THR D 192 3.86 68.06 8.48
N GLU D 193 2.96 68.57 7.63
CA GLU D 193 2.69 70.03 7.64
C GLU D 193 1.90 70.53 8.87
N LYS D 194 0.61 70.18 8.97
CA LYS D 194 -0.19 70.46 10.16
C LYS D 194 -0.12 69.26 11.10
N PRO D 195 -0.61 69.42 12.33
CA PRO D 195 -0.63 68.37 13.36
C PRO D 195 -1.75 67.35 13.17
N HIS D 196 -1.67 66.21 13.86
CA HIS D 196 -2.62 65.14 13.68
C HIS D 196 -3.37 64.76 14.96
N SER D 197 -4.68 64.95 14.91
CA SER D 197 -5.55 64.71 16.05
C SER D 197 -5.81 63.22 16.27
N LEU D 198 -5.47 62.77 17.49
CA LEU D 198 -5.82 61.42 17.94
C LEU D 198 -5.98 61.41 19.46
N VAL D 199 -6.91 60.61 19.98
CA VAL D 199 -7.15 60.48 21.42
C VAL D 199 -6.87 61.77 22.20
N GLY D 200 -7.38 62.88 21.69
CA GLY D 200 -7.21 64.19 22.34
C GLY D 200 -5.85 64.83 22.25
N ARG D 201 -4.95 64.32 21.41
CA ARG D 201 -3.60 64.88 21.30
C ARG D 201 -3.17 65.30 19.89
N GLN D 202 -2.28 66.28 19.87
CA GLN D 202 -1.72 66.83 18.62
C GLN D 202 -0.39 66.20 18.27
N TRP D 203 -0.42 65.14 17.47
CA TRP D 203 0.81 64.43 17.13
C TRP D 203 1.40 65.09 15.88
N GLN D 204 2.64 65.51 15.96
CA GLN D 204 3.34 66.23 14.88
C GLN D 204 4.60 65.45 14.59
N ALA D 205 4.78 65.11 13.32
CA ALA D 205 5.79 64.15 12.90
C ALA D 205 7.20 64.72 13.03
N PHE D 206 8.16 63.89 13.43
CA PHE D 206 9.56 64.32 13.49
C PHE D 206 10.60 63.39 12.86
N TYR D 207 10.31 62.10 12.74
CA TYR D 207 11.29 61.21 12.11
C TYR D 207 10.65 60.09 11.27
N THR D 208 11.42 59.65 10.27
CA THR D 208 11.03 58.58 9.38
C THR D 208 12.24 57.62 9.23
N LYS D 209 11.93 56.32 9.19
CA LYS D 209 12.93 55.23 9.24
C LYS D 209 12.49 54.02 8.39
N ASP D 210 13.44 53.16 8.03
CA ASP D 210 13.11 51.92 7.30
C ASP D 210 12.38 50.92 8.21
N ALA D 211 11.51 50.11 7.60
CA ALA D 211 10.72 49.14 8.35
C ALA D 211 11.62 48.20 9.16
N GLY D 212 11.85 48.59 10.41
CA GLY D 212 12.69 47.86 11.34
C GLY D 212 11.95 46.67 11.89
N ALA D 226 -2.91 42.66 -3.04
CA ALA D 226 -2.39 41.30 -3.01
C ALA D 226 -1.12 41.20 -2.16
N LYS D 227 0.05 41.43 -2.78
CA LYS D 227 1.33 41.17 -2.12
C LYS D 227 1.62 42.29 -1.12
N ALA D 228 2.10 41.93 0.07
CA ALA D 228 2.20 42.91 1.17
C ALA D 228 3.28 43.95 0.93
N THR D 229 3.06 45.13 1.51
CA THR D 229 3.77 46.36 1.10
C THR D 229 4.76 46.99 2.11
N PHE D 230 5.99 47.27 1.66
CA PHE D 230 7.07 47.63 2.59
C PHE D 230 6.83 49.00 3.19
N LYS D 231 7.02 49.08 4.50
CA LYS D 231 6.47 50.20 5.28
C LYS D 231 7.57 51.14 5.75
N GLU D 232 7.18 52.37 6.11
CA GLU D 232 8.06 53.35 6.70
C GLU D 232 7.62 53.55 8.14
N ARG D 233 8.56 53.65 9.07
CA ARG D 233 8.17 53.88 10.45
C ARG D 233 8.22 55.35 10.71
N VAL D 234 7.15 55.87 11.29
CA VAL D 234 6.98 57.32 11.48
C VAL D 234 6.66 57.70 12.93
N HIS D 235 7.48 58.62 13.44
CA HIS D 235 7.51 59.00 14.88
C HIS D 235 6.92 60.35 15.15
N PHE D 236 5.81 60.36 15.85
CA PHE D 236 5.10 61.59 16.08
C PHE D 236 5.31 61.95 17.53
N PHE D 237 5.30 63.25 17.84
CA PHE D 237 5.42 63.74 19.20
C PHE D 237 4.19 64.57 19.53
N ALA D 238 3.49 64.24 20.62
CA ALA D 238 2.28 64.98 21.00
C ALA D 238 2.61 66.39 21.49
N GLU D 239 2.19 67.42 20.76
CA GLU D 239 2.60 68.80 21.05
C GLU D 239 1.66 69.48 22.01
N ARG D 240 0.41 69.05 22.04
CA ARG D 240 -0.62 69.65 22.88
C ARG D 240 -1.79 68.63 23.04
N GLY D 241 -2.97 69.09 23.46
CA GLY D 241 -4.14 68.22 23.63
C GLY D 241 -5.13 68.75 24.66
N HIS D 242 -6.29 68.08 24.82
CA HIS D 242 -7.24 68.37 25.89
C HIS D 242 -6.80 67.75 27.22
N ASP D 243 -5.92 68.48 27.91
CA ASP D 243 -5.27 68.09 29.18
C ASP D 243 -4.02 68.95 29.42
N PHE D 244 -3.76 69.89 28.52
CA PHE D 244 -2.45 70.53 28.39
C PHE D 244 -2.48 71.99 28.76
N ARG D 245 -1.28 72.52 29.01
CA ARG D 245 -1.14 73.95 29.32
C ARG D 245 0.11 74.60 28.64
N PRO D 246 -0.06 75.68 27.83
CA PRO D 246 0.97 76.46 27.08
C PRO D 246 1.75 77.46 27.95
N ALA D 247 2.84 78.13 27.49
CA ALA D 247 3.58 78.00 26.18
C ALA D 247 4.80 78.97 26.16
N PRO D 248 5.84 78.70 25.32
CA PRO D 248 7.18 79.29 25.61
C PRO D 248 7.16 80.75 26.02
N LEU D 249 7.75 81.14 27.17
CA LEU D 249 8.44 80.26 28.16
C LEU D 249 7.72 80.17 29.53
N THR D 251 -0.86 65.10 32.51
CA THR D 251 0.18 65.61 33.42
C THR D 251 0.22 67.15 33.58
N ARG D 252 0.46 67.99 32.55
CA ARG D 252 1.14 67.70 31.25
C ARG D 252 1.18 69.00 30.40
N ALA D 253 2.38 69.53 30.14
CA ALA D 253 2.50 70.87 29.54
C ALA D 253 2.69 70.83 28.03
N GLN D 254 2.42 71.96 27.39
CA GLN D 254 2.58 72.10 25.95
C GLN D 254 4.00 72.27 25.56
N LEU D 255 4.38 71.74 24.40
CA LEU D 255 5.78 71.80 23.96
C LEU D 255 5.78 71.48 22.48
N PRO D 256 6.27 72.47 21.68
CA PRO D 256 6.54 72.65 20.25
C PRO D 256 7.95 72.13 19.89
N VAL D 269 7.51 69.95 18.90
CA VAL D 269 8.65 69.35 18.23
C VAL D 269 9.92 70.22 18.09
N SER D 270 9.74 71.48 17.72
CA SER D 270 10.84 72.46 17.64
C SER D 270 11.71 72.61 18.90
N GLU D 271 11.11 72.53 20.08
CA GLU D 271 11.86 72.69 21.33
C GLU D 271 12.43 71.35 21.75
N MET D 272 11.75 70.27 21.37
CA MET D 272 12.23 68.95 21.70
C MET D 272 13.60 68.71 21.05
N LEU D 273 13.65 68.79 19.73
CA LEU D 273 14.89 68.60 18.98
C LEU D 273 15.95 69.57 19.48
N ASP D 274 15.53 70.80 19.75
CA ASP D 274 16.45 71.82 20.24
C ASP D 274 17.13 71.39 21.54
N TRP D 275 16.40 70.63 22.36
CA TRP D 275 16.99 69.99 23.53
C TRP D 275 17.98 68.89 23.11
N LEU D 276 17.48 67.96 22.31
CA LEU D 276 18.21 66.77 21.91
C LEU D 276 19.47 67.14 21.13
N LEU D 277 19.27 67.88 20.05
CA LEU D 277 20.32 68.19 19.09
C LEU D 277 21.16 69.43 19.43
N GLN D 278 20.55 70.41 20.11
CA GLN D 278 21.21 71.68 20.46
C GLN D 278 21.54 72.46 19.16
N LEU D 279 20.53 73.18 18.66
CA LEU D 279 20.49 73.58 17.23
C LEU D 279 21.40 74.74 16.65
N GLU D 280 21.75 75.77 17.45
CA GLU D 280 22.62 76.90 16.95
C GLU D 280 24.08 76.51 16.82
N GLN D 281 24.53 75.68 17.76
CA GLN D 281 25.91 75.21 17.76
C GLN D 281 26.17 74.29 16.56
N ASN D 282 25.14 73.97 15.79
CA ASN D 282 25.29 73.02 14.67
C ASN D 282 24.60 73.44 13.36
N GLU D 283 24.33 74.73 13.21
CA GLU D 283 23.61 75.28 12.05
C GLU D 283 24.40 75.09 10.78
N TYR D 284 25.72 74.96 10.93
CA TYR D 284 26.63 74.69 9.82
C TYR D 284 26.40 73.32 9.16
N GLN D 285 25.75 72.40 9.85
CA GLN D 285 25.40 71.10 9.31
C GLN D 285 24.33 71.17 8.24
N PRO D 286 24.50 70.34 7.20
CA PRO D 286 23.43 70.02 6.27
C PRO D 286 22.20 69.52 7.05
N HIS D 287 21.02 69.98 6.68
CA HIS D 287 19.83 69.69 7.48
C HIS D 287 19.44 68.21 7.50
N LEU D 288 19.62 67.53 6.36
CA LEU D 288 19.34 66.11 6.24
C LEU D 288 20.28 65.29 7.14
N LYS D 289 21.53 65.75 7.27
CA LYS D 289 22.52 65.03 8.06
C LYS D 289 22.18 65.18 9.53
N LEU D 290 21.69 66.37 9.88
CA LEU D 290 21.24 66.67 11.22
C LEU D 290 19.90 65.99 11.49
N PHE D 291 19.06 65.88 10.47
CA PHE D 291 17.81 65.15 10.59
C PHE D 291 18.10 63.69 10.92
N SER D 292 19.10 63.10 10.23
CA SER D 292 19.47 61.69 10.45
C SER D 292 19.96 61.39 11.87
N ARG D 293 20.54 62.40 12.53
CA ARG D 293 21.05 62.31 13.89
C ARG D 293 19.95 62.09 14.94
N ILE D 294 18.71 62.37 14.55
CA ILE D 294 17.53 62.14 15.41
C ILE D 294 17.51 60.72 15.91
N GLN D 295 17.85 59.79 15.03
CA GLN D 295 17.88 58.38 15.40
C GLN D 295 18.61 58.03 16.72
N LEU D 296 19.54 58.88 17.17
CA LEU D 296 20.23 58.67 18.44
C LEU D 296 19.33 58.86 19.65
N GLY D 297 18.31 59.69 19.52
CA GLY D 297 17.39 59.95 20.64
C GLY D 297 16.14 59.10 20.55
N LEU D 298 16.15 58.14 19.62
CA LEU D 298 15.05 57.21 19.44
C LEU D 298 15.51 55.77 19.61
N SER D 299 16.80 55.53 19.38
CA SER D 299 17.42 54.24 19.60
C SER D 299 17.08 53.61 20.94
N LYS D 300 16.69 52.34 20.87
CA LYS D 300 16.19 51.58 21.98
C LYS D 300 17.34 51.07 22.84
N THR D 301 17.52 51.67 24.02
CA THR D 301 18.72 51.49 24.84
C THR D 301 18.40 51.34 26.30
N PHE D 302 19.29 50.67 27.03
CA PHE D 302 19.19 50.54 28.49
C PHE D 302 20.06 51.67 29.11
N PRO D 303 19.45 52.54 29.92
CA PRO D 303 20.17 53.51 30.75
C PRO D 303 20.99 52.79 31.81
N THR D 304 22.21 53.24 31.99
CA THR D 304 23.15 52.59 32.85
C THR D 304 23.62 53.73 33.81
N VAL D 305 24.77 54.37 33.58
CA VAL D 305 25.46 55.18 34.66
C VAL D 305 25.86 56.61 34.30
N THR D 306 25.40 57.56 35.11
CA THR D 306 25.61 58.98 34.85
C THR D 306 26.98 59.44 35.36
N PHE D 307 27.75 60.00 34.46
CA PHE D 307 29.08 60.46 34.83
C PHE D 307 29.08 61.93 35.25
N GLU D 308 30.17 62.36 35.87
CA GLU D 308 30.45 63.79 36.04
C GLU D 308 31.19 64.24 34.79
N PRO D 309 31.06 65.52 34.43
CA PRO D 309 31.79 66.12 33.31
C PRO D 309 33.32 65.83 33.29
N ASN D 310 33.97 65.78 34.44
CA ASN D 310 35.42 65.44 34.48
C ASN D 310 35.69 63.95 34.10
N GLN D 311 34.76 63.09 34.49
CA GLN D 311 34.82 61.64 34.27
C GLN D 311 34.52 61.22 32.83
N ILE D 312 33.97 62.13 32.04
CA ILE D 312 33.94 61.94 30.59
C ILE D 312 35.19 62.60 29.98
N ARG D 313 36.03 61.82 29.32
CA ARG D 313 37.22 62.37 28.63
C ARG D 313 37.12 62.57 27.08
N HIS D 314 36.68 63.74 26.66
CA HIS D 314 36.45 64.03 25.26
C HIS D 314 37.76 64.17 24.50
N ARG D 315 38.14 63.11 23.80
CA ARG D 315 39.32 63.12 22.95
C ARG D 315 39.07 64.02 21.74
N THR D 316 40.11 64.75 21.35
CA THR D 316 40.03 65.73 20.28
C THR D 316 40.25 65.08 18.93
N ASP D 317 41.14 64.11 18.88
CA ASP D 317 41.54 63.47 17.63
C ASP D 317 41.24 62.01 17.72
N ASP D 318 40.93 61.44 16.59
CA ASP D 318 40.86 60.00 16.50
C ASP D 318 42.28 59.41 16.36
N ILE D 319 42.37 58.12 16.63
CA ILE D 319 43.56 57.37 16.30
C ILE D 319 43.62 57.36 14.77
N LEU D 320 44.76 57.73 14.22
CA LEU D 320 44.87 57.86 12.76
C LEU D 320 45.86 56.89 12.19
N SER D 321 45.80 56.71 10.88
CA SER D 321 46.68 55.75 10.23
C SER D 321 48.12 56.28 10.26
N PRO D 322 49.06 55.43 10.56
CA PRO D 322 50.45 55.91 10.52
C PRO D 322 50.84 56.85 9.33
N ALA D 323 49.99 56.87 8.29
CA ALA D 323 49.90 57.97 7.33
C ALA D 323 48.44 58.22 7.01
CA GLY D 324 45.24 60.13 8.03
C GLY D 324 43.91 59.40 8.08
N LYS D 325 43.97 58.07 7.98
CA LYS D 325 42.78 57.23 8.01
C LYS D 325 42.48 56.69 9.42
N ILE D 326 41.28 57.00 9.91
CA ILE D 326 40.95 56.79 11.34
C ILE D 326 40.89 55.33 11.68
N MET D 327 41.60 54.93 12.73
CA MET D 327 41.80 53.51 13.05
C MET D 327 40.93 53.03 14.21
N ASN D 328 40.12 53.93 14.74
CA ASN D 328 39.19 53.50 15.77
C ASN D 328 37.77 54.06 15.56
N ASP D 329 37.27 53.86 14.34
CA ASP D 329 36.06 54.51 13.79
C ASP D 329 34.87 54.24 14.69
N GLY D 330 34.64 55.11 15.67
CA GLY D 330 33.53 54.87 16.55
C GLY D 330 33.81 54.17 17.86
N ILE D 331 35.08 53.90 18.18
CA ILE D 331 35.42 53.23 19.46
C ILE D 331 36.11 54.19 20.44
N GLY D 332 36.05 53.77 21.69
CA GLY D 332 36.72 54.45 22.77
C GLY D 332 36.60 53.60 24.01
N ARG D 333 37.52 53.74 24.94
CA ARG D 333 37.57 52.84 26.07
C ARG D 333 36.62 53.28 27.14
N MET D 334 36.13 52.31 27.91
CA MET D 334 35.52 52.62 29.20
C MET D 334 36.43 52.05 30.28
N SER D 335 36.14 52.43 31.52
CA SER D 335 36.89 51.93 32.67
C SER D 335 36.41 50.54 32.97
N ARG D 336 37.25 49.81 33.71
CA ARG D 336 36.89 48.53 34.23
C ARG D 336 35.70 48.63 35.18
N SER D 337 35.64 49.71 35.97
CA SER D 337 34.58 49.88 36.99
C SER D 337 33.22 50.20 36.35
N VAL D 338 33.22 50.91 35.23
CA VAL D 338 31.98 51.17 34.49
C VAL D 338 31.51 49.84 33.92
N ALA D 339 32.44 48.99 33.46
CA ALA D 339 32.08 47.66 32.95
C ALA D 339 31.54 46.73 34.05
N ARG D 340 32.12 46.80 35.25
CA ARG D 340 31.59 46.08 36.43
C ARG D 340 30.21 46.58 36.78
N LYS D 341 30.07 47.91 36.72
CA LYS D 341 28.82 48.61 36.97
C LYS D 341 27.67 48.21 36.02
N ILE D 342 27.98 48.15 34.73
CA ILE D 342 27.01 47.82 33.69
C ILE D 342 26.47 46.41 33.94
N ARG D 343 27.37 45.46 34.20
CA ARG D 343 26.93 44.12 34.59
C ARG D 343 25.99 44.22 35.79
N ASP D 344 26.45 44.90 36.85
CA ASP D 344 25.67 45.06 38.11
C ASP D 344 24.31 45.68 37.84
N ALA D 345 24.25 46.68 36.94
CA ALA D 345 22.98 47.33 36.65
C ALA D 345 21.97 46.42 35.88
N LEU D 346 22.40 45.78 34.81
CA LEU D 346 21.50 45.08 33.88
C LEU D 346 21.23 43.63 34.26
N GLY D 347 22.06 43.08 35.11
CA GLY D 347 21.93 41.68 35.46
C GLY D 347 22.53 40.74 34.41
N LEU D 348 23.84 40.86 34.16
CA LEU D 348 24.53 39.90 33.34
C LEU D 348 25.34 38.98 34.20
N SER D 349 25.52 37.75 33.72
CA SER D 349 26.32 36.75 34.41
C SER D 349 27.81 36.94 34.11
N ASP D 350 28.20 38.14 33.65
CA ASP D 350 29.59 38.44 33.33
C ASP D 350 29.80 39.89 32.91
N ILE D 351 30.87 40.54 33.41
CA ILE D 351 31.20 41.91 32.97
C ILE D 351 31.61 41.83 31.50
N PRO D 352 30.94 42.61 30.65
CA PRO D 352 31.26 42.52 29.23
C PRO D 352 32.51 43.30 28.92
N SER D 353 33.30 42.84 27.94
CA SER D 353 34.60 43.47 27.61
C SER D 353 34.35 44.68 26.74
N ALA D 354 33.28 44.56 25.95
CA ALA D 354 32.87 45.63 25.06
C ALA D 354 31.35 45.70 25.02
N ILE D 355 30.90 46.92 24.79
CA ILE D 355 29.52 47.33 24.93
C ILE D 355 29.13 48.28 23.77
N GLN D 356 27.91 48.13 23.23
CA GLN D 356 27.41 49.01 22.16
C GLN D 356 26.33 49.90 22.68
N GLY D 357 26.34 51.18 22.28
CA GLY D 357 25.52 52.17 22.97
C GLY D 357 25.72 53.62 22.62
N ARG D 358 25.19 54.48 23.48
CA ARG D 358 25.11 55.90 23.23
C ARG D 358 25.53 56.72 24.47
N MET D 359 26.15 57.87 24.25
CA MET D 359 26.48 58.83 25.33
C MET D 359 26.25 60.26 24.82
N GLY D 360 25.01 60.74 24.88
CA GLY D 360 24.68 62.04 24.33
C GLY D 360 24.81 62.15 22.81
N SER D 361 25.84 62.87 22.38
CA SER D 361 26.07 63.06 20.94
C SER D 361 26.95 61.96 20.45
N ALA D 362 27.56 61.26 21.40
CA ALA D 362 28.45 60.16 21.10
C ALA D 362 27.62 58.94 20.75
N LYS D 363 28.14 58.16 19.80
CA LYS D 363 27.62 56.83 19.48
C LYS D 363 28.72 55.85 19.13
N GLY D 364 28.58 54.63 19.62
CA GLY D 364 29.43 53.54 19.24
C GLY D 364 29.77 52.62 20.40
N MET D 365 30.99 52.09 20.32
CA MET D 365 31.44 50.97 21.10
C MET D 365 32.30 51.61 22.11
N TRP D 366 32.21 51.09 23.31
CA TRP D 366 33.21 51.36 24.34
C TRP D 366 33.69 50.02 24.83
N LEU D 367 35.00 49.80 24.80
CA LEU D 367 35.62 48.55 25.22
C LEU D 367 36.42 48.80 26.48
N MET D 368 36.72 47.72 27.17
CA MET D 368 37.36 47.81 28.48
C MET D 368 38.82 48.13 28.36
N ASP D 369 39.24 49.21 29.01
CA ASP D 369 40.66 49.50 29.03
C ASP D 369 41.25 48.37 29.87
N VAL D 370 42.21 47.64 29.31
CA VAL D 370 42.87 46.53 30.00
C VAL D 370 43.99 47.15 30.87
N ALA D 371 44.54 48.29 30.39
CA ALA D 371 45.50 49.14 31.11
C ALA D 371 44.89 49.91 32.27
N ASP D 372 43.58 49.91 32.38
CA ASP D 372 42.89 50.78 33.34
C ASP D 372 43.27 50.55 34.81
N ALA D 373 44.03 51.49 35.39
CA ALA D 373 44.64 51.29 36.68
C ALA D 373 43.72 51.68 37.80
N GLY D 374 43.09 52.83 37.60
CA GLY D 374 42.37 53.52 38.66
C GLY D 374 41.09 52.82 39.07
N ASP D 375 40.53 53.29 40.18
CA ASP D 375 39.37 52.65 40.80
C ASP D 375 38.20 53.60 40.60
N ASP D 376 38.37 54.51 39.66
CA ASP D 376 37.41 55.55 39.36
C ASP D 376 36.85 55.26 38.00
N ASP D 377 35.56 55.50 37.94
CA ASP D 377 34.77 55.43 36.73
C ASP D 377 35.08 56.59 35.79
N TRP D 378 35.31 56.26 34.53
CA TRP D 378 35.66 57.24 33.51
C TRP D 378 35.21 56.59 32.21
N ILE D 379 35.12 57.40 31.17
CA ILE D 379 34.83 56.90 29.84
C ILE D 379 35.35 57.94 28.88
N GLU D 380 35.88 57.52 27.74
CA GLU D 380 36.36 58.49 26.78
C GLU D 380 35.51 58.54 25.49
N THR D 381 35.63 59.65 24.77
CA THR D 381 34.94 59.78 23.52
C THR D 381 35.84 60.37 22.48
N TYR D 382 35.53 60.09 21.22
CA TYR D 382 36.31 60.53 20.06
C TYR D 382 35.47 61.33 19.04
N PRO D 383 36.10 62.15 18.19
CA PRO D 383 35.39 62.98 17.20
C PRO D 383 34.44 62.23 16.27
N SER D 384 34.90 61.13 15.66
CA SER D 384 34.07 60.34 14.78
C SER D 384 32.88 59.68 15.52
N GLN D 385 32.99 59.47 16.84
CA GLN D 385 31.91 58.94 17.66
C GLN D 385 30.86 60.03 17.77
N ARG D 386 31.33 61.24 18.06
CA ARG D 386 30.49 62.37 18.47
C ARG D 386 29.83 63.08 17.30
N LYS D 387 28.56 62.80 17.13
CA LYS D 387 27.84 63.10 15.91
C LYS D 387 27.42 64.57 15.78
N TRP D 388 27.18 65.26 16.89
CA TRP D 388 26.93 66.69 16.86
C TRP D 388 27.56 67.32 18.09
N LYS D 389 27.68 68.64 18.08
CA LYS D 389 28.27 69.37 19.20
C LYS D 389 27.30 69.46 20.37
N CYS D 390 27.54 68.63 21.37
CA CYS D 390 26.73 68.57 22.57
C CYS D 390 27.57 69.07 23.73
N ASP D 391 27.02 69.99 24.51
CA ASP D 391 27.68 70.51 25.71
C ASP D 391 27.66 69.52 26.87
N ASP D 392 26.93 68.42 26.69
CA ASP D 392 26.76 67.39 27.73
C ASP D 392 26.33 68.05 29.03
N ALA D 393 25.32 68.90 28.99
CA ALA D 393 24.95 69.63 30.19
C ALA D 393 24.11 68.76 31.10
N ASP D 394 22.85 68.53 30.71
CA ASP D 394 21.87 67.84 31.54
C ASP D 394 22.24 66.36 31.82
N ALA D 395 21.52 65.71 32.75
CA ALA D 395 21.94 64.38 33.22
C ALA D 395 21.78 63.29 32.17
N LEU D 396 20.72 63.38 31.36
CA LEU D 396 20.51 62.39 30.31
C LEU D 396 21.50 62.50 29.15
N HIS D 397 22.22 63.63 29.05
CA HIS D 397 23.28 63.75 28.05
C HIS D 397 24.63 63.28 28.65
N ARG D 398 24.60 62.84 29.91
CA ARG D 398 25.80 62.43 30.61
C ARG D 398 25.75 60.97 31.05
N THR D 399 24.62 60.30 30.76
CA THR D 399 24.38 58.90 31.18
C THR D 399 24.61 57.89 30.02
N LEU D 400 25.43 56.86 30.28
CA LEU D 400 25.68 55.81 29.27
C LEU D 400 24.44 55.01 29.00
N GLU D 401 24.03 54.96 27.75
CA GLU D 401 22.86 54.23 27.30
C GLU D 401 23.41 53.12 26.43
N ILE D 402 23.09 51.87 26.77
CA ILE D 402 23.57 50.76 25.90
C ILE D 402 22.48 50.11 25.10
N ARG D 403 22.87 49.75 23.90
CA ARG D 403 22.05 48.98 22.97
C ARG D 403 22.25 47.47 23.18
N SER D 404 23.50 47.04 23.26
CA SER D 404 23.86 45.59 23.27
C SER D 404 25.27 45.33 23.83
N VAL D 405 25.45 44.16 24.41
CA VAL D 405 26.72 43.84 25.06
C VAL D 405 27.44 42.68 24.36
N SER D 406 28.75 42.60 24.56
CA SER D 406 29.55 41.48 24.14
C SER D 406 29.10 40.23 24.88
N THR D 407 28.41 39.32 24.18
CA THR D 407 28.07 38.03 24.77
C THR D 407 28.74 36.87 24.07
N GLU D 408 28.57 35.68 24.64
CA GLU D 408 29.46 34.56 24.37
C GLU D 408 29.15 33.99 22.98
N LEU D 409 30.19 33.89 22.15
CA LEU D 409 30.08 33.60 20.71
C LEU D 409 29.32 32.32 20.41
N LYS D 410 28.54 32.36 19.33
CA LYS D 410 27.92 31.19 18.72
C LYS D 410 28.47 30.94 17.31
N PRO D 411 28.47 29.64 16.92
CA PRO D 411 28.91 29.18 15.61
C PRO D 411 28.02 29.74 14.52
N ALA D 412 28.66 30.10 13.42
CA ALA D 412 28.09 31.02 12.46
C ALA D 412 27.88 30.38 11.10
N ALA D 413 28.96 29.87 10.53
CA ALA D 413 28.88 29.24 9.22
C ALA D 413 29.06 30.27 8.15
N LEU D 414 28.61 29.92 6.94
CA LEU D 414 28.96 30.64 5.75
C LEU D 414 27.70 30.89 4.94
N ASN D 415 27.29 32.14 4.82
CA ASN D 415 26.16 32.43 3.98
C ASN D 415 26.57 32.39 2.52
N LEU D 416 25.60 32.55 1.65
CA LEU D 416 25.82 32.38 0.22
C LEU D 416 26.27 33.68 -0.44
N GLN D 417 26.03 34.81 0.24
CA GLN D 417 26.54 36.15 -0.18
C GLN D 417 28.06 36.20 -0.31
N PHE D 418 28.77 35.51 0.59
CA PHE D 418 30.24 35.55 0.52
C PHE D 418 30.77 34.57 -0.51
N LEU D 419 29.96 33.58 -0.93
CA LEU D 419 30.44 32.45 -1.77
C LEU D 419 31.26 32.89 -2.99
N PRO D 420 30.65 33.63 -3.93
CA PRO D 420 31.37 34.00 -5.17
C PRO D 420 32.69 34.77 -4.95
N VAL D 421 32.73 35.59 -3.91
CA VAL D 421 33.94 36.37 -3.57
C VAL D 421 35.04 35.41 -3.22
N LEU D 422 34.73 34.45 -2.35
CA LEU D 422 35.70 33.44 -1.97
C LEU D 422 36.22 32.73 -3.19
N GLU D 423 35.32 32.21 -4.00
CA GLU D 423 35.70 31.47 -5.21
C GLU D 423 36.61 32.30 -6.11
N ASP D 424 36.41 33.61 -6.13
CA ASP D 424 37.25 34.51 -6.92
C ASP D 424 38.66 34.61 -6.37
N ARG D 425 38.80 34.61 -5.06
CA ARG D 425 40.11 34.71 -4.39
C ARG D 425 40.66 33.34 -4.06
N ALA D 426 39.98 32.31 -4.54
CA ALA D 426 40.53 31.00 -4.44
C ALA D 426 41.72 30.91 -5.40
N LYS D 427 42.91 30.69 -4.86
CA LYS D 427 44.07 30.38 -5.71
C LYS D 427 43.68 29.15 -6.51
N ASP D 428 43.12 28.20 -5.79
CA ASP D 428 42.62 26.96 -6.30
C ASP D 428 41.09 26.96 -6.32
N LYS D 429 40.52 27.25 -7.49
CA LYS D 429 39.06 27.35 -7.64
C LYS D 429 38.41 25.95 -7.62
N ALA D 430 39.14 24.97 -8.13
CA ALA D 430 38.63 23.64 -8.18
C ALA D 430 38.55 23.02 -6.78
N ARG D 431 39.64 23.20 -6.02
CA ARG D 431 39.79 22.68 -4.67
C ARG D 431 38.77 23.29 -3.73
N MET D 432 38.47 24.55 -3.97
CA MET D 432 37.61 25.34 -3.12
C MET D 432 36.15 24.93 -3.33
N ARG D 433 35.84 24.62 -4.60
CA ARG D 433 34.55 24.06 -4.97
C ARG D 433 34.37 22.70 -4.32
N ARG D 434 35.38 21.85 -4.50
CA ARG D 434 35.43 20.49 -3.93
C ARG D 434 35.44 20.55 -2.40
N ALA D 435 36.05 21.59 -1.84
CA ALA D 435 36.08 21.81 -0.40
C ALA D 435 34.72 22.12 0.19
N ILE D 436 34.06 23.16 -0.32
CA ILE D 436 32.79 23.67 0.22
C ILE D 436 31.63 22.71 -0.03
N ALA D 437 31.57 22.16 -1.25
CA ALA D 437 30.55 21.20 -1.67
C ALA D 437 30.63 19.88 -0.87
N ALA D 438 31.85 19.47 -0.52
CA ALA D 438 32.01 18.29 0.36
C ALA D 438 31.42 18.58 1.76
N ARG D 439 31.63 19.81 2.23
CA ARG D 439 31.35 20.14 3.61
C ARG D 439 29.87 20.20 3.90
N LEU D 440 29.11 20.60 2.90
CA LEU D 440 27.66 20.64 3.05
C LEU D 440 27.10 19.23 3.27
N MET D 441 27.40 18.31 2.35
CA MET D 441 26.93 16.90 2.45
C MET D 441 27.40 16.23 3.74
N ASN D 442 28.64 16.47 4.14
CA ASN D 442 29.19 15.76 5.30
C ASN D 442 28.57 16.25 6.65
N ASP D 443 28.52 17.55 6.86
CA ASP D 443 27.77 18.12 7.99
C ASP D 443 26.36 17.54 8.05
N LEU D 444 25.80 17.25 6.88
CA LEU D 444 24.40 16.82 6.73
C LEU D 444 24.26 15.34 7.12
N LYS D 445 25.18 14.52 6.64
CA LYS D 445 25.35 13.15 7.19
C LYS D 445 25.40 13.13 8.71
N LYS D 446 26.32 13.91 9.26
CA LYS D 446 26.57 13.88 10.69
C LYS D 446 25.30 14.19 11.51
N GLN D 447 24.40 15.05 11.00
CA GLN D 447 23.21 15.47 11.77
C GLN D 447 21.96 14.62 11.47
N PHE D 448 22.05 13.75 10.46
CA PHE D 448 21.02 12.73 10.27
C PHE D 448 21.32 11.53 11.16
N ASP D 449 22.59 11.13 11.17
CA ASP D 449 23.08 10.13 12.12
C ASP D 449 22.74 10.56 13.54
N SER D 450 22.92 11.86 13.83
CA SER D 450 22.58 12.41 15.15
C SER D 450 21.13 12.12 15.57
N GLN D 451 20.22 12.09 14.59
CA GLN D 451 18.77 11.98 14.85
C GLN D 451 18.25 10.55 14.81
N LYS D 452 18.84 9.69 13.99
CA LYS D 452 18.42 8.28 13.94
C LYS D 452 18.96 7.48 15.13
N ALA D 453 20.16 7.82 15.61
CA ALA D 453 20.72 7.17 16.79
C ALA D 453 19.94 7.61 18.03
N ALA D 454 19.66 8.90 18.14
CA ALA D 454 18.88 9.44 19.25
C ALA D 454 17.56 8.69 19.43
N VAL D 455 16.82 8.50 18.34
CA VAL D 455 15.47 7.90 18.38
C VAL D 455 15.41 6.51 19.04
N GLU D 456 16.53 5.80 19.11
CA GLU D 456 16.56 4.45 19.68
C GLU D 456 16.31 4.41 21.19
N ARG D 457 16.42 5.55 21.87
CA ARG D 457 16.35 5.61 23.32
C ARG D 457 15.66 6.88 23.80
N PRO D 458 14.48 6.73 24.44
CA PRO D 458 13.76 7.89 24.96
C PRO D 458 14.66 9.00 25.53
N LEU D 459 15.42 8.68 26.56
CA LEU D 459 16.30 9.66 27.20
C LEU D 459 17.04 10.52 26.17
N GLN D 460 17.71 9.87 25.22
CA GLN D 460 18.51 10.56 24.22
C GLN D 460 17.65 11.27 23.20
N PHE D 461 16.59 10.60 22.75
CA PHE D 461 15.68 11.23 21.81
C PHE D 461 15.05 12.49 22.39
N ARG D 462 14.80 12.48 23.70
CA ARG D 462 14.37 13.69 24.39
C ARG D 462 15.48 14.72 24.38
N GLN D 463 16.69 14.26 24.67
CA GLN D 463 17.85 15.15 24.75
C GLN D 463 18.07 15.89 23.43
N TRP D 464 17.85 15.20 22.31
CA TRP D 464 18.02 15.76 20.96
C TRP D 464 17.03 16.89 20.67
N VAL D 465 15.77 16.67 21.03
CA VAL D 465 14.71 17.66 20.80
C VAL D 465 14.96 18.95 21.60
N ASN D 466 15.56 18.81 22.78
CA ASN D 466 15.87 19.97 23.62
C ASN D 466 17.04 20.80 23.07
N GLU D 467 17.84 20.17 22.21
CA GLU D 467 18.99 20.80 21.56
C GLU D 467 18.63 21.35 20.17
N CYS D 468 17.34 21.34 19.84
CA CYS D 468 16.82 21.80 18.53
C CYS D 468 15.74 22.91 18.61
N THR D 469 15.04 23.01 19.74
CA THR D 469 14.10 24.11 19.98
C THR D 469 14.55 24.92 21.21
N ASN D 470 14.72 26.23 21.03
CA ASN D 470 14.86 27.16 22.16
C ASN D 470 13.50 27.76 22.44
N SER D 471 12.63 26.98 23.07
CA SER D 471 11.29 27.46 23.42
C SER D 471 11.30 28.23 24.73
N ARG D 472 12.48 28.31 25.35
CA ARG D 472 12.69 29.09 26.57
C ARG D 472 12.08 30.49 26.48
N SER D 473 12.45 31.23 25.44
CA SER D 473 11.98 32.61 25.25
C SER D 473 10.50 32.67 24.82
N GLU D 474 9.90 31.52 24.53
CA GLU D 474 8.47 31.41 24.32
C GLU D 474 7.77 31.07 25.65
N ARG D 475 8.47 30.36 26.53
CA ARG D 475 7.93 29.94 27.83
C ARG D 475 7.78 31.13 28.77
N VAL D 476 8.89 31.85 28.95
CA VAL D 476 8.90 33.11 29.68
C VAL D 476 7.71 33.97 29.24
N ARG D 477 7.54 34.05 27.93
CA ARG D 477 6.51 34.88 27.32
C ARG D 477 5.16 34.62 27.97
N HIS D 478 4.72 33.37 27.94
CA HIS D 478 3.40 32.99 28.43
C HIS D 478 3.43 32.46 29.86
N GLY D 479 4.56 32.61 30.54
CA GLY D 479 4.67 32.27 31.95
C GLY D 479 4.73 30.78 32.25
N GLN D 480 4.72 29.96 31.22
CA GLN D 480 4.68 28.51 31.37
C GLN D 480 4.98 27.88 30.01
N VAL D 481 4.64 26.61 29.83
CA VAL D 481 4.60 26.03 28.48
C VAL D 481 3.32 26.49 27.77
N PRO D 482 3.43 27.49 26.87
CA PRO D 482 2.19 27.93 26.22
C PRO D 482 1.47 26.78 25.50
N PHE D 483 0.17 26.66 25.72
CA PHE D 483 -0.62 25.51 25.26
C PHE D 483 -1.67 25.91 24.25
N LEU D 484 -1.76 25.11 23.19
CA LEU D 484 -2.74 25.32 22.15
C LEU D 484 -3.72 24.15 22.22
N GLY D 485 -4.86 24.39 22.88
CA GLY D 485 -5.81 23.32 23.21
C GLY D 485 -5.12 22.34 24.13
N GLY D 486 -5.21 21.06 23.81
CA GLY D 486 -4.63 20.00 24.64
C GLY D 486 -3.12 19.78 24.55
N LEU D 487 -2.43 20.51 23.67
CA LEU D 487 -0.97 20.36 23.51
C LEU D 487 -0.26 21.67 23.25
N PRO D 488 1.02 21.74 23.66
CA PRO D 488 1.91 22.88 23.43
C PRO D 488 1.88 23.46 22.03
N GLU D 489 2.21 24.74 21.93
CA GLU D 489 2.17 25.46 20.67
C GLU D 489 3.32 24.95 19.78
N ASN D 490 4.55 25.09 20.27
CA ASN D 490 5.73 24.68 19.53
C ASN D 490 5.84 23.16 19.48
N LYS D 491 6.06 22.62 18.28
CA LYS D 491 6.08 21.17 18.06
C LYS D 491 7.12 20.43 18.91
N GLY D 492 8.33 20.97 18.99
CA GLY D 492 9.41 20.33 19.75
C GLY D 492 9.15 20.36 21.25
N GLU D 493 8.30 21.30 21.67
CA GLU D 493 7.82 21.35 23.04
C GLU D 493 6.82 20.22 23.27
N VAL D 494 5.96 20.00 22.28
CA VAL D 494 4.97 18.93 22.29
C VAL D 494 5.63 17.57 22.51
N LEU D 495 6.76 17.34 21.85
CA LEU D 495 7.50 16.08 21.99
C LEU D 495 8.03 15.87 23.39
N SER D 496 8.71 16.88 23.94
CA SER D 496 9.36 16.75 25.23
C SER D 496 8.35 16.45 26.35
N PHE D 497 7.16 17.06 26.27
CA PHE D 497 6.07 16.83 27.23
C PHE D 497 5.50 15.43 27.14
N LEU D 498 5.32 14.93 25.91
CA LEU D 498 4.78 13.59 25.72
C LEU D 498 5.85 12.55 26.06
N LEU D 499 7.11 12.92 25.91
CA LEU D 499 8.20 12.03 26.28
C LEU D 499 8.48 12.08 27.78
N ASN D 500 8.36 13.28 28.37
CA ASN D 500 8.42 13.45 29.83
C ASN D 500 7.35 12.62 30.52
N SER D 501 6.16 12.59 29.91
CA SER D 501 5.04 11.81 30.43
C SER D 501 5.19 10.30 30.19
N GLY D 502 6.22 9.91 29.44
CA GLY D 502 6.64 8.51 29.35
C GLY D 502 6.43 7.84 28.02
N PHE D 503 6.05 8.62 27.00
CA PHE D 503 5.95 8.14 25.62
C PHE D 503 7.33 7.91 25.00
N ASP D 504 7.34 7.29 23.81
CA ASP D 504 8.56 6.83 23.16
C ASP D 504 8.56 7.17 21.68
CA ARG D 505 9.93 5.14 18.98
C ARG D 505 8.65 4.33 18.78
N ARG D 506 7.74 4.39 19.78
CA ARG D 506 6.54 3.54 19.85
C ARG D 506 5.28 4.24 19.35
N GLN D 507 5.18 5.54 19.58
CA GLN D 507 3.93 6.26 19.35
C GLN D 507 3.99 6.95 17.98
N LYS D 508 3.07 6.57 17.08
CA LYS D 508 3.09 7.05 15.69
C LYS D 508 3.12 8.57 15.62
N TYR D 509 2.31 9.21 16.46
CA TYR D 509 2.26 10.67 16.56
C TYR D 509 3.63 11.25 16.90
N ILE D 510 4.35 10.60 17.82
CA ILE D 510 5.66 11.07 18.26
C ILE D 510 6.68 11.00 17.13
N GLN D 511 6.68 9.88 16.42
CA GLN D 511 7.43 9.70 15.18
C GLN D 511 7.07 10.81 14.18
N ASP D 512 5.78 11.06 14.03
CA ASP D 512 5.25 11.99 13.03
C ASP D 512 5.85 13.39 13.18
N LEU D 513 5.91 13.86 14.41
CA LEU D 513 6.42 15.19 14.71
C LEU D 513 7.94 15.23 14.60
N ALA D 514 8.58 14.12 14.95
CA ALA D 514 10.01 13.98 14.83
C ALA D 514 10.43 14.16 13.38
N PHE D 515 9.61 13.62 12.48
CA PHE D 515 9.85 13.68 11.04
C PHE D 515 9.69 15.11 10.55
N ASP D 516 8.62 15.78 11.01
CA ASP D 516 8.34 17.16 10.60
C ASP D 516 9.47 18.13 10.98
N LEU D 517 9.97 18.00 12.21
CA LEU D 517 11.04 18.87 12.71
C LEU D 517 12.31 18.82 11.84
N GLN D 518 12.85 17.63 11.59
CA GLN D 518 14.01 17.43 10.69
C GLN D 518 13.72 17.94 9.27
N LYS D 519 12.49 17.74 8.80
CA LYS D 519 12.07 18.19 7.47
C LYS D 519 12.13 19.70 7.40
N GLN D 520 11.65 20.36 8.45
CA GLN D 520 11.65 21.82 8.52
C GLN D 520 13.10 22.34 8.55
N ARG D 521 14.02 21.59 9.15
CA ARG D 521 15.46 21.95 9.16
C ARG D 521 16.11 21.72 7.80
N CYS D 522 15.55 20.80 7.03
CA CYS D 522 15.93 20.64 5.62
C CYS D 522 15.53 21.87 4.82
N GLU D 523 14.30 22.33 5.00
CA GLU D 523 13.79 23.52 4.31
C GLU D 523 14.75 24.70 4.47
N VAL D 524 15.07 25.04 5.72
CA VAL D 524 16.01 26.13 6.01
C VAL D 524 17.28 26.02 5.16
N LEU D 525 17.81 24.80 5.05
CA LEU D 525 19.06 24.53 4.37
C LEU D 525 18.96 24.59 2.83
N ARG D 526 17.81 24.17 2.29
CA ARG D 526 17.63 24.09 0.84
C ARG D 526 17.47 25.49 0.23
N THR D 527 16.83 26.39 0.98
CA THR D 527 16.71 27.77 0.58
C THR D 527 18.02 28.48 0.85
N LYS D 528 18.20 28.89 2.10
CA LYS D 528 19.23 29.87 2.47
C LYS D 528 20.67 29.38 2.41
N LEU D 529 20.88 28.12 2.03
CA LEU D 529 22.23 27.56 1.89
C LEU D 529 23.12 28.01 3.06
N ASN D 530 22.64 27.82 4.28
CA ASN D 530 23.40 28.16 5.50
C ASN D 530 24.34 27.00 5.80
N ILE D 531 25.48 27.02 5.11
CA ILE D 531 26.50 25.96 5.16
C ILE D 531 27.38 26.12 6.40
N HIS D 532 27.15 25.29 7.42
CA HIS D 532 27.82 25.49 8.72
C HIS D 532 29.33 25.39 8.64
N VAL D 533 29.99 26.19 9.46
CA VAL D 533 31.44 26.19 9.50
C VAL D 533 31.78 26.20 10.99
N GLY D 534 32.16 25.05 11.51
CA GLY D 534 32.43 24.89 12.93
C GLY D 534 33.47 25.88 13.41
N ARG D 535 34.36 26.31 12.51
CA ARG D 535 35.46 27.20 12.90
C ARG D 535 35.28 28.60 12.30
N SER D 536 34.19 29.23 12.76
CA SER D 536 33.82 30.58 12.36
C SER D 536 32.82 31.14 13.33
N ALA D 537 33.04 32.38 13.70
CA ALA D 537 32.17 33.12 14.63
C ALA D 537 32.04 34.64 14.24
N TYR D 538 30.84 35.18 14.52
CA TYR D 538 30.53 36.57 14.17
C TYR D 538 30.78 37.44 15.36
N MET D 539 31.92 38.11 15.30
CA MET D 539 32.51 38.79 16.47
C MET D 539 32.49 40.27 16.26
N PHE D 540 32.41 40.98 17.37
CA PHE D 540 32.55 42.41 17.39
C PHE D 540 33.96 42.85 17.05
N MET D 541 34.07 43.76 16.07
CA MET D 541 35.34 44.38 15.71
C MET D 541 35.64 45.48 16.66
N VAL D 542 36.76 45.33 17.34
CA VAL D 542 37.28 46.30 18.27
C VAL D 542 38.66 46.64 17.73
N VAL D 543 39.18 47.81 18.08
CA VAL D 543 40.54 48.24 17.74
C VAL D 543 41.47 48.04 18.93
N ASP D 544 42.79 48.11 18.69
CA ASP D 544 43.77 47.83 19.73
C ASP D 544 44.40 49.11 20.22
N PHE D 545 43.92 49.64 21.33
CA PHE D 545 44.39 50.94 21.78
C PHE D 545 45.79 50.96 22.40
N TRP D 546 46.35 49.78 22.63
CA TRP D 546 47.56 49.63 23.42
C TRP D 546 48.79 49.28 22.55
N GLY D 547 48.64 49.35 21.22
CA GLY D 547 49.73 49.16 20.28
C GLY D 547 50.48 47.87 20.46
N VAL D 548 49.76 46.75 20.54
CA VAL D 548 50.39 45.42 20.72
C VAL D 548 50.34 44.56 19.45
N LEU D 549 49.47 44.91 18.50
CA LEU D 549 49.37 44.11 17.27
C LEU D 549 50.09 44.84 16.12
N GLU D 550 50.55 44.05 15.17
CA GLU D 550 51.26 44.53 13.98
C GLU D 550 50.35 44.45 12.72
N GLU D 551 50.92 44.83 11.57
CA GLU D 551 50.11 45.17 10.39
C GLU D 551 49.02 44.16 10.04
N ASN D 552 49.35 42.85 10.00
CA ASN D 552 48.34 41.85 9.60
C ASN D 552 47.92 40.89 10.72
N GLU D 553 48.01 41.38 11.96
CA GLU D 553 47.78 40.56 13.17
C GLU D 553 46.48 40.89 13.93
N VAL D 554 45.66 39.89 14.21
CA VAL D 554 44.45 40.09 15.01
C VAL D 554 44.44 39.17 16.22
N HIS D 555 43.64 39.53 17.22
CA HIS D 555 43.59 38.82 18.53
C HIS D 555 42.20 38.40 18.92
N VAL D 556 42.01 37.09 19.01
CA VAL D 556 40.70 36.49 19.25
C VAL D 556 40.81 35.56 20.43
N GLY D 557 40.16 35.92 21.52
CA GLY D 557 40.05 35.05 22.68
C GLY D 557 38.61 34.87 23.07
N PHE D 558 38.28 33.67 23.53
CA PHE D 558 36.95 33.32 23.96
C PHE D 558 36.82 33.49 25.49
N SER D 559 35.59 33.72 25.97
CA SER D 559 35.34 33.84 27.42
C SER D 559 35.26 32.46 28.07
N SER D 560 35.19 31.44 27.21
CA SER D 560 35.12 30.04 27.61
C SER D 560 35.29 29.09 26.40
N LYS D 561 35.63 27.84 26.74
CA LYS D 561 35.80 26.70 25.79
C LYS D 561 34.92 26.72 24.55
N PHE D 562 35.48 27.05 23.39
CA PHE D 562 34.72 26.98 22.14
C PHE D 562 34.83 25.59 21.59
N ARG D 563 33.71 24.92 21.42
CA ARG D 563 33.71 23.50 20.97
C ARG D 563 33.69 23.44 19.45
N ASP D 564 34.60 22.65 18.85
CA ASP D 564 34.54 22.39 17.41
C ASP D 564 34.53 20.88 17.07
N ASP D 565 33.34 20.38 16.73
CA ASP D 565 33.11 19.01 16.22
C ASP D 565 33.63 17.88 17.13
N ASP D 568 36.94 18.16 16.26
CA ASP D 568 36.98 17.29 17.42
C ASP D 568 37.72 17.83 18.68
N THR D 569 38.14 19.11 18.66
CA THR D 569 38.84 19.75 19.79
C THR D 569 38.27 21.13 20.16
N THR D 570 38.74 21.63 21.31
CA THR D 570 38.07 22.70 22.07
C THR D 570 39.11 23.77 22.49
N TYR D 571 38.76 25.05 22.35
CA TYR D 571 39.73 26.15 22.35
C TYR D 571 39.32 27.26 23.28
N MET D 572 40.28 28.06 23.70
CA MET D 572 40.00 29.28 24.44
C MET D 572 40.65 30.51 23.81
N LEU D 573 41.35 30.31 22.69
CA LEU D 573 41.74 31.42 21.82
C LEU D 573 42.25 30.93 20.47
N LEU D 574 42.73 31.84 19.66
CA LEU D 574 43.35 31.52 18.39
C LEU D 574 44.71 32.13 18.31
N THR D 575 45.67 31.29 17.92
CA THR D 575 47.06 31.73 17.76
C THR D 575 47.72 30.99 16.58
N ASP D 576 48.83 31.58 16.15
CA ASP D 576 49.51 31.36 14.85
C ASP D 576 48.87 30.39 13.93
N CYS D 577 47.73 30.79 13.43
CA CYS D 577 47.21 30.19 12.23
C CYS D 577 46.37 31.26 11.56
N ASP D 578 46.40 31.27 10.25
CA ASP D 578 45.67 32.29 9.48
C ASP D 578 44.14 32.26 9.64
N VAL D 579 43.50 33.41 9.56
CA VAL D 579 42.06 33.51 9.79
C VAL D 579 41.47 34.46 8.73
N LEU D 580 40.29 34.17 8.21
CA LEU D 580 39.64 35.08 7.27
C LEU D 580 38.77 36.01 8.08
N VAL D 581 38.77 37.30 7.76
CA VAL D 581 37.81 38.24 8.35
C VAL D 581 36.99 38.92 7.28
N ALA D 582 35.71 39.12 7.54
CA ALA D 582 34.83 39.66 6.52
C ALA D 582 33.50 40.21 7.03
N ARG D 583 33.13 41.41 6.61
CA ARG D 583 31.83 41.93 6.96
C ARG D 583 30.83 41.66 5.85
N SER D 584 29.63 41.30 6.27
CA SER D 584 28.45 41.34 5.43
C SER D 584 28.15 42.82 5.12
N PRO D 585 27.93 43.18 3.83
CA PRO D 585 28.08 42.39 2.61
C PRO D 585 29.48 42.52 1.99
N ALA D 586 30.03 41.42 1.46
CA ALA D 586 31.30 41.49 0.72
C ALA D 586 31.03 41.51 -0.78
N HIS D 587 31.45 42.61 -1.44
CA HIS D 587 31.17 42.88 -2.87
C HIS D 587 32.40 42.94 -3.74
N PHE D 588 33.44 43.55 -3.21
CA PHE D 588 34.74 43.56 -3.84
C PHE D 588 35.39 42.22 -3.51
N PRO D 589 36.34 41.81 -4.34
CA PRO D 589 37.15 40.65 -3.99
C PRO D 589 38.01 40.91 -2.77
N SER D 590 38.30 42.18 -2.46
CA SER D 590 39.11 42.55 -1.27
C SER D 590 38.33 42.70 0.05
N ASP D 591 36.99 42.64 -0.02
CA ASP D 591 36.13 42.71 1.18
C ASP D 591 36.26 41.52 2.13
N ILE D 592 36.95 40.48 1.66
CA ILE D 592 37.32 39.34 2.49
C ILE D 592 38.83 39.34 2.57
N GLN D 593 39.36 39.43 3.80
CA GLN D 593 40.78 39.68 4.07
C GLN D 593 41.45 38.64 4.97
N LYS D 594 42.56 38.06 4.52
CA LYS D 594 43.29 37.09 5.31
C LYS D 594 44.32 37.80 6.19
N VAL D 595 44.34 37.39 7.46
CA VAL D 595 45.21 38.00 8.47
C VAL D 595 45.60 36.88 9.42
N ARG D 596 46.65 37.08 10.20
CA ARG D 596 47.17 36.06 11.09
C ARG D 596 46.68 36.26 12.54
N ALA D 597 45.97 35.27 13.05
CA ALA D 597 45.49 35.31 14.42
C ALA D 597 46.64 35.08 15.38
N VAL D 598 47.04 36.13 16.07
CA VAL D 598 48.13 36.09 17.03
C VAL D 598 47.60 36.52 18.38
N PHE D 599 47.82 35.69 19.38
CA PHE D 599 47.35 36.02 20.71
C PHE D 599 48.39 36.83 21.47
N LYS D 600 47.89 37.86 22.15
CA LYS D 600 48.67 38.71 23.05
C LYS D 600 48.04 38.59 24.43
N PRO D 601 48.77 38.10 25.44
CA PRO D 601 48.19 38.04 26.79
C PRO D 601 47.90 39.39 27.45
N GLN D 602 48.51 40.46 26.99
CA GLN D 602 48.09 41.80 27.40
C GLN D 602 46.55 41.99 27.32
N LEU D 603 45.97 41.57 26.21
CA LEU D 603 44.56 41.80 25.90
C LEU D 603 43.70 40.60 26.38
N HIS D 604 44.27 39.75 27.22
CA HIS D 604 43.59 38.54 27.69
C HIS D 604 42.13 38.83 28.11
N ALA D 605 41.93 39.97 28.77
CA ALA D 605 40.64 40.37 29.35
C ALA D 605 39.59 40.83 28.33
N LEU D 606 40.00 41.02 27.08
CA LEU D 606 39.06 41.32 26.00
C LEU D 606 38.59 40.02 25.40
N LYS D 607 37.45 39.57 25.92
CA LYS D 607 36.93 38.25 25.64
C LYS D 607 35.61 38.37 24.88
N ASP D 608 35.45 37.51 23.89
CA ASP D 608 34.28 37.44 22.99
C ASP D 608 34.16 38.64 21.98
N VAL D 609 35.31 39.13 21.55
CA VAL D 609 35.46 40.11 20.45
C VAL D 609 36.71 39.77 19.59
N ILE D 610 36.89 40.46 18.46
CA ILE D 610 38.15 40.40 17.72
C ILE D 610 38.83 41.77 17.68
N VAL D 611 40.13 41.82 17.95
CA VAL D 611 40.84 43.06 18.11
C VAL D 611 41.67 43.31 16.85
N PHE D 612 41.33 44.37 16.11
CA PHE D 612 42.06 44.74 14.90
C PHE D 612 43.15 45.72 15.19
N PRO D 613 44.25 45.60 14.42
CA PRO D 613 45.35 46.50 14.68
C PRO D 613 45.07 47.97 14.42
N ALA D 614 45.72 48.83 15.23
CA ALA D 614 45.54 50.24 15.09
C ALA D 614 46.56 50.70 14.07
N LYS D 615 47.31 49.76 13.53
CA LYS D 615 48.40 50.04 12.63
C LYS D 615 48.03 49.65 11.21
N GLY D 616 48.82 50.18 10.27
CA GLY D 616 48.60 49.95 8.84
C GLY D 616 47.99 51.14 8.17
N ASP D 617 48.00 51.08 6.84
CA ASP D 617 47.77 52.19 5.91
C ASP D 617 46.32 52.60 5.90
N ILE D 618 45.46 51.59 5.85
CA ILE D 618 44.02 51.80 5.93
C ILE D 618 43.54 50.85 7.06
N PRO D 619 42.49 51.23 7.80
CA PRO D 619 42.09 50.37 8.92
C PRO D 619 41.44 49.12 8.44
N LEU D 620 41.67 48.03 9.18
CA LEU D 620 41.14 46.74 8.76
C LEU D 620 39.62 46.83 8.65
N ALA D 621 38.93 47.29 9.70
CA ALA D 621 37.48 47.49 9.62
C ALA D 621 37.06 48.14 8.32
N ASP D 622 37.74 49.20 7.93
CA ASP D 622 37.43 49.91 6.67
C ASP D 622 37.64 49.05 5.44
N LYS D 623 38.68 48.20 5.47
CA LYS D 623 38.98 47.31 4.35
C LYS D 623 37.87 46.31 4.11
N LEU D 624 37.19 45.94 5.19
CA LEU D 624 36.12 44.97 5.10
C LEU D 624 34.83 45.70 4.71
N SER D 625 34.69 45.96 3.40
CA SER D 625 33.49 46.55 2.81
C SER D 625 33.14 47.90 3.45
N GLY D 626 34.16 48.67 3.80
CA GLY D 626 33.96 50.01 4.33
C GLY D 626 33.53 50.10 5.79
N GLY D 627 33.77 49.04 6.56
CA GLY D 627 33.31 48.94 7.95
C GLY D 627 33.94 49.93 8.92
N ASP D 628 33.44 49.86 10.15
CA ASP D 628 33.91 50.69 11.25
C ASP D 628 33.77 49.93 12.60
N TYR D 629 34.05 50.59 13.73
CA TYR D 629 33.98 49.89 15.01
C TYR D 629 32.94 50.55 15.90
N ASP D 630 31.78 50.81 15.35
CA ASP D 630 30.67 51.33 16.18
C ASP D 630 29.71 50.24 16.62
N GLY D 631 29.97 48.97 16.27
CA GLY D 631 29.03 47.88 16.47
C GLY D 631 29.11 46.79 15.41
N ASP D 632 29.72 47.11 14.27
CA ASP D 632 29.78 46.19 13.12
C ASP D 632 30.32 44.90 13.67
N MET D 633 29.92 43.77 13.08
CA MET D 633 30.39 42.48 13.50
C MET D 633 31.13 41.87 12.32
N ALA D 634 31.95 40.87 12.57
CA ALA D 634 32.82 40.28 11.53
C ALA D 634 32.64 38.80 11.46
N TRP D 635 32.58 38.27 10.25
CA TRP D 635 32.64 36.83 10.04
C TRP D 635 34.10 36.45 10.15
N VAL D 636 34.48 35.76 11.23
CA VAL D 636 35.88 35.37 11.45
C VAL D 636 36.06 33.90 11.26
N CYS D 637 36.71 33.49 10.16
CA CYS D 637 36.81 32.06 9.77
C CYS D 637 38.23 31.56 9.92
N TRP D 638 38.41 30.48 10.67
CA TRP D 638 39.75 29.91 10.96
C TRP D 638 39.90 28.43 10.53
N ASP D 639 38.97 27.99 9.70
CA ASP D 639 38.91 26.60 9.26
C ASP D 639 39.89 26.43 8.12
N PRO D 640 40.87 25.54 8.34
CA PRO D 640 42.04 25.42 7.47
C PRO D 640 41.74 25.15 6.01
N ASP D 641 40.69 24.36 5.77
CA ASP D 641 40.30 23.90 4.40
C ASP D 641 39.86 25.05 3.52
N ILE D 642 39.30 26.08 4.17
CA ILE D 642 38.84 27.29 3.49
C ILE D 642 39.93 28.33 3.42
N VAL D 643 40.51 28.66 4.58
CA VAL D 643 41.41 29.82 4.73
C VAL D 643 42.64 29.77 3.83
N GLU D 644 43.24 28.59 3.74
CA GLU D 644 44.50 28.44 3.06
C GLU D 644 44.32 28.50 1.54
N ASN D 645 43.15 28.06 1.04
CA ASN D 645 42.83 28.23 -0.37
C ASN D 645 42.55 29.68 -0.78
N PHE D 646 42.38 30.56 0.20
CA PHE D 646 42.21 32.02 -0.01
C PHE D 646 43.54 32.74 -0.24
N THR D 647 43.54 33.64 -1.21
CA THR D 647 44.65 34.55 -1.42
C THR D 647 44.12 35.97 -1.56
N ASN D 648 44.69 36.85 -0.76
CA ASN D 648 44.31 38.26 -0.71
C ASN D 648 44.24 38.98 -2.04
N ALA D 649 43.28 39.88 -2.13
CA ALA D 649 43.22 40.89 -3.19
C ALA D 649 43.42 42.25 -2.54
N ASP D 650 43.73 43.27 -3.30
CA ASP D 650 43.90 44.56 -2.63
C ASP D 650 43.07 45.72 -3.17
N MET D 651 43.27 46.89 -2.54
CA MET D 651 42.31 47.98 -2.64
C MET D 651 42.07 48.39 -4.11
N PRO D 652 40.82 48.31 -4.54
CA PRO D 652 40.44 48.64 -5.91
C PRO D 652 40.43 50.14 -6.21
N LYS D 653 40.33 50.53 -7.47
CA LYS D 653 40.13 51.92 -7.76
C LYS D 653 38.64 52.21 -8.02
N GLU D 654 38.14 53.20 -7.28
CA GLU D 654 36.78 53.66 -7.41
C GLU D 654 36.67 54.28 -8.79
N PRO D 655 35.72 53.83 -9.64
CA PRO D 655 35.46 54.62 -10.83
C PRO D 655 34.57 55.74 -10.38
N ASP D 656 34.35 56.71 -11.26
CA ASP D 656 33.51 57.88 -10.95
C ASP D 656 31.98 57.71 -11.28
N LEU D 657 31.14 58.35 -10.47
CA LEU D 657 29.65 58.27 -10.59
C LEU D 657 28.91 59.58 -10.27
N SER D 658 29.55 60.70 -10.58
CA SER D 658 29.15 61.98 -10.05
C SER D 658 27.93 62.58 -10.75
N ALA D 659 27.77 62.29 -12.03
CA ALA D 659 26.64 62.80 -12.80
C ALA D 659 25.32 62.15 -12.39
N TYR D 660 25.38 61.19 -11.48
CA TYR D 660 24.19 60.48 -11.07
C TYR D 660 23.93 60.70 -9.59
N LEU D 661 25.00 60.99 -8.83
CA LEU D 661 24.90 61.13 -7.39
C LEU D 661 25.09 62.57 -6.97
N GLY D 662 24.08 63.13 -6.32
CA GLY D 662 24.10 64.52 -5.91
C GLY D 662 23.81 64.70 -4.46
N LYS D 663 24.84 65.00 -3.69
CA LYS D 663 24.67 65.41 -2.32
C LYS D 663 23.95 66.74 -2.29
N ASP D 664 22.88 66.81 -1.50
CA ASP D 664 22.15 68.06 -1.18
C ASP D 664 22.76 68.68 0.06
N LYS D 665 23.72 69.57 -0.12
CA LYS D 665 24.51 70.07 0.99
C LYS D 665 23.82 71.32 1.64
N THR D 666 22.56 71.64 1.30
CA THR D 666 21.86 72.79 1.89
C THR D 666 21.83 72.67 3.41
N THR D 667 22.22 73.74 4.09
CA THR D 667 22.42 73.71 5.53
C THR D 667 21.19 74.08 6.35
N PHE D 668 21.31 73.82 7.65
CA PHE D 668 20.27 74.20 8.60
C PHE D 668 20.24 75.72 8.77
N GLY D 669 21.41 76.36 8.68
CA GLY D 669 21.49 77.81 8.78
C GLY D 669 20.88 78.59 7.61
N GLU D 670 20.93 78.00 6.41
CA GLU D 670 20.30 78.60 5.22
C GLU D 670 18.78 78.46 5.29
N LEU D 671 18.31 77.40 5.94
CA LEU D 671 16.89 77.16 6.12
C LEU D 671 16.28 78.08 7.16
N VAL D 672 17.06 78.45 8.16
CA VAL D 672 16.67 79.42 9.17
C VAL D 672 16.48 80.79 8.52
N ARG D 673 17.47 81.18 7.71
CA ARG D 673 17.48 82.51 7.04
C ARG D 673 16.27 82.73 6.12
N ASP D 674 15.71 81.63 5.63
CA ASP D 674 14.46 81.67 4.86
C ASP D 674 13.23 82.12 5.68
N THR D 675 13.36 82.17 7.01
CA THR D 675 12.36 82.89 7.84
C THR D 675 12.95 83.98 8.73
N GLY D 676 14.20 84.30 8.39
CA GLY D 676 15.03 85.22 9.15
C GLY D 676 16.15 84.38 9.74
N THR D 678 14.65 86.66 11.93
CA THR D 678 15.82 86.65 12.82
C THR D 678 15.42 86.05 14.14
N GLY D 679 16.33 85.42 14.89
CA GLY D 679 16.01 84.96 16.27
C GLY D 679 15.79 83.47 16.49
N ALA D 680 15.43 83.14 17.74
CA ALA D 680 15.05 81.80 18.14
C ALA D 680 13.80 81.34 17.40
N ALA D 681 12.95 82.28 17.04
CA ALA D 681 11.76 81.95 16.25
C ALA D 681 12.17 81.37 14.91
N ALA D 682 12.99 82.10 14.15
CA ALA D 682 13.42 81.59 12.83
C ALA D 682 13.95 80.17 12.96
N ARG D 683 14.67 79.95 14.04
CA ARG D 683 15.16 78.62 14.42
C ARG D 683 14.04 77.59 14.67
N HIS D 684 12.94 77.99 15.32
CA HIS D 684 11.78 77.07 15.53
C HIS D 684 11.09 76.63 14.20
N GLU D 685 10.96 77.57 13.28
CA GLU D 685 10.27 77.35 11.99
C GLU D 685 11.13 76.57 10.98
N ALA D 686 12.45 76.76 11.04
CA ALA D 686 13.40 75.92 10.28
C ALA D 686 13.25 74.44 10.58
N VAL D 687 13.09 74.12 11.85
CA VAL D 687 12.94 72.74 12.28
C VAL D 687 11.79 72.07 11.53
N TYR D 688 10.67 72.79 11.33
CA TYR D 688 9.47 72.25 10.66
C TYR D 688 9.70 72.11 9.15
N ASP D 689 10.39 73.09 8.57
CA ASP D 689 10.88 72.96 7.20
C ASP D 689 11.71 71.73 6.97
N MET D 690 12.67 71.53 7.87
CA MET D 690 13.63 70.45 7.75
C MET D 690 12.93 69.13 7.80
N ILE D 691 11.99 69.01 8.76
CA ILE D 691 11.10 67.84 8.87
C ILE D 691 10.34 67.67 7.57
N ASN D 692 9.71 68.75 7.12
CA ASN D 692 8.93 68.69 5.87
C ASN D 692 9.77 68.21 4.70
N LYS D 693 10.90 68.87 4.39
CA LYS D 693 11.77 68.43 3.28
C LYS D 693 12.44 67.06 3.48
N SER D 694 12.83 66.77 4.72
CA SER D 694 13.67 65.60 5.01
C SER D 694 12.80 64.37 4.90
N PHE D 695 11.50 64.55 5.12
CA PHE D 695 10.50 63.52 4.88
C PHE D 695 10.40 63.18 3.38
N GLN D 696 10.51 64.21 2.53
CA GLN D 696 10.48 63.99 1.10
C GLN D 696 11.75 63.25 0.63
N PHE D 697 12.83 63.33 1.39
CA PHE D 697 14.07 62.55 1.17
C PHE D 697 14.01 61.19 1.88
N ALA D 698 13.56 61.18 3.14
CA ALA D 698 13.39 59.94 3.95
C ALA D 698 12.45 58.87 3.33
N MET D 699 11.32 59.33 2.78
CA MET D 699 10.34 58.50 2.04
C MET D 699 10.67 58.27 0.56
N GLN D 700 11.91 58.52 0.11
CA GLN D 700 12.31 58.08 -1.24
C GLN D 700 12.56 56.54 -1.22
N PRO D 701 12.42 55.87 -2.38
CA PRO D 701 12.74 54.44 -2.43
C PRO D 701 14.21 54.10 -2.11
N ASN D 702 14.40 53.12 -1.26
CA ASN D 702 15.76 52.69 -0.92
C ASN D 702 16.47 52.03 -2.12
N TYR D 703 17.17 52.81 -2.94
CA TYR D 703 17.92 52.25 -4.07
C TYR D 703 19.13 51.38 -3.68
N LEU D 704 19.66 51.54 -2.46
CA LEU D 704 20.77 50.71 -1.97
C LEU D 704 20.45 49.25 -2.21
N GLY D 705 19.26 48.86 -1.77
CA GLY D 705 18.77 47.48 -1.90
C GLY D 705 18.43 47.06 -3.32
N ILE D 706 18.12 48.03 -4.18
CA ILE D 706 17.79 47.73 -5.58
C ILE D 706 19.02 47.57 -6.46
N CYS D 707 20.05 48.39 -6.24
CA CYS D 707 21.33 48.26 -7.00
C CYS D 707 22.17 47.05 -6.55
N THR D 708 21.96 46.66 -5.29
CA THR D 708 22.50 45.44 -4.75
C THR D 708 21.83 44.20 -5.39
N ASN D 709 20.51 44.26 -5.56
CA ASN D 709 19.79 43.17 -6.27
C ASN D 709 20.25 43.08 -7.72
N TYR D 710 20.44 44.24 -8.32
CA TYR D 710 20.89 44.30 -9.70
C TYR D 710 22.31 43.74 -9.90
N LYS D 711 23.20 44.03 -8.95
CA LYS D 711 24.57 43.47 -8.96
C LYS D 711 24.61 41.93 -8.85
N GLU D 712 23.76 41.38 -7.96
CA GLU D 712 23.60 39.92 -7.79
C GLU D 712 23.14 39.25 -9.08
N ARG D 713 22.22 39.89 -9.79
CA ARG D 713 21.72 39.34 -11.07
C ARG D 713 22.66 39.60 -12.24
N VAL D 714 23.26 40.80 -12.34
CA VAL D 714 24.16 41.08 -13.47
C VAL D 714 25.46 40.31 -13.44
N CYS D 715 25.93 40.01 -12.25
CA CYS D 715 27.21 39.32 -12.09
C CYS D 715 27.02 37.80 -12.18
N TYR D 716 25.82 37.35 -11.82
CA TYR D 716 25.47 35.94 -11.85
C TYR D 716 25.46 35.44 -13.26
N HIS D 717 24.68 36.10 -14.10
CA HIS D 717 24.55 35.57 -15.44
C HIS D 717 25.79 35.89 -16.22
N ASN D 718 26.34 37.10 -16.08
CA ASN D 718 27.60 37.46 -16.74
C ASN D 718 28.86 36.83 -16.08
N ASN D 719 28.66 36.01 -15.05
CA ASN D 719 29.71 35.19 -14.49
C ASN D 719 31.04 35.94 -14.32
N SER D 720 31.00 37.11 -13.68
CA SER D 720 32.18 37.79 -13.11
C SER D 720 31.84 38.49 -11.78
N VAL D 721 32.77 38.46 -10.83
CA VAL D 721 32.71 39.39 -9.70
C VAL D 721 33.93 40.33 -9.62
N SER D 722 34.74 40.36 -10.68
CA SER D 722 36.05 41.03 -10.59
C SER D 722 36.52 41.95 -11.74
N ASP D 723 35.67 42.23 -12.71
CA ASP D 723 36.06 43.11 -13.85
C ASP D 723 35.51 44.56 -13.68
N GLY D 724 35.46 45.36 -14.74
CA GLY D 724 35.02 46.76 -14.64
C GLY D 724 33.58 47.00 -14.24
N VAL D 725 32.65 46.20 -14.72
CA VAL D 725 31.22 46.40 -14.38
C VAL D 725 30.88 46.02 -12.94
N ALA D 726 31.65 45.10 -12.37
CA ALA D 726 31.52 44.77 -10.94
C ALA D 726 32.13 45.85 -10.03
N LEU D 727 33.17 46.55 -10.48
CA LEU D 727 33.72 47.64 -9.65
C LEU D 727 32.83 48.89 -9.73
N LEU D 728 31.93 48.93 -10.71
CA LEU D 728 31.04 50.07 -10.93
C LEU D 728 29.85 50.00 -9.98
N LEU D 729 29.22 48.84 -9.95
CA LEU D 729 28.12 48.57 -9.02
C LEU D 729 28.62 48.43 -7.57
N SER D 730 29.71 47.66 -7.35
CA SER D 730 30.35 47.60 -6.02
C SER D 730 30.63 49.00 -5.46
N THR D 731 31.16 49.83 -6.34
CA THR D 731 31.41 51.22 -6.06
C THR D 731 30.12 52.00 -5.75
N LEU D 732 29.06 51.75 -6.52
CA LEU D 732 27.77 52.42 -6.29
C LEU D 732 27.18 52.01 -4.97
N VAL D 733 27.15 50.73 -4.70
CA VAL D 733 26.49 50.24 -3.46
C VAL D 733 27.34 50.70 -2.27
N GLY D 734 28.61 51.01 -2.52
CA GLY D 734 29.48 51.62 -1.53
C GLY D 734 29.04 53.02 -1.14
N LYS D 735 28.95 53.91 -2.12
CA LYS D 735 28.42 55.27 -1.88
C LYS D 735 26.98 55.32 -1.28
N LEU D 736 26.13 54.33 -1.56
CA LEU D 736 24.72 54.36 -1.13
C LEU D 736 24.49 53.92 0.31
N VAL D 737 25.44 53.20 0.88
CA VAL D 737 25.34 52.84 2.31
C VAL D 737 25.42 54.09 3.20
N ASP D 738 26.10 55.12 2.71
CA ASP D 738 26.15 56.42 3.39
C ASP D 738 25.10 57.41 2.85
N GLN D 739 24.15 56.91 2.05
CA GLN D 739 23.11 57.76 1.43
C GLN D 739 22.36 58.61 2.44
N SER D 740 21.91 58.04 3.53
CA SER D 740 21.09 58.86 4.41
C SER D 740 21.94 60.01 4.94
N LYS D 741 23.07 59.66 5.57
CA LYS D 741 23.89 60.66 6.31
C LYS D 741 24.78 61.59 5.47
N GLN D 742 24.82 61.36 4.16
CA GLN D 742 25.44 62.29 3.21
C GLN D 742 24.38 63.02 2.39
N GLY D 743 23.11 62.75 2.70
CA GLY D 743 21.99 63.39 2.02
C GLY D 743 22.14 63.36 0.51
N ILE D 744 22.57 62.22 -0.02
CA ILE D 744 22.76 62.01 -1.47
C ILE D 744 21.41 61.77 -2.15
N LEU D 745 21.21 62.35 -3.33
CA LEU D 745 19.99 62.09 -4.14
C LEU D 745 20.23 61.22 -5.39
N PHE D 746 19.22 60.43 -5.74
CA PHE D 746 19.30 59.42 -6.81
C PHE D 746 17.87 58.88 -7.03
N ASP D 747 17.38 58.89 -8.26
CA ASP D 747 16.00 58.46 -8.54
C ASP D 747 15.88 57.62 -9.82
N ALA D 748 14.68 57.08 -10.10
CA ALA D 748 14.43 56.18 -11.25
C ALA D 748 15.09 56.67 -12.54
N ALA D 749 14.99 57.97 -12.79
CA ALA D 749 15.62 58.56 -13.98
C ALA D 749 17.13 58.32 -13.95
N SER D 750 17.82 58.78 -12.90
CA SER D 750 19.29 58.65 -12.81
C SER D 750 19.74 57.23 -12.89
N TRP D 751 18.97 56.33 -12.28
CA TRP D 751 19.30 54.91 -12.26
C TRP D 751 19.23 54.31 -13.68
N ASP D 752 18.21 54.72 -14.45
CA ASP D 752 18.00 54.31 -15.86
C ASP D 752 18.99 54.96 -16.80
N ARG D 753 19.22 56.25 -16.57
CA ARG D 753 20.25 57.07 -17.25
C ARG D 753 21.62 56.40 -17.08
N LEU D 754 21.97 56.00 -15.86
CA LEU D 754 23.21 55.27 -15.60
C LEU D 754 23.32 54.00 -16.45
N ARG D 755 22.41 53.05 -16.23
CA ARG D 755 22.42 51.76 -16.92
C ARG D 755 22.36 51.91 -18.44
N ARG D 756 21.83 53.02 -18.93
CA ARG D 756 21.78 53.32 -20.38
C ARG D 756 23.17 53.65 -20.88
N GLU D 757 23.81 54.58 -20.18
CA GLU D 757 25.09 55.18 -20.58
C GLU D 757 26.31 54.37 -20.17
N ARG D 758 26.23 53.66 -19.04
CA ARG D 758 27.40 52.99 -18.50
C ARG D 758 27.23 51.53 -18.22
N LEU D 759 26.04 50.95 -18.40
CA LEU D 759 25.89 49.51 -18.21
C LEU D 759 25.10 48.82 -19.36
N GLY D 760 24.22 47.89 -19.02
CA GLY D 760 23.47 47.16 -20.02
C GLY D 760 22.26 47.92 -20.57
N GLY D 761 21.06 47.46 -20.25
CA GLY D 761 20.80 46.42 -19.22
C GLY D 761 19.83 46.92 -18.16
N ARG D 762 19.03 47.93 -18.51
CA ARG D 762 17.90 48.38 -17.71
C ARG D 762 16.82 47.29 -17.73
N MET D 763 16.73 46.57 -18.86
CA MET D 763 15.83 45.40 -19.06
C MET D 763 15.77 44.40 -17.89
N SER D 764 14.64 43.71 -17.80
CA SER D 764 14.39 42.76 -16.70
C SER D 764 15.56 41.81 -16.55
N VAL D 765 16.30 41.96 -15.46
CA VAL D 765 17.39 41.04 -15.20
C VAL D 765 16.77 39.67 -15.00
N GLU D 766 17.17 38.67 -15.80
CA GLU D 766 16.67 37.30 -15.62
C GLU D 766 17.03 36.86 -14.22
N ASP D 767 16.11 36.19 -13.55
CA ASP D 767 16.29 35.73 -12.17
C ASP D 767 17.39 34.64 -12.12
N PRO D 768 18.23 34.65 -11.07
CA PRO D 768 19.24 33.59 -10.97
C PRO D 768 18.57 32.22 -10.88
N ALA D 769 19.18 31.22 -11.50
CA ALA D 769 18.61 29.88 -11.55
C ALA D 769 18.21 29.42 -10.16
N TYR D 770 19.04 29.73 -9.17
CA TYR D 770 18.83 29.32 -7.78
C TYR D 770 17.61 29.94 -7.13
N LYS D 771 16.93 30.88 -7.79
CA LYS D 771 15.73 31.49 -7.22
C LYS D 771 14.48 30.64 -7.51
N GLY D 772 14.69 29.47 -8.13
CA GLY D 772 13.63 28.48 -8.33
C GLY D 772 13.98 27.20 -7.58
N ASP D 773 13.01 26.31 -7.42
CA ASP D 773 13.28 25.06 -6.73
C ASP D 773 13.91 23.99 -7.63
N VAL D 774 13.70 24.04 -8.94
CA VAL D 774 14.23 23.01 -9.87
C VAL D 774 15.24 23.56 -10.86
N TRP D 775 16.26 22.75 -11.17
CA TRP D 775 17.25 23.09 -12.19
C TRP D 775 16.66 22.83 -13.58
N ALA D 776 16.11 23.91 -14.14
CA ALA D 776 15.40 23.94 -15.42
C ALA D 776 16.31 24.18 -16.63
N GLY D 777 17.61 24.23 -16.38
CA GLY D 777 18.62 24.58 -17.39
C GLY D 777 19.37 23.43 -18.06
N ALA D 778 20.53 23.77 -18.65
CA ALA D 778 21.32 22.89 -19.55
C ALA D 778 22.71 22.56 -18.95
N GLY D 779 23.05 21.29 -18.86
CA GLY D 779 24.34 20.90 -18.29
C GLY D 779 24.22 20.82 -16.79
N GLU D 780 25.14 20.10 -16.14
CA GLU D 780 25.30 20.22 -14.67
C GLU D 780 25.58 21.67 -14.36
N PRO D 781 24.95 22.24 -13.30
CA PRO D 781 25.15 23.70 -12.96
C PRO D 781 26.58 24.15 -12.66
N ARG D 782 26.88 25.36 -13.10
CA ARG D 782 28.24 25.86 -13.14
C ARG D 782 28.49 27.12 -12.26
N HIS D 783 27.44 27.86 -11.90
CA HIS D 783 27.56 28.91 -10.87
C HIS D 783 27.70 28.20 -9.53
N ILE D 784 28.58 28.72 -8.66
CA ILE D 784 28.83 28.03 -7.42
C ILE D 784 27.52 27.79 -6.70
N VAL D 785 26.70 28.80 -6.62
CA VAL D 785 25.47 28.71 -5.82
C VAL D 785 24.43 27.72 -6.39
N ASP D 786 24.26 27.73 -7.72
CA ASP D 786 23.40 26.74 -8.44
C ASP D 786 23.89 25.31 -8.21
N TYR D 787 25.20 25.14 -8.34
CA TYR D 787 25.86 23.89 -7.99
C TYR D 787 25.51 23.49 -6.57
N LEU D 788 25.71 24.39 -5.60
CA LEU D 788 25.52 24.04 -4.19
C LEU D 788 24.07 23.69 -3.94
N LYS D 789 23.17 24.39 -4.60
CA LYS D 789 21.73 24.15 -4.38
C LYS D 789 21.22 22.92 -5.17
N PHE D 790 21.43 22.95 -6.49
CA PHE D 790 20.88 21.92 -7.34
C PHE D 790 21.68 20.62 -7.38
N ALA D 791 22.99 20.71 -7.49
CA ALA D 791 23.86 19.53 -7.59
C ALA D 791 24.11 18.86 -6.26
N VAL D 792 24.29 19.65 -5.19
CA VAL D 792 24.61 19.09 -3.88
C VAL D 792 23.43 18.97 -2.91
N ALA D 793 22.88 20.10 -2.50
CA ALA D 793 21.87 20.17 -1.43
C ALA D 793 20.55 19.45 -1.80
N LYS D 794 20.05 19.64 -3.02
CA LYS D 794 18.80 18.99 -3.50
C LYS D 794 19.01 17.47 -3.47
N PRO D 795 20.04 16.96 -4.17
CA PRO D 795 20.29 15.53 -4.19
C PRO D 795 20.61 14.94 -2.83
N THR D 796 21.52 15.58 -2.07
CA THR D 796 21.89 15.13 -0.71
C THR D 796 20.67 15.08 0.21
N ILE D 797 19.78 16.08 0.13
CA ILE D 797 18.54 16.09 0.92
C ILE D 797 17.49 15.07 0.47
N ASP D 798 17.13 15.08 -0.82
CA ASP D 798 16.15 14.15 -1.35
C ASP D 798 16.55 12.70 -1.08
N ARG D 799 17.85 12.46 -1.11
CA ARG D 799 18.41 11.13 -1.00
C ARG D 799 18.35 10.64 0.45
N GLU D 800 18.58 11.52 1.42
CA GLU D 800 18.57 11.14 2.83
C GLU D 800 17.16 11.19 3.42
N LEU D 801 16.26 11.95 2.79
CA LEU D 801 14.83 11.95 3.12
C LEU D 801 14.30 10.53 3.02
N GLU D 802 14.80 9.79 2.02
CA GLU D 802 14.29 8.48 1.69
C GLU D 802 14.81 7.40 2.62
N GLU D 803 16.07 7.52 2.99
CA GLU D 803 16.75 6.54 3.85
C GLU D 803 16.05 6.33 5.19
N LEU D 804 15.31 7.34 5.66
CA LEU D 804 14.41 7.20 6.83
C LEU D 804 12.95 7.39 6.42
N HIS D 805 12.64 7.07 5.18
CA HIS D 805 11.29 6.96 4.72
C HIS D 805 11.26 5.59 4.05
N LYS D 806 11.52 4.58 4.89
CA LYS D 806 11.97 3.27 4.43
C LYS D 806 11.44 2.04 5.23
N VAL D 807 11.50 1.97 6.57
CA VAL D 807 11.90 2.98 7.58
C VAL D 807 10.71 3.83 8.03
N MET D 808 9.50 3.28 7.92
CA MET D 808 8.30 3.91 8.48
C MET D 808 7.24 2.95 9.11
N GLN D 809 6.66 1.93 8.45
CA GLN D 809 6.91 1.33 7.11
C GLN D 809 7.85 0.11 7.19
N ALA D 810 8.68 0.05 8.23
CA ALA D 810 9.39 -1.17 8.62
C ALA D 810 8.90 -1.69 9.99
N SER D 811 7.72 -1.21 10.43
CA SER D 811 7.09 -1.53 11.73
C SER D 811 5.70 -2.22 11.64
N ARG D 812 5.73 -3.54 11.42
CA ARG D 812 4.52 -4.38 11.31
C ARG D 812 4.05 -4.90 12.67
N ASP D 817 6.46 -6.09 13.50
CA ASP D 817 6.70 -6.25 14.93
C ASP D 817 8.22 -6.40 15.16
N ASP D 818 9.00 -5.60 14.44
CA ASP D 818 10.47 -5.67 14.49
C ASP D 818 11.00 -5.26 15.86
N ASP D 819 10.21 -4.43 16.56
CA ASP D 819 10.44 -4.05 17.96
C ASP D 819 11.55 -3.02 18.16
N ALA D 820 11.41 -1.79 17.64
CA ALA D 820 10.38 -1.30 16.67
C ALA D 820 8.87 -1.65 16.88
N ALA D 821 7.92 -0.89 16.33
CA ALA D 821 8.06 0.49 15.92
C ALA D 821 6.77 1.23 16.27
N ALA D 822 6.28 1.99 15.30
CA ALA D 822 5.33 3.06 15.57
C ALA D 822 3.86 2.74 15.29
N HIS D 823 3.02 3.03 16.27
CA HIS D 823 1.58 2.79 16.17
C HIS D 823 0.81 3.83 16.99
N SER D 824 -0.21 4.44 16.40
CA SER D 824 -1.06 5.37 17.15
C SER D 824 -1.69 4.64 18.32
N TRP D 825 -2.10 3.39 18.10
CA TRP D 825 -2.70 2.56 19.15
C TRP D 825 -1.78 2.27 20.34
N ASP D 826 -2.35 2.42 21.52
CA ASP D 826 -1.68 2.07 22.76
C ASP D 826 -2.71 1.61 23.77
N PRO D 827 -2.65 0.34 24.20
CA PRO D 827 -3.68 -0.20 25.10
C PRO D 827 -3.86 0.60 26.39
N ASP D 828 -2.80 1.24 26.89
CA ASP D 828 -2.88 2.03 28.11
C ASP D 828 -3.82 3.21 27.96
N LEU D 829 -3.80 3.85 26.79
CA LEU D 829 -4.52 5.10 26.57
C LEU D 829 -6.03 4.97 26.51
N ALA D 830 -6.54 3.73 26.45
CA ALA D 830 -7.97 3.49 26.44
C ALA D 830 -8.45 2.80 27.73
N VAL D 831 -7.70 2.95 28.83
CA VAL D 831 -7.98 2.21 30.06
C VAL D 831 -9.19 2.77 30.81
N TYR D 832 -9.36 4.09 30.79
CA TYR D 832 -10.57 4.71 31.32
C TYR D 832 -11.82 4.33 30.51
N PHE D 833 -11.66 4.25 29.19
CA PHE D 833 -12.77 3.90 28.28
C PHE D 833 -13.37 2.53 28.60
N GLU D 834 -12.54 1.50 28.65
CA GLU D 834 -12.98 0.12 28.89
C GLU D 834 -13.51 -0.10 30.32
N ASN D 835 -12.87 0.55 31.30
CA ASN D 835 -13.28 0.45 32.70
C ASN D 835 -14.71 0.98 32.90
N PHE D 836 -15.02 2.11 32.27
CA PHE D 836 -16.38 2.70 32.30
C PHE D 836 -17.38 1.96 31.39
N LYS D 837 -16.88 1.14 30.47
CA LYS D 837 -17.71 0.35 29.55
C LYS D 837 -18.34 -0.88 30.23
N ALA D 838 -17.79 -1.30 31.37
CA ALA D 838 -18.36 -2.40 32.14
C ALA D 838 -19.13 -1.84 33.34
N LEU D 839 -19.88 -0.76 33.10
CA LEU D 839 -20.40 0.08 34.18
C LEU D 839 -21.92 0.22 34.35
N THR D 840 -22.74 0.60 33.36
CA THR D 840 -22.58 0.47 31.89
C THR D 840 -22.55 -0.99 31.38
N ALA D 841 -23.07 -1.90 32.19
CA ALA D 841 -23.24 -3.31 31.78
C ALA D 841 -24.63 -3.97 31.93
N GLU D 842 -25.41 -3.84 33.02
CA GLU D 842 -25.18 -3.09 34.28
C GLU D 842 -25.42 -1.57 34.17
N SER D 843 -26.01 -1.15 33.03
CA SER D 843 -26.08 0.28 32.66
C SER D 843 -27.39 1.01 33.03
N ARG D 844 -28.49 0.63 32.36
CA ARG D 844 -29.77 1.33 32.38
C ARG D 844 -29.76 2.52 31.40
N SER D 845 -29.26 3.67 31.83
CA SER D 845 -29.15 4.85 30.92
C SER D 845 -27.79 5.54 31.05
N LEU D 846 -26.72 4.74 31.03
CA LEU D 846 -25.35 5.18 31.38
C LEU D 846 -24.12 4.85 30.48
N ARG D 847 -24.20 4.15 29.35
CA ARG D 847 -25.35 4.01 28.43
C ARG D 847 -25.67 5.34 27.73
N ALA D 848 -26.68 6.08 28.20
CA ALA D 848 -26.96 7.43 27.68
C ALA D 848 -25.75 8.35 27.88
N VAL D 849 -25.05 8.20 29.02
CA VAL D 849 -23.87 9.02 29.35
C VAL D 849 -22.77 8.82 28.30
N LEU D 850 -22.23 7.60 28.24
CA LEU D 850 -21.16 7.23 27.31
C LEU D 850 -21.53 7.46 25.85
N GLU D 851 -22.69 6.96 25.44
CA GLU D 851 -23.13 6.99 24.03
C GLU D 851 -23.28 8.41 23.50
N ALA D 852 -23.74 9.34 24.35
CA ALA D 852 -23.92 10.73 23.96
C ALA D 852 -22.61 11.51 24.00
N LEU D 853 -21.70 11.14 24.89
CA LEU D 853 -20.31 11.65 24.90
C LEU D 853 -19.64 11.26 23.57
N GLN D 854 -19.73 9.99 23.19
CA GLN D 854 -19.20 9.50 21.90
C GLN D 854 -19.84 10.17 20.67
N ASN D 855 -21.15 10.35 20.69
CA ASN D 855 -21.84 11.10 19.64
C ASN D 855 -21.45 12.59 19.69
N ALA D 856 -21.22 13.14 20.89
CA ALA D 856 -20.81 14.55 21.04
C ALA D 856 -19.47 14.76 20.40
N LEU D 857 -18.50 13.95 20.84
CA LEU D 857 -17.15 13.97 20.28
C LEU D 857 -17.20 13.93 18.76
N GLY D 858 -18.00 13.02 18.21
CA GLY D 858 -18.21 12.94 16.76
C GLY D 858 -18.46 14.27 16.09
N ALA D 859 -19.42 15.02 16.62
CA ALA D 859 -19.80 16.32 16.08
C ALA D 859 -18.71 17.37 16.23
N VAL D 860 -17.86 17.20 17.24
CA VAL D 860 -16.71 18.09 17.46
C VAL D 860 -15.59 17.80 16.45
N GLU D 861 -15.36 16.52 16.14
CA GLU D 861 -14.32 16.15 15.17
C GLU D 861 -14.72 16.63 13.78
N HIS D 862 -16.03 16.75 13.56
CA HIS D 862 -16.54 17.44 12.39
C HIS D 862 -16.05 18.90 12.32
N GLU D 863 -16.00 19.55 13.50
CA GLU D 863 -15.53 20.92 13.63
C GLU D 863 -14.06 21.09 13.31
N TRP D 864 -13.25 20.14 13.78
CA TRP D 864 -11.80 20.14 13.57
C TRP D 864 -11.48 20.20 12.08
N LYS D 865 -12.21 19.40 11.30
CA LYS D 865 -12.02 19.35 9.86
C LYS D 865 -11.88 20.74 9.22
N VAL D 866 -12.93 21.55 9.30
CA VAL D 866 -13.01 22.87 8.67
C VAL D 866 -12.67 23.99 9.67
N LEU D 876 -10.76 33.44 11.60
CA LEU D 876 -10.20 32.77 10.42
C LEU D 876 -8.77 32.24 10.59
N THR D 877 -8.32 32.08 11.82
CA THR D 877 -6.91 31.81 12.11
C THR D 877 -6.83 30.37 12.61
N TYR D 878 -5.69 29.71 12.41
CA TYR D 878 -5.60 28.25 12.66
C TYR D 878 -5.72 27.90 14.13
N PRO D 879 -4.90 28.55 15.00
CA PRO D 879 -5.06 28.30 16.43
C PRO D 879 -6.43 28.71 16.94
N GLU D 880 -6.98 29.76 16.36
CA GLU D 880 -8.35 30.18 16.67
C GLU D 880 -9.33 29.04 16.38
N LYS D 881 -9.18 28.41 15.22
CA LYS D 881 -10.03 27.27 14.86
C LYS D 881 -9.81 26.14 15.87
N VAL D 882 -8.55 25.85 16.15
CA VAL D 882 -8.15 24.85 17.15
C VAL D 882 -8.75 25.13 18.54
N ARG D 883 -8.86 26.42 18.89
CA ARG D 883 -9.46 26.83 20.16
C ARG D 883 -10.97 26.78 20.09
N GLN D 884 -11.56 27.41 19.08
CA GLN D 884 -13.00 27.34 18.83
C GLN D 884 -13.52 25.92 19.04
N LEU D 885 -12.84 24.94 18.43
CA LEU D 885 -13.17 23.51 18.52
C LEU D 885 -13.00 22.96 19.94
N HIS D 886 -11.92 23.40 20.59
CA HIS D 886 -11.58 22.97 21.94
C HIS D 886 -12.67 23.30 22.97
N ALA D 887 -13.09 24.56 23.02
CA ALA D 887 -14.17 24.99 23.91
C ALA D 887 -15.46 24.16 23.73
N LYS D 888 -15.76 23.83 22.49
CA LYS D 888 -16.85 22.89 22.20
C LYS D 888 -16.49 21.48 22.66
N TRP D 889 -15.19 21.16 22.64
CA TRP D 889 -14.69 19.91 23.19
C TRP D 889 -14.83 19.94 24.69
N CYS D 890 -14.38 21.03 25.31
CA CYS D 890 -14.48 21.20 26.76
C CYS D 890 -15.94 21.35 27.23
N ALA D 891 -16.90 21.39 26.31
CA ALA D 891 -18.33 21.58 26.63
C ALA D 891 -19.10 20.27 26.82
N ILE D 892 -18.47 19.16 26.44
CA ILE D 892 -19.11 17.84 26.53
C ILE D 892 -19.27 17.48 28.02
N GLU D 893 -20.46 17.76 28.57
CA GLU D 893 -20.71 17.69 30.02
C GLU D 893 -21.64 16.54 30.43
N PRO D 894 -21.33 15.88 31.56
CA PRO D 894 -22.19 14.79 32.05
C PRO D 894 -23.46 15.29 32.75
N ALA D 907 -24.33 12.18 44.07
CA ALA D 907 -24.41 11.11 45.07
C ALA D 907 -24.33 9.71 44.41
N LYS D 908 -23.13 9.11 44.35
CA LYS D 908 -21.91 9.66 44.90
C LYS D 908 -20.69 9.36 44.05
N THR D 909 -20.74 8.33 43.22
CA THR D 909 -19.64 7.99 42.30
C THR D 909 -19.64 8.97 41.12
N ALA D 910 -20.78 9.62 40.88
CA ALA D 910 -20.87 10.73 39.92
C ALA D 910 -20.09 11.96 40.38
N ALA D 911 -19.79 12.05 41.67
CA ALA D 911 -19.01 13.16 42.21
C ALA D 911 -17.54 12.88 41.91
N LEU D 912 -17.21 11.61 41.80
CA LEU D 912 -15.89 11.18 41.33
C LEU D 912 -15.51 11.75 39.95
N LEU D 913 -16.41 11.65 38.96
CA LEU D 913 -16.04 12.10 37.62
C LEU D 913 -15.80 13.63 37.54
N GLU D 914 -16.51 14.42 38.33
CA GLU D 914 -16.39 15.88 38.29
C GLU D 914 -15.21 16.44 39.11
N GLN D 915 -15.07 15.95 40.34
CA GLN D 915 -14.10 16.43 41.34
C GLN D 915 -14.22 17.93 41.72
N PRO D 916 -15.44 18.36 42.09
CA PRO D 916 -15.90 19.74 42.38
C PRO D 916 -15.06 20.56 43.37
N PHE D 917 -14.18 19.89 44.10
CA PHE D 917 -13.29 20.57 45.05
C PHE D 917 -12.05 21.18 44.36
N LEU D 918 -11.77 20.73 43.13
CA LEU D 918 -10.67 21.28 42.31
C LEU D 918 -11.09 22.49 41.51
N ALA D 919 -10.12 23.38 41.30
CA ALA D 919 -10.36 24.76 40.88
C ALA D 919 -10.96 24.97 39.49
N ASP D 920 -10.38 24.35 38.45
CA ASP D 920 -10.81 24.58 37.08
C ASP D 920 -11.23 23.26 36.44
N ARG D 921 -12.49 23.19 36.00
CA ARG D 921 -13.06 21.98 35.38
C ARG D 921 -12.20 21.33 34.28
N GLY D 922 -11.54 22.14 33.47
CA GLY D 922 -10.83 21.66 32.28
C GLY D 922 -9.68 20.71 32.54
N THR D 926 -8.76 19.50 35.83
CA THR D 926 -8.07 18.28 36.27
C THR D 926 -9.03 17.20 36.81
N SER D 927 -10.23 17.14 36.21
CA SER D 927 -11.29 16.20 36.62
C SER D 927 -11.12 14.82 36.01
N TYR D 928 -11.80 13.84 36.60
CA TYR D 928 -11.72 12.45 36.12
C TYR D 928 -12.47 12.26 34.81
N TRP D 929 -13.58 12.98 34.64
CA TRP D 929 -14.37 13.00 33.39
C TRP D 929 -13.43 13.24 32.20
N ALA D 930 -12.69 14.35 32.24
CA ALA D 930 -11.76 14.73 31.17
C ALA D 930 -10.89 13.57 30.67
N LEU D 931 -10.36 12.76 31.58
CA LEU D 931 -9.62 11.56 31.19
C LEU D 931 -10.53 10.68 30.33
N LEU D 932 -11.63 10.25 30.93
CA LEU D 932 -12.62 9.38 30.31
C LEU D 932 -13.07 9.92 28.95
N ARG D 933 -13.39 11.21 28.90
CA ARG D 933 -13.62 11.92 27.64
C ARG D 933 -12.51 11.59 26.66
N ALA D 934 -11.27 11.84 27.06
CA ALA D 934 -10.13 11.71 26.16
C ALA D 934 -9.74 10.26 25.84
N SER D 935 -9.77 9.37 26.83
CA SER D 935 -9.43 7.95 26.59
C SER D 935 -10.44 7.28 25.65
N THR D 936 -11.70 7.70 25.78
CA THR D 936 -12.74 7.27 24.87
C THR D 936 -12.52 7.90 23.49
N ALA D 937 -12.32 9.21 23.46
CA ALA D 937 -11.98 9.90 22.21
C ALA D 937 -10.97 9.08 21.43
N PHE D 938 -9.87 8.75 22.11
CA PHE D 938 -8.78 8.00 21.50
C PHE D 938 -9.24 6.71 20.80
N LYS D 939 -9.95 5.83 21.52
CA LYS D 939 -10.33 4.54 20.95
C LYS D 939 -11.24 4.70 19.71
N ALA D 940 -12.01 5.78 19.66
CA ALA D 940 -12.97 6.01 18.59
C ALA D 940 -12.34 6.67 17.35
N TYR D 941 -11.30 7.49 17.57
CA TYR D 941 -10.65 8.27 16.51
C TYR D 941 -9.13 8.10 16.44
N TYR D 942 -8.59 7.02 17.00
CA TYR D 942 -7.18 6.71 16.80
C TYR D 942 -6.96 6.09 15.41
N LYS D 943 -8.06 5.67 14.78
CA LYS D 943 -8.04 4.95 13.50
C LYS D 943 -7.30 5.64 12.33
N THR D 944 -7.75 6.74 11.69
CA THR D 944 -9.00 7.55 11.83
C THR D 944 -8.60 9.03 11.95
N ASN D 945 -8.78 9.65 13.11
CA ASN D 945 -8.27 11.00 13.35
C ASN D 945 -7.31 11.04 14.53
N PRO D 946 -6.14 10.42 14.38
CA PRO D 946 -5.20 10.48 15.49
C PRO D 946 -4.96 11.94 15.88
N LYS D 947 -4.68 12.79 14.90
CA LYS D 947 -4.39 14.20 15.14
C LYS D 947 -5.46 14.95 15.94
N PHE D 948 -6.73 14.64 15.70
CA PHE D 948 -7.83 15.38 16.32
C PHE D 948 -7.85 15.21 17.84
N VAL D 949 -7.58 14.00 18.32
CA VAL D 949 -7.62 13.72 19.76
C VAL D 949 -6.37 14.27 20.48
N TRP D 950 -5.23 14.27 19.80
CA TRP D 950 -4.00 14.85 20.34
C TRP D 950 -4.05 16.39 20.51
N GLN D 951 -4.69 17.10 19.57
CA GLN D 951 -4.78 18.58 19.66
C GLN D 951 -5.77 19.06 20.72
N MET D 952 -6.78 18.25 21.00
CA MET D 952 -7.78 18.55 22.03
C MET D 952 -7.37 18.03 23.41
N ALA D 953 -6.90 16.79 23.47
CA ALA D 953 -6.69 16.12 24.76
C ALA D 953 -5.23 15.78 25.10
N GLY D 954 -4.37 15.65 24.11
CA GLY D 954 -2.94 15.38 24.35
C GLY D 954 -2.39 15.42 25.77
N ALA D 955 -2.68 16.49 26.52
CA ALA D 955 -2.25 16.56 27.95
C ALA D 955 -3.03 15.63 28.88
N GLN D 956 -4.24 15.23 28.49
CA GLN D 956 -5.03 14.23 29.22
C GLN D 956 -4.53 12.80 28.94
N LEU D 957 -4.12 12.53 27.70
CA LEU D 957 -3.42 11.28 27.35
C LEU D 957 -2.08 11.17 28.09
N ALA D 958 -1.51 12.33 28.38
CA ALA D 958 -0.26 12.41 29.12
C ALA D 958 -0.45 11.90 30.53
N PHE D 959 -1.50 12.39 31.20
CA PHE D 959 -1.86 11.92 32.54
C PHE D 959 -1.98 10.41 32.46
N ILE D 960 -2.85 9.95 31.56
CA ILE D 960 -3.16 8.53 31.41
C ILE D 960 -1.89 7.74 31.19
N LYS D 961 -1.17 8.05 30.13
CA LYS D 961 0.07 7.34 29.80
C LYS D 961 1.10 7.38 30.93
N ALA D 962 1.04 8.41 31.76
CA ALA D 962 1.93 8.53 32.94
C ALA D 962 1.49 7.61 34.09
N GLN D 963 0.19 7.58 34.36
CA GLN D 963 -0.40 6.72 35.40
C GLN D 963 -0.21 5.24 35.09
N MET D 964 -0.51 4.85 33.85
CA MET D 964 -0.57 3.45 33.46
C MET D 964 0.81 2.78 33.27
N SER D 965 1.75 3.48 32.65
CA SER D 965 3.11 2.93 32.44
C SER D 965 3.92 2.82 33.72
N SER D 966 3.77 3.80 34.61
CA SER D 966 4.67 3.92 35.73
C SER D 966 4.08 3.22 36.93
N GLY D 973 6.22 2.14 39.42
CA GLY D 973 5.00 2.69 40.04
C GLY D 973 5.30 3.89 40.90
N GLY D 974 4.26 4.48 41.47
CA GLY D 974 4.43 5.61 42.40
C GLY D 974 5.14 5.16 43.67
N SER D 975 6.09 5.94 44.15
CA SER D 975 6.91 5.46 45.25
C SER D 975 7.76 4.26 44.82
N ASP D 976 7.86 3.99 43.50
CA ASP D 976 8.84 3.03 42.97
C ASP D 976 9.66 3.77 41.92
N GLY D 977 10.19 4.93 42.30
CA GLY D 977 10.78 5.86 41.33
C GLY D 977 9.72 6.89 40.93
N MET D 978 9.84 8.06 41.52
CA MET D 978 8.68 8.89 41.72
C MET D 978 8.35 9.88 40.63
N PRO D 979 7.07 9.85 40.21
CA PRO D 979 6.44 10.88 39.39
C PRO D 979 6.05 12.20 40.07
N LEU D 980 6.75 13.30 39.80
CA LEU D 980 6.34 14.61 40.32
C LEU D 980 5.57 15.40 39.26
N LEU D 981 4.30 15.75 39.56
CA LEU D 981 3.57 16.76 38.77
C LEU D 981 4.14 18.13 39.09
N VAL D 982 4.58 18.85 38.06
CA VAL D 982 4.88 20.27 38.17
C VAL D 982 3.72 21.13 37.68
N THR D 983 3.26 22.00 38.57
CA THR D 983 2.46 23.18 38.25
C THR D 983 3.09 23.93 37.07
N PRO D 984 2.27 24.73 36.35
CA PRO D 984 2.64 25.37 35.09
C PRO D 984 4.02 26.03 35.08
N LEU D 985 4.36 26.76 36.14
CA LEU D 985 5.66 27.41 36.29
C LEU D 985 6.75 26.36 36.46
N MET D 986 6.62 25.55 37.51
CA MET D 986 7.62 24.51 37.82
C MET D 986 7.99 23.70 36.60
N TYR D 987 7.01 23.31 35.80
CA TYR D 987 7.28 22.40 34.66
C TYR D 987 8.07 23.08 33.52
N ALA D 988 7.64 24.28 33.16
CA ALA D 988 8.36 25.11 32.20
C ALA D 988 9.73 25.51 32.75
N GLY D 989 9.90 25.39 34.07
CA GLY D 989 11.19 25.59 34.71
C GLY D 989 12.18 24.44 34.65
N LEU D 990 11.74 23.27 34.23
CA LEU D 990 12.56 22.06 34.21
C LEU D 990 13.02 21.71 32.79
N ALA D 991 14.28 21.31 32.64
CA ALA D 991 14.85 20.88 31.35
C ALA D 991 15.81 19.68 31.46
N PRO D 992 15.95 18.87 30.40
CA PRO D 992 16.74 17.62 30.42
C PRO D 992 18.22 17.78 30.78
N ASP D 993 18.73 16.86 31.61
CA ASP D 993 20.08 16.95 32.13
C ASP D 993 21.06 16.16 31.27
N GLY D 994 21.62 16.84 30.27
CA GLY D 994 22.62 16.26 29.37
C GLY D 994 23.66 15.41 30.08
N ARG D 995 24.30 15.98 31.11
CA ARG D 995 25.24 15.26 31.99
C ARG D 995 24.72 13.88 32.38
N PHE D 996 23.46 13.84 32.77
CA PHE D 996 22.85 12.59 33.22
C PHE D 996 22.58 11.63 32.06
N VAL D 997 22.13 12.18 30.94
CA VAL D 997 21.75 11.35 29.80
C VAL D 997 22.98 10.65 29.20
N LYS D 998 24.09 11.39 29.19
CA LYS D 998 25.37 10.92 28.72
C LYS D 998 25.94 9.83 29.63
N GLN D 999 25.90 10.10 30.92
CA GLN D 999 26.41 9.14 31.90
C GLN D 999 25.47 7.98 32.19
N TYR D 1000 24.17 8.17 31.99
CA TYR D 1000 23.18 7.11 32.27
C TYR D 1000 23.13 6.07 31.17
N LEU D 1001 23.38 6.49 29.93
CA LEU D 1001 23.45 5.56 28.82
C LEU D 1001 24.79 4.81 28.84
N ALA D 1002 25.84 5.54 29.24
CA ALA D 1002 27.18 4.96 29.35
C ALA D 1002 27.22 3.73 30.25
N ARG D 1003 26.35 3.71 31.27
CA ARG D 1003 26.31 2.61 32.23
C ARG D 1003 25.44 1.42 31.77
N LEU D 1004 24.35 1.67 31.05
CA LEU D 1004 23.46 0.57 30.64
C LEU D 1004 24.11 -0.39 29.63
N GLU D 1005 24.95 0.13 28.74
CA GLU D 1005 25.46 -0.70 27.62
C GLU D 1005 26.61 -1.73 27.86
N CYS D 1006 27.26 -1.75 29.03
CA CYS D 1006 28.61 -2.30 29.13
C CYS D 1006 29.50 -1.25 28.52
#